data_7K43
#
_entry.id   7K43
#
loop_
_entity.id
_entity.type
_entity.pdbx_description
1 polymer 'Spike glycoprotein'
2 polymer 'S2M11 Fab fragment (heavy chain)'
3 polymer 'S2M11 Fab fragment (light chain)'
4 branched 2-acetamido-2-deoxy-beta-D-glucopyranose-(1-4)-2-acetamido-2-deoxy-beta-D-glucopyranose
5 branched beta-D-mannopyranose-(1-4)-2-acetamido-2-deoxy-beta-D-glucopyranose-(1-4)-[alpha-L-fucopyranose-(1-6)]2-acetamido-2-deoxy-beta-D-glucopyranose
6 non-polymer 2-acetamido-2-deoxy-beta-D-glucopyranose
#
loop_
_entity_poly.entity_id
_entity_poly.type
_entity_poly.pdbx_seq_one_letter_code
_entity_poly.pdbx_strand_id
1 'polypeptide(L)'
;MGILPSPGMPALLSLVSLLSVLLMGCVAETGTQCVNLTTRTQLPPAYTNSFTRGVYYPDKVFRSSVLHSTQDLFLPFFSN
VTWFHAIHVSGTNGTKRFDNPVLPFNDGVYFASTEKSNIIRGWIFGTTLDSKTQSLLIVNNATNVVIKVCEFQFCNDPFL
GVYYHKNNKSWMESEFRVYSSANNCTFEYVSQPFLMDLEGKQGNFKNLREFVFKNIDGYFKIYSKHTPINLVRDLPQGFS
ALEPLVDLPIGINITRFQTLLALHRSYLTPGDSSSGWTAGAAAYYVGYLQPRTFLLKYNENGTITDAVDCALDPLSETKC
TLKSFTVEKGIYQTSNFRVQPTESIVRFPNITNLCPFGEVFNATRFASVYAWNRKRISNCVADYSVLYNSASFSTFKCYG
VSPTKLNDLCFTNVYADSFVIRGDEVRQIAPGQTGKIADYNYKLPDDFTGCVIAWNSNNLDSKVGGNYNYLYRLFRKSNL
KPFERDISTEIYQAGSTPCNGVEGFNCYFPLQSYGFQPTNGVGYQPYRVVVLSFELLHAPATVCGPKKSTNLVKNKCVNF
NFNGLTGTGVLTESNKKFLPFQQFGRDIADTTDAVRDPQTLEILDITPCSFGGVSVITPGTNTSNQVAVLYQDVNCTEVP
VAIHADQLTPTWRVYSTGSNVFQTRAGCLIGAEHVNNSYECDIPIGAGICASYQTQTNSPSGAGSVASQSIIAYTMSLGA
ENSVAYSNNSIAIPTNFTISVTTEILPVSMTKTSVDCTMYICGDSTECSNLLLQYGSFCTQLNRALTGIAVEQDKNTQEV
FAQVKQIYKTPPIKDFGGFNFSQILPDPSKPSKRSFIEDLLFNKVTLADAGFIKQYGDCLGDIAARDLICAQKFNGLTVL
PPLLTDEMIAQYTSALLAGTITSGWTFGAGAALQIPFAMQMAYRFNGIGVTQNVLYENQKLIANQFNSAIGKIQDSLSST
ASALGKLQDVVNQNAQALNTLVKQLSSNFGAISSVLNDILSRLDPPEAEVQIDRLITGRLQSLQTYVTQQLIRAAEIRAS
ANLAATKMSECVLGQSKRVDFCGKGYHLMSFPQSAPHGVVFLHVTYVPAQEKNFTTAPAICHDGKAHFPREGVFVSNGTH
WFVTQRNFYEPQIITTDNTFVSGNCDVVIGIVNNTVYDPLQPELDSFKEELDKYFKNHTSPDVDLGDISGINASVVNIQK
EIDRLNEVAKNLNESLIDLQELGKYEQYIKGSGRENLYFQGGGGSGYIPEAPRDGQAYVRKDGEWVLLSTFLGHHHHHHH
H
;
A,B,E
2 'polypeptide(L)'
;EVQLVQSGAEVKKPGASVKVSCKASGYTFTGYYMHWVRQAPGQGLEWMGWINPISSGTSYAQTFQGRVTMTSDTSITTAY
MELSRLRSDDTAVYYCARAAPFYDFWSGYSYFDYWGQGTLVTVSS
;
H,C,F
3 'polypeptide(L)'
;EIVMMQSPGTLSLSPGERATLSCRASQSVSSSYLAWYQQKPGQAPRLLIYGASSRATGIPDRFSGSGSGTDFTLTISRLE
PEDFAVYYCQQYGSSAWTFGQGTKVEIK
;
L,D,G
#
# COMPACT_ATOMS: atom_id res chain seq x y z
N CYS A 34 -53.08 29.23 27.97
CA CYS A 34 -53.27 27.81 27.66
C CYS A 34 -54.59 27.30 28.21
N VAL A 35 -55.16 26.34 27.50
CA VAL A 35 -56.41 25.69 27.88
C VAL A 35 -56.27 24.18 27.87
N ASN A 36 -56.69 23.51 28.93
CA ASN A 36 -56.70 22.08 29.10
C ASN A 36 -58.03 21.49 28.65
N LEU A 37 -58.10 20.69 27.60
CA LEU A 37 -59.35 20.10 27.09
C LEU A 37 -59.59 18.77 27.80
N THR A 38 -60.73 18.62 28.46
CA THR A 38 -60.99 17.43 29.25
C THR A 38 -62.11 16.54 28.71
N THR A 39 -62.94 17.04 27.79
CA THR A 39 -64.06 16.25 27.28
C THR A 39 -63.57 15.29 26.19
N ARG A 40 -62.81 14.29 26.61
CA ARG A 40 -62.22 13.33 25.68
C ARG A 40 -62.35 11.89 26.15
N THR A 41 -62.79 11.03 25.25
CA THR A 41 -62.93 9.60 25.50
C THR A 41 -61.54 8.96 25.55
N GLN A 42 -61.32 8.08 26.52
CA GLN A 42 -60.02 7.45 26.68
C GLN A 42 -59.95 6.03 26.15
N LEU A 43 -59.41 5.87 24.95
CA LEU A 43 -59.25 4.57 24.29
C LEU A 43 -57.77 4.29 24.09
N PRO A 44 -57.35 3.02 23.97
CA PRO A 44 -55.98 2.62 23.70
C PRO A 44 -55.58 3.02 22.27
N PRO A 45 -54.27 3.14 21.98
CA PRO A 45 -53.69 3.43 20.68
C PRO A 45 -54.07 2.41 19.62
N ALA A 46 -54.25 2.88 18.39
CA ALA A 46 -54.52 2.00 17.27
C ALA A 46 -53.23 1.72 16.55
N TYR A 47 -53.20 0.65 15.77
CA TYR A 47 -52.02 0.36 14.99
C TYR A 47 -52.39 0.00 13.57
N THR A 48 -51.52 0.33 12.64
CA THR A 48 -51.76 0.01 11.23
C THR A 48 -50.50 -0.47 10.52
N ASN A 49 -50.64 -0.71 9.22
CA ASN A 49 -49.56 -1.22 8.39
C ASN A 49 -49.01 -0.12 7.50
N SER A 50 -47.70 0.12 7.58
CA SER A 50 -47.04 1.15 6.78
C SER A 50 -46.97 0.81 5.30
N PHE A 51 -47.18 -0.46 5.00
CA PHE A 51 -47.07 -1.00 3.65
C PHE A 51 -45.74 -0.61 3.03
N THR A 52 -45.77 0.15 1.94
CA THR A 52 -44.55 0.53 1.25
C THR A 52 -44.36 2.05 1.21
N ARG A 53 -45.01 2.74 2.15
CA ARG A 53 -44.95 4.19 2.28
C ARG A 53 -43.71 4.66 3.05
N GLY A 54 -43.36 5.93 2.91
CA GLY A 54 -42.27 6.51 3.68
C GLY A 54 -40.94 6.57 2.97
N VAL A 55 -40.93 6.28 1.67
CA VAL A 55 -39.71 6.35 0.87
C VAL A 55 -39.56 7.75 0.32
N TYR A 56 -38.37 8.30 0.46
CA TYR A 56 -38.06 9.64 0.04
C TYR A 56 -36.79 9.67 -0.77
N TYR A 57 -36.60 10.73 -1.54
CA TYR A 57 -35.39 10.89 -2.32
C TYR A 57 -34.24 11.17 -1.35
N PRO A 58 -33.26 10.27 -1.24
CA PRO A 58 -32.19 10.31 -0.27
C PRO A 58 -31.15 11.37 -0.57
N ASP A 59 -31.18 11.92 -1.76
CA ASP A 59 -30.17 12.85 -2.19
C ASP A 59 -30.69 13.89 -3.17
N LYS A 60 -29.78 14.73 -3.67
CA LYS A 60 -30.12 15.86 -4.54
C LYS A 60 -29.58 15.66 -5.94
N VAL A 61 -29.40 14.40 -6.32
CA VAL A 61 -28.83 14.06 -7.61
C VAL A 61 -29.81 13.34 -8.50
N PHE A 62 -29.87 13.77 -9.74
CA PHE A 62 -30.72 13.17 -10.74
C PHE A 62 -30.08 11.93 -11.32
N ARG A 63 -30.82 10.86 -11.33
CA ARG A 63 -30.38 9.67 -11.98
C ARG A 63 -31.60 9.05 -12.61
N SER A 64 -31.42 8.28 -13.67
CA SER A 64 -32.58 7.72 -14.36
C SER A 64 -32.31 6.38 -14.99
N SER A 65 -33.36 5.59 -15.12
CA SER A 65 -33.31 4.24 -15.67
C SER A 65 -32.25 3.38 -15.00
N VAL A 66 -32.14 3.52 -13.69
CA VAL A 66 -31.19 2.75 -12.88
C VAL A 66 -31.80 2.23 -11.60
N LEU A 67 -31.14 1.23 -11.02
CA LEU A 67 -31.49 0.76 -9.69
C LEU A 67 -30.35 1.17 -8.78
N HIS A 68 -30.64 1.96 -7.77
CA HIS A 68 -29.61 2.49 -6.90
C HIS A 68 -29.73 1.98 -5.48
N SER A 69 -28.64 1.45 -4.94
CA SER A 69 -28.65 0.93 -3.57
C SER A 69 -28.16 1.98 -2.59
N THR A 70 -28.98 2.31 -1.61
CA THR A 70 -28.65 3.33 -0.63
C THR A 70 -28.91 2.94 0.81
N GLN A 71 -27.99 3.33 1.69
CA GLN A 71 -28.11 3.14 3.12
C GLN A 71 -28.49 4.45 3.80
N ASP A 72 -29.70 4.50 4.35
CA ASP A 72 -30.23 5.71 4.96
C ASP A 72 -31.34 5.37 5.94
N LEU A 73 -31.91 6.38 6.57
CA LEU A 73 -33.01 6.14 7.50
C LEU A 73 -34.33 6.11 6.76
N PHE A 74 -34.95 4.95 6.74
CA PHE A 74 -36.20 4.78 6.02
C PHE A 74 -37.23 4.15 6.90
N LEU A 75 -38.49 4.38 6.59
CA LEU A 75 -39.52 3.65 7.30
C LEU A 75 -39.47 2.23 6.75
N PRO A 76 -39.23 1.19 7.56
CA PRO A 76 -39.15 -0.17 7.12
C PRO A 76 -40.45 -0.55 6.47
N PHE A 77 -40.40 -1.42 5.48
CA PHE A 77 -41.62 -1.86 4.84
C PHE A 77 -42.42 -2.73 5.78
N PHE A 78 -43.73 -2.57 5.71
CA PHE A 78 -44.68 -3.31 6.50
C PHE A 78 -44.41 -3.18 7.98
N SER A 79 -44.01 -1.98 8.39
CA SER A 79 -43.76 -1.71 9.79
C SER A 79 -45.05 -1.43 10.54
N ASN A 80 -45.00 -1.51 11.85
CA ASN A 80 -46.00 -1.24 12.86
C ASN A 80 -46.20 0.22 13.10
N VAL A 81 -47.18 0.90 12.64
CA VAL A 81 -47.40 2.34 12.71
C VAL A 81 -48.44 2.71 13.76
N THR A 82 -48.10 3.64 14.64
CA THR A 82 -49.02 4.04 15.69
C THR A 82 -50.06 4.97 15.06
N TRP A 83 -51.33 4.74 15.37
CA TRP A 83 -52.42 5.44 14.70
C TRP A 83 -53.32 6.22 15.66
N PHE A 84 -53.41 7.53 15.41
CA PHE A 84 -54.13 8.46 16.26
C PHE A 84 -55.29 9.13 15.50
N HIS A 85 -56.37 9.47 16.23
CA HIS A 85 -57.55 10.16 15.67
C HIS A 85 -57.69 11.55 16.29
N ARG A 97 -61.82 12.67 17.53
CA ARG A 97 -61.49 12.90 18.92
C ARG A 97 -60.63 14.21 18.97
N PHE A 98 -59.52 14.19 19.72
CA PHE A 98 -58.51 15.23 19.75
C PHE A 98 -57.28 14.56 20.34
N ASP A 99 -56.71 13.66 19.57
CA ASP A 99 -55.66 12.77 20.02
C ASP A 99 -54.30 13.26 19.56
N ASN A 100 -53.43 13.60 20.50
CA ASN A 100 -52.15 14.19 20.17
C ASN A 100 -51.28 14.47 21.40
N PRO A 101 -50.74 13.43 22.01
CA PRO A 101 -49.83 13.41 23.13
C PRO A 101 -48.44 13.68 22.60
N VAL A 102 -47.47 13.79 23.49
CA VAL A 102 -46.12 13.89 23.00
C VAL A 102 -45.64 12.48 22.64
N LEU A 103 -45.00 12.37 21.50
CA LEU A 103 -44.48 11.12 20.98
C LEU A 103 -42.96 11.21 20.93
N PRO A 104 -42.23 10.10 20.99
CA PRO A 104 -40.80 10.08 20.79
C PRO A 104 -40.45 10.46 19.36
N PHE A 105 -39.28 11.05 19.23
CA PHE A 105 -38.64 11.34 17.95
C PHE A 105 -37.28 10.68 18.06
N ASN A 106 -36.98 9.71 17.21
CA ASN A 106 -35.78 8.94 17.45
C ASN A 106 -34.67 9.24 16.45
N ASP A 107 -34.54 8.41 15.43
CA ASP A 107 -33.56 8.67 14.39
C ASP A 107 -34.16 9.66 13.42
N GLY A 108 -35.47 9.62 13.37
CA GLY A 108 -36.31 10.47 12.56
C GLY A 108 -37.68 9.86 12.59
N VAL A 109 -38.67 10.58 12.09
CA VAL A 109 -40.01 10.00 12.11
C VAL A 109 -40.73 10.14 10.79
N TYR A 110 -41.69 9.27 10.59
CA TYR A 110 -42.59 9.33 9.46
C TYR A 110 -43.95 9.75 9.94
N PHE A 111 -44.52 10.74 9.30
CA PHE A 111 -45.80 11.26 9.69
C PHE A 111 -46.73 11.33 8.51
N ALA A 112 -47.97 10.91 8.68
CA ALA A 112 -48.92 11.08 7.58
C ALA A 112 -50.27 11.45 8.10
N SER A 113 -50.99 12.25 7.34
CA SER A 113 -52.33 12.65 7.72
C SER A 113 -53.34 12.47 6.61
N THR A 114 -54.53 12.08 6.98
CA THR A 114 -55.63 11.96 6.04
C THR A 114 -56.71 12.90 6.50
N GLU A 115 -57.10 13.79 5.60
CA GLU A 115 -58.03 14.85 5.95
C GLU A 115 -59.04 15.17 4.85
N LYS A 116 -60.17 15.73 5.25
CA LYS A 116 -61.09 16.33 4.27
C LYS A 116 -61.26 17.83 4.52
N SER A 117 -60.83 18.32 5.68
CA SER A 117 -61.07 19.72 6.02
C SER A 117 -59.90 20.45 6.70
N ASN A 118 -58.67 20.12 6.38
CA ASN A 118 -57.53 20.84 6.93
C ASN A 118 -57.57 21.03 8.46
N ILE A 119 -57.44 19.93 9.19
CA ILE A 119 -57.45 19.93 10.66
C ILE A 119 -56.02 20.01 11.17
N ILE A 120 -55.09 19.38 10.45
CA ILE A 120 -53.70 19.33 10.88
C ILE A 120 -53.10 20.72 10.80
N ARG A 121 -52.37 21.14 11.82
CA ARG A 121 -51.76 22.46 11.77
C ARG A 121 -50.26 22.40 11.77
N GLY A 122 -49.67 21.43 12.42
CA GLY A 122 -48.23 21.47 12.50
C GLY A 122 -47.64 20.66 13.62
N TRP A 123 -46.39 20.93 13.95
CA TRP A 123 -45.66 20.13 14.92
C TRP A 123 -44.76 20.91 15.84
N ILE A 124 -44.56 20.36 17.02
CA ILE A 124 -43.60 20.86 17.98
C ILE A 124 -42.50 19.86 18.19
N PHE A 125 -41.26 20.29 18.04
CA PHE A 125 -40.14 19.39 18.27
C PHE A 125 -39.23 19.95 19.36
N GLY A 126 -38.66 19.09 20.18
CA GLY A 126 -37.71 19.54 21.18
C GLY A 126 -37.28 18.41 22.09
N THR A 127 -36.66 18.77 23.19
CA THR A 127 -36.16 17.79 24.16
C THR A 127 -37.02 17.78 25.42
N THR A 128 -37.41 18.97 25.87
CA THR A 128 -38.24 19.11 27.05
C THR A 128 -39.51 19.92 26.79
N LEU A 129 -39.44 20.86 25.85
CA LEU A 129 -40.57 21.71 25.44
C LEU A 129 -41.08 22.69 26.51
N ASP A 130 -40.21 23.13 27.41
CA ASP A 130 -40.63 24.04 28.48
C ASP A 130 -39.67 25.21 28.70
N SER A 131 -39.21 25.79 27.61
CA SER A 131 -38.28 26.93 27.60
C SER A 131 -36.91 26.64 28.21
N LYS A 132 -36.64 25.42 28.66
CA LYS A 132 -35.33 25.11 29.19
C LYS A 132 -34.34 24.81 28.08
N THR A 133 -34.85 24.35 26.95
CA THR A 133 -34.03 24.04 25.78
C THR A 133 -34.64 24.66 24.56
N GLN A 134 -33.88 24.66 23.48
CA GLN A 134 -34.36 25.13 22.21
C GLN A 134 -35.37 24.14 21.64
N SER A 135 -36.47 24.66 21.08
CA SER A 135 -37.50 23.85 20.47
C SER A 135 -37.93 24.46 19.14
N LEU A 136 -38.43 23.62 18.24
CA LEU A 136 -38.88 23.97 16.90
C LEU A 136 -40.38 23.91 16.74
N LEU A 137 -40.98 25.00 16.27
CA LEU A 137 -42.40 25.06 16.03
C LEU A 137 -42.73 25.33 14.58
N ILE A 138 -43.48 24.42 13.97
CA ILE A 138 -43.91 24.59 12.57
C ILE A 138 -45.42 24.61 12.54
N VAL A 139 -46.02 25.72 12.10
CA VAL A 139 -47.48 25.83 12.04
C VAL A 139 -48.03 26.42 10.75
N ASN A 140 -49.06 25.79 10.20
CA ASN A 140 -49.77 26.34 9.05
C ASN A 140 -51.12 26.88 9.51
N ASN A 141 -51.24 28.20 9.69
CA ASN A 141 -52.47 28.85 10.14
C ASN A 141 -53.25 29.36 8.92
N ALA A 142 -54.38 30.03 9.13
CA ALA A 142 -55.27 30.48 8.05
C ALA A 142 -54.57 31.36 6.99
N THR A 143 -53.54 32.11 7.37
CA THR A 143 -52.92 33.03 6.43
C THR A 143 -51.51 32.64 5.98
N ASN A 144 -50.74 31.92 6.78
CA ASN A 144 -49.43 31.51 6.30
C ASN A 144 -48.79 30.37 7.08
N VAL A 145 -47.61 29.95 6.61
CA VAL A 145 -46.82 28.95 7.27
C VAL A 145 -45.68 29.60 8.05
N VAL A 146 -45.61 29.31 9.32
CA VAL A 146 -44.58 29.89 10.16
C VAL A 146 -43.69 28.84 10.80
N ILE A 147 -42.39 29.07 10.71
CA ILE A 147 -41.41 28.20 11.33
C ILE A 147 -40.57 29.01 12.30
N LYS A 148 -40.57 28.63 13.57
CA LYS A 148 -39.76 29.36 14.55
C LYS A 148 -39.08 28.48 15.55
N VAL A 149 -37.82 28.82 15.80
CA VAL A 149 -36.93 28.11 16.71
C VAL A 149 -36.54 28.98 17.90
N CYS A 150 -37.55 29.66 18.46
CA CYS A 150 -37.44 30.52 19.64
C CYS A 150 -37.52 29.59 20.88
N GLU A 151 -37.16 30.05 22.07
CA GLU A 151 -37.30 29.17 23.23
C GLU A 151 -38.77 29.24 23.63
N PHE A 152 -39.57 28.17 23.42
CA PHE A 152 -40.96 28.35 23.78
C PHE A 152 -41.34 27.61 25.04
N GLN A 153 -42.27 28.20 25.79
CA GLN A 153 -42.96 27.52 26.88
C GLN A 153 -44.27 27.02 26.33
N PHE A 154 -44.32 25.74 26.03
CA PHE A 154 -45.47 25.18 25.39
C PHE A 154 -46.56 24.81 26.38
N CYS A 155 -47.81 24.77 25.89
CA CYS A 155 -48.98 24.30 26.64
C CYS A 155 -48.89 22.77 26.75
N ASN A 156 -49.53 22.18 27.76
CA ASN A 156 -49.51 20.72 27.88
C ASN A 156 -50.64 20.10 27.09
N ASP A 157 -51.37 20.97 26.42
CA ASP A 157 -52.43 20.59 25.51
C ASP A 157 -52.56 21.70 24.48
N PRO A 158 -51.55 21.90 23.63
CA PRO A 158 -51.46 22.96 22.66
C PRO A 158 -52.42 22.71 21.51
N PHE A 159 -53.01 23.76 20.98
CA PHE A 159 -53.88 23.61 19.81
C PHE A 159 -54.25 24.93 19.17
N LEU A 160 -54.85 24.83 18.00
CA LEU A 160 -55.45 25.97 17.31
C LEU A 160 -56.94 25.70 17.21
N GLY A 161 -57.74 26.74 16.99
CA GLY A 161 -59.17 26.51 16.82
C GLY A 161 -59.71 27.24 15.61
N VAL A 162 -60.86 26.78 15.11
CA VAL A 162 -61.55 27.32 13.93
C VAL A 162 -63.05 27.40 14.18
N TRP A 171 -66.80 28.87 8.56
CA TRP A 171 -65.64 28.47 9.35
C TRP A 171 -64.48 29.46 9.17
N MET A 172 -64.02 30.04 10.30
CA MET A 172 -62.91 31.00 10.35
C MET A 172 -62.00 30.64 11.51
N GLU A 173 -60.72 30.95 11.37
CA GLU A 173 -59.75 30.72 12.43
C GLU A 173 -59.93 31.73 13.54
N SER A 174 -59.79 31.28 14.78
CA SER A 174 -59.90 32.20 15.90
C SER A 174 -58.85 31.95 16.96
N GLU A 175 -58.96 30.83 17.65
CA GLU A 175 -58.08 30.51 18.75
C GLU A 175 -56.68 30.08 18.32
N PHE A 176 -55.68 30.50 19.10
CA PHE A 176 -54.31 30.04 18.95
C PHE A 176 -53.75 29.86 20.34
N ARG A 177 -53.64 28.62 20.77
CA ARG A 177 -53.24 28.30 22.13
C ARG A 177 -52.15 27.25 22.12
N VAL A 178 -51.01 27.59 21.55
CA VAL A 178 -49.93 26.64 21.39
C VAL A 178 -48.88 26.82 22.47
N TYR A 179 -48.56 28.06 22.75
CA TYR A 179 -47.52 28.40 23.70
C TYR A 179 -47.86 29.71 24.37
N SER A 180 -47.17 29.97 25.47
CA SER A 180 -47.31 31.22 26.19
C SER A 180 -46.08 32.09 25.99
N SER A 181 -45.06 31.89 26.81
CA SER A 181 -43.81 32.60 26.69
C SER A 181 -42.96 32.13 25.52
N ALA A 182 -42.24 33.07 24.90
CA ALA A 182 -41.39 32.79 23.76
C ALA A 182 -40.33 33.86 23.55
N ASN A 183 -39.09 33.52 23.87
CA ASN A 183 -37.96 34.44 23.72
C ASN A 183 -36.74 33.59 23.36
N ASN A 184 -35.59 34.22 23.13
CA ASN A 184 -34.41 33.43 22.76
C ASN A 184 -34.51 32.83 21.35
N CYS A 185 -34.98 33.66 20.42
CA CYS A 185 -35.21 33.31 19.01
C CYS A 185 -33.89 33.17 18.28
N THR A 186 -33.73 32.04 17.59
CA THR A 186 -32.51 31.77 16.85
C THR A 186 -32.79 31.68 15.35
N PHE A 187 -33.99 31.26 15.00
CA PHE A 187 -34.39 31.09 13.61
C PHE A 187 -35.87 31.38 13.42
N GLU A 188 -36.20 32.06 12.34
CA GLU A 188 -37.60 32.25 12.02
C GLU A 188 -37.82 32.37 10.51
N TYR A 189 -38.98 31.90 10.08
CA TYR A 189 -39.43 32.04 8.71
C TYR A 189 -40.93 32.19 8.62
N VAL A 190 -41.40 33.11 7.80
CA VAL A 190 -42.84 33.20 7.57
C VAL A 190 -43.11 33.24 6.06
N SER A 191 -43.95 32.32 5.61
CA SER A 191 -44.31 32.21 4.21
C SER A 191 -45.17 33.35 3.72
N GLN A 192 -45.01 33.67 2.44
CA GLN A 192 -45.86 34.64 1.78
C GLN A 192 -47.32 34.30 2.09
N PRO A 193 -48.11 35.27 2.59
CA PRO A 193 -49.52 35.13 2.92
C PRO A 193 -50.39 34.63 1.77
N PHE A 194 -51.37 33.81 2.14
CA PHE A 194 -52.35 33.19 1.26
C PHE A 194 -53.61 32.91 2.07
N LEU A 195 -54.74 32.66 1.42
CA LEU A 195 -55.91 32.31 2.22
C LEU A 195 -56.21 30.82 2.16
N MET A 196 -56.23 30.17 3.33
CA MET A 196 -56.51 28.75 3.40
C MET A 196 -57.99 28.49 3.63
N ASP A 197 -58.49 27.45 2.96
CA ASP A 197 -59.87 27.01 3.07
C ASP A 197 -60.06 26.16 4.32
N LEU A 198 -60.89 26.64 5.25
CA LEU A 198 -61.09 25.94 6.53
C LEU A 198 -62.34 25.05 6.60
N GLU A 199 -63.02 24.84 5.45
CA GLU A 199 -64.23 24.00 5.34
C GLU A 199 -64.40 23.51 3.91
N ASN A 204 -65.37 9.73 3.76
CA ASN A 204 -64.09 9.57 3.08
C ASN A 204 -63.27 10.85 3.09
N PHE A 205 -61.94 10.70 3.04
CA PHE A 205 -60.98 11.79 2.99
C PHE A 205 -60.65 12.12 1.54
N LYS A 206 -60.06 13.30 1.33
CA LYS A 206 -59.66 13.67 -0.02
C LYS A 206 -58.18 13.95 -0.12
N ASN A 207 -57.58 14.44 0.96
CA ASN A 207 -56.20 14.87 0.90
C ASN A 207 -55.27 14.05 1.78
N LEU A 208 -54.24 13.48 1.18
CA LEU A 208 -53.22 12.76 1.92
C LEU A 208 -51.91 13.51 1.91
N ARG A 209 -51.37 13.76 3.09
CA ARG A 209 -50.11 14.44 3.20
C ARG A 209 -49.13 13.57 3.96
N GLU A 210 -47.95 13.37 3.39
CA GLU A 210 -46.92 12.56 4.02
C GLU A 210 -45.69 13.40 4.27
N PHE A 211 -45.09 13.20 5.44
CA PHE A 211 -43.88 13.91 5.82
C PHE A 211 -42.84 13.01 6.43
N VAL A 212 -41.59 13.31 6.15
CA VAL A 212 -40.49 12.67 6.83
C VAL A 212 -39.65 13.72 7.51
N PHE A 213 -39.39 13.50 8.78
CA PHE A 213 -38.62 14.44 9.57
C PHE A 213 -37.35 13.82 10.08
N LYS A 214 -36.22 14.33 9.59
CA LYS A 214 -34.92 13.83 10.01
C LYS A 214 -34.15 14.94 10.69
N ASN A 215 -33.29 14.60 11.63
CA ASN A 215 -32.52 15.64 12.29
C ASN A 215 -31.04 15.27 12.28
N ILE A 216 -30.37 15.60 11.17
CA ILE A 216 -29.01 15.13 10.96
C ILE A 216 -28.00 16.22 10.66
N ASP A 217 -26.92 16.22 11.44
CA ASP A 217 -25.79 17.11 11.24
C ASP A 217 -26.16 18.58 11.17
N GLY A 218 -27.08 19.01 12.02
CA GLY A 218 -27.43 20.42 12.08
C GLY A 218 -28.63 20.78 11.21
N TYR A 219 -29.08 19.86 10.37
CA TYR A 219 -30.24 20.17 9.55
C TYR A 219 -31.47 19.41 9.97
N PHE A 220 -32.58 20.11 10.00
CA PHE A 220 -33.86 19.48 10.18
C PHE A 220 -34.44 19.36 8.80
N LYS A 221 -34.46 18.14 8.31
CA LYS A 221 -34.85 17.92 6.93
C LYS A 221 -36.28 17.49 6.82
N ILE A 222 -37.03 18.20 6.02
CA ILE A 222 -38.42 17.87 5.81
C ILE A 222 -38.62 17.42 4.38
N TYR A 223 -39.19 16.24 4.22
CA TYR A 223 -39.54 15.70 2.92
C TYR A 223 -41.04 15.61 2.91
N SER A 224 -41.68 15.79 1.77
CA SER A 224 -43.13 15.66 1.77
C SER A 224 -43.72 15.30 0.43
N LYS A 225 -44.91 14.72 0.47
CA LYS A 225 -45.69 14.38 -0.72
C LYS A 225 -47.18 14.61 -0.50
N HIS A 226 -47.86 15.15 -1.50
CA HIS A 226 -49.31 15.27 -1.46
C HIS A 226 -49.98 14.49 -2.56
N THR A 227 -50.96 13.69 -2.20
CA THR A 227 -51.72 12.91 -3.16
C THR A 227 -53.19 12.92 -2.72
N PRO A 228 -54.13 12.62 -3.62
CA PRO A 228 -55.49 12.27 -3.27
C PRO A 228 -55.60 10.92 -2.59
N ILE A 229 -56.60 10.80 -1.75
CA ILE A 229 -56.99 9.55 -1.08
C ILE A 229 -58.49 9.51 -1.17
N ASN A 230 -59.11 8.33 -1.07
CA ASN A 230 -60.58 8.30 -1.15
C ASN A 230 -61.24 7.36 -0.13
N LEU A 231 -60.49 6.86 0.86
CA LEU A 231 -61.07 6.03 1.92
C LEU A 231 -61.64 6.71 3.13
N VAL A 232 -62.56 6.00 3.78
CA VAL A 232 -63.11 6.34 5.08
C VAL A 232 -62.14 6.00 6.24
N ARG A 233 -61.52 4.80 6.22
CA ARG A 233 -60.80 4.36 7.43
C ARG A 233 -59.35 3.86 7.31
N ASP A 234 -58.55 4.23 6.31
CA ASP A 234 -57.20 3.64 6.37
C ASP A 234 -56.10 4.39 5.62
N LEU A 235 -54.89 3.82 5.74
CA LEU A 235 -53.71 4.31 5.08
C LEU A 235 -53.64 3.52 3.75
N PRO A 236 -53.42 4.15 2.56
CA PRO A 236 -53.46 3.50 1.27
C PRO A 236 -52.30 2.55 1.04
N GLN A 237 -52.50 1.60 0.13
CA GLN A 237 -51.44 0.73 -0.35
C GLN A 237 -50.99 1.30 -1.67
N GLY A 238 -49.70 1.23 -1.95
CA GLY A 238 -49.15 1.76 -3.19
C GLY A 238 -47.86 2.47 -2.91
N PHE A 239 -47.24 3.03 -3.93
CA PHE A 239 -45.93 3.63 -3.75
C PHE A 239 -45.82 5.02 -4.33
N SER A 240 -45.17 5.90 -3.59
CA SER A 240 -44.81 7.22 -4.05
C SER A 240 -43.56 7.64 -3.29
N ALA A 241 -42.78 8.54 -3.85
CA ALA A 241 -41.61 9.01 -3.14
C ALA A 241 -41.78 10.45 -2.73
N LEU A 242 -41.26 10.77 -1.57
CA LEU A 242 -41.31 12.11 -1.01
C LEU A 242 -40.10 12.93 -1.39
N GLU A 243 -40.36 14.04 -2.06
CA GLU A 243 -39.31 14.95 -2.47
C GLU A 243 -38.97 15.82 -1.27
N PRO A 244 -37.75 16.32 -1.14
CA PRO A 244 -37.35 17.25 -0.12
C PRO A 244 -38.11 18.53 -0.27
N LEU A 245 -38.54 19.08 0.85
CA LEU A 245 -39.27 20.33 0.87
C LEU A 245 -38.38 21.46 1.31
N VAL A 246 -37.71 21.26 2.45
CA VAL A 246 -36.83 22.27 2.99
C VAL A 246 -35.78 21.69 3.91
N ASP A 247 -34.58 22.26 3.85
CA ASP A 247 -33.52 21.91 4.76
C ASP A 247 -33.32 23.05 5.73
N LEU A 248 -33.75 22.88 6.98
CA LEU A 248 -33.66 23.97 7.94
C LEU A 248 -32.37 23.84 8.73
N PRO A 249 -31.47 24.83 8.68
CA PRO A 249 -30.16 24.82 9.32
C PRO A 249 -30.25 25.14 10.80
N ILE A 250 -30.97 24.31 11.52
CA ILE A 250 -31.22 24.54 12.94
C ILE A 250 -30.70 23.40 13.81
N GLY A 251 -29.71 23.71 14.64
CA GLY A 251 -29.03 22.73 15.48
C GLY A 251 -29.79 22.44 16.75
N ILE A 252 -30.93 21.80 16.61
CA ILE A 252 -31.81 21.53 17.73
C ILE A 252 -31.78 20.07 18.15
N ASN A 253 -31.64 19.82 19.48
CA ASN A 253 -31.76 18.49 20.03
C ASN A 253 -33.24 18.14 20.10
N ILE A 254 -33.66 17.20 19.23
CA ILE A 254 -35.04 16.75 19.12
C ILE A 254 -35.12 15.32 19.53
N THR A 255 -35.89 15.05 20.58
CA THR A 255 -36.06 13.69 21.07
C THR A 255 -37.51 13.40 21.25
N ARG A 256 -38.30 14.45 21.22
CA ARG A 256 -39.72 14.38 21.46
C ARG A 256 -40.44 15.31 20.52
N PHE A 257 -41.66 14.96 20.13
CA PHE A 257 -42.42 15.90 19.34
C PHE A 257 -43.91 15.76 19.58
N GLN A 258 -44.68 16.78 19.22
CA GLN A 258 -46.13 16.75 19.40
C GLN A 258 -46.85 17.33 18.21
N THR A 259 -48.01 16.77 17.91
CA THR A 259 -48.80 17.21 16.77
C THR A 259 -49.87 18.22 17.13
N LEU A 260 -49.95 19.29 16.35
CA LEU A 260 -50.97 20.33 16.49
C LEU A 260 -52.16 20.11 15.58
N LEU A 261 -53.34 20.13 16.19
CA LEU A 261 -54.61 19.95 15.51
C LEU A 261 -55.51 21.17 15.73
N ALA A 262 -56.42 21.44 14.78
CA ALA A 262 -57.48 22.45 14.89
C ALA A 262 -58.84 21.74 14.82
N TRP A 277 -66.47 22.97 22.42
CA TRP A 277 -65.59 22.69 21.30
C TRP A 277 -65.96 21.34 20.67
N THR A 278 -65.57 21.13 19.40
CA THR A 278 -65.88 19.91 18.64
C THR A 278 -64.64 19.36 17.94
N ALA A 279 -64.76 18.14 17.43
CA ALA A 279 -63.69 17.52 16.67
C ALA A 279 -63.97 17.58 15.18
N GLY A 280 -62.92 17.65 14.37
CA GLY A 280 -63.09 17.62 12.92
C GLY A 280 -62.83 16.21 12.39
N ALA A 281 -62.90 16.06 11.08
CA ALA A 281 -62.65 14.77 10.45
C ALA A 281 -61.20 14.66 9.97
N ALA A 282 -60.41 13.88 10.69
CA ALA A 282 -59.00 13.71 10.37
C ALA A 282 -58.40 12.52 11.11
N ALA A 283 -57.28 12.04 10.62
CA ALA A 283 -56.48 11.04 11.33
C ALA A 283 -55.02 11.18 10.96
N TYR A 284 -54.13 10.73 11.84
CA TYR A 284 -52.72 10.74 11.48
C TYR A 284 -51.98 9.52 11.99
N TYR A 285 -50.87 9.25 11.34
CA TYR A 285 -50.08 8.06 11.57
C TYR A 285 -48.64 8.41 11.87
N VAL A 286 -48.03 7.72 12.83
CA VAL A 286 -46.63 7.94 13.14
C VAL A 286 -45.80 6.66 13.14
N GLY A 287 -44.76 6.66 12.32
CA GLY A 287 -43.85 5.54 12.25
C GLY A 287 -42.45 6.02 12.57
N TYR A 288 -41.51 5.11 12.63
CA TYR A 288 -40.14 5.52 12.94
C TYR A 288 -39.18 5.02 11.90
N LEU A 289 -38.16 5.83 11.63
CA LEU A 289 -37.19 5.48 10.63
C LEU A 289 -36.10 4.62 11.25
N GLN A 290 -35.53 3.73 10.46
CA GLN A 290 -34.41 2.91 10.89
C GLN A 290 -33.34 2.91 9.82
N PRO A 291 -32.07 2.68 10.18
CA PRO A 291 -31.00 2.44 9.25
C PRO A 291 -31.29 1.18 8.46
N ARG A 292 -31.59 1.34 7.18
CA ARG A 292 -31.91 0.24 6.29
C ARG A 292 -31.29 0.45 4.93
N THR A 293 -31.07 -0.65 4.22
CA THR A 293 -30.61 -0.52 2.84
C THR A 293 -31.79 -0.73 1.92
N PHE A 294 -31.99 0.24 1.05
CA PHE A 294 -33.03 0.17 0.05
C PHE A 294 -32.50 0.17 -1.36
N LEU A 295 -33.12 -0.64 -2.20
CA LEU A 295 -32.82 -0.60 -3.62
C LEU A 295 -33.90 0.24 -4.27
N LEU A 296 -33.54 1.39 -4.81
CA LEU A 296 -34.53 2.30 -5.35
C LEU A 296 -34.55 2.28 -6.86
N LYS A 297 -35.74 2.16 -7.41
CA LYS A 297 -35.91 2.11 -8.86
C LYS A 297 -36.31 3.44 -9.43
N TYR A 298 -35.42 4.00 -10.26
CA TYR A 298 -35.64 5.28 -10.91
C TYR A 298 -36.11 5.04 -12.33
N ASN A 299 -37.18 5.72 -12.73
CA ASN A 299 -37.69 5.54 -14.08
C ASN A 299 -36.95 6.46 -15.05
N GLU A 300 -37.44 6.51 -16.28
CA GLU A 300 -36.82 7.32 -17.34
C GLU A 300 -36.71 8.82 -17.00
N ASN A 301 -37.67 9.35 -16.24
CA ASN A 301 -37.72 10.76 -15.84
C ASN A 301 -37.08 11.01 -14.47
N GLY A 302 -36.40 9.99 -13.89
CA GLY A 302 -35.69 10.11 -12.62
C GLY A 302 -36.60 10.08 -11.41
N THR A 303 -37.80 9.56 -11.57
CA THR A 303 -38.74 9.47 -10.48
C THR A 303 -38.58 8.13 -9.81
N ILE A 304 -38.60 8.10 -8.48
CA ILE A 304 -38.52 6.80 -7.83
C ILE A 304 -39.90 6.19 -7.93
N THR A 305 -39.99 5.04 -8.57
CA THR A 305 -41.28 4.42 -8.80
C THR A 305 -41.45 3.14 -8.01
N ASP A 306 -40.36 2.57 -7.55
CA ASP A 306 -40.46 1.38 -6.72
C ASP A 306 -39.28 1.29 -5.77
N ALA A 307 -39.29 0.29 -4.89
CA ALA A 307 -38.19 0.10 -3.96
C ALA A 307 -38.21 -1.28 -3.32
N VAL A 308 -37.03 -1.75 -2.89
CA VAL A 308 -36.93 -2.98 -2.12
C VAL A 308 -36.29 -2.73 -0.77
N ASP A 309 -36.97 -3.16 0.29
CA ASP A 309 -36.42 -3.11 1.64
C ASP A 309 -35.61 -4.38 1.83
N CYS A 310 -34.28 -4.28 1.78
CA CYS A 310 -33.36 -5.40 1.70
C CYS A 310 -33.38 -6.27 2.97
N ALA A 311 -33.96 -5.76 4.06
CA ALA A 311 -33.98 -6.52 5.29
C ALA A 311 -35.37 -7.02 5.63
N LEU A 312 -36.31 -6.85 4.72
CA LEU A 312 -37.69 -7.24 4.99
C LEU A 312 -37.87 -8.74 5.06
N ASP A 313 -37.38 -9.47 4.06
CA ASP A 313 -37.49 -10.90 4.01
C ASP A 313 -36.38 -11.43 3.08
N PRO A 314 -36.15 -12.76 2.98
CA PRO A 314 -35.12 -13.38 2.15
C PRO A 314 -35.28 -13.15 0.65
N LEU A 315 -36.46 -12.81 0.18
CA LEU A 315 -36.59 -12.58 -1.25
C LEU A 315 -36.10 -11.19 -1.55
N SER A 316 -36.42 -10.26 -0.66
CA SER A 316 -36.00 -8.90 -0.81
C SER A 316 -34.48 -8.82 -0.71
N GLU A 317 -33.93 -9.63 0.17
CA GLU A 317 -32.49 -9.68 0.34
C GLU A 317 -31.83 -10.16 -0.95
N THR A 318 -32.43 -11.17 -1.57
CA THR A 318 -31.94 -11.69 -2.84
C THR A 318 -32.04 -10.62 -3.92
N LYS A 319 -33.16 -9.92 -3.97
CA LYS A 319 -33.32 -8.85 -4.96
C LYS A 319 -32.25 -7.76 -4.84
N CYS A 320 -31.91 -7.37 -3.61
CA CYS A 320 -30.87 -6.37 -3.35
C CYS A 320 -29.50 -6.92 -3.73
N THR A 321 -29.25 -8.18 -3.42
CA THR A 321 -27.99 -8.84 -3.70
C THR A 321 -27.71 -8.86 -5.20
N LEU A 322 -28.74 -9.16 -5.98
CA LEU A 322 -28.65 -9.25 -7.42
C LEU A 322 -28.86 -7.90 -8.11
N LYS A 323 -29.14 -6.87 -7.32
CA LYS A 323 -29.44 -5.54 -7.85
C LYS A 323 -30.53 -5.59 -8.90
N SER A 324 -31.62 -6.28 -8.60
CA SER A 324 -32.71 -6.40 -9.56
C SER A 324 -34.04 -6.61 -8.87
N PHE A 325 -35.12 -6.20 -9.53
CA PHE A 325 -36.45 -6.42 -8.98
C PHE A 325 -37.04 -7.73 -9.49
N THR A 326 -36.28 -8.42 -10.33
CA THR A 326 -36.66 -9.71 -10.89
C THR A 326 -35.63 -10.74 -10.50
N VAL A 327 -36.09 -11.87 -10.00
CA VAL A 327 -35.17 -12.93 -9.62
C VAL A 327 -35.49 -14.18 -10.42
N GLU A 328 -34.46 -14.76 -11.02
CA GLU A 328 -34.60 -15.98 -11.80
C GLU A 328 -34.60 -17.20 -10.91
N LYS A 329 -35.09 -18.31 -11.45
CA LYS A 329 -35.07 -19.55 -10.70
C LYS A 329 -33.65 -19.95 -10.34
N GLY A 330 -33.42 -20.29 -9.09
CA GLY A 330 -32.09 -20.72 -8.68
C GLY A 330 -31.86 -20.59 -7.19
N ILE A 331 -30.60 -20.79 -6.80
CA ILE A 331 -30.20 -20.68 -5.42
C ILE A 331 -29.13 -19.60 -5.34
N TYR A 332 -29.31 -18.65 -4.43
CA TYR A 332 -28.39 -17.53 -4.34
C TYR A 332 -27.84 -17.36 -2.95
N GLN A 333 -26.55 -17.08 -2.84
CA GLN A 333 -26.00 -16.82 -1.52
C GLN A 333 -26.08 -15.34 -1.26
N THR A 334 -26.91 -14.96 -0.30
CA THR A 334 -27.22 -13.56 -0.11
C THR A 334 -26.69 -12.99 1.19
N SER A 335 -26.41 -13.85 2.15
CA SER A 335 -25.98 -13.35 3.43
C SER A 335 -25.17 -14.37 4.19
N ASN A 336 -24.93 -14.06 5.45
CA ASN A 336 -24.19 -14.90 6.37
C ASN A 336 -24.87 -14.92 7.72
N PHE A 337 -25.08 -16.11 8.21
CA PHE A 337 -25.67 -16.39 9.49
C PHE A 337 -24.62 -16.36 10.56
N ARG A 338 -24.94 -15.77 11.69
CA ARG A 338 -24.05 -15.80 12.82
C ARG A 338 -24.76 -15.69 14.14
N VAL A 339 -24.40 -16.59 15.06
CA VAL A 339 -24.92 -16.57 16.40
C VAL A 339 -24.27 -15.45 17.18
N GLN A 340 -25.10 -14.63 17.82
CA GLN A 340 -24.59 -13.50 18.56
C GLN A 340 -24.37 -13.87 20.01
N PRO A 341 -23.35 -13.31 20.66
CA PRO A 341 -23.05 -13.47 22.06
C PRO A 341 -24.10 -12.81 22.91
N THR A 342 -24.43 -13.42 24.04
CA THR A 342 -25.43 -12.85 24.93
C THR A 342 -24.87 -12.33 26.25
N GLU A 343 -23.64 -12.72 26.58
CA GLU A 343 -23.03 -12.30 27.83
C GLU A 343 -21.61 -11.84 27.60
N SER A 344 -21.12 -11.00 28.51
CA SER A 344 -19.73 -10.57 28.50
C SER A 344 -19.01 -11.16 29.70
N ILE A 345 -18.06 -12.03 29.42
CA ILE A 345 -17.35 -12.77 30.45
C ILE A 345 -15.95 -12.24 30.63
N VAL A 346 -15.72 -11.67 31.80
CA VAL A 346 -14.45 -11.04 32.07
C VAL A 346 -13.75 -11.73 33.22
N ARG A 347 -12.53 -12.18 32.97
CA ARG A 347 -11.80 -12.90 34.00
C ARG A 347 -10.38 -12.37 34.16
N PHE A 348 -10.04 -11.94 35.37
CA PHE A 348 -8.70 -11.46 35.68
C PHE A 348 -8.22 -12.12 36.96
N PRO A 349 -6.92 -12.23 37.21
CA PRO A 349 -6.34 -12.78 38.42
C PRO A 349 -6.96 -12.04 39.61
N ASN A 350 -7.30 -12.78 40.70
CA ASN A 350 -7.98 -12.17 41.82
C ASN A 350 -7.02 -11.50 42.82
N ILE A 351 -6.37 -10.43 42.34
CA ILE A 351 -5.41 -9.65 43.11
C ILE A 351 -6.00 -8.28 43.45
N THR A 352 -5.66 -7.76 44.63
CA THR A 352 -6.23 -6.50 45.07
C THR A 352 -5.21 -5.39 45.35
N ASN A 353 -3.93 -5.76 45.45
CA ASN A 353 -2.93 -4.76 45.77
C ASN A 353 -2.76 -3.80 44.62
N LEU A 354 -2.65 -2.52 44.94
CA LEU A 354 -2.47 -1.51 43.91
C LEU A 354 -1.01 -1.35 43.56
N CYS A 355 -0.73 -1.01 42.30
CA CYS A 355 0.61 -0.74 41.80
C CYS A 355 1.19 0.50 42.41
N PRO A 356 2.48 0.49 42.78
CA PRO A 356 3.21 1.56 43.40
C PRO A 356 3.58 2.64 42.40
N PHE A 357 2.57 3.24 41.78
CA PHE A 357 2.83 4.32 40.86
C PHE A 357 3.09 5.59 41.63
N GLY A 358 2.30 5.82 42.66
CA GLY A 358 2.45 7.06 43.41
C GLY A 358 3.86 7.20 43.95
N GLU A 359 4.47 6.06 44.29
CA GLU A 359 5.82 6.01 44.83
C GLU A 359 6.87 6.50 43.82
N VAL A 360 6.51 6.50 42.55
CA VAL A 360 7.39 6.96 41.49
C VAL A 360 7.20 8.45 41.33
N PHE A 361 5.95 8.87 41.33
CA PHE A 361 5.58 10.27 41.07
C PHE A 361 5.86 11.26 42.19
N ASN A 362 5.75 10.84 43.46
CA ASN A 362 6.00 11.74 44.61
C ASN A 362 7.31 11.44 45.32
N ALA A 363 8.28 10.81 44.62
CA ALA A 363 9.60 10.55 45.16
C ALA A 363 10.30 11.85 45.48
N THR A 364 11.01 11.89 46.61
CA THR A 364 11.69 13.11 47.00
C THR A 364 12.75 13.49 45.99
N ARG A 365 13.50 12.50 45.53
CA ARG A 365 14.56 12.77 44.59
C ARG A 365 14.36 12.06 43.27
N PHE A 366 14.54 12.81 42.21
CA PHE A 366 14.55 12.28 40.86
C PHE A 366 15.97 12.22 40.38
N ALA A 367 16.23 11.27 39.54
CA ALA A 367 17.55 11.08 38.97
C ALA A 367 17.86 12.07 37.89
N SER A 368 19.13 12.25 37.64
CA SER A 368 19.60 12.97 36.48
C SER A 368 19.25 12.15 35.26
N VAL A 369 19.00 12.80 34.14
CA VAL A 369 18.63 12.08 32.94
C VAL A 369 19.73 11.20 32.41
N TYR A 370 20.99 11.55 32.64
CA TYR A 370 22.07 10.70 32.15
C TYR A 370 22.12 9.39 32.92
N ALA A 371 21.52 9.38 34.11
CA ALA A 371 21.55 8.24 35.01
C ALA A 371 20.16 8.00 35.56
N TRP A 372 19.22 7.77 34.66
CA TRP A 372 17.82 7.69 35.00
C TRP A 372 17.49 6.46 35.81
N ASN A 373 16.47 6.57 36.67
CA ASN A 373 16.06 5.44 37.47
C ASN A 373 15.05 4.61 36.75
N ARG A 374 15.03 3.33 37.08
CA ARG A 374 14.01 2.43 36.56
C ARG A 374 13.41 1.58 37.66
N LYS A 375 12.10 1.64 37.77
CA LYS A 375 11.40 0.80 38.70
C LYS A 375 10.57 -0.23 37.97
N ARG A 376 10.68 -1.46 38.38
CA ARG A 376 9.89 -2.50 37.76
C ARG A 376 8.60 -2.69 38.54
N ILE A 377 7.49 -2.63 37.85
CA ILE A 377 6.17 -2.79 38.42
C ILE A 377 5.55 -4.09 37.94
N SER A 378 5.14 -4.92 38.90
CA SER A 378 4.57 -6.22 38.56
C SER A 378 3.64 -6.73 39.63
N ASN A 379 2.81 -7.72 39.27
CA ASN A 379 1.93 -8.39 40.21
C ASN A 379 1.04 -7.46 41.02
N CYS A 380 0.30 -6.58 40.32
CA CYS A 380 -0.52 -5.54 40.95
C CYS A 380 -1.63 -5.03 40.04
N VAL A 381 -2.54 -4.25 40.62
CA VAL A 381 -3.61 -3.61 39.88
C VAL A 381 -3.24 -2.19 39.52
N ALA A 382 -3.27 -1.89 38.24
CA ALA A 382 -2.83 -0.60 37.74
C ALA A 382 -3.98 0.30 37.36
N ASP A 383 -4.27 1.28 38.19
CA ASP A 383 -5.33 2.21 37.86
C ASP A 383 -4.72 3.44 37.22
N TYR A 384 -4.90 3.57 35.91
CA TYR A 384 -4.24 4.61 35.16
C TYR A 384 -5.12 5.82 34.99
N SER A 385 -6.35 5.75 35.51
CA SER A 385 -7.26 6.86 35.34
C SER A 385 -6.90 7.93 36.31
N VAL A 386 -6.24 7.55 37.38
CA VAL A 386 -5.83 8.49 38.38
C VAL A 386 -4.77 9.40 37.83
N LEU A 387 -3.81 8.81 37.14
CA LEU A 387 -2.74 9.57 36.55
C LEU A 387 -3.21 10.38 35.36
N TYR A 388 -4.09 9.79 34.55
CA TYR A 388 -4.54 10.44 33.34
C TYR A 388 -5.52 11.58 33.58
N ASN A 389 -6.42 11.40 34.53
CA ASN A 389 -7.45 12.40 34.76
C ASN A 389 -6.99 13.47 35.73
N SER A 390 -5.73 13.39 36.13
CA SER A 390 -5.14 14.37 37.01
C SER A 390 -4.95 15.70 36.32
N ALA A 391 -5.12 16.77 37.08
CA ALA A 391 -4.89 18.13 36.62
C ALA A 391 -3.45 18.57 36.80
N SER A 392 -2.64 17.72 37.39
CA SER A 392 -1.28 18.10 37.77
C SER A 392 -0.18 17.87 36.73
N PHE A 393 -0.49 17.19 35.64
CA PHE A 393 0.56 16.91 34.67
C PHE A 393 0.39 17.80 33.47
N SER A 394 1.50 18.29 32.91
CA SER A 394 1.42 19.14 31.74
C SER A 394 1.51 18.34 30.46
N THR A 395 2.14 17.19 30.55
CA THR A 395 2.28 16.28 29.43
C THR A 395 1.79 14.91 29.83
N PHE A 396 0.99 14.30 28.99
CA PHE A 396 0.60 12.92 29.19
C PHE A 396 0.35 12.32 27.84
N LYS A 397 1.40 11.85 27.21
CA LYS A 397 1.28 11.35 25.85
C LYS A 397 1.50 9.85 25.78
N CYS A 398 0.56 9.12 25.19
CA CYS A 398 0.64 7.68 25.02
C CYS A 398 0.93 7.34 23.57
N TYR A 399 1.77 6.35 23.40
CA TYR A 399 2.26 5.84 22.16
C TYR A 399 2.00 4.39 22.20
N GLY A 400 1.29 3.84 21.25
CA GLY A 400 1.09 2.42 21.26
C GLY A 400 -0.19 2.00 21.87
N VAL A 401 -0.66 2.78 22.81
CA VAL A 401 -1.96 2.61 23.44
C VAL A 401 -2.69 3.92 23.52
N SER A 402 -4.00 3.88 23.66
CA SER A 402 -4.73 5.08 23.95
C SER A 402 -4.84 5.20 25.47
N PRO A 403 -4.82 6.42 26.03
CA PRO A 403 -4.88 6.68 27.45
C PRO A 403 -6.20 6.29 28.09
N THR A 404 -7.24 6.16 27.30
CA THR A 404 -8.55 5.84 27.85
C THR A 404 -8.87 4.36 27.78
N LYS A 405 -7.95 3.57 27.23
CA LYS A 405 -8.16 2.13 27.17
C LYS A 405 -7.19 1.41 28.09
N LEU A 406 -6.37 2.16 28.80
CA LEU A 406 -5.35 1.57 29.65
C LEU A 406 -5.90 0.67 30.72
N ASN A 407 -7.05 1.02 31.28
CA ASN A 407 -7.61 0.22 32.35
C ASN A 407 -8.21 -1.09 31.87
N ASP A 408 -8.35 -1.29 30.57
CA ASP A 408 -8.88 -2.53 30.06
C ASP A 408 -7.77 -3.48 29.64
N LEU A 409 -6.53 -3.03 29.80
CA LEU A 409 -5.41 -3.81 29.35
C LEU A 409 -4.68 -4.52 30.48
N CYS A 410 -3.96 -5.58 30.12
CA CYS A 410 -3.04 -6.31 30.98
C CYS A 410 -1.68 -6.38 30.31
N PHE A 411 -0.66 -6.21 31.14
CA PHE A 411 0.71 -6.22 30.68
C PHE A 411 1.48 -7.24 31.47
N THR A 412 2.54 -7.75 30.89
CA THR A 412 3.35 -8.68 31.63
C THR A 412 4.17 -7.93 32.64
N ASN A 413 4.57 -6.74 32.24
CA ASN A 413 5.44 -5.95 33.07
C ASN A 413 5.34 -4.48 32.74
N VAL A 414 5.42 -3.64 33.75
CA VAL A 414 5.48 -2.21 33.49
C VAL A 414 6.74 -1.60 34.06
N TYR A 415 7.45 -0.85 33.25
CA TYR A 415 8.62 -0.17 33.75
C TYR A 415 8.32 1.30 33.92
N ALA A 416 8.74 1.85 35.05
CA ALA A 416 8.57 3.27 35.28
C ALA A 416 9.92 3.94 35.39
N ASP A 417 10.30 4.65 34.34
CA ASP A 417 11.58 5.30 34.27
C ASP A 417 11.42 6.74 34.69
N SER A 418 12.34 7.27 35.48
CA SER A 418 12.16 8.64 35.93
C SER A 418 13.43 9.46 35.97
N PHE A 419 13.28 10.74 35.64
CA PHE A 419 14.38 11.68 35.59
C PHE A 419 13.95 13.13 35.51
N VAL A 420 14.90 14.04 35.73
CA VAL A 420 14.66 15.46 35.49
C VAL A 420 15.41 15.98 34.28
N ILE A 421 14.67 16.68 33.42
CA ILE A 421 15.18 17.36 32.24
C ILE A 421 14.68 18.79 32.17
N ARG A 422 15.23 19.53 31.24
CA ARG A 422 14.85 20.90 30.97
C ARG A 422 13.55 20.91 30.16
N GLY A 423 12.67 21.86 30.44
CA GLY A 423 11.37 21.96 29.77
C GLY A 423 11.39 21.85 28.25
N ASP A 424 12.31 22.53 27.58
CA ASP A 424 12.36 22.48 26.12
C ASP A 424 12.70 21.10 25.58
N GLU A 425 13.27 20.27 26.42
CA GLU A 425 13.72 18.95 26.02
C GLU A 425 12.68 17.89 26.25
N VAL A 426 11.52 18.27 26.77
CA VAL A 426 10.47 17.30 27.02
C VAL A 426 9.98 16.68 25.72
N ARG A 427 10.02 17.44 24.64
CA ARG A 427 9.59 16.93 23.34
C ARG A 427 10.51 15.81 22.86
N GLN A 428 11.73 15.73 23.41
CA GLN A 428 12.67 14.70 22.99
C GLN A 428 12.33 13.36 23.62
N ILE A 429 11.48 13.35 24.64
CA ILE A 429 11.14 12.08 25.24
C ILE A 429 9.94 11.55 24.50
N ALA A 430 10.22 11.03 23.34
CA ALA A 430 9.23 10.51 22.43
C ALA A 430 9.96 9.61 21.43
N PRO A 431 9.27 8.67 20.79
CA PRO A 431 9.76 7.88 19.69
C PRO A 431 10.15 8.75 18.50
N GLY A 432 11.23 8.37 17.82
CA GLY A 432 11.65 9.03 16.59
C GLY A 432 12.26 10.40 16.78
N GLN A 433 12.79 10.68 17.96
CA GLN A 433 13.35 12.01 18.20
C GLN A 433 14.86 12.00 18.18
N THR A 434 15.42 13.17 17.91
CA THR A 434 16.86 13.36 17.97
C THR A 434 17.17 14.57 18.84
N GLY A 435 18.40 14.62 19.35
CA GLY A 435 18.81 15.72 20.20
C GLY A 435 19.70 15.20 21.31
N LYS A 436 20.21 16.07 22.15
CA LYS A 436 21.14 15.62 23.17
C LYS A 436 20.52 14.65 24.16
N ILE A 437 19.23 14.78 24.43
CA ILE A 437 18.63 13.89 25.39
C ILE A 437 18.25 12.61 24.70
N ALA A 438 17.59 12.72 23.58
CA ALA A 438 17.16 11.55 22.85
C ALA A 438 18.36 10.67 22.44
N ASP A 439 19.49 11.30 22.12
CA ASP A 439 20.64 10.55 21.65
C ASP A 439 21.65 10.12 22.71
N TYR A 440 21.89 10.91 23.75
CA TYR A 440 22.93 10.55 24.68
C TYR A 440 22.47 10.23 26.09
N ASN A 441 21.20 10.47 26.39
CA ASN A 441 20.74 10.28 27.76
C ASN A 441 19.64 9.26 27.92
N TYR A 442 18.56 9.45 27.20
CA TYR A 442 17.41 8.58 27.33
C TYR A 442 16.73 8.37 26.00
N LYS A 443 16.91 7.19 25.45
CA LYS A 443 16.38 6.86 24.14
C LYS A 443 15.16 5.96 24.21
N LEU A 444 14.09 6.38 23.54
CA LEU A 444 12.91 5.52 23.42
C LEU A 444 12.90 4.89 22.04
N PRO A 445 12.50 3.62 21.93
CA PRO A 445 12.39 2.87 20.71
C PRO A 445 11.25 3.39 19.86
N ASP A 446 11.32 3.13 18.56
CA ASP A 446 10.34 3.63 17.62
C ASP A 446 9.03 2.86 17.73
N ASP A 447 9.11 1.64 18.23
CA ASP A 447 7.94 0.81 18.45
C ASP A 447 7.53 0.84 19.93
N PHE A 448 7.90 1.90 20.62
CA PHE A 448 7.58 2.09 22.03
C PHE A 448 6.11 2.04 22.33
N THR A 449 5.77 1.26 23.34
CA THR A 449 4.43 1.20 23.85
C THR A 449 4.53 1.67 25.28
N GLY A 450 3.80 2.72 25.60
CA GLY A 450 3.92 3.32 26.90
C GLY A 450 3.40 4.75 26.87
N CYS A 451 3.53 5.44 28.01
CA CYS A 451 3.08 6.82 28.19
C CYS A 451 4.19 7.67 28.80
N VAL A 452 4.36 8.87 28.26
CA VAL A 452 5.32 9.83 28.78
C VAL A 452 4.60 10.92 29.55
N ILE A 453 4.87 10.99 30.83
CA ILE A 453 4.18 11.89 31.72
C ILE A 453 5.16 12.92 32.26
N ALA A 454 4.83 14.19 32.16
CA ALA A 454 5.76 15.18 32.67
C ALA A 454 5.06 16.33 33.34
N TRP A 455 5.75 16.93 34.31
CA TRP A 455 5.23 18.11 34.96
C TRP A 455 6.32 19.06 35.36
N ASN A 456 5.96 20.33 35.44
CA ASN A 456 6.87 21.35 35.88
C ASN A 456 7.15 21.19 37.35
N SER A 457 8.43 21.16 37.70
CA SER A 457 8.83 20.97 39.07
C SER A 457 9.76 22.08 39.52
N ASN A 458 9.52 23.28 39.00
CA ASN A 458 10.33 24.45 39.32
C ASN A 458 10.38 24.71 40.82
N ASN A 459 9.28 24.44 41.51
CA ASN A 459 9.19 24.70 42.94
C ASN A 459 9.93 23.67 43.79
N LEU A 460 10.40 22.60 43.18
CA LEU A 460 11.10 21.57 43.93
C LEU A 460 12.57 21.51 43.56
N ASP A 461 12.85 21.64 42.27
CA ASP A 461 14.18 21.41 41.76
C ASP A 461 15.04 22.65 41.54
N SER A 462 14.46 23.84 41.51
CA SER A 462 15.29 25.02 41.28
C SER A 462 15.80 25.63 42.59
N LYS A 463 17.01 26.18 42.53
CA LYS A 463 17.61 26.89 43.67
C LYS A 463 18.01 28.29 43.24
N VAL A 464 18.08 29.20 44.18
CA VAL A 464 18.40 30.58 43.83
C VAL A 464 19.78 30.74 43.20
N GLY A 465 20.78 30.07 43.76
CA GLY A 465 22.12 30.14 43.20
C GLY A 465 22.28 29.19 42.03
N GLY A 466 21.28 28.35 41.83
CA GLY A 466 21.26 27.34 40.79
C GLY A 466 21.42 25.95 41.36
N ASN A 467 20.57 25.04 40.91
CA ASN A 467 20.65 23.65 41.32
C ASN A 467 21.53 22.91 40.32
N TYR A 468 22.69 22.48 40.76
CA TYR A 468 23.66 21.86 39.88
C TYR A 468 23.74 20.35 40.09
N ASN A 469 22.71 19.79 40.70
CA ASN A 469 22.68 18.36 40.95
C ASN A 469 22.03 17.56 39.84
N TYR A 470 21.57 18.25 38.79
CA TYR A 470 20.95 17.57 37.67
C TYR A 470 21.80 17.61 36.44
N LEU A 471 22.27 16.45 36.01
CA LEU A 471 23.18 16.34 34.90
C LEU A 471 22.65 15.63 33.67
N TYR A 472 23.21 16.00 32.55
CA TYR A 472 22.91 15.37 31.29
C TYR A 472 24.19 15.15 30.53
N ARG A 473 24.19 14.16 29.67
CA ARG A 473 25.32 13.87 28.83
C ARG A 473 25.25 14.73 27.60
N LEU A 474 26.34 15.42 27.37
CA LEU A 474 26.47 16.35 26.29
C LEU A 474 27.23 15.75 25.13
N PHE A 475 28.21 14.90 25.45
CA PHE A 475 29.01 14.28 24.40
C PHE A 475 29.08 12.78 24.56
N ARG A 476 28.99 12.07 23.44
CA ARG A 476 29.13 10.63 23.45
C ARG A 476 29.63 10.19 22.08
N LYS A 477 30.45 9.16 22.04
CA LYS A 477 30.97 8.66 20.76
C LYS A 477 29.88 8.22 19.81
N SER A 478 28.80 7.68 20.34
CA SER A 478 27.69 7.22 19.52
C SER A 478 26.38 7.37 20.25
N ASN A 479 25.28 7.25 19.52
CA ASN A 479 23.95 7.34 20.10
C ASN A 479 23.65 6.12 20.94
N LEU A 480 22.79 6.29 21.94
CA LEU A 480 22.33 5.20 22.79
C LEU A 480 21.33 4.31 22.09
N LYS A 481 21.31 3.07 22.52
CA LYS A 481 20.29 2.14 22.08
C LYS A 481 19.09 2.40 22.99
N PRO A 482 17.87 2.06 22.59
CA PRO A 482 16.68 2.22 23.38
C PRO A 482 16.87 1.60 24.76
N PHE A 483 16.52 2.39 25.77
CA PHE A 483 16.61 2.03 27.19
C PHE A 483 18.00 1.70 27.69
N GLU A 484 19.03 2.18 27.00
CA GLU A 484 20.41 2.04 27.45
C GLU A 484 20.79 3.15 28.42
N ARG A 485 21.60 2.82 29.42
CA ARG A 485 22.15 3.82 30.32
C ARG A 485 23.65 3.93 30.12
N ASP A 486 24.16 5.12 30.31
CA ASP A 486 25.59 5.34 30.29
C ASP A 486 25.93 6.30 31.40
N ILE A 487 26.62 5.80 32.41
CA ILE A 487 26.90 6.61 33.58
C ILE A 487 28.38 6.81 33.78
N SER A 488 29.15 6.62 32.71
CA SER A 488 30.59 6.82 32.78
C SER A 488 30.93 8.30 32.69
N THR A 489 32.11 8.67 33.15
CA THR A 489 32.59 10.05 33.06
C THR A 489 33.89 10.15 32.28
N GLU A 490 34.14 9.16 31.45
CA GLU A 490 35.35 9.12 30.63
C GLU A 490 35.42 10.32 29.70
N ILE A 491 36.59 10.95 29.63
CA ILE A 491 36.77 12.13 28.81
C ILE A 491 36.53 11.84 27.35
N TYR A 492 35.74 12.70 26.72
CA TYR A 492 35.36 12.56 25.34
C TYR A 492 36.41 13.13 24.41
N GLN A 493 36.81 12.32 23.45
CA GLN A 493 37.81 12.73 22.49
C GLN A 493 37.16 13.30 21.26
N ALA A 494 37.30 14.61 21.08
CA ALA A 494 36.65 15.28 19.97
C ALA A 494 37.53 15.27 18.73
N GLY A 495 38.83 15.19 18.94
CA GLY A 495 39.78 15.23 17.84
C GLY A 495 40.40 13.87 17.57
N SER A 496 41.60 13.90 16.99
CA SER A 496 42.32 12.69 16.63
C SER A 496 43.35 12.30 17.69
N THR A 497 43.60 13.22 18.61
CA THR A 497 44.62 13.04 19.64
C THR A 497 44.01 12.44 20.90
N PRO A 498 44.52 11.32 21.41
CA PRO A 498 44.08 10.66 22.64
C PRO A 498 44.15 11.64 23.81
N CYS A 499 43.15 11.58 24.69
CA CYS A 499 43.03 12.48 25.84
C CYS A 499 43.77 11.94 27.06
N ASN A 500 43.83 10.63 27.18
CA ASN A 500 44.47 9.98 28.31
C ASN A 500 43.87 10.44 29.64
N GLY A 501 42.57 10.69 29.66
CA GLY A 501 41.87 11.09 30.88
C GLY A 501 42.01 12.56 31.24
N VAL A 502 42.62 13.36 30.38
CA VAL A 502 42.84 14.76 30.69
C VAL A 502 42.05 15.71 29.81
N GLU A 503 41.37 16.65 30.46
CA GLU A 503 40.59 17.68 29.77
C GLU A 503 41.49 18.71 29.13
N GLY A 504 41.01 19.32 28.07
CA GLY A 504 41.79 20.31 27.37
C GLY A 504 41.28 20.53 25.98
N PHE A 505 42.13 21.00 25.09
CA PHE A 505 41.67 21.26 23.76
C PHE A 505 41.27 19.93 23.13
N ASN A 506 40.06 19.88 22.60
CA ASN A 506 39.46 18.67 22.02
C ASN A 506 39.29 17.47 22.98
N CYS A 507 39.27 17.72 24.30
CA CYS A 507 39.07 16.71 25.35
C CYS A 507 38.07 17.24 26.35
N TYR A 508 36.86 16.70 26.31
CA TYR A 508 35.77 17.31 27.06
C TYR A 508 35.24 16.43 28.16
N PHE A 509 34.80 17.05 29.24
CA PHE A 509 34.08 16.29 30.24
C PHE A 509 32.68 16.08 29.66
N PRO A 510 32.21 14.83 29.52
CA PRO A 510 31.01 14.46 28.83
C PRO A 510 29.70 14.94 29.43
N LEU A 511 29.71 15.30 30.70
CA LEU A 511 28.47 15.72 31.35
C LEU A 511 28.41 17.22 31.56
N GLN A 512 27.20 17.73 31.69
CA GLN A 512 26.99 19.13 32.01
C GLN A 512 25.75 19.27 32.88
N SER A 513 25.70 20.32 33.68
CA SER A 513 24.55 20.51 34.55
C SER A 513 23.57 21.50 34.01
N TYR A 514 22.32 21.31 34.40
CA TYR A 514 21.30 22.28 34.08
C TYR A 514 21.32 23.26 35.23
N GLY A 515 21.60 24.50 34.97
CA GLY A 515 21.62 25.45 36.07
C GLY A 515 20.20 25.85 36.42
N PHE A 516 19.50 25.02 37.18
CA PHE A 516 18.11 25.31 37.40
C PHE A 516 17.90 26.37 38.46
N GLN A 517 17.30 27.47 38.04
CA GLN A 517 17.04 28.64 38.87
C GLN A 517 15.58 29.01 38.74
N PRO A 518 14.96 29.54 39.79
CA PRO A 518 13.55 29.92 39.86
C PRO A 518 13.22 31.07 38.92
N THR A 519 14.24 31.73 38.41
CA THR A 519 14.07 32.87 37.55
C THR A 519 14.23 32.52 36.08
N ASN A 520 14.42 31.25 35.77
CA ASN A 520 14.56 30.81 34.38
C ASN A 520 13.23 30.86 33.67
N GLY A 521 13.26 31.04 32.35
CA GLY A 521 12.03 31.01 31.57
C GLY A 521 11.53 29.58 31.54
N VAL A 522 10.31 29.38 31.09
CA VAL A 522 9.70 28.05 31.18
C VAL A 522 10.50 26.97 30.49
N GLY A 523 11.06 27.27 29.33
CA GLY A 523 11.83 26.27 28.60
C GLY A 523 13.08 25.84 29.35
N TYR A 524 13.50 26.63 30.34
CA TYR A 524 14.67 26.33 31.12
C TYR A 524 14.35 25.90 32.54
N GLN A 525 13.07 25.70 32.84
CA GLN A 525 12.68 25.22 34.14
C GLN A 525 12.77 23.71 34.12
N PRO A 526 12.98 23.06 35.27
CA PRO A 526 13.03 21.63 35.40
C PRO A 526 11.67 21.01 35.25
N TYR A 527 11.65 19.86 34.60
CA TYR A 527 10.48 19.04 34.50
C TYR A 527 10.79 17.65 34.98
N ARG A 528 9.88 17.10 35.73
CA ARG A 528 10.01 15.73 36.16
C ARG A 528 9.29 14.87 35.18
N VAL A 529 9.98 13.86 34.71
CA VAL A 529 9.42 13.00 33.70
C VAL A 529 9.36 11.58 34.18
N VAL A 530 8.22 10.97 33.99
CA VAL A 530 8.04 9.56 34.26
C VAL A 530 7.60 8.90 32.98
N VAL A 531 8.31 7.88 32.56
CA VAL A 531 7.95 7.17 31.38
C VAL A 531 7.49 5.79 31.75
N LEU A 532 6.26 5.47 31.41
CA LEU A 532 5.73 4.15 31.69
C LEU A 532 5.78 3.29 30.46
N SER A 533 6.64 2.30 30.49
CA SER A 533 6.85 1.39 29.38
C SER A 533 6.03 0.12 29.61
N PHE A 534 5.20 -0.22 28.64
CA PHE A 534 4.30 -1.35 28.78
C PHE A 534 4.75 -2.54 27.98
N GLU A 535 5.16 -3.59 28.66
CA GLU A 535 5.67 -4.77 28.00
C GLU A 535 4.54 -5.77 27.72
N LEU A 536 4.50 -6.24 26.48
CA LEU A 536 3.50 -7.19 26.00
C LEU A 536 4.11 -8.44 25.37
N LEU A 537 4.29 -9.51 26.12
CA LEU A 537 4.78 -10.73 25.47
C LEU A 537 3.86 -11.87 25.84
N HIS A 538 3.88 -12.94 25.07
CA HIS A 538 2.98 -14.05 25.33
C HIS A 538 3.43 -14.88 26.52
N ALA A 539 3.06 -14.37 27.68
CA ALA A 539 3.42 -14.85 28.98
C ALA A 539 2.29 -14.43 29.91
N PRO A 540 2.17 -14.95 31.14
CA PRO A 540 1.15 -14.56 32.08
C PRO A 540 1.24 -13.06 32.27
N ALA A 541 0.10 -12.38 32.26
CA ALA A 541 0.11 -10.95 32.53
C ALA A 541 0.10 -10.77 34.02
N THR A 542 0.83 -9.78 34.54
CA THR A 542 0.90 -9.60 35.97
C THR A 542 0.39 -8.24 36.42
N VAL A 543 0.26 -7.30 35.48
CA VAL A 543 -0.24 -5.97 35.80
C VAL A 543 -1.51 -5.74 34.99
N CYS A 544 -2.65 -5.60 35.67
CA CYS A 544 -3.95 -5.45 35.01
C CYS A 544 -4.69 -4.27 35.57
N GLY A 545 -5.50 -3.64 34.74
CA GLY A 545 -6.31 -2.54 35.20
C GLY A 545 -7.38 -3.04 36.16
N PRO A 546 -8.11 -2.13 36.79
CA PRO A 546 -9.11 -2.35 37.81
C PRO A 546 -10.43 -2.82 37.23
N LYS A 547 -10.39 -3.96 36.55
CA LYS A 547 -11.58 -4.54 35.97
C LYS A 547 -12.22 -5.49 36.94
N LYS A 548 -13.54 -5.55 36.91
CA LYS A 548 -14.23 -6.50 37.74
C LYS A 548 -14.38 -7.78 36.97
N SER A 549 -14.27 -8.90 37.65
CA SER A 549 -14.48 -10.16 37.00
C SER A 549 -15.93 -10.57 37.11
N THR A 550 -16.36 -11.37 36.18
CA THR A 550 -17.70 -11.89 36.13
C THR A 550 -17.66 -13.39 36.33
N ASN A 551 -18.82 -14.01 36.45
CA ASN A 551 -18.87 -15.45 36.59
C ASN A 551 -18.50 -16.07 35.26
N LEU A 552 -17.85 -17.21 35.30
CA LEU A 552 -17.50 -17.92 34.09
C LEU A 552 -18.72 -18.62 33.53
N VAL A 553 -18.96 -18.44 32.23
CA VAL A 553 -20.10 -19.08 31.59
C VAL A 553 -19.65 -20.04 30.51
N LYS A 554 -20.12 -21.26 30.61
CA LYS A 554 -19.77 -22.30 29.66
C LYS A 554 -20.96 -22.74 28.82
N ASN A 555 -20.64 -23.31 27.67
CA ASN A 555 -21.58 -23.86 26.70
C ASN A 555 -22.57 -22.84 26.15
N LYS A 556 -22.12 -21.60 26.03
CA LYS A 556 -22.92 -20.52 25.50
C LYS A 556 -22.01 -19.60 24.69
N CYS A 557 -22.56 -18.91 23.67
CA CYS A 557 -21.84 -17.90 22.91
C CYS A 557 -21.66 -16.66 23.71
N VAL A 558 -20.42 -16.29 24.00
CA VAL A 558 -20.10 -15.13 24.81
C VAL A 558 -18.99 -14.28 24.23
N ASN A 559 -18.93 -13.05 24.69
CA ASN A 559 -17.80 -12.17 24.43
C ASN A 559 -16.87 -12.34 25.61
N PHE A 560 -15.68 -12.83 25.41
CA PHE A 560 -14.82 -13.08 26.56
C PHE A 560 -13.56 -12.21 26.59
N ASN A 561 -13.04 -12.04 27.80
CA ASN A 561 -11.78 -11.39 28.09
C ASN A 561 -11.02 -12.14 29.18
N PHE A 562 -10.02 -12.92 28.80
CA PHE A 562 -9.24 -13.68 29.77
C PHE A 562 -7.87 -13.09 29.99
N ASN A 563 -7.73 -12.32 31.04
CA ASN A 563 -6.46 -11.70 31.39
C ASN A 563 -5.88 -10.94 30.19
N GLY A 564 -6.73 -10.24 29.45
CA GLY A 564 -6.30 -9.46 28.28
C GLY A 564 -6.59 -10.14 26.94
N LEU A 565 -6.87 -11.44 26.94
CA LEU A 565 -7.18 -12.16 25.71
C LEU A 565 -8.64 -11.99 25.34
N THR A 566 -8.92 -11.41 24.19
CA THR A 566 -10.31 -11.15 23.86
C THR A 566 -10.76 -11.80 22.56
N GLY A 567 -12.04 -12.11 22.53
CA GLY A 567 -12.68 -12.69 21.35
C GLY A 567 -14.10 -13.13 21.64
N THR A 568 -14.73 -13.72 20.63
CA THR A 568 -16.11 -14.19 20.75
C THR A 568 -16.13 -15.68 20.47
N GLY A 569 -16.82 -16.43 21.31
CA GLY A 569 -16.87 -17.86 21.10
C GLY A 569 -17.59 -18.60 22.20
N VAL A 570 -17.51 -19.91 22.14
CA VAL A 570 -18.15 -20.78 23.09
C VAL A 570 -17.09 -21.47 23.92
N LEU A 571 -17.21 -21.33 25.22
CA LEU A 571 -16.25 -21.89 26.16
C LEU A 571 -16.71 -23.23 26.68
N THR A 572 -15.88 -24.25 26.52
CA THR A 572 -16.24 -25.57 26.98
C THR A 572 -15.12 -26.14 27.83
N GLU A 573 -15.39 -27.18 28.59
CA GLU A 573 -14.33 -27.79 29.38
C GLU A 573 -13.40 -28.52 28.43
N SER A 574 -12.10 -28.36 28.63
CA SER A 574 -11.13 -28.96 27.74
C SER A 574 -10.55 -30.27 28.25
N ASN A 575 -10.12 -31.10 27.33
CA ASN A 575 -9.42 -32.34 27.65
C ASN A 575 -7.96 -32.26 27.26
N LYS A 576 -7.48 -31.03 27.02
CA LYS A 576 -6.08 -30.82 26.68
C LYS A 576 -5.22 -30.84 27.92
N LYS A 577 -4.04 -31.45 27.80
CA LYS A 577 -3.13 -31.51 28.91
C LYS A 577 -2.14 -30.36 28.91
N PHE A 578 -2.56 -29.22 29.43
CA PHE A 578 -1.62 -28.11 29.46
C PHE A 578 -0.56 -28.39 30.48
N LEU A 579 0.67 -28.04 30.17
CA LEU A 579 1.72 -28.16 31.14
C LEU A 579 1.51 -27.03 32.13
N PRO A 580 1.99 -27.13 33.37
CA PRO A 580 1.80 -26.17 34.45
C PRO A 580 2.17 -24.74 34.09
N PHE A 581 3.05 -24.55 33.11
CA PHE A 581 3.49 -23.22 32.74
C PHE A 581 2.73 -22.61 31.56
N GLN A 582 1.94 -23.43 30.87
CA GLN A 582 1.26 -22.98 29.66
C GLN A 582 -0.04 -22.26 30.00
N GLN A 583 -0.23 -21.09 29.39
CA GLN A 583 -1.36 -20.24 29.72
C GLN A 583 -2.51 -20.29 28.73
N PHE A 584 -2.21 -20.66 27.51
CA PHE A 584 -3.20 -20.73 26.46
C PHE A 584 -2.69 -21.68 25.43
N GLY A 585 -3.53 -22.08 24.50
CA GLY A 585 -3.11 -22.96 23.44
C GLY A 585 -3.43 -22.39 22.09
N ARG A 586 -2.85 -22.98 21.06
CA ARG A 586 -3.11 -22.61 19.69
C ARG A 586 -3.35 -23.81 18.79
N ASP A 587 -4.11 -23.57 17.75
CA ASP A 587 -4.50 -24.54 16.75
C ASP A 587 -3.44 -24.68 15.67
N ILE A 588 -3.69 -25.54 14.69
CA ILE A 588 -2.80 -25.74 13.55
C ILE A 588 -2.58 -24.42 12.83
N ALA A 589 -3.65 -23.62 12.77
CA ALA A 589 -3.69 -22.31 12.14
C ALA A 589 -2.91 -21.28 12.96
N ASP A 590 -2.43 -21.69 14.13
CA ASP A 590 -1.72 -20.86 15.08
C ASP A 590 -2.60 -19.73 15.60
N THR A 591 -3.87 -20.05 15.84
CA THR A 591 -4.82 -19.12 16.43
C THR A 591 -5.23 -19.69 17.79
N THR A 592 -5.62 -18.83 18.72
CA THR A 592 -5.95 -19.31 20.06
C THR A 592 -7.15 -20.24 20.02
N ASP A 593 -7.04 -21.40 20.67
CA ASP A 593 -8.17 -22.32 20.70
C ASP A 593 -8.40 -22.89 22.10
N ALA A 594 -7.66 -22.38 23.07
CA ALA A 594 -7.79 -22.83 24.44
C ALA A 594 -7.19 -21.79 25.35
N VAL A 595 -7.73 -21.66 26.54
CA VAL A 595 -7.22 -20.72 27.51
C VAL A 595 -7.28 -21.24 28.93
N ARG A 596 -6.28 -20.92 29.73
CA ARG A 596 -6.31 -21.23 31.15
C ARG A 596 -6.96 -20.07 31.90
N ASP A 597 -8.01 -20.37 32.65
CA ASP A 597 -8.67 -19.32 33.40
C ASP A 597 -7.73 -18.77 34.48
N PRO A 598 -7.61 -17.44 34.63
CA PRO A 598 -6.75 -16.75 35.57
C PRO A 598 -7.12 -16.85 37.05
N GLN A 599 -8.34 -17.28 37.40
CA GLN A 599 -8.68 -17.35 38.82
C GLN A 599 -8.68 -18.80 39.29
N THR A 600 -9.25 -19.66 38.47
CA THR A 600 -9.23 -21.09 38.77
C THR A 600 -8.48 -21.66 37.62
N LEU A 601 -7.54 -22.53 37.86
CA LEU A 601 -6.68 -22.93 36.75
C LEU A 601 -7.28 -24.06 35.92
N GLU A 602 -8.43 -23.75 35.33
CA GLU A 602 -9.22 -24.61 34.49
C GLU A 602 -8.86 -24.38 33.05
N ILE A 603 -8.79 -25.44 32.27
CA ILE A 603 -8.51 -25.26 30.86
C ILE A 603 -9.80 -25.32 30.07
N LEU A 604 -10.04 -24.28 29.31
CA LEU A 604 -11.22 -24.18 28.49
C LEU A 604 -10.86 -24.25 27.02
N ASP A 605 -11.73 -24.87 26.24
CA ASP A 605 -11.60 -24.86 24.80
C ASP A 605 -12.45 -23.76 24.23
N ILE A 606 -11.95 -23.11 23.20
CA ILE A 606 -12.70 -22.04 22.58
C ILE A 606 -13.06 -22.37 21.16
N THR A 607 -14.34 -22.35 20.86
CA THR A 607 -14.76 -22.56 19.48
C THR A 607 -15.49 -21.30 19.07
N PRO A 608 -15.54 -20.96 17.79
CA PRO A 608 -16.33 -19.87 17.27
C PRO A 608 -17.79 -20.17 17.51
N CYS A 609 -18.61 -19.11 17.57
CA CYS A 609 -20.05 -19.22 17.64
C CYS A 609 -20.52 -19.64 16.24
N SER A 610 -21.59 -20.41 16.18
CA SER A 610 -21.99 -20.96 14.89
C SER A 610 -22.22 -19.89 13.85
N PHE A 611 -21.75 -20.16 12.64
CA PHE A 611 -21.93 -19.26 11.53
C PHE A 611 -21.92 -20.06 10.25
N GLY A 612 -22.38 -19.45 9.18
CA GLY A 612 -22.35 -20.09 7.87
C GLY A 612 -23.07 -19.24 6.84
N GLY A 613 -22.94 -19.60 5.59
CA GLY A 613 -23.59 -18.83 4.54
C GLY A 613 -25.09 -19.04 4.53
N VAL A 614 -25.82 -18.07 4.01
CA VAL A 614 -27.25 -18.21 3.87
C VAL A 614 -27.64 -18.10 2.42
N SER A 615 -28.24 -19.16 1.91
CA SER A 615 -28.65 -19.18 0.52
C SER A 615 -30.15 -19.23 0.40
N VAL A 616 -30.68 -18.49 -0.57
CA VAL A 616 -32.09 -18.43 -0.78
C VAL A 616 -32.46 -19.20 -2.03
N ILE A 617 -33.36 -20.15 -1.85
CA ILE A 617 -33.86 -21.02 -2.89
C ILE A 617 -35.13 -20.44 -3.39
N THR A 618 -35.22 -20.17 -4.67
CA THR A 618 -36.44 -19.58 -5.14
C THR A 618 -36.74 -19.97 -6.58
N PRO A 619 -38.01 -20.16 -6.93
CA PRO A 619 -38.50 -20.22 -8.28
C PRO A 619 -38.41 -18.79 -8.73
N GLY A 620 -38.40 -18.52 -10.00
CA GLY A 620 -38.29 -17.12 -10.31
C GLY A 620 -39.53 -16.36 -9.85
N THR A 621 -39.39 -15.05 -9.73
CA THR A 621 -40.49 -14.17 -9.31
C THR A 621 -41.62 -14.07 -10.35
N ASN A 622 -41.40 -14.63 -11.55
CA ASN A 622 -42.37 -14.78 -12.61
C ASN A 622 -43.42 -15.86 -12.25
N THR A 623 -43.06 -16.77 -11.31
CA THR A 623 -43.85 -17.90 -10.86
C THR A 623 -44.37 -17.72 -9.44
N SER A 624 -43.48 -17.34 -8.52
CA SER A 624 -43.87 -17.22 -7.12
C SER A 624 -42.91 -16.36 -6.31
N ASN A 625 -43.43 -15.73 -5.26
CA ASN A 625 -42.59 -14.98 -4.34
C ASN A 625 -42.26 -15.80 -3.10
N GLN A 626 -42.60 -17.07 -3.13
CA GLN A 626 -42.32 -17.99 -2.04
C GLN A 626 -40.88 -18.45 -2.10
N VAL A 627 -40.20 -18.46 -0.97
CA VAL A 627 -38.81 -18.90 -0.95
C VAL A 627 -38.53 -19.90 0.15
N ALA A 628 -37.41 -20.58 0.03
CA ALA A 628 -36.90 -21.45 1.07
C ALA A 628 -35.47 -21.01 1.37
N VAL A 629 -35.04 -21.16 2.61
CA VAL A 629 -33.70 -20.72 2.97
C VAL A 629 -32.83 -21.81 3.52
N LEU A 630 -31.63 -21.89 2.98
CA LEU A 630 -30.64 -22.84 3.42
C LEU A 630 -29.56 -22.20 4.29
N TYR A 631 -29.43 -22.69 5.50
CA TYR A 631 -28.38 -22.24 6.39
C TYR A 631 -27.25 -23.23 6.26
N GLN A 632 -26.20 -22.81 5.56
CA GLN A 632 -25.19 -23.73 5.10
C GLN A 632 -24.25 -24.19 6.20
N ASP A 633 -24.17 -25.50 6.35
CA ASP A 633 -23.35 -26.14 7.38
C ASP A 633 -23.67 -25.58 8.77
N VAL A 634 -24.96 -25.45 9.05
CA VAL A 634 -25.52 -24.99 10.31
C VAL A 634 -26.56 -26.00 10.77
N ASN A 635 -26.67 -26.23 12.10
CA ASN A 635 -27.68 -27.11 12.67
C ASN A 635 -29.02 -26.39 12.80
N CYS A 636 -30.14 -27.09 12.73
CA CYS A 636 -31.47 -26.56 12.81
C CYS A 636 -31.85 -26.13 14.25
N THR A 637 -30.93 -26.42 15.16
CA THR A 637 -31.06 -26.06 16.55
C THR A 637 -30.34 -24.74 16.83
N GLU A 638 -29.56 -24.29 15.86
CA GLU A 638 -28.73 -23.08 15.99
C GLU A 638 -29.38 -21.91 15.25
N VAL A 639 -30.10 -22.22 14.19
CA VAL A 639 -30.69 -21.20 13.33
C VAL A 639 -31.63 -20.18 14.03
N PRO A 640 -32.61 -20.57 14.91
CA PRO A 640 -33.53 -19.66 15.57
C PRO A 640 -32.91 -19.06 16.83
N ASN A 660 -41.70 -26.67 8.33
CA ASN A 660 -40.93 -27.24 7.24
C ASN A 660 -39.43 -27.03 7.46
N VAL A 661 -38.86 -27.73 8.46
CA VAL A 661 -37.43 -27.67 8.77
C VAL A 661 -36.76 -29.01 8.51
N PHE A 662 -35.90 -29.03 7.50
CA PHE A 662 -35.24 -30.23 7.02
C PHE A 662 -33.73 -30.16 7.18
N GLN A 663 -33.18 -31.03 8.00
CA GLN A 663 -31.74 -31.02 8.21
C GLN A 663 -31.07 -31.93 7.19
N THR A 664 -30.16 -31.37 6.41
CA THR A 664 -29.45 -32.16 5.44
C THR A 664 -27.95 -31.89 5.52
N ARG A 665 -27.16 -32.62 4.73
CA ARG A 665 -25.72 -32.45 4.74
C ARG A 665 -25.27 -31.06 4.33
N ALA A 666 -26.01 -30.43 3.43
CA ALA A 666 -25.69 -29.11 2.95
C ALA A 666 -25.98 -28.03 3.98
N GLY A 667 -26.80 -28.34 4.98
CA GLY A 667 -27.21 -27.33 5.95
C GLY A 667 -28.67 -27.53 6.36
N CYS A 668 -29.24 -26.53 7.04
CA CYS A 668 -30.62 -26.57 7.51
C CYS A 668 -31.50 -25.86 6.48
N LEU A 669 -32.41 -26.60 5.87
CA LEU A 669 -33.26 -26.05 4.84
C LEU A 669 -34.64 -25.77 5.41
N ILE A 670 -35.02 -24.51 5.39
CA ILE A 670 -36.28 -24.09 5.99
C ILE A 670 -37.23 -23.49 4.97
N GLY A 671 -38.46 -24.00 4.94
CA GLY A 671 -39.47 -23.50 4.02
C GLY A 671 -39.76 -24.47 2.89
N ALA A 672 -38.93 -25.48 2.73
CA ALA A 672 -39.14 -26.49 1.72
C ALA A 672 -39.67 -27.76 2.35
N GLU A 673 -40.70 -28.34 1.76
CA GLU A 673 -41.26 -29.57 2.29
C GLU A 673 -40.51 -30.78 1.78
N HIS A 674 -40.01 -31.59 2.69
CA HIS A 674 -39.27 -32.78 2.30
C HIS A 674 -40.23 -33.88 1.89
N VAL A 675 -39.99 -34.46 0.71
CA VAL A 675 -40.84 -35.54 0.24
C VAL A 675 -40.00 -36.78 -0.06
N ASN A 676 -40.65 -37.96 -0.14
CA ASN A 676 -40.00 -39.23 -0.44
C ASN A 676 -39.99 -39.57 -1.96
N ASN A 677 -40.50 -38.64 -2.79
CA ASN A 677 -40.56 -38.78 -4.24
C ASN A 677 -39.35 -38.14 -4.87
N SER A 678 -38.58 -38.91 -5.61
CA SER A 678 -37.43 -38.35 -6.30
C SER A 678 -37.88 -37.79 -7.63
N TYR A 679 -37.17 -36.79 -8.12
CA TYR A 679 -37.46 -36.21 -9.42
C TYR A 679 -36.17 -35.79 -10.07
N GLU A 680 -36.23 -35.30 -11.29
CA GLU A 680 -35.03 -34.77 -11.91
C GLU A 680 -34.65 -33.54 -11.13
N CYS A 681 -33.40 -33.18 -11.02
CA CYS A 681 -32.84 -32.06 -10.36
C CYS A 681 -33.31 -30.73 -10.88
N ASP A 682 -33.77 -29.80 -10.17
CA ASP A 682 -34.17 -28.49 -10.61
C ASP A 682 -33.22 -27.47 -10.00
N ILE A 683 -33.43 -27.11 -8.73
CA ILE A 683 -32.49 -26.24 -8.04
C ILE A 683 -31.64 -27.09 -7.11
N PRO A 684 -30.34 -27.21 -7.32
CA PRO A 684 -29.46 -28.02 -6.52
C PRO A 684 -29.28 -27.44 -5.14
N ILE A 685 -29.32 -28.28 -4.11
CA ILE A 685 -29.05 -27.87 -2.75
C ILE A 685 -27.66 -28.35 -2.38
N GLY A 686 -27.40 -29.61 -2.68
CA GLY A 686 -26.13 -30.24 -2.42
C GLY A 686 -26.32 -31.59 -1.75
N ALA A 687 -25.32 -32.45 -1.85
CA ALA A 687 -25.34 -33.77 -1.25
C ALA A 687 -26.52 -34.61 -1.67
N GLY A 688 -26.88 -34.54 -2.94
CA GLY A 688 -27.94 -35.36 -3.50
C GLY A 688 -29.32 -34.74 -3.39
N ILE A 689 -29.42 -33.62 -2.70
CA ILE A 689 -30.69 -32.96 -2.51
C ILE A 689 -30.89 -31.81 -3.49
N CYS A 690 -32.08 -31.76 -4.11
CA CYS A 690 -32.54 -30.73 -5.01
C CYS A 690 -33.89 -30.23 -4.52
N ALA A 691 -34.25 -29.03 -4.95
CA ALA A 691 -35.53 -28.45 -4.60
C ALA A 691 -36.25 -27.96 -5.83
N SER A 692 -37.57 -27.92 -5.77
CA SER A 692 -38.36 -27.43 -6.89
C SER A 692 -39.69 -26.89 -6.44
N TYR A 693 -40.34 -26.14 -7.32
CA TYR A 693 -41.66 -25.60 -7.03
C TYR A 693 -42.72 -26.43 -7.76
N GLN A 694 -43.59 -27.11 -7.00
CA GLN A 694 -44.63 -27.99 -7.54
C GLN A 694 -45.90 -27.85 -6.74
N GLN A 709 -49.45 -24.84 -5.06
CA GLN A 709 -48.06 -25.28 -5.25
C GLN A 709 -47.19 -24.74 -4.10
N SER A 710 -46.06 -25.42 -3.86
CA SER A 710 -45.08 -25.05 -2.82
C SER A 710 -43.69 -25.54 -3.18
N ILE A 711 -42.70 -25.12 -2.40
CA ILE A 711 -41.34 -25.57 -2.60
C ILE A 711 -41.11 -26.86 -1.85
N ILE A 712 -40.56 -27.85 -2.55
CA ILE A 712 -40.27 -29.14 -1.97
C ILE A 712 -38.81 -29.48 -2.12
N ALA A 713 -38.35 -30.39 -1.27
CA ALA A 713 -36.99 -30.90 -1.33
C ALA A 713 -37.03 -32.40 -1.46
N TYR A 714 -36.11 -32.95 -2.23
CA TYR A 714 -36.07 -34.38 -2.47
C TYR A 714 -34.70 -34.84 -2.85
N THR A 715 -34.47 -36.15 -2.74
CA THR A 715 -33.25 -36.71 -3.27
C THR A 715 -33.45 -36.84 -4.75
N MET A 716 -32.50 -36.33 -5.53
CA MET A 716 -32.67 -36.32 -6.96
C MET A 716 -32.57 -37.70 -7.55
N SER A 717 -33.31 -37.92 -8.61
CA SER A 717 -33.25 -39.13 -9.40
C SER A 717 -32.12 -39.03 -10.38
N LEU A 718 -31.47 -40.15 -10.66
CA LEU A 718 -30.40 -40.12 -11.63
C LEU A 718 -30.91 -40.58 -12.99
N GLY A 719 -32.21 -40.84 -13.04
CA GLY A 719 -32.85 -41.35 -14.25
C GLY A 719 -33.66 -42.59 -13.94
N ALA A 720 -34.48 -43.00 -14.88
CA ALA A 720 -35.31 -44.19 -14.72
C ALA A 720 -34.42 -45.42 -14.74
N GLU A 721 -34.81 -46.45 -14.02
CA GLU A 721 -34.02 -47.68 -14.06
C GLU A 721 -34.42 -48.52 -15.25
N ASN A 722 -33.46 -49.28 -15.78
CA ASN A 722 -33.71 -50.17 -16.89
C ASN A 722 -32.89 -51.45 -16.80
N SER A 723 -33.52 -52.56 -16.43
CA SER A 723 -32.79 -53.80 -16.43
C SER A 723 -32.74 -54.27 -17.87
N VAL A 724 -31.53 -54.50 -18.38
CA VAL A 724 -31.41 -54.91 -19.76
C VAL A 724 -31.66 -56.40 -19.87
N ALA A 725 -32.47 -56.81 -20.85
CA ALA A 725 -32.85 -58.21 -21.01
C ALA A 725 -31.73 -59.03 -21.62
N TYR A 726 -30.64 -59.14 -20.89
CA TYR A 726 -29.47 -59.85 -21.35
C TYR A 726 -29.61 -61.36 -21.20
N SER A 727 -29.17 -62.06 -22.22
CA SER A 727 -29.08 -63.51 -22.22
C SER A 727 -27.97 -63.85 -23.20
N ASN A 728 -27.49 -65.10 -23.20
CA ASN A 728 -26.37 -65.52 -24.04
C ASN A 728 -26.75 -65.77 -25.51
N ASN A 729 -28.07 -65.77 -25.82
CA ASN A 729 -28.58 -65.98 -27.17
C ASN A 729 -29.67 -65.01 -27.58
N SER A 730 -29.66 -63.78 -27.06
CA SER A 730 -30.71 -62.85 -27.45
C SER A 730 -30.13 -61.53 -27.85
N ILE A 731 -30.51 -61.07 -29.03
CA ILE A 731 -30.02 -59.82 -29.54
C ILE A 731 -31.18 -58.93 -29.91
N ALA A 732 -31.09 -57.65 -29.60
CA ALA A 732 -32.13 -56.77 -30.08
C ALA A 732 -31.61 -56.14 -31.33
N ILE A 733 -32.47 -55.93 -32.30
CA ILE A 733 -32.06 -55.26 -33.52
C ILE A 733 -33.11 -54.24 -33.95
N PRO A 734 -32.75 -52.97 -34.13
CA PRO A 734 -33.63 -51.92 -34.55
C PRO A 734 -34.26 -52.26 -35.86
N THR A 735 -35.54 -52.01 -35.97
CA THR A 735 -36.26 -52.28 -37.22
C THR A 735 -36.63 -51.00 -37.99
N ASN A 736 -36.38 -49.85 -37.37
CA ASN A 736 -36.68 -48.52 -37.87
C ASN A 736 -35.67 -47.55 -37.26
N PHE A 737 -35.71 -46.30 -37.65
CA PHE A 737 -34.81 -45.25 -37.17
C PHE A 737 -35.46 -43.91 -37.33
N THR A 738 -34.92 -42.93 -36.65
CA THR A 738 -35.33 -41.56 -36.85
C THR A 738 -34.13 -40.71 -37.16
N ILE A 739 -34.38 -39.56 -37.78
CA ILE A 739 -33.32 -38.60 -38.01
C ILE A 739 -33.50 -37.49 -37.03
N SER A 740 -32.48 -37.25 -36.24
CA SER A 740 -32.56 -36.26 -35.19
C SER A 740 -31.63 -35.12 -35.46
N VAL A 741 -32.07 -33.91 -35.13
CA VAL A 741 -31.18 -32.77 -35.24
C VAL A 741 -30.96 -32.16 -33.88
N THR A 742 -29.71 -32.13 -33.47
CA THR A 742 -29.28 -31.60 -32.19
C THR A 742 -28.58 -30.28 -32.36
N THR A 743 -28.92 -29.32 -31.53
CA THR A 743 -28.25 -28.03 -31.60
C THR A 743 -27.16 -27.94 -30.55
N GLU A 744 -25.93 -27.69 -30.99
CA GLU A 744 -24.81 -27.51 -30.08
C GLU A 744 -24.26 -26.11 -30.18
N ILE A 745 -24.22 -25.42 -29.07
CA ILE A 745 -23.81 -24.02 -29.07
C ILE A 745 -22.48 -23.81 -28.39
N LEU A 746 -21.54 -23.21 -29.10
CA LEU A 746 -20.22 -22.95 -28.54
C LEU A 746 -19.81 -21.49 -28.71
N PRO A 747 -19.26 -20.86 -27.68
CA PRO A 747 -18.58 -19.59 -27.73
C PRO A 747 -17.38 -19.71 -28.63
N VAL A 748 -17.13 -18.69 -29.41
CA VAL A 748 -15.96 -18.64 -30.26
C VAL A 748 -15.10 -17.47 -29.88
N SER A 749 -15.72 -16.36 -29.59
CA SER A 749 -14.97 -15.16 -29.32
C SER A 749 -15.57 -14.39 -28.17
N MET A 750 -14.82 -13.41 -27.75
CA MET A 750 -15.17 -12.54 -26.64
C MET A 750 -15.08 -11.11 -27.09
N THR A 751 -15.86 -10.22 -26.51
CA THR A 751 -15.78 -8.81 -26.88
C THR A 751 -14.38 -8.27 -26.67
N LYS A 752 -13.85 -7.59 -27.69
CA LYS A 752 -12.49 -7.09 -27.64
C LYS A 752 -12.41 -5.75 -26.96
N THR A 753 -12.36 -5.78 -25.64
CA THR A 753 -12.33 -4.54 -24.91
C THR A 753 -10.91 -4.02 -24.89
N SER A 754 -10.78 -2.74 -24.65
CA SER A 754 -9.48 -2.10 -24.51
C SER A 754 -9.53 -1.03 -23.45
N VAL A 755 -8.69 -1.16 -22.45
CA VAL A 755 -8.71 -0.20 -21.38
C VAL A 755 -7.41 0.55 -21.37
N ASP A 756 -7.52 1.87 -21.46
CA ASP A 756 -6.36 2.74 -21.40
C ASP A 756 -5.99 2.93 -19.93
N CYS A 757 -4.89 2.27 -19.50
CA CYS A 757 -4.50 2.27 -18.05
C CYS A 757 -4.31 3.67 -17.54
N THR A 758 -3.60 4.54 -18.20
CA THR A 758 -3.40 5.87 -17.69
C THR A 758 -4.71 6.64 -17.64
N MET A 759 -5.54 6.52 -18.66
CA MET A 759 -6.80 7.25 -18.66
C MET A 759 -7.69 6.80 -17.51
N TYR A 760 -7.74 5.49 -17.29
CA TYR A 760 -8.56 4.90 -16.23
C TYR A 760 -8.12 5.37 -14.86
N ILE A 761 -6.82 5.32 -14.61
CA ILE A 761 -6.31 5.66 -13.29
C ILE A 761 -6.22 7.18 -13.05
N CYS A 762 -5.64 7.92 -14.01
CA CYS A 762 -5.32 9.35 -13.93
C CYS A 762 -5.98 10.14 -15.05
N GLY A 763 -7.27 9.91 -15.28
CA GLY A 763 -7.92 10.56 -16.39
C GLY A 763 -7.76 12.07 -16.36
N ASP A 764 -7.20 12.60 -17.43
CA ASP A 764 -6.98 14.02 -17.65
C ASP A 764 -6.23 14.71 -16.51
N SER A 765 -5.25 14.04 -15.92
CA SER A 765 -4.52 14.65 -14.82
C SER A 765 -3.02 14.48 -14.90
N THR A 766 -2.32 15.60 -15.08
CA THR A 766 -0.87 15.60 -15.19
C THR A 766 -0.20 15.21 -13.89
N GLU A 767 -0.72 15.72 -12.77
CA GLU A 767 -0.10 15.43 -11.48
C GLU A 767 -0.15 13.93 -11.14
N CYS A 768 -1.30 13.29 -11.42
CA CYS A 768 -1.51 11.88 -11.20
C CYS A 768 -0.67 11.08 -12.18
N SER A 769 -0.66 11.49 -13.44
CA SER A 769 0.08 10.78 -14.46
C SER A 769 1.55 10.69 -14.10
N ASN A 770 2.11 11.77 -13.57
CA ASN A 770 3.52 11.73 -13.19
C ASN A 770 3.76 10.79 -12.02
N LEU A 771 2.86 10.75 -11.05
CA LEU A 771 3.02 9.83 -9.93
C LEU A 771 2.95 8.39 -10.40
N LEU A 772 2.13 8.15 -11.40
CA LEU A 772 1.94 6.82 -11.95
C LEU A 772 3.22 6.28 -12.60
N LEU A 773 4.16 7.15 -12.94
CA LEU A 773 5.40 6.72 -13.58
C LEU A 773 6.33 6.08 -12.57
N GLN A 774 6.01 6.23 -11.29
CA GLN A 774 6.83 5.68 -10.24
C GLN A 774 6.56 4.20 -10.12
N TYR A 775 5.57 3.73 -10.84
CA TYR A 775 5.16 2.35 -10.84
C TYR A 775 5.68 1.63 -12.08
N GLY A 776 6.60 2.30 -12.77
CA GLY A 776 7.29 1.70 -13.88
C GLY A 776 6.42 1.33 -15.06
N SER A 777 6.51 0.07 -15.45
CA SER A 777 5.82 -0.47 -16.61
C SER A 777 4.48 -1.10 -16.33
N PHE A 778 3.94 -0.97 -15.12
CA PHE A 778 2.68 -1.65 -14.86
C PHE A 778 1.60 -1.36 -15.92
N CYS A 779 1.42 -0.09 -16.32
CA CYS A 779 0.44 0.25 -17.36
C CYS A 779 0.79 -0.28 -18.72
N THR A 780 2.06 -0.36 -19.04
CA THR A 780 2.45 -0.85 -20.34
C THR A 780 2.09 -2.31 -20.48
N GLN A 781 2.39 -3.09 -19.44
CA GLN A 781 2.11 -4.51 -19.51
C GLN A 781 0.63 -4.83 -19.37
N LEU A 782 -0.15 -3.95 -18.73
CA LEU A 782 -1.60 -4.16 -18.68
C LEU A 782 -2.21 -3.86 -20.03
N ASN A 783 -1.73 -2.82 -20.70
CA ASN A 783 -2.25 -2.50 -22.02
C ASN A 783 -1.88 -3.60 -22.99
N ARG A 784 -0.69 -4.17 -22.81
CA ARG A 784 -0.19 -5.24 -23.65
C ARG A 784 -1.01 -6.50 -23.48
N ALA A 785 -1.34 -6.85 -22.24
CA ALA A 785 -2.12 -8.04 -21.96
C ALA A 785 -3.49 -7.99 -22.61
N LEU A 786 -4.14 -6.83 -22.56
CA LEU A 786 -5.45 -6.70 -23.16
C LEU A 786 -5.36 -6.67 -24.67
N THR A 787 -4.29 -6.12 -25.20
CA THR A 787 -4.10 -6.11 -26.64
C THR A 787 -3.95 -7.53 -27.14
N GLY A 788 -3.18 -8.34 -26.41
CA GLY A 788 -2.96 -9.72 -26.78
C GLY A 788 -4.27 -10.49 -26.82
N ILE A 789 -5.16 -10.22 -25.86
CA ILE A 789 -6.46 -10.86 -25.86
C ILE A 789 -7.26 -10.47 -27.09
N ALA A 790 -7.29 -9.17 -27.40
CA ALA A 790 -8.05 -8.72 -28.55
C ALA A 790 -7.58 -9.40 -29.82
N VAL A 791 -6.27 -9.57 -29.98
CA VAL A 791 -5.74 -10.21 -31.17
C VAL A 791 -6.18 -11.66 -31.22
N GLU A 792 -6.13 -12.33 -30.08
CA GLU A 792 -6.56 -13.70 -29.96
C GLU A 792 -8.01 -13.89 -30.38
N GLN A 793 -8.87 -12.92 -30.08
CA GLN A 793 -10.27 -13.08 -30.41
C GLN A 793 -10.50 -13.08 -31.91
N ASP A 794 -9.68 -12.33 -32.65
CA ASP A 794 -9.80 -12.37 -34.09
C ASP A 794 -9.27 -13.69 -34.60
N LYS A 795 -8.23 -14.19 -33.95
CA LYS A 795 -7.67 -15.48 -34.31
C LYS A 795 -8.65 -16.60 -34.07
N ASN A 796 -9.38 -16.55 -32.97
CA ASN A 796 -10.35 -17.57 -32.64
C ASN A 796 -11.42 -17.65 -33.70
N THR A 797 -11.89 -16.50 -34.13
CA THR A 797 -12.93 -16.44 -35.14
C THR A 797 -12.41 -16.98 -36.45
N GLN A 798 -11.20 -16.60 -36.83
CA GLN A 798 -10.64 -17.02 -38.09
C GLN A 798 -10.45 -18.53 -38.14
N GLU A 799 -9.99 -19.13 -37.04
CA GLU A 799 -9.77 -20.57 -37.00
C GLU A 799 -11.06 -21.39 -37.05
N VAL A 800 -12.14 -20.85 -36.52
CA VAL A 800 -13.40 -21.57 -36.56
C VAL A 800 -14.10 -21.44 -37.91
N PHE A 801 -14.16 -20.24 -38.47
CA PHE A 801 -14.96 -20.06 -39.67
C PHE A 801 -14.20 -20.09 -40.98
N ALA A 802 -12.97 -19.61 -41.02
CA ALA A 802 -12.26 -19.54 -42.29
C ALA A 802 -11.55 -20.83 -42.60
N GLN A 803 -12.31 -21.92 -42.70
CA GLN A 803 -11.75 -23.23 -42.98
C GLN A 803 -11.97 -23.63 -44.41
N VAL A 804 -12.56 -22.73 -45.17
CA VAL A 804 -12.87 -22.98 -46.55
C VAL A 804 -12.09 -22.01 -47.41
N LYS A 805 -11.41 -22.53 -48.42
CA LYS A 805 -10.58 -21.70 -49.28
C LYS A 805 -11.38 -20.80 -50.21
N GLN A 806 -12.49 -21.32 -50.69
CA GLN A 806 -13.33 -20.62 -51.64
C GLN A 806 -14.71 -20.40 -51.07
N ILE A 807 -15.40 -19.39 -51.55
CA ILE A 807 -16.75 -19.19 -51.12
C ILE A 807 -17.68 -19.93 -52.04
N TYR A 808 -18.19 -21.05 -51.57
CA TYR A 808 -19.00 -21.90 -52.40
C TYR A 808 -20.41 -21.43 -52.40
N LYS A 809 -21.07 -21.61 -53.53
CA LYS A 809 -22.47 -21.28 -53.63
C LYS A 809 -23.28 -22.44 -54.16
N THR A 810 -24.52 -22.52 -53.69
CA THR A 810 -25.48 -23.51 -54.14
C THR A 810 -26.04 -23.04 -55.48
N PRO A 811 -26.59 -23.94 -56.29
CA PRO A 811 -27.24 -23.64 -57.56
C PRO A 811 -28.59 -22.97 -57.31
N PRO A 812 -29.11 -22.22 -58.28
CA PRO A 812 -30.44 -21.66 -58.33
C PRO A 812 -31.51 -22.72 -58.09
N ILE A 813 -31.27 -23.94 -58.56
CA ILE A 813 -32.24 -25.01 -58.38
C ILE A 813 -31.83 -25.91 -57.24
N LYS A 814 -32.52 -25.78 -56.14
CA LYS A 814 -32.18 -26.50 -54.92
C LYS A 814 -32.85 -27.87 -54.87
N ASP A 815 -32.44 -28.75 -55.77
CA ASP A 815 -32.97 -30.11 -55.79
C ASP A 815 -32.04 -31.04 -55.05
N PHE A 816 -32.35 -31.31 -53.79
CA PHE A 816 -31.47 -32.10 -52.97
C PHE A 816 -32.10 -33.41 -52.56
N GLY A 817 -32.90 -33.99 -53.46
CA GLY A 817 -33.45 -35.31 -53.22
C GLY A 817 -34.55 -35.32 -52.18
N GLY A 818 -35.24 -34.19 -52.01
CA GLY A 818 -36.31 -34.09 -51.04
C GLY A 818 -35.89 -33.40 -49.75
N PHE A 819 -34.60 -33.19 -49.56
CA PHE A 819 -34.09 -32.52 -48.37
C PHE A 819 -34.18 -31.00 -48.50
N ASN A 820 -34.87 -30.36 -47.56
CA ASN A 820 -35.12 -28.90 -47.53
C ASN A 820 -34.10 -28.19 -46.66
N PHE A 821 -33.43 -27.17 -47.22
CA PHE A 821 -32.41 -26.37 -46.52
C PHE A 821 -32.76 -24.89 -46.44
N SER A 822 -33.98 -24.51 -46.76
CA SER A 822 -34.32 -23.08 -46.78
C SER A 822 -34.18 -22.39 -45.43
N GLN A 823 -34.19 -23.17 -44.36
CA GLN A 823 -34.03 -22.64 -43.02
C GLN A 823 -32.59 -22.34 -42.67
N ILE A 824 -31.64 -23.06 -43.28
CA ILE A 824 -30.25 -22.88 -42.91
C ILE A 824 -29.42 -22.19 -44.01
N LEU A 825 -29.97 -22.12 -45.22
CA LEU A 825 -29.33 -21.37 -46.30
C LEU A 825 -29.78 -19.90 -46.24
N PRO A 826 -28.96 -18.95 -46.72
CA PRO A 826 -29.26 -17.53 -46.78
C PRO A 826 -30.51 -17.23 -47.58
N ASP A 827 -31.24 -16.17 -47.19
CA ASP A 827 -32.41 -15.72 -47.94
C ASP A 827 -32.25 -14.23 -48.35
N PRO A 828 -31.59 -13.95 -49.48
CA PRO A 828 -31.10 -12.66 -49.96
C PRO A 828 -32.11 -11.51 -50.05
N SER A 829 -33.35 -11.74 -49.60
CA SER A 829 -34.38 -10.72 -49.64
C SER A 829 -34.07 -9.57 -48.69
N LYS A 830 -33.13 -9.80 -47.77
CA LYS A 830 -32.73 -8.77 -46.81
C LYS A 830 -31.23 -8.44 -46.91
N PRO A 831 -30.80 -7.21 -46.52
CA PRO A 831 -29.43 -6.70 -46.57
C PRO A 831 -28.35 -7.61 -46.01
N SER A 832 -28.63 -8.28 -44.89
CA SER A 832 -27.66 -9.21 -44.35
C SER A 832 -28.03 -10.59 -44.81
N LYS A 833 -27.12 -11.25 -45.50
CA LYS A 833 -27.45 -12.52 -46.10
C LYS A 833 -27.32 -13.66 -45.11
N ARG A 834 -28.20 -13.63 -44.11
CA ARG A 834 -28.23 -14.64 -43.09
C ARG A 834 -29.37 -15.58 -43.36
N SER A 835 -29.34 -16.75 -42.74
CA SER A 835 -30.40 -17.73 -42.85
C SER A 835 -31.51 -17.44 -41.85
N PHE A 836 -32.64 -18.12 -41.98
CA PHE A 836 -33.73 -17.94 -41.04
C PHE A 836 -33.29 -18.34 -39.64
N ILE A 837 -32.65 -19.50 -39.51
CA ILE A 837 -32.20 -19.93 -38.20
C ILE A 837 -31.21 -18.95 -37.62
N GLU A 838 -30.30 -18.44 -38.44
CA GLU A 838 -29.33 -17.49 -37.94
C GLU A 838 -30.01 -16.22 -37.42
N ASP A 839 -31.05 -15.73 -38.09
CA ASP A 839 -31.75 -14.57 -37.56
C ASP A 839 -32.32 -14.81 -36.18
N LEU A 840 -32.78 -16.03 -35.93
CA LEU A 840 -33.33 -16.33 -34.61
C LEU A 840 -32.23 -16.26 -33.58
N LEU A 841 -31.07 -16.80 -33.93
CA LEU A 841 -29.94 -16.84 -33.01
C LEU A 841 -29.46 -15.43 -32.69
N PHE A 842 -29.46 -14.59 -33.71
CA PHE A 842 -29.01 -13.22 -33.58
C PHE A 842 -29.97 -12.34 -32.82
N ASN A 843 -31.27 -12.54 -33.02
CA ASN A 843 -32.23 -11.73 -32.31
C ASN A 843 -32.23 -12.05 -30.82
N LYS A 844 -32.00 -13.32 -30.48
CA LYS A 844 -31.99 -13.75 -29.09
C LYS A 844 -30.80 -13.25 -28.25
N VAL A 845 -29.59 -13.26 -28.83
CA VAL A 845 -28.36 -12.79 -28.15
C VAL A 845 -27.76 -11.67 -28.99
N LEU A 868 -25.46 2.21 -21.62
CA LEU A 868 -24.44 1.62 -20.76
C LEU A 868 -23.02 1.83 -21.32
N ILE A 869 -22.85 1.60 -22.63
CA ILE A 869 -21.54 1.66 -23.30
C ILE A 869 -20.92 3.05 -23.25
N CYS A 870 -21.75 4.10 -23.24
CA CYS A 870 -21.21 5.45 -23.13
C CYS A 870 -20.66 5.67 -21.73
N ALA A 871 -21.42 5.25 -20.72
CA ALA A 871 -21.01 5.42 -19.33
C ALA A 871 -19.68 4.73 -19.08
N GLN A 872 -19.50 3.58 -19.73
CA GLN A 872 -18.26 2.83 -19.60
C GLN A 872 -17.14 3.49 -20.40
N LYS A 873 -17.42 3.80 -21.66
CA LYS A 873 -16.43 4.36 -22.58
C LYS A 873 -15.76 5.59 -22.04
N PHE A 874 -16.53 6.44 -21.41
CA PHE A 874 -16.07 7.71 -20.92
C PHE A 874 -14.92 7.59 -19.92
N ASN A 875 -14.63 6.38 -19.46
CA ASN A 875 -13.54 6.16 -18.51
C ASN A 875 -12.30 5.55 -19.17
N GLY A 876 -12.21 5.64 -20.51
CA GLY A 876 -11.06 5.10 -21.22
C GLY A 876 -11.24 3.62 -21.56
N LEU A 877 -12.50 3.22 -21.68
CA LEU A 877 -12.87 1.83 -21.93
C LEU A 877 -13.51 1.65 -23.30
N THR A 878 -12.71 1.42 -24.31
CA THR A 878 -13.29 1.35 -25.64
C THR A 878 -13.49 -0.09 -26.05
N VAL A 879 -14.28 -0.30 -27.09
CA VAL A 879 -14.47 -1.63 -27.62
C VAL A 879 -14.08 -1.64 -29.08
N LEU A 880 -13.22 -2.57 -29.43
CA LEU A 880 -12.72 -2.66 -30.77
C LEU A 880 -13.64 -3.57 -31.57
N PRO A 881 -13.95 -3.26 -32.82
CA PRO A 881 -14.76 -4.08 -33.67
C PRO A 881 -13.98 -5.33 -34.07
N PRO A 882 -14.64 -6.46 -34.27
CA PRO A 882 -14.12 -7.69 -34.83
C PRO A 882 -13.60 -7.45 -36.22
N LEU A 883 -12.56 -8.17 -36.60
CA LEU A 883 -12.06 -8.05 -37.96
C LEU A 883 -13.09 -8.56 -38.95
N LEU A 884 -13.74 -9.66 -38.60
CA LEU A 884 -14.74 -10.25 -39.47
C LEU A 884 -16.11 -9.83 -38.99
N THR A 885 -16.83 -9.13 -39.84
CA THR A 885 -18.15 -8.63 -39.49
C THR A 885 -19.16 -9.75 -39.53
N ASP A 886 -20.34 -9.53 -38.97
CA ASP A 886 -21.36 -10.58 -38.96
C ASP A 886 -21.69 -11.03 -40.38
N GLU A 887 -21.64 -10.10 -41.33
CA GLU A 887 -21.90 -10.43 -42.72
C GLU A 887 -20.82 -11.35 -43.28
N MET A 888 -19.59 -11.23 -42.80
CA MET A 888 -18.51 -12.07 -43.31
C MET A 888 -18.56 -13.43 -42.68
N ILE A 889 -19.03 -13.51 -41.45
CA ILE A 889 -19.18 -14.79 -40.79
C ILE A 889 -20.28 -15.54 -41.49
N ALA A 890 -21.36 -14.82 -41.82
CA ALA A 890 -22.45 -15.43 -42.55
C ALA A 890 -21.99 -15.94 -43.91
N GLN A 891 -21.12 -15.20 -44.59
CA GLN A 891 -20.60 -15.68 -45.87
C GLN A 891 -19.75 -16.93 -45.70
N TYR A 892 -18.97 -17.01 -44.63
CA TYR A 892 -18.19 -18.21 -44.40
C TYR A 892 -19.07 -19.40 -44.09
N THR A 893 -20.11 -19.22 -43.28
CA THR A 893 -20.98 -20.33 -42.96
C THR A 893 -21.76 -20.74 -44.18
N SER A 894 -22.11 -19.80 -45.04
CA SER A 894 -22.82 -20.11 -46.26
C SER A 894 -21.95 -20.95 -47.15
N ALA A 895 -20.66 -20.61 -47.25
CA ALA A 895 -19.70 -21.37 -48.05
C ALA A 895 -19.49 -22.77 -47.51
N LEU A 896 -19.41 -22.88 -46.20
CA LEU A 896 -19.21 -24.17 -45.56
C LEU A 896 -20.42 -25.05 -45.76
N LEU A 897 -21.58 -24.43 -45.66
CA LEU A 897 -22.84 -25.10 -45.84
C LEU A 897 -23.08 -25.49 -47.28
N ALA A 898 -22.78 -24.60 -48.21
CA ALA A 898 -22.94 -24.89 -49.63
C ALA A 898 -22.03 -26.03 -50.03
N GLY A 899 -20.83 -26.04 -49.48
CA GLY A 899 -19.89 -27.12 -49.74
C GLY A 899 -20.43 -28.42 -49.18
N THR A 900 -20.86 -28.40 -47.93
CA THR A 900 -21.37 -29.60 -47.28
C THR A 900 -22.52 -30.20 -48.07
N ILE A 901 -23.41 -29.36 -48.56
CA ILE A 901 -24.57 -29.81 -49.31
C ILE A 901 -24.24 -30.31 -50.72
N THR A 902 -23.40 -29.61 -51.48
CA THR A 902 -23.16 -30.00 -52.86
C THR A 902 -21.95 -30.89 -53.11
N SER A 903 -21.03 -30.98 -52.16
CA SER A 903 -19.82 -31.79 -52.36
C SER A 903 -19.54 -32.72 -51.20
N GLY A 904 -20.43 -32.75 -50.25
CA GLY A 904 -20.20 -33.56 -49.08
C GLY A 904 -18.93 -33.15 -48.37
N TRP A 905 -18.05 -34.10 -48.09
CA TRP A 905 -16.84 -33.75 -47.37
C TRP A 905 -15.63 -33.50 -48.25
N THR A 906 -15.79 -33.63 -49.56
CA THR A 906 -14.63 -33.54 -50.44
C THR A 906 -14.04 -32.16 -50.49
N PHE A 907 -14.85 -31.16 -50.22
CA PHE A 907 -14.38 -29.80 -50.27
C PHE A 907 -13.43 -29.52 -49.12
N GLY A 908 -13.44 -30.38 -48.11
CA GLY A 908 -12.60 -30.18 -46.97
C GLY A 908 -11.24 -30.85 -47.12
N ALA A 909 -11.03 -31.57 -48.22
CA ALA A 909 -9.77 -32.28 -48.46
C ALA A 909 -9.20 -31.95 -49.84
N GLY A 910 -9.62 -30.83 -50.42
CA GLY A 910 -9.19 -30.48 -51.76
C GLY A 910 -10.31 -29.80 -52.52
N ALA A 911 -10.32 -29.95 -53.84
CA ALA A 911 -11.37 -29.36 -54.63
C ALA A 911 -12.67 -30.04 -54.29
N ALA A 912 -13.75 -29.28 -54.31
CA ALA A 912 -15.05 -29.86 -54.06
C ALA A 912 -15.51 -30.67 -55.25
N LEU A 913 -15.88 -31.93 -55.03
CA LEU A 913 -16.51 -32.72 -56.10
C LEU A 913 -17.97 -32.39 -56.10
N GLN A 914 -18.64 -32.42 -57.22
CA GLN A 914 -20.06 -32.35 -57.08
C GLN A 914 -20.55 -33.77 -56.84
N ILE A 915 -21.63 -33.91 -56.09
CA ILE A 915 -22.25 -35.19 -55.91
C ILE A 915 -23.73 -34.97 -55.63
N PRO A 916 -24.66 -35.78 -56.13
CA PRO A 916 -26.06 -35.72 -55.80
C PRO A 916 -26.21 -35.88 -54.31
N PHE A 917 -27.13 -35.12 -53.71
CA PHE A 917 -27.28 -35.17 -52.27
C PHE A 917 -27.68 -36.55 -51.77
N ALA A 918 -28.55 -37.23 -52.47
CA ALA A 918 -28.98 -38.56 -52.04
C ALA A 918 -27.79 -39.52 -52.02
N MET A 919 -26.87 -39.37 -52.96
CA MET A 919 -25.71 -40.25 -52.96
C MET A 919 -24.78 -39.90 -51.82
N GLN A 920 -24.68 -38.62 -51.51
CA GLN A 920 -23.89 -38.19 -50.39
C GLN A 920 -24.41 -38.81 -49.12
N MET A 921 -25.73 -38.83 -48.96
CA MET A 921 -26.36 -39.44 -47.81
C MET A 921 -26.08 -40.91 -47.75
N ALA A 922 -25.98 -41.55 -48.90
CA ALA A 922 -25.71 -42.98 -48.96
C ALA A 922 -24.33 -43.26 -48.38
N TYR A 923 -23.39 -42.35 -48.62
CA TYR A 923 -22.05 -42.55 -48.11
C TYR A 923 -22.05 -42.40 -46.61
N ARG A 924 -22.83 -41.44 -46.14
CA ARG A 924 -22.94 -41.17 -44.72
C ARG A 924 -23.62 -42.32 -44.01
N PHE A 925 -24.58 -42.96 -44.66
CA PHE A 925 -25.20 -44.15 -44.09
C PHE A 925 -24.18 -45.29 -44.02
N ASN A 926 -23.37 -45.45 -45.06
CA ASN A 926 -22.35 -46.49 -45.02
C ASN A 926 -21.39 -46.25 -43.87
N GLY A 927 -21.07 -44.97 -43.65
CA GLY A 927 -20.14 -44.58 -42.60
C GLY A 927 -20.60 -45.02 -41.22
N ILE A 928 -21.90 -45.02 -40.98
CA ILE A 928 -22.44 -45.42 -39.68
C ILE A 928 -22.79 -46.90 -39.62
N GLY A 929 -22.39 -47.67 -40.62
CA GLY A 929 -22.64 -49.11 -40.61
C GLY A 929 -24.02 -49.51 -41.10
N VAL A 930 -24.65 -48.68 -41.92
CA VAL A 930 -25.96 -48.97 -42.47
C VAL A 930 -25.83 -48.99 -43.97
N THR A 931 -26.37 -50.00 -44.62
CA THR A 931 -26.15 -50.11 -46.06
C THR A 931 -26.89 -49.07 -46.88
N GLN A 932 -26.45 -48.88 -48.12
CA GLN A 932 -26.95 -47.84 -49.00
C GLN A 932 -28.40 -48.00 -49.35
N ASN A 933 -28.86 -49.22 -49.49
CA ASN A 933 -30.21 -49.42 -49.90
C ASN A 933 -31.17 -48.97 -48.83
N VAL A 934 -30.74 -48.87 -47.58
CA VAL A 934 -31.65 -48.46 -46.54
C VAL A 934 -32.03 -47.02 -46.80
N LEU A 935 -31.05 -46.21 -47.17
CA LEU A 935 -31.33 -44.82 -47.52
C LEU A 935 -32.25 -44.71 -48.70
N TYR A 936 -31.92 -45.42 -49.78
CA TYR A 936 -32.68 -45.24 -51.00
C TYR A 936 -34.09 -45.78 -50.85
N GLU A 937 -34.24 -46.90 -50.18
CA GLU A 937 -35.54 -47.49 -49.98
C GLU A 937 -36.40 -46.58 -49.12
N ASN A 938 -35.78 -45.89 -48.17
CA ASN A 938 -36.47 -44.98 -47.29
C ASN A 938 -36.17 -43.53 -47.58
N GLN A 939 -35.73 -43.19 -48.79
CA GLN A 939 -35.32 -41.83 -49.07
C GLN A 939 -36.39 -40.80 -48.79
N LYS A 940 -37.66 -41.13 -49.04
CA LYS A 940 -38.70 -40.15 -48.84
C LYS A 940 -38.93 -39.94 -47.34
N LEU A 941 -38.93 -41.03 -46.59
CA LEU A 941 -39.09 -40.95 -45.14
C LEU A 941 -37.97 -40.16 -44.49
N ILE A 942 -36.75 -40.44 -44.92
CA ILE A 942 -35.58 -39.82 -44.34
C ILE A 942 -35.62 -38.32 -44.60
N ALA A 943 -35.96 -37.93 -45.82
CA ALA A 943 -36.08 -36.52 -46.12
C ALA A 943 -37.16 -35.87 -45.28
N ASN A 944 -38.27 -36.57 -45.03
CA ASN A 944 -39.34 -36.02 -44.20
C ASN A 944 -38.94 -35.90 -42.75
N GLN A 945 -38.23 -36.90 -42.23
CA GLN A 945 -37.79 -36.85 -40.84
C GLN A 945 -36.80 -35.73 -40.65
N PHE A 946 -35.93 -35.54 -41.64
CA PHE A 946 -34.96 -34.48 -41.59
C PHE A 946 -35.63 -33.13 -41.62
N ASN A 947 -36.55 -32.94 -42.55
CA ASN A 947 -37.20 -31.65 -42.72
C ASN A 947 -38.01 -31.31 -41.48
N SER A 948 -38.62 -32.32 -40.88
CA SER A 948 -39.39 -32.14 -39.67
C SER A 948 -38.48 -31.73 -38.52
N ALA A 949 -37.35 -32.42 -38.38
CA ALA A 949 -36.40 -32.10 -37.33
C ALA A 949 -35.89 -30.68 -37.45
N ILE A 950 -35.66 -30.20 -38.67
CA ILE A 950 -35.22 -28.82 -38.84
C ILE A 950 -36.31 -27.87 -38.38
N GLY A 951 -37.56 -28.16 -38.73
CA GLY A 951 -38.66 -27.33 -38.28
C GLY A 951 -38.74 -27.27 -36.76
N LYS A 952 -38.43 -28.38 -36.10
CA LYS A 952 -38.44 -28.43 -34.64
C LYS A 952 -37.39 -27.49 -34.06
N ILE A 953 -36.24 -27.37 -34.73
CA ILE A 953 -35.18 -26.49 -34.26
C ILE A 953 -35.66 -25.06 -34.38
N GLN A 954 -36.29 -24.75 -35.50
CA GLN A 954 -36.81 -23.42 -35.74
C GLN A 954 -37.76 -23.00 -34.64
N ASP A 955 -38.68 -23.90 -34.26
CA ASP A 955 -39.65 -23.59 -33.23
C ASP A 955 -39.03 -23.55 -31.84
N SER A 956 -38.09 -24.45 -31.57
CA SER A 956 -37.44 -24.50 -30.28
C SER A 956 -36.69 -23.20 -30.02
N LEU A 957 -35.99 -22.71 -31.05
CA LEU A 957 -35.26 -21.46 -30.92
C LEU A 957 -36.20 -20.28 -30.80
N SER A 958 -37.30 -20.30 -31.53
CA SER A 958 -38.24 -19.18 -31.47
C SER A 958 -38.89 -19.08 -30.07
N SER A 959 -39.15 -20.24 -29.48
CA SER A 959 -39.80 -20.36 -28.17
C SER A 959 -38.90 -20.19 -26.93
N THR A 960 -37.81 -20.96 -26.85
CA THR A 960 -37.03 -21.00 -25.60
C THR A 960 -35.89 -20.00 -25.56
N ALA A 961 -36.05 -19.00 -24.70
CA ALA A 961 -35.11 -17.90 -24.55
C ALA A 961 -33.76 -18.35 -24.02
N SER A 962 -33.77 -19.37 -23.18
CA SER A 962 -32.59 -19.87 -22.51
C SER A 962 -31.74 -20.80 -23.37
N ALA A 963 -32.18 -21.09 -24.59
CA ALA A 963 -31.48 -22.04 -25.45
C ALA A 963 -30.04 -21.62 -25.73
N LEU A 964 -29.78 -20.32 -25.78
CA LEU A 964 -28.45 -19.82 -26.10
C LEU A 964 -27.72 -19.31 -24.87
N GLY A 965 -28.08 -19.85 -23.71
CA GLY A 965 -27.46 -19.45 -22.46
C GLY A 965 -25.94 -19.51 -22.48
N LYS A 966 -25.35 -20.44 -23.22
CA LYS A 966 -23.90 -20.52 -23.26
C LYS A 966 -23.26 -19.26 -23.86
N LEU A 967 -23.94 -18.60 -24.80
CA LEU A 967 -23.35 -17.42 -25.41
C LEU A 967 -23.70 -16.21 -24.59
N GLN A 968 -24.90 -16.22 -24.02
CA GLN A 968 -25.35 -15.09 -23.23
C GLN A 968 -24.53 -14.98 -21.96
N ASP A 969 -24.12 -16.12 -21.42
CA ASP A 969 -23.31 -16.14 -20.21
C ASP A 969 -21.97 -15.48 -20.44
N VAL A 970 -21.40 -15.63 -21.63
CA VAL A 970 -20.12 -15.03 -21.92
C VAL A 970 -20.29 -13.53 -21.96
N VAL A 971 -21.37 -13.09 -22.58
CA VAL A 971 -21.67 -11.68 -22.65
C VAL A 971 -21.90 -11.10 -21.27
N ASN A 972 -22.62 -11.83 -20.43
CA ASN A 972 -22.90 -11.36 -19.09
C ASN A 972 -21.66 -11.29 -18.23
N GLN A 973 -20.76 -12.25 -18.35
CA GLN A 973 -19.54 -12.22 -17.54
C GLN A 973 -18.68 -11.04 -17.89
N ASN A 974 -18.60 -10.70 -19.17
CA ASN A 974 -17.77 -9.58 -19.57
C ASN A 974 -18.43 -8.27 -19.19
N ALA A 975 -19.75 -8.20 -19.28
CA ALA A 975 -20.46 -7.00 -18.90
C ALA A 975 -20.27 -6.73 -17.42
N GLN A 976 -20.31 -7.78 -16.61
CA GLN A 976 -20.11 -7.61 -15.18
C GLN A 976 -18.70 -7.17 -14.89
N ALA A 977 -17.73 -7.72 -15.60
CA ALA A 977 -16.35 -7.36 -15.38
C ALA A 977 -16.12 -5.88 -15.64
N LEU A 978 -16.73 -5.35 -16.70
CA LEU A 978 -16.57 -3.93 -16.99
C LEU A 978 -17.33 -3.07 -16.02
N ASN A 979 -18.50 -3.49 -15.62
CA ASN A 979 -19.26 -2.67 -14.69
C ASN A 979 -18.55 -2.61 -13.35
N THR A 980 -17.92 -3.71 -12.97
CA THR A 980 -17.19 -3.75 -11.73
C THR A 980 -15.99 -2.82 -11.82
N LEU A 981 -15.29 -2.86 -12.95
CA LEU A 981 -14.12 -2.02 -13.15
C LEU A 981 -14.50 -0.55 -13.08
N VAL A 982 -15.57 -0.17 -13.74
CA VAL A 982 -16.00 1.21 -13.76
C VAL A 982 -16.46 1.69 -12.39
N LYS A 983 -17.21 0.86 -11.68
CA LYS A 983 -17.68 1.24 -10.35
C LYS A 983 -16.55 1.43 -9.35
N GLN A 984 -15.41 0.77 -9.56
CA GLN A 984 -14.26 0.94 -8.67
C GLN A 984 -13.73 2.36 -8.70
N LEU A 985 -14.07 3.14 -9.72
CA LEU A 985 -13.60 4.51 -9.79
C LEU A 985 -14.30 5.40 -8.78
N SER A 986 -15.39 4.89 -8.19
CA SER A 986 -16.14 5.60 -7.18
C SER A 986 -15.63 5.30 -5.78
N SER A 987 -14.63 4.42 -5.68
CA SER A 987 -14.07 4.05 -4.39
C SER A 987 -13.00 5.03 -3.96
N ASN A 988 -12.92 5.29 -2.67
CA ASN A 988 -11.91 6.18 -2.12
C ASN A 988 -10.58 5.51 -1.90
N PHE A 989 -10.61 4.24 -1.54
CA PHE A 989 -9.39 3.50 -1.22
C PHE A 989 -8.60 4.15 -0.10
N GLY A 990 -9.28 4.89 0.77
CA GLY A 990 -8.66 5.55 1.90
C GLY A 990 -8.42 7.04 1.65
N ALA A 991 -8.63 7.48 0.42
CA ALA A 991 -8.47 8.86 0.05
C ALA A 991 -9.65 9.69 0.55
N ILE A 992 -9.44 10.99 0.65
CA ILE A 992 -10.51 11.91 1.03
C ILE A 992 -11.62 11.98 -0.01
N SER A 993 -11.32 11.58 -1.23
CA SER A 993 -12.31 11.59 -2.28
C SER A 993 -11.95 10.65 -3.40
N SER A 994 -12.97 10.04 -3.99
CA SER A 994 -12.81 9.20 -5.17
C SER A 994 -12.57 10.03 -6.41
N VAL A 995 -12.84 11.32 -6.31
CA VAL A 995 -12.71 12.21 -7.46
C VAL A 995 -11.37 12.91 -7.44
N LEU A 996 -10.59 12.66 -8.47
CA LEU A 996 -9.25 13.17 -8.59
C LEU A 996 -9.24 14.67 -8.71
N ASN A 997 -10.24 15.22 -9.41
CA ASN A 997 -10.32 16.66 -9.58
C ASN A 997 -10.60 17.37 -8.26
N ASP A 998 -11.31 16.71 -7.35
CA ASP A 998 -11.64 17.32 -6.07
C ASP A 998 -10.42 17.35 -5.17
N ILE A 999 -9.60 16.30 -5.26
CA ILE A 999 -8.37 16.28 -4.47
C ILE A 999 -7.47 17.40 -4.91
N LEU A 1000 -7.34 17.55 -6.22
CA LEU A 1000 -6.49 18.57 -6.80
C LEU A 1000 -7.03 19.99 -6.65
N SER A 1001 -8.36 20.14 -6.55
CA SER A 1001 -8.91 21.48 -6.36
C SER A 1001 -8.72 21.96 -4.92
N ARG A 1002 -8.63 21.03 -3.96
CA ARG A 1002 -8.47 21.43 -2.57
C ARG A 1002 -7.04 21.47 -2.08
N LEU A 1003 -6.23 20.50 -2.46
CA LEU A 1003 -4.90 20.36 -1.90
C LEU A 1003 -3.77 20.79 -2.80
N ASP A 1004 -2.66 21.17 -2.18
CA ASP A 1004 -1.41 21.45 -2.89
C ASP A 1004 -0.65 20.14 -2.99
N PRO A 1005 0.27 19.98 -3.95
CA PRO A 1005 1.04 18.77 -4.22
C PRO A 1005 1.57 18.01 -2.98
N PRO A 1006 2.17 18.65 -1.95
CA PRO A 1006 2.72 17.96 -0.80
C PRO A 1006 1.67 17.10 -0.09
N GLU A 1007 0.40 17.46 -0.23
CA GLU A 1007 -0.69 16.74 0.40
C GLU A 1007 -1.51 15.98 -0.63
N ALA A 1008 -1.64 16.57 -1.82
CA ALA A 1008 -2.43 15.99 -2.88
C ALA A 1008 -1.82 14.69 -3.31
N GLU A 1009 -0.49 14.62 -3.34
CA GLU A 1009 0.19 13.42 -3.77
C GLU A 1009 -0.10 12.25 -2.87
N VAL A 1010 -0.28 12.50 -1.59
CA VAL A 1010 -0.59 11.42 -0.66
C VAL A 1010 -1.95 10.84 -0.97
N GLN A 1011 -2.91 11.73 -1.19
CA GLN A 1011 -4.27 11.29 -1.48
C GLN A 1011 -4.35 10.62 -2.85
N ILE A 1012 -3.57 11.12 -3.80
CA ILE A 1012 -3.56 10.56 -5.13
C ILE A 1012 -2.92 9.18 -5.11
N ASP A 1013 -1.84 9.01 -4.37
CA ASP A 1013 -1.22 7.71 -4.27
C ASP A 1013 -2.21 6.66 -3.80
N ARG A 1014 -3.12 7.02 -2.91
CA ARG A 1014 -4.10 6.07 -2.44
C ARG A 1014 -5.04 5.67 -3.57
N LEU A 1015 -5.45 6.63 -4.41
CA LEU A 1015 -6.31 6.31 -5.53
C LEU A 1015 -5.58 5.51 -6.59
N ILE A 1016 -4.30 5.83 -6.84
CA ILE A 1016 -3.55 5.09 -7.83
C ILE A 1016 -3.39 3.65 -7.41
N THR A 1017 -3.05 3.43 -6.15
CA THR A 1017 -2.85 2.07 -5.71
C THR A 1017 -4.11 1.26 -5.89
N GLY A 1018 -5.25 1.81 -5.47
CA GLY A 1018 -6.51 1.12 -5.57
C GLY A 1018 -6.99 0.92 -6.99
N ARG A 1019 -6.82 1.93 -7.83
CA ARG A 1019 -7.28 1.85 -9.19
C ARG A 1019 -6.39 0.94 -10.01
N LEU A 1020 -5.10 0.95 -9.71
CA LEU A 1020 -4.17 0.08 -10.40
C LEU A 1020 -4.46 -1.35 -10.01
N GLN A 1021 -4.75 -1.58 -8.72
CA GLN A 1021 -5.10 -2.91 -8.25
C GLN A 1021 -6.38 -3.42 -8.87
N SER A 1022 -7.36 -2.52 -9.06
CA SER A 1022 -8.64 -2.89 -9.64
C SER A 1022 -8.47 -3.23 -11.11
N LEU A 1023 -7.61 -2.48 -11.78
CA LEU A 1023 -7.34 -2.72 -13.19
C LEU A 1023 -6.57 -4.01 -13.38
N GLN A 1024 -5.62 -4.30 -12.49
CA GLN A 1024 -4.88 -5.54 -12.57
C GLN A 1024 -5.79 -6.72 -12.35
N THR A 1025 -6.75 -6.57 -11.44
CA THR A 1025 -7.71 -7.63 -11.19
C THR A 1025 -8.54 -7.89 -12.43
N TYR A 1026 -9.00 -6.83 -13.08
CA TYR A 1026 -9.78 -6.96 -14.30
C TYR A 1026 -9.00 -7.69 -15.37
N VAL A 1027 -7.76 -7.28 -15.61
CA VAL A 1027 -6.98 -7.89 -16.66
C VAL A 1027 -6.71 -9.35 -16.38
N THR A 1028 -6.38 -9.69 -15.15
CA THR A 1028 -6.11 -11.08 -14.81
C THR A 1028 -7.32 -11.94 -15.09
N GLN A 1029 -8.50 -11.44 -14.72
CA GLN A 1029 -9.73 -12.18 -14.97
C GLN A 1029 -9.99 -12.33 -16.45
N GLN A 1030 -9.64 -11.33 -17.25
CA GLN A 1030 -9.85 -11.41 -18.68
C GLN A 1030 -8.88 -12.38 -19.32
N LEU A 1031 -7.68 -12.51 -18.79
CA LEU A 1031 -6.73 -13.47 -19.33
C LEU A 1031 -7.16 -14.89 -19.05
N ILE A 1032 -7.71 -15.11 -17.87
CA ILE A 1032 -8.21 -16.44 -17.51
C ILE A 1032 -9.46 -16.75 -18.31
N ARG A 1033 -10.36 -15.78 -18.40
CA ARG A 1033 -11.58 -15.92 -19.16
C ARG A 1033 -11.27 -16.11 -20.64
N ALA A 1034 -10.28 -15.40 -21.17
CA ALA A 1034 -9.89 -15.53 -22.56
C ALA A 1034 -9.41 -16.93 -22.84
N ALA A 1035 -8.69 -17.53 -21.90
CA ALA A 1035 -8.20 -18.89 -22.07
C ALA A 1035 -9.35 -19.88 -22.19
N GLU A 1036 -10.43 -19.65 -21.44
CA GLU A 1036 -11.60 -20.51 -21.53
C GLU A 1036 -12.24 -20.38 -22.90
N ILE A 1037 -12.35 -19.17 -23.41
CA ILE A 1037 -12.90 -18.93 -24.73
C ILE A 1037 -12.01 -19.54 -25.79
N ARG A 1038 -10.70 -19.43 -25.62
CA ARG A 1038 -9.78 -20.02 -26.58
C ARG A 1038 -10.01 -21.52 -26.66
N ALA A 1039 -10.17 -22.16 -25.51
CA ALA A 1039 -10.41 -23.59 -25.50
C ALA A 1039 -11.71 -23.93 -26.20
N SER A 1040 -12.74 -23.12 -25.99
CA SER A 1040 -14.02 -23.34 -26.65
C SER A 1040 -13.89 -23.15 -28.15
N ALA A 1041 -13.16 -22.12 -28.57
CA ALA A 1041 -12.94 -21.85 -29.98
C ALA A 1041 -12.16 -22.98 -30.62
N ASN A 1042 -11.22 -23.56 -29.90
CA ASN A 1042 -10.46 -24.68 -30.43
C ASN A 1042 -11.34 -25.90 -30.58
N LEU A 1043 -12.28 -26.06 -29.68
CA LEU A 1043 -13.22 -27.16 -29.75
C LEU A 1043 -14.15 -26.94 -30.93
N ALA A 1044 -14.60 -25.70 -31.10
CA ALA A 1044 -15.47 -25.36 -32.20
C ALA A 1044 -14.78 -25.54 -33.53
N ALA A 1045 -13.50 -25.21 -33.59
CA ALA A 1045 -12.73 -25.38 -34.80
C ALA A 1045 -12.56 -26.85 -35.12
N THR A 1046 -12.37 -27.66 -34.08
CA THR A 1046 -12.23 -29.10 -34.26
C THR A 1046 -13.53 -29.68 -34.77
N LYS A 1047 -14.65 -29.26 -34.21
CA LYS A 1047 -15.95 -29.72 -34.67
C LYS A 1047 -16.23 -29.27 -36.07
N MET A 1048 -15.84 -28.07 -36.42
CA MET A 1048 -16.07 -27.64 -37.77
C MET A 1048 -15.37 -28.61 -38.72
N SER A 1049 -14.11 -28.93 -38.44
CA SER A 1049 -13.37 -29.80 -39.32
C SER A 1049 -13.89 -31.24 -39.31
N GLU A 1050 -14.17 -31.76 -38.14
CA GLU A 1050 -14.56 -33.16 -38.05
C GLU A 1050 -16.04 -33.47 -38.21
N CYS A 1051 -16.93 -32.49 -37.96
CA CYS A 1051 -18.38 -32.69 -38.01
C CYS A 1051 -18.95 -32.07 -39.28
N VAL A 1052 -18.35 -31.04 -39.83
CA VAL A 1052 -18.93 -30.35 -40.99
C VAL A 1052 -18.20 -30.72 -42.25
N LEU A 1053 -16.88 -30.76 -42.18
CA LEU A 1053 -16.03 -31.06 -43.32
C LEU A 1053 -15.67 -32.53 -43.34
N GLY A 1054 -16.48 -33.33 -42.68
CA GLY A 1054 -16.28 -34.75 -42.60
C GLY A 1054 -17.44 -35.44 -41.90
N GLN A 1055 -17.22 -36.69 -41.56
CA GLN A 1055 -18.18 -37.50 -40.83
C GLN A 1055 -17.41 -38.13 -39.70
N SER A 1056 -17.87 -37.91 -38.48
CA SER A 1056 -17.10 -38.36 -37.33
C SER A 1056 -17.50 -39.73 -36.85
N LYS A 1057 -16.52 -40.49 -36.38
CA LYS A 1057 -16.77 -41.78 -35.75
C LYS A 1057 -16.55 -41.68 -34.27
N ARG A 1058 -16.39 -40.46 -33.78
CA ARG A 1058 -16.18 -40.21 -32.37
C ARG A 1058 -17.53 -40.09 -31.70
N VAL A 1059 -17.77 -40.94 -30.72
CA VAL A 1059 -19.04 -41.01 -30.06
C VAL A 1059 -19.34 -39.76 -29.25
N ASP A 1060 -20.54 -39.24 -29.45
CA ASP A 1060 -21.07 -38.06 -28.79
C ASP A 1060 -20.25 -36.81 -29.07
N PHE A 1061 -19.38 -36.87 -30.06
CA PHE A 1061 -18.63 -35.69 -30.43
C PHE A 1061 -19.45 -34.73 -31.28
N CYS A 1062 -20.20 -35.27 -32.25
CA CYS A 1062 -21.00 -34.51 -33.21
C CYS A 1062 -22.47 -34.84 -32.98
N GLY A 1063 -22.90 -34.71 -31.74
CA GLY A 1063 -24.29 -34.98 -31.41
C GLY A 1063 -24.47 -36.37 -30.85
N LYS A 1064 -25.65 -36.61 -30.27
CA LYS A 1064 -25.97 -37.87 -29.64
C LYS A 1064 -26.66 -38.82 -30.61
N GLY A 1065 -25.97 -39.88 -31.00
CA GLY A 1065 -26.46 -40.83 -31.99
C GLY A 1065 -25.35 -41.12 -32.98
N TYR A 1066 -25.67 -41.72 -34.11
CA TYR A 1066 -24.62 -41.97 -35.08
C TYR A 1066 -24.53 -40.77 -35.99
N HIS A 1067 -23.38 -40.14 -36.03
CA HIS A 1067 -23.26 -38.92 -36.81
C HIS A 1067 -23.39 -39.13 -38.29
N LEU A 1068 -24.24 -38.34 -38.93
CA LEU A 1068 -24.35 -38.36 -40.37
C LEU A 1068 -23.66 -37.16 -40.94
N MET A 1069 -24.05 -35.97 -40.50
CA MET A 1069 -23.50 -34.73 -41.02
C MET A 1069 -23.88 -33.57 -40.12
N SER A 1070 -23.21 -32.44 -40.28
CA SER A 1070 -23.58 -31.27 -39.52
C SER A 1070 -23.54 -30.00 -40.34
N PHE A 1071 -24.25 -29.00 -39.86
CA PHE A 1071 -24.31 -27.72 -40.51
C PHE A 1071 -24.00 -26.61 -39.52
N PRO A 1072 -23.03 -25.73 -39.79
CA PRO A 1072 -22.69 -24.61 -38.96
C PRO A 1072 -23.69 -23.50 -39.19
N GLN A 1073 -23.93 -22.71 -38.16
CA GLN A 1073 -24.72 -21.49 -38.24
C GLN A 1073 -24.01 -20.42 -37.46
N SER A 1074 -24.01 -19.21 -37.97
CA SER A 1074 -23.41 -18.10 -37.25
C SER A 1074 -24.25 -17.69 -36.05
N ALA A 1075 -23.59 -17.29 -34.98
CA ALA A 1075 -24.28 -16.79 -33.81
C ALA A 1075 -23.45 -15.66 -33.21
N PRO A 1076 -24.03 -14.77 -32.39
CA PRO A 1076 -23.32 -13.72 -31.71
C PRO A 1076 -22.15 -14.29 -30.94
N HIS A 1077 -20.95 -13.87 -31.29
CA HIS A 1077 -19.73 -14.32 -30.64
C HIS A 1077 -19.62 -15.84 -30.54
N GLY A 1078 -20.15 -16.56 -31.51
CA GLY A 1078 -20.11 -18.00 -31.40
C GLY A 1078 -20.62 -18.71 -32.62
N VAL A 1079 -20.69 -20.02 -32.50
CA VAL A 1079 -21.13 -20.87 -33.60
C VAL A 1079 -22.16 -21.84 -33.08
N VAL A 1080 -23.13 -22.14 -33.89
CA VAL A 1080 -24.11 -23.14 -33.57
C VAL A 1080 -24.04 -24.25 -34.57
N PHE A 1081 -23.93 -25.47 -34.10
CA PHE A 1081 -23.90 -26.59 -35.01
C PHE A 1081 -25.19 -27.34 -34.95
N LEU A 1082 -25.73 -27.65 -36.10
CA LEU A 1082 -26.90 -28.50 -36.17
C LEU A 1082 -26.42 -29.86 -36.58
N HIS A 1083 -26.42 -30.78 -35.64
CA HIS A 1083 -25.88 -32.10 -35.89
C HIS A 1083 -26.97 -33.04 -36.28
N VAL A 1084 -26.81 -33.69 -37.42
CA VAL A 1084 -27.81 -34.60 -37.91
C VAL A 1084 -27.34 -36.00 -37.60
N THR A 1085 -28.11 -36.72 -36.80
CA THR A 1085 -27.72 -38.04 -36.37
C THR A 1085 -28.77 -39.08 -36.68
N TYR A 1086 -28.31 -40.31 -36.84
CA TYR A 1086 -29.15 -41.48 -37.07
C TYR A 1086 -29.41 -42.15 -35.75
N VAL A 1087 -30.67 -42.36 -35.43
CA VAL A 1087 -30.98 -43.00 -34.17
C VAL A 1087 -31.92 -44.18 -34.35
N PRO A 1088 -31.55 -45.38 -33.93
CA PRO A 1088 -32.35 -46.57 -33.95
C PRO A 1088 -33.68 -46.34 -33.25
N ALA A 1089 -34.76 -46.86 -33.82
CA ALA A 1089 -36.08 -46.63 -33.27
C ALA A 1089 -36.78 -47.90 -32.82
N GLN A 1090 -37.71 -48.37 -33.62
CA GLN A 1090 -38.63 -49.39 -33.18
C GLN A 1090 -37.93 -50.67 -32.79
N GLU A 1091 -38.50 -51.29 -31.80
CA GLU A 1091 -37.92 -52.44 -31.16
C GLU A 1091 -38.41 -53.81 -31.59
N LYS A 1092 -37.45 -54.75 -31.70
CA LYS A 1092 -37.70 -56.19 -31.86
C LYS A 1092 -36.56 -57.06 -31.27
N ASN A 1093 -36.97 -58.13 -30.53
CA ASN A 1093 -36.09 -59.17 -30.01
C ASN A 1093 -35.87 -60.25 -31.05
N PHE A 1094 -34.65 -60.83 -31.08
CA PHE A 1094 -34.27 -61.92 -31.98
C PHE A 1094 -33.38 -62.91 -31.27
N THR A 1095 -33.41 -64.14 -31.70
CA THR A 1095 -32.49 -65.12 -31.15
C THR A 1095 -31.24 -65.12 -31.99
N THR A 1096 -30.10 -65.29 -31.36
CA THR A 1096 -28.86 -65.25 -32.10
C THR A 1096 -27.93 -66.41 -31.84
N ALA A 1097 -26.84 -66.43 -32.59
CA ALA A 1097 -25.78 -67.40 -32.47
C ALA A 1097 -24.53 -66.82 -33.11
N PRO A 1098 -23.34 -67.08 -32.57
CA PRO A 1098 -22.06 -66.63 -33.07
C PRO A 1098 -21.64 -67.29 -34.37
N ALA A 1099 -22.20 -68.46 -34.65
CA ALA A 1099 -21.81 -69.19 -35.84
C ALA A 1099 -22.86 -70.22 -36.18
N ILE A 1100 -22.84 -70.66 -37.41
CA ILE A 1100 -23.69 -71.75 -37.87
C ILE A 1100 -22.89 -72.95 -38.34
N CYS A 1101 -23.30 -74.14 -37.90
CA CYS A 1101 -22.71 -75.42 -38.24
C CYS A 1101 -23.43 -76.03 -39.44
N HIS A 1102 -22.80 -76.06 -40.56
CA HIS A 1102 -23.43 -76.54 -41.79
C HIS A 1102 -22.99 -77.97 -42.12
N ASP A 1103 -21.76 -78.12 -42.60
CA ASP A 1103 -21.22 -79.44 -42.94
C ASP A 1103 -20.24 -79.92 -41.87
N GLY A 1104 -20.30 -79.32 -40.70
CA GLY A 1104 -19.38 -79.64 -39.61
C GLY A 1104 -18.35 -78.54 -39.51
N LYS A 1105 -18.36 -77.67 -40.51
CA LYS A 1105 -17.50 -76.51 -40.56
C LYS A 1105 -18.24 -75.35 -39.92
N ALA A 1106 -17.49 -74.43 -39.31
CA ALA A 1106 -18.11 -73.27 -38.66
C ALA A 1106 -18.19 -72.06 -39.58
N HIS A 1107 -19.41 -71.60 -39.83
CA HIS A 1107 -19.68 -70.44 -40.66
C HIS A 1107 -19.98 -69.20 -39.82
N PHE A 1108 -19.29 -68.11 -40.14
CA PHE A 1108 -19.44 -66.84 -39.44
C PHE A 1108 -19.97 -65.83 -40.45
N PRO A 1109 -20.74 -64.83 -40.05
CA PRO A 1109 -21.25 -63.80 -40.92
C PRO A 1109 -20.11 -62.89 -41.32
N ARG A 1110 -20.13 -62.38 -42.54
CA ARG A 1110 -19.06 -61.47 -42.95
C ARG A 1110 -19.27 -60.05 -42.47
N GLU A 1111 -20.51 -59.57 -42.55
CA GLU A 1111 -20.78 -58.18 -42.22
C GLU A 1111 -21.74 -58.01 -41.06
N GLY A 1112 -22.71 -58.91 -40.93
CA GLY A 1112 -23.76 -58.76 -39.94
C GLY A 1112 -23.73 -59.82 -38.88
N VAL A 1113 -24.91 -60.18 -38.40
CA VAL A 1113 -25.08 -61.18 -37.36
C VAL A 1113 -26.08 -62.22 -37.77
N PHE A 1114 -26.02 -63.39 -37.16
CA PHE A 1114 -27.03 -64.38 -37.39
C PHE A 1114 -28.18 -64.17 -36.45
N VAL A 1115 -29.37 -64.21 -36.98
CA VAL A 1115 -30.58 -64.04 -36.20
C VAL A 1115 -31.58 -65.11 -36.50
N SER A 1116 -32.52 -65.29 -35.60
CA SER A 1116 -33.62 -66.19 -35.87
C SER A 1116 -34.93 -65.60 -35.39
N ASN A 1117 -35.99 -65.84 -36.16
CA ASN A 1117 -37.36 -65.45 -35.83
C ASN A 1117 -38.13 -66.55 -35.06
N GLY A 1118 -37.41 -67.64 -34.71
CA GLY A 1118 -37.93 -68.79 -33.97
C GLY A 1118 -37.96 -70.04 -34.83
N THR A 1119 -37.98 -69.89 -36.15
CA THR A 1119 -37.96 -71.08 -37.00
C THR A 1119 -36.86 -71.04 -38.05
N HIS A 1120 -36.61 -69.86 -38.62
CA HIS A 1120 -35.62 -69.73 -39.68
C HIS A 1120 -34.47 -68.85 -39.26
N TRP A 1121 -33.28 -69.15 -39.79
CA TRP A 1121 -32.10 -68.35 -39.54
C TRP A 1121 -31.75 -67.48 -40.71
N PHE A 1122 -31.41 -66.24 -40.40
CA PHE A 1122 -31.06 -65.21 -41.37
C PHE A 1122 -29.82 -64.48 -40.95
N VAL A 1123 -29.20 -63.80 -41.88
CA VAL A 1123 -28.10 -62.92 -41.53
C VAL A 1123 -28.54 -61.49 -41.79
N THR A 1124 -28.28 -60.60 -40.86
CA THR A 1124 -28.74 -59.24 -41.03
C THR A 1124 -27.72 -58.21 -40.60
N GLN A 1125 -27.74 -57.03 -41.23
CA GLN A 1125 -26.87 -55.94 -40.84
C GLN A 1125 -27.21 -55.50 -39.42
N ARG A 1126 -26.19 -55.16 -38.65
CA ARG A 1126 -26.35 -54.94 -37.23
C ARG A 1126 -27.27 -53.81 -36.80
N ASN A 1127 -27.28 -52.70 -37.54
CA ASN A 1127 -28.03 -51.53 -37.10
C ASN A 1127 -29.38 -51.35 -37.76
N PHE A 1128 -29.82 -52.34 -38.51
CA PHE A 1128 -31.11 -52.22 -39.19
C PHE A 1128 -31.61 -53.58 -39.58
N TYR A 1129 -32.75 -53.98 -39.06
CA TYR A 1129 -33.19 -55.33 -39.33
C TYR A 1129 -33.57 -55.50 -40.79
N GLU A 1130 -32.83 -56.38 -41.44
CA GLU A 1130 -32.96 -56.69 -42.84
C GLU A 1130 -32.47 -58.11 -43.09
N PRO A 1131 -33.27 -59.12 -42.78
CA PRO A 1131 -32.88 -60.51 -42.80
C PRO A 1131 -32.63 -60.99 -44.22
N GLN A 1132 -31.56 -61.75 -44.39
CA GLN A 1132 -31.23 -62.35 -45.67
C GLN A 1132 -30.99 -63.83 -45.52
N ILE A 1133 -31.21 -64.57 -46.58
CA ILE A 1133 -30.92 -66.00 -46.58
C ILE A 1133 -29.43 -66.17 -46.39
N ILE A 1134 -29.05 -67.11 -45.55
CA ILE A 1134 -27.65 -67.34 -45.29
C ILE A 1134 -27.03 -68.16 -46.39
N THR A 1135 -26.03 -67.61 -47.02
CA THR A 1135 -25.39 -68.27 -48.14
C THR A 1135 -23.90 -68.19 -47.97
N THR A 1136 -23.19 -68.89 -48.83
CA THR A 1136 -21.74 -68.88 -48.81
C THR A 1136 -21.16 -67.56 -49.28
N ASP A 1137 -22.02 -66.66 -49.76
CA ASP A 1137 -21.59 -65.36 -50.23
C ASP A 1137 -21.65 -64.28 -49.15
N ASN A 1138 -22.23 -64.60 -48.00
CA ASN A 1138 -22.36 -63.60 -46.94
C ASN A 1138 -21.83 -64.13 -45.61
N THR A 1139 -21.13 -65.27 -45.70
CA THR A 1139 -20.49 -65.91 -44.57
C THR A 1139 -19.07 -66.29 -44.94
N PHE A 1140 -18.29 -66.64 -43.94
CA PHE A 1140 -16.96 -67.17 -44.20
C PHE A 1140 -16.75 -68.36 -43.30
N VAL A 1141 -15.81 -69.23 -43.66
CA VAL A 1141 -15.63 -70.44 -42.90
C VAL A 1141 -14.29 -70.49 -42.23
N SER A 1142 -14.29 -70.82 -40.94
CA SER A 1142 -13.02 -70.97 -40.25
C SER A 1142 -13.12 -71.93 -39.07
N GLY A 1143 -12.38 -73.02 -39.15
CA GLY A 1143 -12.40 -74.03 -38.11
C GLY A 1143 -13.65 -74.88 -38.21
N ASN A 1144 -13.87 -75.69 -37.18
CA ASN A 1144 -14.99 -76.61 -37.17
C ASN A 1144 -15.92 -76.31 -35.99
N CYS A 1145 -17.01 -77.06 -35.89
CA CYS A 1145 -18.08 -76.84 -34.92
C CYS A 1145 -17.74 -77.23 -33.49
N ASP A 1146 -16.56 -77.81 -33.27
CA ASP A 1146 -16.20 -78.25 -31.93
C ASP A 1146 -15.53 -77.15 -31.12
N VAL A 1147 -15.26 -75.99 -31.73
CA VAL A 1147 -14.59 -74.94 -31.00
C VAL A 1147 -15.50 -73.77 -30.60
N VAL A 1148 -16.47 -73.42 -31.44
CA VAL A 1148 -17.27 -72.24 -31.16
C VAL A 1148 -18.36 -72.50 -30.13
N ILE A 1149 -18.34 -71.71 -29.07
CA ILE A 1149 -19.31 -71.84 -27.99
C ILE A 1149 -20.61 -71.16 -28.39
N GLY A 1150 -21.70 -71.92 -28.41
CA GLY A 1150 -22.98 -71.36 -28.80
C GLY A 1150 -23.33 -71.56 -30.27
N ILE A 1151 -22.51 -72.31 -31.00
CA ILE A 1151 -22.77 -72.58 -32.41
C ILE A 1151 -24.06 -73.39 -32.58
N VAL A 1152 -24.85 -73.07 -33.60
CA VAL A 1152 -26.11 -73.77 -33.83
C VAL A 1152 -26.10 -74.45 -35.20
N ASN A 1153 -26.93 -75.48 -35.38
CA ASN A 1153 -27.07 -76.21 -36.64
C ASN A 1153 -28.06 -75.50 -37.57
N ASN A 1154 -27.64 -75.29 -38.84
CA ASN A 1154 -28.51 -74.73 -39.86
C ASN A 1154 -27.96 -74.91 -41.24
N THR A 1155 -28.68 -74.41 -42.24
CA THR A 1155 -28.28 -74.60 -43.62
C THR A 1155 -27.72 -73.36 -44.25
N VAL A 1156 -26.56 -73.52 -44.87
CA VAL A 1156 -25.94 -72.46 -45.64
C VAL A 1156 -26.06 -72.82 -47.10
N TYR A 1157 -26.61 -71.93 -47.89
CA TYR A 1157 -26.87 -72.21 -49.30
C TYR A 1157 -25.74 -71.75 -50.20
N ASP A 1158 -25.49 -72.47 -51.28
CA ASP A 1158 -24.40 -72.15 -52.20
C ASP A 1158 -24.80 -72.05 -53.68
N PRO A 1159 -25.58 -71.01 -54.12
CA PRO A 1159 -26.12 -70.83 -55.47
C PRO A 1159 -25.06 -71.02 -56.56
N VAL B 2 25.97 39.06 34.84
CA VAL B 2 27.12 38.25 35.24
C VAL B 2 28.03 39.04 36.18
N GLN B 3 28.26 38.49 37.38
CA GLN B 3 29.13 39.06 38.40
C GLN B 3 30.11 38.03 38.91
N LEU B 4 31.30 38.49 39.23
CA LEU B 4 32.32 37.67 39.87
C LEU B 4 32.82 38.45 41.06
N VAL B 5 32.65 37.92 42.26
CA VAL B 5 32.99 38.66 43.45
C VAL B 5 34.06 37.95 44.27
N GLN B 6 35.17 38.61 44.43
CA GLN B 6 36.32 38.05 45.11
C GLN B 6 36.43 38.49 46.56
N SER B 7 37.21 37.73 47.32
CA SER B 7 37.51 38.02 48.71
C SER B 7 38.37 39.27 48.87
N GLY B 8 38.55 39.72 50.11
CA GLY B 8 39.34 40.91 50.36
C GLY B 8 40.84 40.63 50.36
N ALA B 9 41.62 41.69 50.54
CA ALA B 9 43.09 41.62 50.50
C ALA B 9 43.66 40.78 51.64
N GLU B 10 44.77 40.12 51.34
CA GLU B 10 45.47 39.26 52.28
C GLU B 10 46.94 39.62 52.41
N VAL B 11 47.50 39.46 53.60
CA VAL B 11 48.92 39.68 53.80
C VAL B 11 49.53 38.43 54.41
N LYS B 12 50.54 37.88 53.77
CA LYS B 12 51.16 36.63 54.19
C LYS B 12 52.67 36.71 54.31
N LYS B 13 53.21 35.86 55.15
CA LYS B 13 54.65 35.73 55.26
C LYS B 13 55.13 34.77 54.18
N PRO B 14 56.36 34.89 53.68
CA PRO B 14 56.97 33.94 52.78
C PRO B 14 56.91 32.54 53.38
N GLY B 15 56.57 31.57 52.53
CA GLY B 15 56.44 30.17 52.92
C GLY B 15 54.98 29.82 53.28
N ALA B 16 54.15 30.82 53.44
CA ALA B 16 52.75 30.66 53.79
C ALA B 16 51.89 30.29 52.59
N SER B 17 50.60 30.11 52.84
CA SER B 17 49.66 29.82 51.77
C SER B 17 48.49 30.78 51.85
N VAL B 18 47.95 31.14 50.69
CA VAL B 18 46.81 32.05 50.62
C VAL B 18 45.68 31.44 49.82
N LYS B 19 44.45 31.69 50.26
CA LYS B 19 43.30 31.22 49.53
C LYS B 19 42.40 32.36 49.15
N VAL B 20 42.13 32.48 47.86
CA VAL B 20 41.30 33.56 47.36
C VAL B 20 40.05 32.98 46.71
N SER B 21 38.91 33.38 47.24
CA SER B 21 37.66 32.88 46.70
C SER B 21 37.18 33.80 45.58
N CYS B 22 36.26 33.27 44.75
CA CYS B 22 35.56 34.00 43.71
C CYS B 22 34.16 33.46 43.53
N LYS B 23 33.18 34.21 43.99
CA LYS B 23 31.79 33.80 43.92
C LYS B 23 31.17 34.27 42.63
N ALA B 24 30.55 33.35 41.93
CA ALA B 24 29.93 33.65 40.66
C ALA B 24 28.44 33.81 40.77
N SER B 25 27.87 34.66 39.95
CA SER B 25 26.42 34.75 39.86
C SER B 25 25.98 35.27 38.50
N GLY B 26 24.72 35.01 38.15
CA GLY B 26 24.14 35.54 36.92
C GLY B 26 24.31 34.61 35.71
N TYR B 27 24.85 33.43 35.93
CA TYR B 27 25.05 32.48 34.84
C TYR B 27 25.13 31.06 35.37
N THR B 28 25.09 30.09 34.46
CA THR B 28 25.26 28.71 34.88
C THR B 28 26.73 28.50 35.19
N PHE B 29 27.03 28.29 36.45
CA PHE B 29 28.40 28.23 36.94
C PHE B 29 29.22 27.18 36.22
N THR B 30 28.65 26.02 36.06
CA THR B 30 29.34 24.88 35.52
C THR B 30 29.50 24.94 34.00
N GLY B 31 28.91 25.95 33.38
CA GLY B 31 28.97 26.07 31.92
C GLY B 31 30.21 26.79 31.46
N TYR B 32 31.01 27.30 32.40
CA TYR B 32 32.20 28.07 32.10
C TYR B 32 33.39 27.62 32.89
N TYR B 33 34.57 27.93 32.39
CA TYR B 33 35.78 27.67 33.12
C TYR B 33 36.14 28.88 33.94
N MET B 34 36.67 28.65 35.13
CA MET B 34 37.21 29.75 35.89
C MET B 34 38.70 29.76 35.74
N HIS B 35 39.21 30.91 35.36
CA HIS B 35 40.62 31.11 35.16
C HIS B 35 41.13 32.09 36.17
N TRP B 36 42.39 31.99 36.50
CA TRP B 36 42.96 33.01 37.34
C TRP B 36 44.10 33.68 36.63
N VAL B 37 44.16 34.98 36.79
CA VAL B 37 45.16 35.83 36.19
C VAL B 37 45.81 36.71 37.25
N ARG B 38 47.13 36.73 37.28
CA ARG B 38 47.87 37.50 38.26
C ARG B 38 48.43 38.79 37.68
N GLN B 39 48.44 39.85 38.47
CA GLN B 39 49.08 41.09 38.04
C GLN B 39 49.95 41.72 39.10
N ALA B 40 51.26 41.49 39.02
CA ALA B 40 52.17 42.08 40.00
C ALA B 40 52.18 43.59 39.77
N PRO B 41 52.37 44.42 40.81
CA PRO B 41 52.36 45.87 40.69
C PRO B 41 53.33 46.34 39.63
N GLY B 42 52.84 47.18 38.73
CA GLY B 42 53.66 47.75 37.66
C GLY B 42 53.85 46.80 36.48
N GLN B 43 53.27 45.61 36.55
CA GLN B 43 53.43 44.61 35.51
C GLN B 43 52.17 44.36 34.72
N GLY B 44 52.30 43.49 33.71
CA GLY B 44 51.16 43.11 32.90
C GLY B 44 50.46 41.92 33.51
N LEU B 45 49.58 41.31 32.75
CA LEU B 45 48.76 40.21 33.24
C LEU B 45 49.39 38.86 32.93
N GLU B 46 49.31 37.93 33.87
CA GLU B 46 49.84 36.59 33.68
C GLU B 46 48.79 35.53 33.97
N TRP B 47 48.58 34.62 33.03
CA TRP B 47 47.61 33.55 33.26
C TRP B 47 48.20 32.47 34.15
N MET B 48 47.43 32.02 35.13
CA MET B 48 47.88 31.01 36.08
C MET B 48 47.40 29.61 35.84
N GLY B 49 46.19 29.46 35.34
CA GLY B 49 45.56 28.15 35.23
C GLY B 49 44.04 28.27 35.25
N TRP B 50 43.37 27.13 35.19
CA TRP B 50 41.92 27.08 35.23
C TRP B 50 41.37 25.87 35.96
N ILE B 51 40.11 26.01 36.38
CA ILE B 51 39.31 24.99 37.03
C ILE B 51 37.97 24.86 36.33
N ASN B 52 37.59 23.64 35.98
CA ASN B 52 36.31 23.33 35.36
C ASN B 52 35.36 22.76 36.43
N PRO B 53 34.43 23.56 36.98
CA PRO B 53 33.58 23.26 38.12
C PRO B 53 32.76 21.98 38.01
N ILE B 54 32.40 21.60 36.79
CA ILE B 54 31.59 20.41 36.59
C ILE B 54 32.33 19.14 36.94
N SER B 55 33.64 19.14 36.74
CA SER B 55 34.45 17.95 36.94
C SER B 55 35.58 18.18 37.90
N SER B 56 35.78 19.45 38.26
CA SER B 56 36.92 19.88 39.03
C SER B 56 38.20 19.52 38.30
N GLY B 57 38.17 19.71 36.99
CA GLY B 57 39.32 19.45 36.15
C GLY B 57 40.19 20.66 36.17
N THR B 58 41.50 20.49 36.05
CA THR B 58 42.36 21.66 36.06
C THR B 58 43.45 21.63 35.01
N SER B 59 44.02 22.80 34.82
CA SER B 59 45.23 22.97 34.05
C SER B 59 45.97 24.13 34.64
N TYR B 60 47.28 24.01 34.74
CA TYR B 60 48.04 25.10 35.33
C TYR B 60 49.11 25.58 34.38
N ALA B 61 49.45 26.85 34.50
CA ALA B 61 50.58 27.37 33.78
C ALA B 61 51.80 26.70 34.35
N GLN B 62 52.80 26.41 33.54
CA GLN B 62 53.98 25.72 34.05
C GLN B 62 54.62 26.50 35.20
N THR B 63 54.53 27.81 35.15
CA THR B 63 55.09 28.67 36.18
C THR B 63 54.58 28.33 37.57
N PHE B 64 53.30 27.96 37.70
CA PHE B 64 52.70 27.69 39.00
C PHE B 64 52.38 26.22 39.15
N GLN B 65 52.92 25.39 38.28
CA GLN B 65 52.55 24.00 38.34
C GLN B 65 53.25 23.36 39.52
N GLY B 66 52.45 22.82 40.42
CA GLY B 66 52.98 22.24 41.65
C GLY B 66 52.92 23.23 42.81
N ARG B 67 52.58 24.48 42.53
CA ARG B 67 52.50 25.48 43.57
C ARG B 67 51.07 25.87 43.87
N VAL B 68 50.24 25.87 42.83
CA VAL B 68 48.87 26.31 43.01
C VAL B 68 47.91 25.17 42.83
N THR B 69 46.91 25.14 43.67
CA THR B 69 45.82 24.19 43.58
C THR B 69 44.53 24.94 43.37
N MET B 70 43.75 24.53 42.38
CA MET B 70 42.48 25.18 42.18
C MET B 70 41.36 24.22 42.43
N THR B 71 40.36 24.69 43.17
CA THR B 71 39.19 23.90 43.52
C THR B 71 37.95 24.70 43.32
N SER B 72 36.80 24.07 43.43
CA SER B 72 35.53 24.79 43.31
C SER B 72 34.46 24.07 44.08
N ASP B 73 33.39 24.80 44.38
CA ASP B 73 32.24 24.23 45.03
C ASP B 73 30.96 24.75 44.39
N THR B 74 30.30 23.88 43.64
CA THR B 74 29.15 24.29 42.85
C THR B 74 27.94 24.60 43.71
N SER B 75 27.91 24.11 44.94
CA SER B 75 26.75 24.33 45.79
C SER B 75 26.66 25.78 46.22
N ILE B 76 27.78 26.49 46.12
CA ILE B 76 27.84 27.89 46.48
C ILE B 76 28.44 28.69 45.33
N THR B 77 28.43 28.09 44.14
CA THR B 77 29.01 28.64 42.91
C THR B 77 30.26 29.47 43.16
N THR B 78 31.24 28.86 43.85
CA THR B 78 32.47 29.54 44.19
C THR B 78 33.73 28.82 43.76
N ALA B 79 34.67 29.56 43.19
CA ALA B 79 35.98 29.06 42.83
C ALA B 79 37.01 29.43 43.87
N TYR B 80 38.02 28.57 44.05
CA TYR B 80 39.10 28.90 44.95
C TYR B 80 40.44 28.74 44.29
N MET B 81 41.34 29.64 44.66
CA MET B 81 42.72 29.54 44.32
C MET B 81 43.44 29.25 45.61
N GLU B 82 44.31 28.28 45.67
CA GLU B 82 45.15 28.12 46.84
C GLU B 82 46.60 28.14 46.40
N LEU B 83 47.30 29.21 46.73
CA LEU B 83 48.71 29.31 46.31
C LEU B 83 49.61 29.10 47.50
N SER B 84 50.41 28.04 47.43
CA SER B 84 51.28 27.65 48.54
C SER B 84 52.72 28.07 48.32
N ARG B 85 53.54 27.93 49.37
CA ARG B 85 54.96 28.22 49.27
C ARG B 85 55.20 29.60 48.70
N LEU B 86 54.54 30.59 49.30
CA LEU B 86 54.59 31.96 48.81
C LEU B 86 55.97 32.58 48.93
N ARG B 87 56.28 33.45 47.98
CA ARG B 87 57.53 34.21 48.00
C ARG B 87 57.22 35.67 47.72
N SER B 88 58.15 36.57 47.97
CA SER B 88 57.90 38.00 47.79
C SER B 88 57.54 38.37 46.35
N ASP B 89 57.92 37.52 45.40
CA ASP B 89 57.66 37.77 43.99
C ASP B 89 56.20 37.49 43.66
N ASP B 90 55.45 36.97 44.61
CA ASP B 90 54.05 36.66 44.41
C ASP B 90 53.18 37.82 44.85
N THR B 91 53.77 38.93 45.27
CA THR B 91 52.90 40.04 45.58
C THR B 91 52.24 40.45 44.29
N ALA B 92 50.92 40.41 44.28
CA ALA B 92 50.19 40.67 43.06
C ALA B 92 48.73 40.81 43.31
N VAL B 93 48.03 41.35 42.33
CA VAL B 93 46.59 41.33 42.35
C VAL B 93 46.10 40.12 41.61
N TYR B 94 45.27 39.32 42.25
CA TYR B 94 44.76 38.11 41.66
C TYR B 94 43.34 38.26 41.21
N TYR B 95 43.12 38.04 39.92
CA TYR B 95 41.80 38.16 39.33
C TYR B 95 41.26 36.79 38.98
N CYS B 96 39.95 36.60 39.13
CA CYS B 96 39.26 35.44 38.60
C CYS B 96 38.61 35.89 37.30
N ALA B 97 38.57 35.00 36.32
CA ALA B 97 38.01 35.36 35.04
C ALA B 97 37.24 34.20 34.43
N ARG B 98 36.17 34.55 33.76
CA ARG B 98 35.27 33.60 33.11
C ARG B 98 35.56 33.46 31.64
N ALA B 99 35.64 32.21 31.18
CA ALA B 99 35.84 31.90 29.77
C ALA B 99 35.04 30.65 29.41
N ALA B 100 34.71 30.50 28.14
CA ALA B 100 33.94 29.34 27.72
C ALA B 100 34.80 28.10 27.85
N PRO B 101 34.21 26.92 27.95
CA PRO B 101 34.86 25.65 27.93
C PRO B 101 35.39 25.36 26.55
N PHE B 102 36.31 24.43 26.46
CA PHE B 102 36.94 24.10 25.19
C PHE B 102 36.03 23.54 24.13
N TYR B 103 34.80 23.22 24.47
CA TYR B 103 33.91 22.68 23.47
C TYR B 103 33.09 23.74 22.77
N ASP B 104 33.29 25.00 23.12
CA ASP B 104 32.54 26.05 22.46
C ASP B 104 32.90 26.09 21.00
N PHE B 105 31.89 26.01 20.14
CA PHE B 105 32.08 25.99 18.70
C PHE B 105 32.82 27.24 18.25
N TRP B 106 32.49 28.37 18.85
CA TRP B 106 33.19 29.59 18.53
C TRP B 106 34.24 29.67 19.60
N SER B 107 35.37 30.27 19.34
CA SER B 107 36.47 30.15 20.29
C SER B 107 36.30 31.00 21.54
N GLY B 108 35.29 30.71 22.34
CA GLY B 108 34.97 31.47 23.54
C GLY B 108 35.93 31.16 24.65
N TYR B 109 36.72 30.12 24.45
CA TYR B 109 37.68 29.69 25.44
C TYR B 109 38.97 30.43 25.26
N SER B 110 39.09 31.18 24.17
CA SER B 110 40.32 31.85 23.86
C SER B 110 40.45 33.19 24.56
N TYR B 111 39.37 33.65 25.20
CA TYR B 111 39.36 34.96 25.84
C TYR B 111 38.49 34.99 27.09
N PHE B 112 38.68 36.02 27.90
CA PHE B 112 37.97 36.16 29.16
C PHE B 112 36.95 37.26 29.07
N ASP B 113 35.67 36.93 29.19
CA ASP B 113 34.67 37.97 29.00
C ASP B 113 34.26 38.65 30.29
N TYR B 114 34.47 37.99 31.42
CA TYR B 114 34.15 38.64 32.69
C TYR B 114 35.25 38.46 33.69
N TRP B 115 35.51 39.52 34.44
CA TRP B 115 36.55 39.53 35.46
C TRP B 115 35.97 39.95 36.80
N GLY B 116 36.51 39.41 37.88
CA GLY B 116 36.13 39.85 39.21
C GLY B 116 37.00 41.03 39.60
N GLN B 117 36.77 41.61 40.77
CA GLN B 117 37.62 42.70 41.19
C GLN B 117 38.87 42.02 41.67
N GLY B 118 40.01 42.59 41.45
CA GLY B 118 41.20 41.87 41.86
C GLY B 118 41.36 41.84 43.36
N THR B 119 42.00 40.78 43.84
CA THR B 119 42.33 40.66 45.25
C THR B 119 43.81 40.84 45.44
N LEU B 120 44.18 41.83 46.24
CA LEU B 120 45.59 42.06 46.46
C LEU B 120 46.15 41.15 47.52
N VAL B 121 47.20 40.43 47.16
CA VAL B 121 47.90 39.58 48.10
C VAL B 121 49.33 40.07 48.23
N THR B 122 49.72 40.39 49.45
CA THR B 122 51.08 40.87 49.70
C THR B 122 51.89 39.81 50.44
N VAL B 123 53.13 39.57 49.98
CA VAL B 123 54.02 38.57 50.57
C VAL B 123 55.36 39.22 50.89
N GLU C 1 58.75 29.51 24.39
CA GLU C 1 57.36 29.87 24.13
C GLU C 1 57.27 31.16 23.29
N ILE C 2 56.02 31.58 22.98
CA ILE C 2 55.72 32.73 22.12
C ILE C 2 55.86 34.07 22.86
N VAL C 3 56.49 35.04 22.22
CA VAL C 3 56.61 36.37 22.80
C VAL C 3 55.54 37.29 22.23
N MET C 4 54.80 37.93 23.13
CA MET C 4 53.73 38.85 22.75
C MET C 4 54.20 40.28 22.90
N MET C 5 54.31 41.03 21.81
CA MET C 5 54.88 42.36 21.92
C MET C 5 53.97 43.47 21.46
N GLN C 6 53.72 44.43 22.33
CA GLN C 6 52.89 45.57 21.95
C GLN C 6 53.74 46.80 21.69
N SER C 7 53.20 47.71 20.88
CA SER C 7 53.88 48.95 20.57
C SER C 7 52.91 50.07 20.16
N PRO C 8 53.18 51.31 20.57
CA PRO C 8 54.25 51.80 21.42
C PRO C 8 53.95 51.47 22.87
N GLY C 9 54.97 51.43 23.71
CA GLY C 9 54.73 51.20 25.14
C GLY C 9 53.83 52.28 25.71
N THR C 10 53.99 53.51 25.22
CA THR C 10 53.14 54.61 25.63
C THR C 10 52.69 55.38 24.41
N LEU C 11 51.41 55.68 24.34
CA LEU C 11 50.85 56.49 23.28
C LEU C 11 50.44 57.82 23.90
N SER C 12 50.66 58.93 23.19
CA SER C 12 50.26 60.21 23.74
C SER C 12 49.49 61.03 22.73
N LEU C 13 48.26 61.36 23.08
CA LEU C 13 47.36 62.09 22.21
C LEU C 13 46.29 62.78 23.02
N SER C 14 45.48 63.61 22.38
CA SER C 14 44.43 64.35 23.08
C SER C 14 43.06 63.71 22.92
N PRO C 15 42.14 63.94 23.87
CA PRO C 15 40.76 63.57 23.76
C PRO C 15 40.20 64.19 22.49
N GLY C 16 39.38 63.44 21.78
CA GLY C 16 38.80 63.90 20.53
C GLY C 16 39.60 63.40 19.33
N GLU C 17 40.80 62.91 19.55
CA GLU C 17 41.63 62.41 18.47
C GLU C 17 41.51 60.90 18.32
N ARG C 18 42.12 60.38 17.27
CA ARG C 18 42.14 58.96 16.96
C ARG C 18 43.39 58.27 17.49
N ALA C 19 43.27 57.02 17.92
CA ALA C 19 44.43 56.26 18.38
C ALA C 19 44.51 54.89 17.73
N THR C 20 45.73 54.46 17.44
CA THR C 20 45.94 53.10 17.00
C THR C 20 47.06 52.44 17.79
N LEU C 21 46.77 51.26 18.33
CA LEU C 21 47.73 50.47 19.06
C LEU C 21 48.03 49.20 18.29
N SER C 22 49.25 48.72 18.34
CA SER C 22 49.57 47.50 17.62
C SER C 22 50.08 46.40 18.54
N CYS C 23 49.90 45.16 18.07
CA CYS C 23 50.42 43.95 18.73
C CYS C 23 51.06 43.06 17.66
N ARG C 24 52.33 42.75 17.94
CA ARG C 24 53.13 41.93 17.06
C ARG C 24 53.38 40.61 17.75
N ALA C 25 53.56 39.57 16.98
CA ALA C 25 53.84 38.28 17.57
C ALA C 25 55.04 37.62 16.92
N SER C 26 55.79 36.86 17.73
CA SER C 26 56.86 36.05 17.16
C SER C 26 56.29 35.07 16.17
N GLN C 27 55.17 34.45 16.53
CA GLN C 27 54.59 33.44 15.68
C GLN C 27 53.18 33.80 15.24
N SER C 28 52.79 33.23 14.12
CA SER C 28 51.47 33.42 13.55
C SER C 28 50.37 33.02 14.53
N VAL C 29 49.32 33.85 14.58
CA VAL C 29 48.17 33.68 15.47
C VAL C 29 46.85 33.66 14.71
N SER C 30 46.02 32.65 14.95
CA SER C 30 44.72 32.64 14.28
C SER C 30 43.96 33.86 14.75
N SER C 31 43.25 34.53 13.86
CA SER C 31 42.56 35.75 14.27
C SER C 31 41.53 35.47 15.35
N SER C 32 41.05 34.24 15.36
CA SER C 32 40.00 33.80 16.27
C SER C 32 40.48 33.74 17.70
N TYR C 33 41.80 33.73 17.88
CA TYR C 33 42.42 33.62 19.19
C TYR C 33 43.05 34.89 19.69
N LEU C 34 42.81 36.03 19.04
CA LEU C 34 43.41 37.27 19.50
C LEU C 34 42.33 38.16 20.16
N ALA C 35 42.66 38.75 21.31
CA ALA C 35 41.70 39.59 22.03
C ALA C 35 42.35 40.82 22.64
N TRP C 36 41.57 41.86 22.88
CA TRP C 36 42.05 43.07 23.52
C TRP C 36 41.28 43.40 24.79
N TYR C 37 42.00 43.87 25.80
CA TYR C 37 41.42 44.28 27.07
C TYR C 37 41.78 45.70 27.46
N GLN C 38 40.85 46.37 28.13
CA GLN C 38 41.09 47.70 28.66
C GLN C 38 41.14 47.69 30.18
N GLN C 39 42.21 48.20 30.75
CA GLN C 39 42.31 48.27 32.18
C GLN C 39 42.47 49.70 32.69
N LYS C 40 41.43 50.21 33.33
CA LYS C 40 41.51 51.53 33.91
C LYS C 40 42.24 51.37 35.24
N PRO C 41 42.99 52.36 35.71
CA PRO C 41 43.70 52.29 36.97
C PRO C 41 42.75 51.94 38.11
N GLY C 42 43.16 50.96 38.92
CA GLY C 42 42.36 50.53 40.07
C GLY C 42 41.25 49.54 39.71
N GLN C 43 41.12 49.21 38.43
CA GLN C 43 40.05 48.32 38.00
C GLN C 43 40.55 47.05 37.34
N ALA C 44 39.69 46.02 37.31
CA ALA C 44 40.00 44.79 36.61
C ALA C 44 39.95 45.06 35.12
N PRO C 45 40.69 44.35 34.28
CA PRO C 45 40.64 44.43 32.84
C PRO C 45 39.25 44.06 32.36
N ARG C 46 38.83 44.66 31.27
CA ARG C 46 37.57 44.25 30.66
C ARG C 46 37.75 44.04 29.18
N LEU C 47 37.04 43.08 28.64
CA LEU C 47 37.17 42.73 27.24
C LEU C 47 36.63 43.80 26.34
N LEU C 48 37.38 44.13 25.29
CA LEU C 48 36.93 45.05 24.26
C LEU C 48 36.63 44.31 22.99
N ILE C 49 37.65 43.62 22.52
CA ILE C 49 37.62 42.97 21.22
C ILE C 49 38.01 41.51 21.34
N TYR C 50 37.30 40.64 20.67
CA TYR C 50 37.68 39.23 20.66
C TYR C 50 37.64 38.71 19.24
N GLY C 51 38.38 37.66 18.97
CA GLY C 51 38.37 37.13 17.62
C GLY C 51 39.00 38.14 16.67
N ALA C 52 39.96 38.90 17.20
CA ALA C 52 40.66 39.97 16.51
C ALA C 52 39.81 41.21 16.27
N SER C 53 38.58 41.04 15.81
CA SER C 53 37.77 42.20 15.42
C SER C 53 36.36 42.34 16.01
N SER C 54 35.87 41.36 16.75
CA SER C 54 34.49 41.44 17.25
C SER C 54 34.39 42.20 18.55
N ARG C 55 33.44 43.12 18.66
CA ARG C 55 33.26 43.81 19.91
C ARG C 55 32.57 42.97 20.95
N ALA C 56 33.02 43.12 22.19
CA ALA C 56 32.39 42.49 23.33
C ALA C 56 31.11 43.22 23.66
N THR C 57 30.18 42.54 24.30
CA THR C 57 28.92 43.16 24.64
C THR C 57 29.13 44.36 25.55
N GLY C 58 28.50 45.48 25.20
CA GLY C 58 28.59 46.71 25.98
C GLY C 58 29.69 47.65 25.53
N ILE C 59 30.45 47.24 24.51
CA ILE C 59 31.54 48.04 24.01
C ILE C 59 31.08 48.98 22.89
N PRO C 60 31.36 50.28 23.01
CA PRO C 60 31.03 51.33 22.04
C PRO C 60 31.61 51.03 20.68
N ASP C 61 30.91 51.51 19.65
CA ASP C 61 31.30 51.30 18.25
C ASP C 61 32.56 52.09 17.89
N ARG C 62 33.03 52.87 18.83
CA ARG C 62 34.26 53.63 18.69
C ARG C 62 35.45 52.69 18.63
N PHE C 63 35.29 51.49 19.19
CA PHE C 63 36.36 50.51 19.23
C PHE C 63 36.24 49.51 18.11
N SER C 64 37.33 49.26 17.44
CA SER C 64 37.34 48.24 16.41
C SER C 64 38.69 47.59 16.35
N GLY C 65 38.74 46.38 15.82
CA GLY C 65 40.02 45.71 15.70
C GLY C 65 40.15 45.05 14.36
N SER C 66 41.37 44.70 14.02
CA SER C 66 41.65 44.01 12.79
C SER C 66 43.01 43.34 12.86
N GLY C 67 43.30 42.49 11.89
CA GLY C 67 44.61 41.88 11.83
C GLY C 67 44.58 40.42 11.53
N SER C 68 45.74 39.89 11.24
CA SER C 68 45.92 38.49 10.91
C SER C 68 47.37 38.13 11.02
N GLY C 69 47.68 36.84 11.00
CA GLY C 69 49.08 36.47 10.98
C GLY C 69 49.75 36.89 12.26
N THR C 70 50.76 37.75 12.14
CA THR C 70 51.50 38.20 13.28
C THR C 70 51.16 39.64 13.65
N ASP C 71 50.29 40.27 12.86
CA ASP C 71 50.07 41.70 13.00
C ASP C 71 48.63 42.09 13.28
N PHE C 72 48.38 42.58 14.50
CA PHE C 72 47.05 42.98 14.91
C PHE C 72 47.02 44.40 15.42
N THR C 73 45.89 45.08 15.24
CA THR C 73 45.73 46.43 15.75
C THR C 73 44.40 46.65 16.44
N LEU C 74 44.40 47.62 17.33
CA LEU C 74 43.22 48.12 17.99
C LEU C 74 43.09 49.59 17.66
N THR C 75 41.94 49.99 17.16
CA THR C 75 41.75 51.39 16.81
C THR C 75 40.59 51.99 17.56
N ILE C 76 40.82 53.18 18.09
CA ILE C 76 39.78 53.94 18.74
C ILE C 76 39.51 55.14 17.86
N SER C 77 38.29 55.22 17.30
CA SER C 77 37.99 56.24 16.30
C SER C 77 38.08 57.65 16.88
N ARG C 78 37.63 57.78 18.11
CA ARG C 78 37.65 59.04 18.82
C ARG C 78 37.81 58.75 20.30
N LEU C 79 38.73 59.42 20.95
CA LEU C 79 38.96 59.14 22.36
C LEU C 79 38.23 60.06 23.31
N GLU C 80 37.77 59.46 24.38
CA GLU C 80 37.11 60.12 25.49
C GLU C 80 38.03 59.96 26.68
N PRO C 81 37.91 60.75 27.76
CA PRO C 81 38.73 60.65 28.95
C PRO C 81 38.86 59.23 29.48
N GLU C 82 37.82 58.42 29.29
CA GLU C 82 37.79 57.04 29.78
C GLU C 82 38.76 56.12 29.03
N ASP C 83 39.22 56.55 27.87
CA ASP C 83 40.07 55.74 27.03
C ASP C 83 41.54 55.91 27.36
N PHE C 84 41.85 56.78 28.29
CA PHE C 84 43.24 56.97 28.62
C PHE C 84 43.61 55.99 29.73
N ALA C 85 43.69 54.73 29.32
CA ALA C 85 43.89 53.56 30.17
C ALA C 85 44.94 52.65 29.57
N VAL C 86 45.16 51.49 30.17
CA VAL C 86 46.13 50.55 29.61
C VAL C 86 45.45 49.48 28.79
N TYR C 87 45.92 49.27 27.58
CA TYR C 87 45.34 48.28 26.69
C TYR C 87 46.26 47.09 26.53
N TYR C 88 45.70 45.90 26.63
CA TYR C 88 46.48 44.68 26.51
C TYR C 88 46.01 43.85 25.34
N CYS C 89 46.92 43.13 24.67
CA CYS C 89 46.54 42.13 23.69
C CYS C 89 46.73 40.79 24.38
N GLN C 90 45.86 39.86 24.07
CA GLN C 90 45.92 38.52 24.63
C GLN C 90 45.69 37.52 23.55
N GLN C 91 46.37 36.41 23.65
CA GLN C 91 46.24 35.37 22.67
C GLN C 91 46.20 33.99 23.27
N TYR C 92 45.46 33.12 22.62
CA TYR C 92 45.44 31.73 23.00
C TYR C 92 46.17 30.89 21.98
N GLY C 93 46.88 29.91 22.46
CA GLY C 93 47.53 28.94 21.58
C GLY C 93 47.98 27.81 22.44
N SER C 94 48.42 26.71 21.83
CA SER C 94 48.82 25.60 22.67
C SER C 94 47.74 25.31 23.69
N SER C 95 48.13 25.36 24.95
CA SER C 95 47.20 25.16 26.04
C SER C 95 47.35 26.28 27.05
N ALA C 96 47.67 27.48 26.57
CA ALA C 96 47.94 28.60 27.45
C ALA C 96 47.47 29.93 26.89
N TRP C 97 47.23 30.87 27.80
CA TRP C 97 46.78 32.21 27.51
C TRP C 97 47.90 33.20 27.80
N THR C 98 48.33 33.91 26.78
CA THR C 98 49.46 34.82 26.87
C THR C 98 49.04 36.26 26.67
N PHE C 99 49.52 37.13 27.53
CA PHE C 99 49.24 38.55 27.43
C PHE C 99 50.46 39.35 26.98
N GLY C 100 50.22 40.47 26.32
CA GLY C 100 51.29 41.38 25.96
C GLY C 100 51.64 42.22 27.18
N GLN C 101 52.62 43.10 27.06
CA GLN C 101 53.03 43.87 28.24
C GLN C 101 52.09 45.03 28.57
N GLY C 102 51.24 45.40 27.63
CA GLY C 102 50.32 46.51 27.81
C GLY C 102 50.87 47.82 27.27
N THR C 103 49.98 48.63 26.72
CA THR C 103 50.35 49.96 26.25
C THR C 103 49.48 50.98 26.93
N LYS C 104 50.08 52.06 27.40
CA LYS C 104 49.29 53.07 28.10
C LYS C 104 48.89 54.19 27.17
N VAL C 105 47.61 54.59 27.23
CA VAL C 105 47.03 55.69 26.46
C VAL C 105 46.64 56.79 27.45
N CYS D 34 37.41 -17.02 52.59
CA CYS D 34 37.69 -17.80 51.38
C CYS D 34 38.89 -18.71 51.57
N VAL D 35 38.83 -19.85 50.91
CA VAL D 35 39.90 -20.84 50.93
C VAL D 35 40.32 -21.23 49.52
N ASN D 36 41.60 -21.23 49.22
CA ASN D 36 42.20 -21.61 47.96
C ASN D 36 42.59 -23.09 47.99
N LEU D 37 41.98 -23.97 47.21
CA LEU D 37 42.29 -25.40 47.18
C LEU D 37 43.42 -25.66 46.18
N THR D 38 44.51 -26.26 46.63
CA THR D 38 45.68 -26.44 45.77
C THR D 38 45.99 -27.89 45.42
N THR D 39 45.40 -28.85 46.14
CA THR D 39 45.71 -30.27 45.89
C THR D 39 44.89 -30.78 44.70
N ARG D 40 45.24 -30.29 43.51
CA ARG D 40 44.50 -30.64 42.31
C ARG D 40 45.41 -30.97 41.13
N THR D 41 45.11 -32.08 40.47
CA THR D 41 45.83 -32.52 39.29
C THR D 41 45.47 -31.63 38.11
N GLN D 42 46.47 -31.24 37.33
CA GLN D 42 46.24 -30.35 36.20
C GLN D 42 46.22 -31.04 34.85
N LEU D 43 45.02 -31.31 34.34
CA LEU D 43 44.81 -31.97 33.05
C LEU D 43 44.08 -31.01 32.12
N PRO D 44 44.19 -31.16 30.79
CA PRO D 44 43.49 -30.37 29.80
C PRO D 44 41.99 -30.68 29.83
N PRO D 45 41.15 -29.77 29.31
CA PRO D 45 39.70 -29.90 29.19
C PRO D 45 39.30 -31.10 28.34
N ALA D 46 38.20 -31.74 28.71
CA ALA D 46 37.65 -32.82 27.93
C ALA D 46 36.56 -32.29 27.03
N TYR D 47 36.23 -33.03 25.99
CA TYR D 47 35.15 -32.62 25.12
C TYR D 47 34.23 -33.78 24.83
N THR D 48 32.96 -33.48 24.63
CA THR D 48 31.98 -34.52 24.30
C THR D 48 30.99 -34.07 23.25
N ASN D 49 30.03 -34.95 22.95
CA ASN D 49 29.03 -34.71 21.93
C ASN D 49 27.68 -34.38 22.58
N SER D 50 27.10 -33.24 22.21
CA SER D 50 25.81 -32.80 22.75
C SER D 50 24.65 -33.65 22.27
N PHE D 51 24.88 -34.39 21.20
CA PHE D 51 23.87 -35.19 20.53
C PHE D 51 22.64 -34.35 20.22
N THR D 52 21.50 -34.69 20.79
CA THR D 52 20.26 -33.98 20.52
C THR D 52 19.68 -33.35 21.78
N ARG D 53 20.53 -33.13 22.77
CA ARG D 53 20.15 -32.54 24.06
C ARG D 53 20.11 -31.01 24.00
N GLY D 54 19.43 -30.39 24.96
CA GLY D 54 19.43 -28.94 25.06
C GLY D 54 18.23 -28.24 24.44
N VAL D 55 17.23 -29.03 24.05
CA VAL D 55 16.00 -28.48 23.49
C VAL D 55 15.03 -28.18 24.61
N TYR D 56 14.45 -26.99 24.57
CA TYR D 56 13.54 -26.53 25.59
C TYR D 56 12.29 -25.95 24.96
N TYR D 57 11.23 -25.86 25.74
CA TYR D 57 10.00 -25.27 25.26
C TYR D 57 10.22 -23.77 25.09
N PRO D 58 10.17 -23.24 23.86
CA PRO D 58 10.52 -21.88 23.52
C PRO D 58 9.48 -20.87 23.97
N ASP D 59 8.31 -21.35 24.34
CA ASP D 59 7.21 -20.47 24.68
C ASP D 59 6.28 -21.06 25.74
N LYS D 60 5.20 -20.33 26.03
CA LYS D 60 4.26 -20.68 27.08
C LYS D 60 2.90 -21.06 26.52
N VAL D 61 2.90 -21.54 25.29
CA VAL D 61 1.67 -21.89 24.60
C VAL D 61 1.58 -23.36 24.30
N PHE D 62 0.42 -23.92 24.58
CA PHE D 62 0.15 -25.31 24.32
C PHE D 62 -0.24 -25.53 22.88
N ARG D 63 0.41 -26.47 22.26
CA ARG D 63 0.05 -26.86 20.93
C ARG D 63 0.25 -28.35 20.87
N SER D 64 -0.47 -29.03 19.99
CA SER D 64 -0.38 -30.48 19.95
C SER D 64 -0.61 -31.05 18.56
N SER D 65 0.00 -32.20 18.32
CA SER D 65 -0.06 -32.91 17.04
C SER D 65 0.32 -32.01 15.87
N VAL D 66 1.33 -31.17 16.08
CA VAL D 66 1.85 -30.27 15.06
C VAL D 66 3.35 -30.24 15.00
N LEU D 67 3.87 -29.76 13.88
CA LEU D 67 5.28 -29.48 13.76
C LEU D 67 5.44 -27.97 13.69
N HIS D 68 6.16 -27.40 14.64
CA HIS D 68 6.28 -25.96 14.74
C HIS D 68 7.69 -25.47 14.49
N SER D 69 7.85 -24.52 13.59
CA SER D 69 9.16 -23.97 13.27
C SER D 69 9.44 -22.71 14.07
N THR D 70 10.52 -22.74 14.85
CA THR D 70 10.87 -21.63 15.71
C THR D 70 12.34 -21.19 15.62
N GLN D 71 12.54 -19.88 15.65
CA GLN D 71 13.87 -19.28 15.67
C GLN D 71 14.18 -18.77 17.08
N ASP D 72 15.16 -19.42 17.72
CA ASP D 72 15.51 -19.11 19.10
C ASP D 72 16.93 -19.58 19.39
N LEU D 73 17.39 -19.36 20.62
CA LEU D 73 18.74 -19.80 20.98
C LEU D 73 18.71 -21.23 21.48
N PHE D 74 19.31 -22.11 20.72
CA PHE D 74 19.30 -23.53 21.05
C PHE D 74 20.70 -24.08 21.05
N LEU D 75 20.91 -25.15 21.77
CA LEU D 75 22.19 -25.82 21.67
C LEU D 75 22.15 -26.55 20.33
N PRO D 76 23.06 -26.28 19.38
CA PRO D 76 23.08 -26.90 18.09
C PRO D 76 23.22 -28.38 18.26
N PHE D 77 22.64 -29.15 17.36
CA PHE D 77 22.77 -30.59 17.46
C PHE D 77 24.19 -31.01 17.14
N PHE D 78 24.65 -32.01 17.85
CA PHE D 78 25.96 -32.58 17.70
C PHE D 78 27.05 -31.55 17.85
N SER D 79 26.86 -30.62 18.77
CA SER D 79 27.84 -29.60 19.04
C SER D 79 28.93 -30.11 19.95
N ASN D 80 30.05 -29.42 20.00
CA ASN D 80 31.25 -29.57 20.78
C ASN D 80 31.07 -29.11 22.19
N VAL D 81 30.90 -29.91 23.20
CA VAL D 81 30.60 -29.56 24.58
C VAL D 81 31.82 -29.69 25.48
N THR D 82 32.11 -28.65 26.24
CA THR D 82 33.27 -28.68 27.12
C THR D 82 32.90 -29.52 28.35
N TRP D 83 33.79 -30.42 28.74
CA TRP D 83 33.47 -31.40 29.79
C TRP D 83 34.43 -31.34 30.98
N PHE D 84 33.83 -31.10 32.16
CA PHE D 84 34.57 -30.92 33.40
C PHE D 84 34.22 -31.99 34.43
N HIS D 85 35.20 -32.34 35.29
CA HIS D 85 35.03 -33.33 36.37
C HIS D 85 35.18 -32.65 37.73
N ARG D 97 37.66 -34.86 40.71
CA ARG D 97 38.61 -33.78 40.90
C ARG D 97 37.88 -32.65 41.69
N PHE D 98 38.02 -31.39 41.25
CA PHE D 98 37.27 -30.24 41.72
C PHE D 98 37.46 -29.20 40.65
N ASP D 99 36.84 -29.45 39.51
CA ASP D 99 37.04 -28.69 38.30
C ASP D 99 35.91 -27.71 38.07
N ASN D 100 36.21 -26.42 38.09
CA ASN D 100 35.20 -25.39 38.00
C ASN D 100 35.76 -23.97 37.99
N PRO D 101 36.38 -23.58 36.88
CA PRO D 101 36.92 -22.28 36.58
C PRO D 101 35.79 -21.38 36.14
N VAL D 102 36.08 -20.12 35.90
CA VAL D 102 35.05 -19.29 35.33
C VAL D 102 34.99 -19.58 33.84
N LEU D 103 33.78 -19.72 33.33
CA LEU D 103 33.51 -20.00 31.93
C LEU D 103 32.78 -18.81 31.33
N PRO D 104 32.87 -18.56 30.02
CA PRO D 104 32.09 -17.56 29.33
C PRO D 104 30.60 -17.92 29.37
N PHE D 105 29.79 -16.88 29.36
CA PHE D 105 28.35 -16.96 29.20
C PHE D 105 28.06 -16.05 28.01
N ASN D 106 27.51 -16.59 26.94
CA ASN D 106 27.44 -15.78 25.74
C ASN D 106 26.02 -15.35 25.41
N ASP D 107 25.37 -16.06 24.51
CA ASP D 107 23.98 -15.75 24.19
C ASP D 107 23.11 -16.41 25.24
N GLY D 108 23.65 -17.47 25.78
CA GLY D 108 23.07 -18.27 26.83
C GLY D 108 23.88 -19.53 26.91
N VAL D 109 23.67 -20.33 27.94
CA VAL D 109 24.45 -21.55 28.01
C VAL D 109 23.60 -22.77 28.33
N TYR D 110 24.13 -23.92 27.96
CA TYR D 110 23.55 -25.19 28.31
C TYR D 110 24.41 -25.86 29.33
N PHE D 111 23.80 -26.32 30.40
CA PHE D 111 24.53 -26.94 31.47
C PHE D 111 23.91 -28.27 31.83
N ALA D 112 24.72 -29.29 32.04
CA ALA D 112 24.16 -30.55 32.50
C ALA D 112 25.08 -31.21 33.48
N SER D 113 24.49 -31.91 34.44
CA SER D 113 25.28 -32.62 35.43
C SER D 113 24.82 -34.06 35.61
N THR D 114 25.78 -34.92 35.83
CA THR D 114 25.51 -36.32 36.11
C THR D 114 26.06 -36.61 37.48
N GLU D 115 25.19 -37.09 38.36
CA GLU D 115 25.56 -37.28 39.75
C GLU D 115 24.97 -38.55 40.37
N LYS D 116 25.61 -39.04 41.43
CA LYS D 116 25.01 -40.06 42.25
C LYS D 116 24.81 -39.58 43.70
N SER D 117 25.45 -38.46 44.06
CA SER D 117 25.40 -38.01 45.45
C SER D 117 25.24 -36.50 45.65
N ASN D 118 24.53 -35.81 44.75
CA ASN D 118 24.27 -34.39 44.96
C ASN D 118 25.51 -33.55 45.30
N ILE D 119 26.42 -33.43 44.34
CA ILE D 119 27.66 -32.65 44.49
C ILE D 119 27.44 -31.24 43.97
N ILE D 120 26.64 -31.11 42.93
CA ILE D 120 26.41 -29.81 42.30
C ILE D 120 25.64 -28.92 43.26
N ARG D 121 26.05 -27.67 43.41
CA ARG D 121 25.33 -26.79 44.31
C ARG D 121 24.69 -25.63 43.59
N GLY D 122 25.29 -25.15 42.53
CA GLY D 122 24.71 -23.96 41.92
C GLY D 122 25.67 -23.18 41.06
N TRP D 123 25.31 -21.94 40.77
CA TRP D 123 26.07 -21.14 39.84
C TRP D 123 26.21 -19.68 40.23
N ILE D 124 27.28 -19.08 39.76
CA ILE D 124 27.51 -17.65 39.88
C ILE D 124 27.52 -17.02 38.52
N PHE D 125 26.73 -15.98 38.33
CA PHE D 125 26.72 -15.28 37.05
C PHE D 125 27.06 -13.81 37.26
N GLY D 126 27.78 -13.22 36.33
CA GLY D 126 28.07 -11.81 36.41
C GLY D 126 29.00 -11.36 35.31
N THR D 127 29.54 -10.17 35.46
CA THR D 127 30.46 -9.59 34.47
C THR D 127 31.90 -9.61 34.98
N THR D 128 32.07 -9.28 36.24
CA THR D 128 33.39 -9.25 36.86
C THR D 128 33.46 -10.12 38.12
N LEU D 129 32.34 -10.25 38.83
CA LEU D 129 32.22 -11.06 40.05
C LEU D 129 33.03 -10.58 41.26
N ASP D 130 33.27 -9.27 41.35
CA ASP D 130 34.07 -8.74 42.47
C ASP D 130 33.46 -7.48 43.09
N SER D 131 32.16 -7.50 43.30
CA SER D 131 31.40 -6.41 43.88
C SER D 131 31.40 -5.11 43.08
N LYS D 132 32.05 -5.07 41.92
CA LYS D 132 32.03 -3.86 41.11
C LYS D 132 30.75 -3.77 40.29
N THR D 133 30.16 -4.92 39.99
CA THR D 133 28.93 -5.01 39.23
C THR D 133 27.96 -5.93 39.93
N GLN D 134 26.72 -5.90 39.49
CA GLN D 134 25.71 -6.79 39.98
C GLN D 134 25.98 -8.21 39.49
N SER D 135 25.82 -9.18 40.39
CA SER D 135 26.02 -10.58 40.06
C SER D 135 24.88 -11.41 40.66
N LEU D 136 24.60 -12.56 40.04
CA LEU D 136 23.56 -13.51 40.43
C LEU D 136 24.10 -14.79 41.03
N LEU D 137 23.62 -15.13 42.21
CA LEU D 137 24.03 -16.35 42.88
C LEU D 137 22.85 -17.29 43.12
N ILE D 138 22.94 -18.50 42.58
CA ILE D 138 21.92 -19.52 42.77
C ILE D 138 22.54 -20.72 43.47
N VAL D 139 22.07 -21.05 44.68
CA VAL D 139 22.63 -22.19 45.42
C VAL D 139 21.59 -23.09 46.05
N ASN D 140 21.76 -24.40 45.90
CA ASN D 140 20.94 -25.38 46.58
C ASN D 140 21.74 -26.02 47.72
N ASN D 141 21.53 -25.57 48.97
CA ASN D 141 22.23 -26.08 50.14
C ASN D 141 21.39 -27.17 50.81
N ALA D 142 21.84 -27.72 51.94
CA ALA D 142 21.16 -28.82 52.62
C ALA D 142 19.70 -28.55 52.98
N THR D 143 19.34 -27.30 53.23
CA THR D 143 17.98 -27.01 53.67
C THR D 143 17.10 -26.27 52.65
N ASN D 144 17.69 -25.48 51.75
CA ASN D 144 16.83 -24.85 50.75
C ASN D 144 17.57 -24.32 49.52
N VAL D 145 16.79 -23.79 48.59
CA VAL D 145 17.33 -23.14 47.39
C VAL D 145 17.28 -21.63 47.55
N VAL D 146 18.42 -20.99 47.39
CA VAL D 146 18.50 -19.55 47.53
C VAL D 146 18.98 -18.87 46.27
N ILE D 147 18.26 -17.83 45.88
CA ILE D 147 18.63 -17.02 44.74
C ILE D 147 18.82 -15.58 45.17
N LYS D 148 20.02 -15.03 44.97
CA LYS D 148 20.25 -13.65 45.36
C LYS D 148 21.09 -12.87 44.37
N VAL D 149 20.64 -11.65 44.14
CA VAL D 149 21.25 -10.71 43.21
C VAL D 149 21.80 -9.49 43.93
N CYS D 150 22.50 -9.76 45.04
CA CYS D 150 23.17 -8.76 45.88
C CYS D 150 24.55 -8.47 45.21
N GLU D 151 25.25 -7.42 45.59
CA GLU D 151 26.57 -7.21 44.99
C GLU D 151 27.52 -8.12 45.75
N PHE D 152 28.02 -9.21 45.14
CA PHE D 152 28.88 -10.04 45.95
C PHE D 152 30.35 -9.92 45.60
N GLN D 153 31.19 -10.06 46.62
CA GLN D 153 32.62 -10.25 46.43
C GLN D 153 32.90 -11.72 46.51
N PHE D 154 33.07 -12.34 45.37
CA PHE D 154 33.20 -13.78 45.33
C PHE D 154 34.64 -14.23 45.59
N CYS D 155 34.78 -15.47 46.06
CA CYS D 155 36.06 -16.14 46.23
C CYS D 155 36.61 -16.53 44.85
N ASN D 156 37.92 -16.68 44.71
CA ASN D 156 38.49 -17.10 43.42
C ASN D 156 38.50 -18.61 43.30
N ASP D 157 37.98 -19.24 44.32
CA ASP D 157 37.78 -20.68 44.37
C ASP D 157 36.63 -20.95 45.31
N PRO D 158 35.40 -20.54 44.94
CA PRO D 158 34.21 -20.63 45.74
C PRO D 158 33.74 -22.07 45.83
N PHE D 159 33.23 -22.46 46.97
CA PHE D 159 32.66 -23.81 47.11
C PHE D 159 31.86 -24.00 48.38
N LEU D 160 31.18 -25.12 48.44
CA LEU D 160 30.49 -25.57 49.64
C LEU D 160 31.14 -26.88 50.06
N GLY D 161 30.97 -27.28 51.33
CA GLY D 161 31.53 -28.56 51.74
C GLY D 161 30.50 -29.39 52.51
N VAL D 162 30.73 -30.71 52.56
CA VAL D 162 29.86 -31.69 53.23
C VAL D 162 30.70 -32.69 53.99
N TRP D 171 27.13 -38.11 56.40
CA TRP D 171 27.42 -36.92 55.60
C TRP D 171 26.45 -35.77 55.94
N MET D 172 27.02 -34.63 56.37
CA MET D 172 26.29 -33.42 56.73
C MET D 172 26.97 -32.21 56.13
N GLU D 173 26.19 -31.18 55.82
CA GLU D 173 26.75 -29.94 55.29
C GLU D 173 27.43 -29.16 56.39
N SER D 174 28.55 -28.54 56.05
CA SER D 174 29.27 -27.74 57.04
C SER D 174 29.78 -26.43 56.45
N GLU D 175 30.76 -26.53 55.57
CA GLU D 175 31.41 -25.37 55.01
C GLU D 175 30.57 -24.64 53.96
N PHE D 176 30.66 -23.31 53.96
CA PHE D 176 30.08 -22.47 52.93
C PHE D 176 31.07 -21.36 52.65
N ARG D 177 31.77 -21.46 51.55
CA ARG D 177 32.85 -20.53 51.23
C ARG D 177 32.71 -20.03 49.80
N VAL D 178 31.62 -19.33 49.54
CA VAL D 178 31.31 -18.88 48.20
C VAL D 178 31.71 -17.44 48.00
N TYR D 179 31.41 -16.62 48.99
CA TYR D 179 31.65 -15.20 48.92
C TYR D 179 31.95 -14.67 50.30
N SER D 180 32.49 -13.47 50.35
CA SER D 180 32.78 -12.78 51.59
C SER D 180 31.78 -11.64 51.80
N SER D 181 32.10 -10.48 51.24
CA SER D 181 31.22 -9.32 51.31
C SER D 181 30.01 -9.44 50.39
N ALA D 182 28.90 -8.89 50.83
CA ALA D 182 27.65 -8.92 50.09
C ALA D 182 26.66 -7.84 50.54
N ASN D 183 26.50 -6.81 49.72
CA ASN D 183 25.60 -5.71 50.01
C ASN D 183 25.03 -5.22 48.68
N ASN D 184 24.13 -4.24 48.71
CA ASN D 184 23.56 -3.78 47.44
C ASN D 184 22.61 -4.80 46.80
N CYS D 185 21.77 -5.39 47.66
CA CYS D 185 20.78 -6.42 47.30
C CYS D 185 19.64 -5.82 46.50
N THR D 186 19.35 -6.43 45.36
CA THR D 186 18.28 -5.97 44.50
C THR D 186 17.16 -7.01 44.39
N PHE D 187 17.53 -8.27 44.52
CA PHE D 187 16.58 -9.37 44.40
C PHE D 187 16.97 -10.53 45.30
N GLU D 188 16.00 -11.14 45.95
CA GLU D 188 16.27 -12.34 46.71
C GLU D 188 15.07 -13.26 46.76
N TYR D 189 15.35 -14.55 46.80
CA TYR D 189 14.35 -15.58 46.99
C TYR D 189 14.88 -16.76 47.79
N VAL D 190 14.10 -17.25 48.74
CA VAL D 190 14.50 -18.47 49.43
C VAL D 190 13.34 -19.45 49.42
N SER D 191 13.60 -20.65 48.95
CA SER D 191 12.62 -21.72 48.86
C SER D 191 12.22 -22.27 50.21
N GLN D 192 10.98 -22.71 50.29
CA GLN D 192 10.48 -23.41 51.46
C GLN D 192 11.48 -24.50 51.85
N PRO D 193 11.95 -24.53 53.11
CA PRO D 193 12.88 -25.51 53.65
C PRO D 193 12.45 -26.96 53.49
N PHE D 194 13.44 -27.79 53.22
CA PHE D 194 13.33 -29.24 53.03
C PHE D 194 14.64 -29.88 53.42
N LEU D 195 14.67 -31.19 53.64
CA LEU D 195 15.96 -31.80 53.94
C LEU D 195 16.52 -32.56 52.73
N MET D 196 17.71 -32.17 52.29
CA MET D 196 18.34 -32.83 51.16
C MET D 196 19.26 -33.95 51.61
N ASP D 197 19.24 -35.05 50.85
CA ASP D 197 20.08 -36.21 51.08
C ASP D 197 21.49 -35.97 50.54
N LEU D 198 22.48 -35.97 51.43
CA LEU D 198 23.85 -35.68 51.03
C LEU D 198 24.75 -36.93 50.81
N GLU D 199 24.14 -38.14 50.80
CA GLU D 199 24.84 -39.41 50.59
C GLU D 199 23.87 -40.47 50.08
N ASN D 204 28.52 -45.88 38.26
CA ASN D 204 27.45 -45.30 37.47
C ASN D 204 26.69 -44.22 38.25
N PHE D 205 26.12 -43.26 37.51
CA PHE D 205 25.31 -42.17 38.05
C PHE D 205 23.85 -42.57 38.04
N LYS D 206 23.04 -41.83 38.80
CA LYS D 206 21.62 -42.10 38.81
C LYS D 206 20.80 -40.90 38.39
N ASN D 207 21.28 -39.71 38.67
CA ASN D 207 20.49 -38.51 38.43
C ASN D 207 21.10 -37.60 37.38
N LEU D 208 20.32 -37.30 36.35
CA LEU D 208 20.73 -36.34 35.32
C LEU D 208 19.91 -35.09 35.41
N ARG D 209 20.60 -33.96 35.52
CA ARG D 209 19.92 -32.68 35.56
C ARG D 209 20.42 -31.80 34.43
N GLU D 210 19.49 -31.25 33.67
CA GLU D 210 19.83 -30.39 32.55
C GLU D 210 19.23 -29.01 32.77
N PHE D 211 20.01 -27.99 32.45
CA PHE D 211 19.59 -26.61 32.58
C PHE D 211 19.93 -25.77 31.37
N VAL D 212 19.06 -24.85 31.06
CA VAL D 212 19.36 -23.83 30.06
C VAL D 212 19.24 -22.47 30.69
N PHE D 213 20.26 -21.66 30.51
CA PHE D 213 20.30 -20.34 31.08
C PHE D 213 20.37 -19.28 30.02
N LYS D 214 19.31 -18.49 29.92
CA LYS D 214 19.25 -17.42 28.93
C LYS D 214 19.13 -16.09 29.65
N ASN D 215 19.66 -15.04 29.06
CA ASN D 215 19.55 -13.73 29.71
C ASN D 215 19.02 -12.71 28.71
N ILE D 216 17.70 -12.65 28.59
CA ILE D 216 17.06 -11.87 27.54
C ILE D 216 16.03 -10.87 28.04
N ASP D 217 16.21 -9.62 27.63
CA ASP D 217 15.27 -8.55 27.89
C ASP D 217 14.91 -8.38 29.36
N GLY D 218 15.88 -8.50 30.24
CA GLY D 218 15.64 -8.28 31.65
C GLY D 218 15.31 -9.55 32.42
N TYR D 219 15.10 -10.66 31.72
CA TYR D 219 14.82 -11.89 32.43
C TYR D 219 15.95 -12.89 32.34
N PHE D 220 16.23 -13.51 33.47
CA PHE D 220 17.14 -14.62 33.50
C PHE D 220 16.27 -15.85 33.50
N LYS D 221 16.25 -16.53 32.39
CA LYS D 221 15.32 -17.63 32.21
C LYS D 221 16.00 -18.95 32.46
N ILE D 222 15.42 -19.72 33.35
CA ILE D 222 15.95 -21.03 33.65
C ILE D 222 14.98 -22.09 33.20
N TYR D 223 15.46 -23.01 32.39
CA TYR D 223 14.69 -24.15 31.93
C TYR D 223 15.37 -25.36 32.51
N SER D 224 14.62 -26.40 32.85
CA SER D 224 15.29 -27.57 33.37
C SER D 224 14.53 -28.87 33.18
N LYS D 225 15.28 -29.97 33.21
CA LYS D 225 14.71 -31.31 33.13
C LYS D 225 15.48 -32.29 34.02
N HIS D 226 14.75 -33.17 34.70
CA HIS D 226 15.39 -34.24 35.46
C HIS D 226 14.99 -35.61 34.96
N THR D 227 15.98 -36.44 34.72
CA THR D 227 15.75 -37.81 34.27
C THR D 227 16.75 -38.72 34.98
N PRO D 228 16.50 -40.03 35.03
CA PRO D 228 17.49 -41.03 35.38
C PRO D 228 18.55 -41.20 34.28
N ILE D 229 19.74 -41.57 34.71
CA ILE D 229 20.87 -41.94 33.85
C ILE D 229 21.45 -43.18 34.47
N ASN D 230 22.17 -44.00 33.71
CA ASN D 230 22.76 -45.20 34.33
C ASN D 230 24.20 -45.49 33.90
N LEU D 231 24.87 -44.54 33.22
CA LEU D 231 26.27 -44.71 32.85
C LEU D 231 27.33 -44.30 33.84
N VAL D 232 28.50 -44.91 33.69
CA VAL D 232 29.73 -44.54 34.37
C VAL D 232 30.40 -43.28 33.76
N ARG D 233 30.50 -43.20 32.40
CA ARG D 233 31.34 -42.15 31.82
C ARG D 233 30.76 -41.25 30.71
N ASP D 234 29.45 -41.03 30.58
CA ASP D 234 29.10 -40.14 29.46
C ASP D 234 27.75 -39.42 29.55
N LEU D 235 27.51 -38.60 28.53
CA LEU D 235 26.29 -37.86 28.36
C LEU D 235 25.39 -38.78 27.50
N PRO D 236 24.09 -39.03 27.83
CA PRO D 236 23.22 -39.95 27.14
C PRO D 236 22.82 -39.48 25.76
N GLN D 237 22.45 -40.44 24.90
CA GLN D 237 21.86 -40.15 23.61
C GLN D 237 20.36 -40.30 23.78
N GLY D 238 19.59 -39.46 23.11
CA GLY D 238 18.13 -39.52 23.21
C GLY D 238 17.59 -38.12 23.28
N PHE D 239 16.28 -37.99 23.41
CA PHE D 239 15.67 -36.68 23.37
C PHE D 239 14.70 -36.44 24.51
N SER D 240 14.76 -35.25 25.07
CA SER D 240 13.79 -34.77 26.04
C SER D 240 13.76 -33.25 25.92
N ALA D 241 12.65 -32.63 26.32
CA ALA D 241 12.60 -31.19 26.28
C ALA D 241 12.56 -30.63 27.68
N LEU D 242 13.22 -29.50 27.85
CA LEU D 242 13.29 -28.81 29.12
C LEU D 242 12.18 -27.78 29.27
N GLU D 243 11.38 -27.98 30.30
CA GLU D 243 10.28 -27.06 30.60
C GLU D 243 10.87 -25.88 31.35
N PRO D 244 10.29 -24.68 31.25
CA PRO D 244 10.69 -23.53 32.01
C PRO D 244 10.48 -23.78 33.48
N LEU D 245 11.43 -23.34 34.27
CA LEU D 245 11.39 -23.49 35.71
C LEU D 245 11.01 -22.18 36.36
N VAL D 246 11.74 -21.13 36.01
CA VAL D 246 11.49 -19.82 36.57
C VAL D 246 11.99 -18.70 35.67
N ASP D 247 11.24 -17.61 35.64
CA ASP D 247 11.65 -16.41 34.93
C ASP D 247 12.03 -15.37 35.97
N LEU D 248 13.32 -15.11 36.14
CA LEU D 248 13.75 -14.17 37.17
C LEU D 248 13.89 -12.77 36.56
N PRO D 249 13.14 -11.77 37.02
CA PRO D 249 13.12 -10.41 36.49
C PRO D 249 14.31 -9.60 36.98
N ILE D 250 15.49 -10.05 36.64
CA ILE D 250 16.71 -9.42 37.10
C ILE D 250 17.59 -8.93 35.94
N GLY D 251 17.76 -7.62 35.86
CA GLY D 251 18.47 -6.96 34.77
C GLY D 251 19.97 -6.98 34.99
N ILE D 252 20.55 -8.16 34.91
CA ILE D 252 21.96 -8.35 35.18
C ILE D 252 22.77 -8.58 33.91
N ASN D 253 23.91 -7.86 33.76
CA ASN D 253 24.85 -8.10 32.70
C ASN D 253 25.65 -9.34 33.05
N ILE D 254 25.39 -10.44 32.32
CA ILE D 254 26.04 -11.73 32.53
C ILE D 254 26.90 -12.05 31.33
N THR D 255 28.20 -12.19 31.54
CA THR D 255 29.11 -12.51 30.45
C THR D 255 29.99 -13.65 30.87
N ARG D 256 29.96 -13.93 32.16
CA ARG D 256 30.81 -14.94 32.75
C ARG D 256 30.04 -15.70 33.81
N PHE D 257 30.35 -16.97 34.00
CA PHE D 257 29.71 -17.67 35.09
C PHE D 257 30.61 -18.75 35.65
N GLN D 258 30.32 -19.20 36.86
CA GLN D 258 31.11 -20.25 37.50
C GLN D 258 30.24 -21.26 38.22
N THR D 259 30.67 -22.50 38.21
CA THR D 259 29.91 -23.57 38.83
C THR D 259 30.36 -23.88 40.25
N LEU D 260 29.40 -24.00 41.16
CA LEU D 260 29.62 -24.38 42.54
C LEU D 260 29.46 -25.87 42.79
N LEU D 261 30.47 -26.45 43.39
CA LEU D 261 30.52 -27.87 43.74
C LEU D 261 30.70 -28.05 45.25
N ALA D 262 30.21 -29.18 45.80
CA ALA D 262 30.44 -29.61 47.18
C ALA D 262 31.20 -30.94 47.15
N TRP D 277 40.54 -32.48 52.44
CA TRP D 277 39.29 -32.48 51.68
C TRP D 277 39.36 -33.55 50.58
N THR D 278 38.19 -33.99 50.09
CA THR D 278 38.06 -35.04 49.07
C THR D 278 37.11 -34.62 47.95
N ALA D 279 37.12 -35.39 46.87
CA ALA D 279 36.22 -35.15 45.75
C ALA D 279 35.06 -36.15 45.78
N GLY D 280 33.89 -35.73 45.30
CA GLY D 280 32.76 -36.63 45.19
C GLY D 280 32.64 -37.18 43.77
N ALA D 281 31.61 -37.97 43.53
CA ALA D 281 31.38 -38.54 42.20
C ALA D 281 30.40 -37.70 41.42
N ALA D 282 30.90 -36.96 40.44
CA ALA D 282 30.06 -36.09 39.63
C ALA D 282 30.81 -35.62 38.38
N ALA D 283 30.05 -35.16 37.39
CA ALA D 283 30.64 -34.50 36.23
C ALA D 283 29.63 -33.50 35.66
N TYR D 284 30.13 -32.49 34.95
CA TYR D 284 29.21 -31.58 34.30
C TYR D 284 29.70 -31.14 32.94
N TYR D 285 28.75 -30.69 32.13
CA TYR D 285 28.99 -30.36 30.74
C TYR D 285 28.50 -28.96 30.44
N VAL D 286 29.27 -28.21 29.65
CA VAL D 286 28.84 -26.87 29.25
C VAL D 286 28.89 -26.65 27.74
N GLY D 287 27.75 -26.26 27.19
CA GLY D 287 27.65 -25.97 25.79
C GLY D 287 27.16 -24.55 25.62
N TYR D 288 27.08 -24.07 24.40
CA TYR D 288 26.62 -22.71 24.17
C TYR D 288 25.49 -22.66 23.20
N LEU D 289 24.56 -21.75 23.44
CA LEU D 289 23.41 -21.64 22.59
C LEU D 289 23.72 -20.74 21.41
N GLN D 290 23.09 -21.01 20.28
CA GLN D 290 23.23 -20.18 19.09
C GLN D 290 21.87 -19.90 18.50
N PRO D 291 21.69 -18.80 17.77
CA PRO D 291 20.50 -18.54 16.98
C PRO D 291 20.37 -19.60 15.91
N ARG D 292 19.37 -20.45 16.05
CA ARG D 292 19.10 -21.54 15.13
C ARG D 292 17.63 -21.70 14.89
N THR D 293 17.28 -22.27 13.75
CA THR D 293 15.88 -22.60 13.52
C THR D 293 15.67 -24.07 13.76
N PHE D 294 14.72 -24.37 14.62
CA PHE D 294 14.36 -25.74 14.93
C PHE D 294 12.94 -26.06 14.53
N LEU D 295 12.76 -27.26 14.01
CA LEU D 295 11.42 -27.76 13.76
C LEU D 295 11.08 -28.67 14.93
N LEU D 296 10.11 -28.29 15.73
CA LEU D 296 9.78 -29.05 16.93
C LEU D 296 8.53 -29.87 16.76
N LYS D 297 8.61 -31.13 17.13
CA LYS D 297 7.49 -32.05 17.01
C LYS D 297 6.75 -32.22 18.32
N TYR D 298 5.50 -31.77 18.33
CA TYR D 298 4.63 -31.86 19.50
C TYR D 298 3.72 -33.06 19.35
N ASN D 299 3.64 -33.88 20.38
CA ASN D 299 2.77 -35.05 20.32
C ASN D 299 1.35 -34.69 20.71
N GLU D 300 0.50 -35.70 20.85
CA GLU D 300 -0.91 -35.50 21.17
C GLU D 300 -1.15 -34.75 22.49
N ASN D 301 -0.25 -34.92 23.47
CA ASN D 301 -0.35 -34.28 24.79
C ASN D 301 0.45 -32.96 24.86
N GLY D 302 0.96 -32.47 23.72
CA GLY D 302 1.68 -31.20 23.63
C GLY D 302 3.12 -31.28 24.14
N THR D 303 3.66 -32.49 24.21
CA THR D 303 5.02 -32.67 24.65
C THR D 303 5.95 -32.63 23.46
N ILE D 304 7.08 -31.96 23.57
CA ILE D 304 8.00 -31.98 22.46
C ILE D 304 8.70 -33.32 22.53
N THR D 305 8.58 -34.11 21.47
CA THR D 305 9.14 -35.44 21.47
C THR D 305 10.28 -35.58 20.50
N ASP D 306 10.38 -34.68 19.55
CA ASP D 306 11.50 -34.72 18.62
C ASP D 306 11.82 -33.32 18.11
N ALA D 307 12.87 -33.20 17.32
CA ALA D 307 13.25 -31.91 16.75
C ALA D 307 14.23 -32.04 15.59
N VAL D 308 14.23 -31.05 14.70
CA VAL D 308 15.22 -30.97 13.64
C VAL D 308 16.01 -29.67 13.71
N ASP D 309 17.33 -29.79 13.75
CA ASP D 309 18.21 -28.63 13.69
C ASP D 309 18.43 -28.32 12.21
N CYS D 310 17.77 -27.28 11.71
CA CYS D 310 17.66 -26.96 10.29
C CYS D 310 19.01 -26.60 9.65
N ALA D 311 20.02 -26.31 10.49
CA ALA D 311 21.31 -25.93 9.94
C ALA D 311 22.36 -27.01 10.15
N LEU D 312 21.95 -28.16 10.63
CA LEU D 312 22.89 -29.22 10.93
C LEU D 312 23.52 -29.83 9.68
N ASP D 313 22.68 -30.21 8.71
CA ASP D 313 23.15 -30.81 7.48
C ASP D 313 22.04 -30.60 6.42
N PRO D 314 22.27 -30.91 5.13
CA PRO D 314 21.32 -30.76 4.04
C PRO D 314 20.07 -31.59 4.15
N LEU D 315 20.06 -32.66 4.94
CA LEU D 315 18.85 -33.43 5.05
C LEU D 315 17.94 -32.76 6.04
N SER D 316 18.53 -32.22 7.09
CA SER D 316 17.79 -31.52 8.10
C SER D 316 17.20 -30.26 7.51
N GLU D 317 17.96 -29.62 6.63
CA GLU D 317 17.48 -28.42 5.96
C GLU D 317 16.27 -28.76 5.11
N THR D 318 16.33 -29.88 4.41
CA THR D 318 15.21 -30.35 3.60
C THR D 318 14.00 -30.63 4.48
N LYS D 319 14.22 -31.30 5.60
CA LYS D 319 13.12 -31.61 6.52
C LYS D 319 12.41 -30.33 7.01
N CYS D 320 13.17 -29.29 7.35
CA CYS D 320 12.62 -28.01 7.79
C CYS D 320 11.88 -27.32 6.66
N THR D 321 12.45 -27.38 5.46
CA THR D 321 11.85 -26.76 4.28
C THR D 321 10.47 -27.35 3.98
N LEU D 322 10.37 -28.66 4.09
CA LEU D 322 9.13 -29.37 3.82
C LEU D 322 8.22 -29.46 5.04
N LYS D 323 8.68 -28.92 6.17
CA LYS D 323 7.94 -28.99 7.42
C LYS D 323 7.55 -30.42 7.76
N SER D 324 8.49 -31.34 7.67
CA SER D 324 8.20 -32.74 7.95
C SER D 324 9.43 -33.49 8.43
N PHE D 325 9.22 -34.54 9.20
CA PHE D 325 10.32 -35.37 9.66
C PHE D 325 10.56 -36.53 8.72
N THR D 326 9.74 -36.61 7.67
CA THR D 326 9.85 -37.63 6.64
C THR D 326 10.05 -36.96 5.30
N VAL D 327 11.04 -37.43 4.55
CA VAL D 327 11.29 -36.87 3.24
C VAL D 327 11.15 -37.95 2.19
N GLU D 328 10.39 -37.66 1.15
CA GLU D 328 10.16 -38.58 0.05
C GLU D 328 11.31 -38.52 -0.94
N LYS D 329 11.42 -39.55 -1.76
CA LYS D 329 12.43 -39.55 -2.80
C LYS D 329 12.24 -38.38 -3.75
N GLY D 330 13.31 -37.66 -4.03
CA GLY D 330 13.21 -36.55 -4.96
C GLY D 330 14.32 -35.53 -4.80
N ILE D 331 14.16 -34.41 -5.49
CA ILE D 331 15.12 -33.33 -5.44
C ILE D 331 14.38 -32.09 -4.95
N TYR D 332 14.93 -31.44 -3.92
CA TYR D 332 14.24 -30.30 -3.33
C TYR D 332 15.12 -29.08 -3.28
N GLN D 333 14.57 -27.92 -3.60
CA GLN D 333 15.36 -26.71 -3.48
C GLN D 333 15.14 -26.15 -2.10
N THR D 334 16.18 -26.16 -1.28
CA THR D 334 16.05 -25.84 0.12
C THR D 334 16.73 -24.54 0.51
N SER D 335 17.69 -24.11 -0.28
CA SER D 335 18.42 -22.92 0.10
C SER D 335 19.03 -22.22 -1.09
N ASN D 336 19.89 -21.27 -0.79
CA ASN D 336 20.61 -20.49 -1.76
C ASN D 336 22.05 -20.31 -1.34
N PHE D 337 22.94 -20.61 -2.26
CA PHE D 337 24.36 -20.50 -2.10
C PHE D 337 24.79 -19.10 -2.44
N ARG D 338 25.70 -18.55 -1.66
CA ARG D 338 26.27 -17.26 -1.97
C ARG D 338 27.67 -17.10 -1.41
N VAL D 339 28.56 -16.62 -2.28
CA VAL D 339 29.91 -16.32 -1.88
C VAL D 339 29.93 -15.03 -1.10
N GLN D 340 30.56 -15.06 0.06
CA GLN D 340 30.61 -13.90 0.91
C GLN D 340 31.86 -13.08 0.63
N PRO D 341 31.78 -11.76 0.74
CA PRO D 341 32.89 -10.83 0.60
C PRO D 341 33.86 -10.99 1.75
N THR D 342 35.14 -10.84 1.47
CA THR D 342 36.15 -10.97 2.52
C THR D 342 36.85 -9.66 2.87
N GLU D 343 36.72 -8.67 2.01
CA GLU D 343 37.37 -7.38 2.24
C GLU D 343 36.42 -6.23 1.98
N SER D 344 36.70 -5.10 2.61
CA SER D 344 35.95 -3.88 2.37
C SER D 344 36.84 -2.88 1.65
N ILE D 345 36.47 -2.57 0.41
CA ILE D 345 37.26 -1.72 -0.45
C ILE D 345 36.64 -0.35 -0.59
N VAL D 346 37.34 0.64 -0.07
CA VAL D 346 36.82 1.98 -0.04
C VAL D 346 37.69 2.91 -0.85
N ARG D 347 37.10 3.58 -1.83
CA ARG D 347 37.88 4.45 -2.68
C ARG D 347 37.22 5.82 -2.82
N PHE D 348 37.96 6.87 -2.46
CA PHE D 348 37.49 8.24 -2.61
C PHE D 348 38.57 9.07 -3.29
N PRO D 349 38.24 10.19 -3.94
CA PRO D 349 39.20 11.09 -4.56
C PRO D 349 40.22 11.48 -3.50
N ASN D 350 41.52 11.55 -3.90
CA ASN D 350 42.57 11.81 -2.92
C ASN D 350 42.80 13.31 -2.67
N ILE D 351 41.76 13.93 -2.05
CA ILE D 351 41.75 15.34 -1.71
C ILE D 351 41.84 15.52 -0.20
N THR D 352 42.54 16.56 0.24
CA THR D 352 42.76 16.78 1.66
C THR D 352 42.20 18.10 2.21
N ASN D 353 41.84 19.02 1.33
CA ASN D 353 41.36 20.31 1.80
C ASN D 353 40.01 20.15 2.46
N LEU D 354 39.82 20.83 3.58
CA LEU D 354 38.57 20.76 4.29
C LEU D 354 37.58 21.77 3.75
N CYS D 355 36.29 21.44 3.79
CA CYS D 355 35.20 22.31 3.38
C CYS D 355 35.06 23.49 4.29
N PRO D 356 34.82 24.70 3.74
CA PRO D 356 34.68 25.95 4.42
C PRO D 356 33.34 26.07 5.12
N PHE D 357 33.07 25.15 6.04
CA PHE D 357 31.84 25.22 6.80
C PHE D 357 31.97 26.25 7.88
N GLY D 358 33.11 26.27 8.54
CA GLY D 358 33.29 27.18 9.67
C GLY D 358 33.09 28.62 9.20
N GLU D 359 33.47 28.89 7.96
CA GLU D 359 33.34 30.22 7.37
C GLU D 359 31.90 30.67 7.22
N VAL D 360 30.98 29.72 7.25
CA VAL D 360 29.56 30.00 7.16
C VAL D 360 29.03 30.26 8.55
N PHE D 361 29.44 29.42 9.49
CA PHE D 361 28.94 29.46 10.86
C PHE D 361 29.44 30.60 11.74
N ASN D 362 30.70 31.04 11.55
CA ASN D 362 31.27 32.14 12.36
C ASN D 362 31.39 33.44 11.58
N ALA D 363 30.58 33.62 10.51
CA ALA D 363 30.55 34.86 9.74
C ALA D 363 30.10 36.00 10.62
N THR D 364 30.72 37.16 10.45
CA THR D 364 30.37 38.31 11.28
C THR D 364 28.94 38.73 11.03
N ARG D 365 28.54 38.75 9.77
CA ARG D 365 27.21 39.17 9.44
C ARG D 365 26.41 38.07 8.77
N PHE D 366 25.20 37.91 9.24
CA PHE D 366 24.22 37.04 8.62
C PHE D 366 23.22 37.87 7.88
N ALA D 367 22.69 37.31 6.83
CA ALA D 367 21.70 37.98 6.02
C ALA D 367 20.34 37.97 6.65
N SER D 368 19.51 38.90 6.21
CA SER D 368 18.11 38.90 6.52
C SER D 368 17.49 37.70 5.83
N VAL D 369 16.46 37.13 6.41
CA VAL D 369 15.84 35.97 5.80
C VAL D 369 15.18 36.26 4.48
N TYR D 370 14.72 37.48 4.25
CA TYR D 370 14.11 37.78 2.96
C TYR D 370 15.16 37.79 1.85
N ALA D 371 16.41 37.95 2.23
CA ALA D 371 17.52 38.06 1.30
C ALA D 371 18.66 37.20 1.76
N TRP D 372 18.39 35.91 1.89
CA TRP D 372 19.32 34.96 2.48
C TRP D 372 20.53 34.72 1.62
N ASN D 373 21.66 34.41 2.26
CA ASN D 373 22.87 34.15 1.52
C ASN D 373 22.97 32.70 1.16
N ARG D 374 23.66 32.43 0.07
CA ARG D 374 23.95 31.07 -0.33
C ARG D 374 25.40 30.89 -0.70
N LYS D 375 26.05 29.95 -0.06
CA LYS D 375 27.41 29.62 -0.39
C LYS D 375 27.47 28.24 -1.01
N ARG D 376 28.16 28.13 -2.12
CA ARG D 376 28.32 26.84 -2.75
C ARG D 376 29.59 26.19 -2.26
N ILE D 377 29.48 24.97 -1.78
CA ILE D 377 30.58 24.19 -1.27
C ILE D 377 30.86 23.02 -2.20
N SER D 378 32.11 22.93 -2.66
CA SER D 378 32.48 21.87 -3.59
C SER D 378 33.95 21.54 -3.51
N ASN D 379 34.31 20.38 -4.06
CA ASN D 379 35.71 19.96 -4.17
C ASN D 379 36.48 20.00 -2.86
N CYS D 380 35.94 19.35 -1.82
CA CYS D 380 36.50 19.38 -0.47
C CYS D 380 36.05 18.20 0.39
N VAL D 381 36.68 18.07 1.55
CA VAL D 381 36.33 17.05 2.52
C VAL D 381 35.41 17.62 3.58
N ALA D 382 34.25 17.01 3.73
CA ALA D 382 33.24 17.52 4.63
C ALA D 382 33.12 16.72 5.90
N ASP D 383 33.64 17.25 6.99
CA ASP D 383 33.53 16.57 8.25
C ASP D 383 32.33 17.11 9.00
N TYR D 384 31.28 16.32 9.06
CA TYR D 384 30.02 16.79 9.62
C TYR D 384 29.88 16.41 11.07
N SER D 385 30.87 15.71 11.60
CA SER D 385 30.78 15.27 12.98
C SER D 385 31.09 16.42 13.88
N VAL D 386 31.83 17.37 13.35
CA VAL D 386 32.20 18.53 14.11
C VAL D 386 30.98 19.38 14.38
N LEU D 387 30.17 19.56 13.37
CA LEU D 387 28.97 20.34 13.50
C LEU D 387 27.92 19.60 14.31
N TYR D 388 27.80 18.30 14.09
CA TYR D 388 26.77 17.52 14.75
C TYR D 388 27.04 17.27 16.22
N ASN D 389 28.28 17.00 16.57
CA ASN D 389 28.62 16.65 17.94
C ASN D 389 28.89 17.88 18.77
N SER D 390 28.70 19.04 18.19
CA SER D 390 28.88 20.30 18.88
C SER D 390 27.78 20.53 19.91
N ALA D 391 28.17 21.16 21.01
CA ALA D 391 27.25 21.53 22.08
C ALA D 391 26.64 22.90 21.84
N SER D 392 27.05 23.57 20.78
CA SER D 392 26.66 24.95 20.55
C SER D 392 25.38 25.19 19.75
N PHE D 393 24.80 24.15 19.17
CA PHE D 393 23.62 24.37 18.35
C PHE D 393 22.40 23.89 19.10
N SER D 394 21.30 24.62 18.97
CA SER D 394 20.07 24.22 19.66
C SER D 394 19.20 23.35 18.77
N THR D 395 19.37 23.51 17.47
CA THR D 395 18.65 22.73 16.48
C THR D 395 19.64 22.10 15.52
N PHE D 396 19.48 20.83 15.26
CA PHE D 396 20.26 20.17 14.23
C PHE D 396 19.42 19.06 13.66
N LYS D 397 18.57 19.40 12.71
CA LYS D 397 17.63 18.43 12.17
C LYS D 397 17.95 18.06 10.74
N CYS D 398 18.10 16.77 10.45
CA CYS D 398 18.38 16.27 9.12
C CYS D 398 17.14 15.61 8.54
N TYR D 399 16.94 15.85 7.27
CA TYR D 399 15.84 15.41 6.46
C TYR D 399 16.45 14.75 5.30
N GLY D 400 16.14 13.51 5.03
CA GLY D 400 16.67 12.89 3.85
C GLY D 400 17.88 12.07 4.12
N VAL D 401 18.63 12.45 5.12
CA VAL D 401 19.78 11.71 5.61
C VAL D 401 19.75 11.63 7.11
N SER D 402 20.45 10.66 7.67
CA SER D 402 20.65 10.63 9.10
C SER D 402 21.92 11.40 9.42
N PRO D 403 22.00 12.11 10.54
CA PRO D 403 23.14 12.90 10.95
C PRO D 403 24.38 12.09 11.25
N THR D 404 24.21 10.80 11.52
CA THR D 404 25.34 9.97 11.88
C THR D 404 25.89 9.19 10.70
N LYS D 405 25.29 9.35 9.54
CA LYS D 405 25.78 8.68 8.34
C LYS D 405 26.35 9.68 7.37
N LEU D 406 26.37 10.95 7.74
CA LEU D 406 26.81 12.00 6.85
C LEU D 406 28.25 11.84 6.40
N ASN D 407 29.10 11.36 7.28
CA ASN D 407 30.50 11.21 6.93
C ASN D 407 30.78 10.05 5.99
N ASP D 408 29.81 9.19 5.74
CA ASP D 408 30.00 8.09 4.83
C ASP D 408 29.47 8.42 3.44
N LEU D 409 28.93 9.62 3.30
CA LEU D 409 28.30 10.01 2.06
C LEU D 409 29.16 10.94 1.23
N CYS D 410 28.87 10.96 -0.08
CA CYS D 410 29.43 11.90 -1.05
C CYS D 410 28.29 12.58 -1.79
N PHE D 411 28.51 13.88 -2.01
CA PHE D 411 27.52 14.69 -2.67
C PHE D 411 28.17 15.37 -3.85
N THR D 412 27.38 15.73 -4.83
CA THR D 412 27.96 16.44 -5.95
C THR D 412 28.21 17.86 -5.54
N ASN D 413 27.32 18.36 -4.70
CA ASN D 413 27.39 19.75 -4.31
C ASN D 413 26.69 19.98 -2.99
N VAL D 414 27.24 20.86 -2.18
CA VAL D 414 26.55 21.23 -0.96
C VAL D 414 26.28 22.72 -0.92
N TYR D 415 25.05 23.10 -0.65
CA TYR D 415 24.74 24.51 -0.52
C TYR D 415 24.56 24.85 0.93
N ALA D 416 25.15 25.96 1.35
CA ALA D 416 24.98 26.42 2.71
C ALA D 416 24.27 27.75 2.71
N ASP D 417 22.99 27.72 3.07
CA ASP D 417 22.17 28.92 3.06
C ASP D 417 22.13 29.49 4.46
N SER D 418 22.23 30.80 4.60
CA SER D 418 22.25 31.35 5.95
C SER D 418 21.47 32.64 6.11
N PHE D 419 20.86 32.76 7.29
CA PHE D 419 20.04 33.92 7.62
C PHE D 419 19.69 34.02 9.10
N VAL D 420 19.18 35.17 9.50
CA VAL D 420 18.64 35.34 10.84
C VAL D 420 17.12 35.45 10.85
N ILE D 421 16.51 34.66 11.71
CA ILE D 421 15.07 34.65 11.97
C ILE D 421 14.77 34.71 13.45
N ARG D 422 13.52 34.89 13.77
CA ARG D 422 13.02 34.90 15.12
C ARG D 422 12.90 33.46 15.63
N GLY D 423 13.22 33.23 16.91
CA GLY D 423 13.19 31.90 17.50
C GLY D 423 11.94 31.08 17.24
N ASP D 424 10.76 31.66 17.36
CA ASP D 424 9.51 30.93 17.14
C ASP D 424 9.35 30.44 15.72
N GLU D 425 10.08 31.05 14.80
CA GLU D 425 9.96 30.76 13.39
C GLU D 425 10.95 29.71 12.94
N VAL D 426 11.77 29.20 13.85
CA VAL D 426 12.75 28.20 13.48
C VAL D 426 12.05 26.92 13.01
N ARG D 427 10.88 26.63 13.56
CA ARG D 427 10.13 25.45 13.17
C ARG D 427 9.69 25.54 11.70
N GLN D 428 9.64 26.75 11.15
CA GLN D 428 9.22 26.92 9.77
C GLN D 428 10.31 26.54 8.80
N ILE D 429 11.54 26.42 9.28
CA ILE D 429 12.60 26.04 8.36
C ILE D 429 12.66 24.54 8.35
N ALA D 430 11.73 23.97 7.64
CA ALA D 430 11.57 22.55 7.52
C ALA D 430 10.70 22.29 6.29
N PRO D 431 10.74 21.10 5.71
CA PRO D 431 9.84 20.64 4.67
C PRO D 431 8.41 20.60 5.15
N GLY D 432 7.48 20.96 4.26
CA GLY D 432 6.05 20.86 4.53
C GLY D 432 5.52 21.90 5.48
N GLN D 433 6.19 23.03 5.63
CA GLN D 433 5.73 24.04 6.58
C GLN D 433 5.06 25.20 5.90
N THR D 434 4.22 25.88 6.65
CA THR D 434 3.58 27.10 6.19
C THR D 434 3.80 28.21 7.21
N GLY D 435 3.67 29.45 6.77
CA GLY D 435 3.86 30.59 7.64
C GLY D 435 4.58 31.69 6.90
N LYS D 436 4.79 32.83 7.53
CA LYS D 436 5.38 33.94 6.82
C LYS D 436 6.79 33.65 6.34
N ILE D 437 7.54 32.83 7.06
CA ILE D 437 8.89 32.59 6.62
C ILE D 437 8.89 31.49 5.59
N ALA D 438 8.19 30.42 5.88
CA ALA D 438 8.13 29.31 4.95
C ALA D 438 7.55 29.74 3.59
N ASP D 439 6.59 30.67 3.61
CA ASP D 439 5.93 31.07 2.38
C ASP D 439 6.52 32.27 1.65
N TYR D 440 7.03 33.27 2.37
CA TYR D 440 7.49 34.46 1.67
C TYR D 440 8.97 34.73 1.75
N ASN D 441 9.71 33.97 2.55
CA ASN D 441 11.11 34.29 2.73
C ASN D 441 12.05 33.17 2.33
N TYR D 442 11.86 32.01 2.91
CA TYR D 442 12.74 30.88 2.66
C TYR D 442 11.98 29.58 2.64
N LYS D 443 11.82 29.04 1.45
CA LYS D 443 11.04 27.84 1.26
C LYS D 443 11.92 26.61 1.02
N LEU D 444 11.70 25.56 1.80
CA LEU D 444 12.38 24.29 1.56
C LEU D 444 11.42 23.34 0.85
N PRO D 445 11.90 22.55 -0.11
CA PRO D 445 11.15 21.58 -0.85
C PRO D 445 10.77 20.41 0.03
N ASP D 446 9.72 19.70 -0.37
CA ASP D 446 9.20 18.59 0.42
C ASP D 446 10.10 17.37 0.33
N ASP D 447 10.88 17.29 -0.73
CA ASP D 447 11.85 16.22 -0.93
C ASP D 447 13.25 16.69 -0.56
N PHE D 448 13.34 17.70 0.29
CA PHE D 448 14.60 18.25 0.74
C PHE D 448 15.52 17.25 1.38
N THR D 449 16.76 17.26 0.95
CA THR D 449 17.79 16.46 1.54
C THR D 449 18.81 17.45 2.07
N GLY D 450 19.06 17.40 3.35
CA GLY D 450 19.91 18.38 3.98
C GLY D 450 19.67 18.43 5.46
N CYS D 451 20.35 19.36 6.15
CA CYS D 451 20.25 19.57 7.59
C CYS D 451 20.02 21.03 7.92
N VAL D 452 19.11 21.28 8.85
CA VAL D 452 18.84 22.63 9.32
C VAL D 452 19.44 22.83 10.70
N ILE D 453 20.38 23.74 10.77
CA ILE D 453 21.14 23.97 11.97
C ILE D 453 20.86 25.35 12.50
N ALA D 454 20.51 25.47 13.77
CA ALA D 454 20.23 26.80 14.28
C ALA D 454 20.73 26.98 15.69
N TRP D 455 21.05 28.23 16.02
CA TRP D 455 21.46 28.56 17.36
C TRP D 455 21.02 29.94 17.76
N ASN D 456 20.84 30.12 19.06
CA ASN D 456 20.48 31.40 19.60
C ASN D 456 21.66 32.35 19.48
N SER D 457 21.41 33.52 18.92
CA SER D 457 22.44 34.50 18.72
C SER D 457 22.07 35.83 19.34
N ASN D 458 21.35 35.77 20.45
CA ASN D 458 20.91 36.95 21.16
C ASN D 458 22.07 37.88 21.53
N ASN D 459 23.20 37.29 21.86
CA ASN D 459 24.37 38.07 22.26
C ASN D 459 25.09 38.75 21.10
N LEU D 460 24.71 38.43 19.88
CA LEU D 460 25.37 39.03 18.74
C LEU D 460 24.44 39.97 17.99
N ASP D 461 23.19 39.55 17.85
CA ASP D 461 22.25 40.26 16.99
C ASP D 461 21.30 41.21 17.69
N SER D 462 21.15 41.14 19.01
CA SER D 462 20.22 42.05 19.66
C SER D 462 20.91 43.35 20.10
N LYS D 463 20.15 44.45 20.05
CA LYS D 463 20.63 45.74 20.53
C LYS D 463 19.65 46.30 21.54
N VAL D 464 20.12 47.16 22.42
CA VAL D 464 19.25 47.68 23.48
C VAL D 464 18.07 48.48 22.92
N GLY D 465 18.32 49.34 21.94
CA GLY D 465 17.25 50.11 21.35
C GLY D 465 16.48 49.31 20.31
N GLY D 466 17.02 48.14 19.99
CA GLY D 466 16.47 47.23 19.00
C GLY D 466 17.32 47.20 17.75
N ASN D 467 17.60 46.00 17.27
CA ASN D 467 18.34 45.82 16.04
C ASN D 467 17.36 45.72 14.90
N TYR D 468 17.36 46.72 14.04
CA TYR D 468 16.39 46.81 12.96
C TYR D 468 17.01 46.48 11.61
N ASN D 469 18.15 45.81 11.63
CA ASN D 469 18.83 45.45 10.39
C ASN D 469 18.42 44.10 9.87
N TYR D 470 17.54 43.41 10.57
CA TYR D 470 17.07 42.10 10.13
C TYR D 470 15.64 42.13 9.67
N LEU D 471 15.46 41.88 8.38
CA LEU D 471 14.15 41.97 7.76
C LEU D 471 13.58 40.68 7.24
N TYR D 472 12.27 40.64 7.20
CA TYR D 472 11.55 39.53 6.65
C TYR D 472 10.41 40.06 5.80
N ARG D 473 10.01 39.27 4.83
CA ARG D 473 8.90 39.62 3.98
C ARG D 473 7.61 39.21 4.65
N LEU D 474 6.73 40.16 4.75
CA LEU D 474 5.46 40.01 5.41
C LEU D 474 4.35 39.78 4.41
N PHE D 475 4.46 40.44 3.25
CA PHE D 475 3.42 40.31 2.24
C PHE D 475 4.00 39.94 0.89
N ARG D 476 3.33 39.04 0.19
CA ARG D 476 3.72 38.69 -1.16
C ARG D 476 2.49 38.20 -1.91
N LYS D 477 2.42 38.48 -3.20
CA LYS D 477 1.28 38.05 -4.01
C LYS D 477 1.10 36.54 -4.00
N SER D 478 2.19 35.80 -3.95
CA SER D 478 2.11 34.35 -3.94
C SER D 478 3.26 33.76 -3.15
N ASN D 479 3.16 32.48 -2.85
CA ASN D 479 4.20 31.78 -2.12
C ASN D 479 5.43 31.58 -2.98
N LEU D 480 6.58 31.49 -2.34
CA LEU D 480 7.84 31.21 -3.01
C LEU D 480 7.97 29.77 -3.42
N LYS D 481 8.74 29.57 -4.48
CA LYS D 481 9.11 28.23 -4.89
C LYS D 481 10.31 27.86 -4.02
N PRO D 482 10.61 26.59 -3.83
CA PRO D 482 11.75 26.12 -3.08
C PRO D 482 13.02 26.80 -3.56
N PHE D 483 13.78 27.32 -2.61
CA PHE D 483 15.04 28.01 -2.81
C PHE D 483 14.96 29.26 -3.68
N GLU D 484 13.79 29.86 -3.78
CA GLU D 484 13.61 31.12 -4.48
C GLU D 484 13.92 32.30 -3.57
N ARG D 485 14.51 33.36 -4.12
CA ARG D 485 14.71 34.59 -3.38
C ARG D 485 13.86 35.69 -3.97
N ASP D 486 13.42 36.59 -3.13
CA ASP D 486 12.70 37.77 -3.57
C ASP D 486 13.19 38.94 -2.76
N ILE D 487 13.91 39.84 -3.40
CA ILE D 487 14.50 40.95 -2.69
C ILE D 487 13.96 42.29 -3.15
N SER D 488 12.80 42.26 -3.78
CA SER D 488 12.16 43.48 -4.23
C SER D 488 11.48 44.20 -3.08
N THR D 489 11.22 45.49 -3.23
CA THR D 489 10.51 46.27 -2.23
C THR D 489 9.25 46.90 -2.80
N GLU D 490 8.75 46.34 -3.88
CA GLU D 490 7.55 46.84 -4.54
C GLU D 490 6.36 46.80 -3.60
N ILE D 491 5.59 47.88 -3.57
CA ILE D 491 4.45 47.98 -2.68
C ILE D 491 3.40 46.93 -2.99
N TYR D 492 2.95 46.26 -1.94
CA TYR D 492 1.99 45.18 -2.03
C TYR D 492 0.58 45.71 -2.10
N GLN D 493 -0.15 45.25 -3.10
CA GLN D 493 -1.53 45.66 -3.28
C GLN D 493 -2.46 44.69 -2.60
N ALA D 494 -3.08 45.13 -1.51
CA ALA D 494 -3.95 44.26 -0.74
C ALA D 494 -5.37 44.29 -1.28
N GLY D 495 -5.75 45.39 -1.91
CA GLY D 495 -7.09 45.57 -2.41
C GLY D 495 -7.17 45.46 -3.92
N SER D 496 -8.18 46.10 -4.50
CA SER D 496 -8.42 46.07 -5.93
C SER D 496 -7.85 47.31 -6.63
N THR D 497 -7.48 48.30 -5.83
CA THR D 497 -6.99 49.57 -6.33
C THR D 497 -5.46 49.56 -6.46
N PRO D 498 -4.91 49.86 -7.64
CA PRO D 498 -3.48 49.95 -7.89
C PRO D 498 -2.83 50.94 -6.94
N CYS D 499 -1.63 50.61 -6.45
CA CYS D 499 -0.90 51.42 -5.49
C CYS D 499 -0.02 52.47 -6.17
N ASN D 500 0.47 52.14 -7.35
CA ASN D 500 1.36 53.03 -8.10
C ASN D 500 2.59 53.41 -7.28
N GLY D 501 3.10 52.48 -6.47
CA GLY D 501 4.30 52.71 -5.68
C GLY D 501 4.08 53.50 -4.40
N VAL D 502 2.82 53.79 -4.05
CA VAL D 502 2.55 54.60 -2.87
C VAL D 502 1.86 53.83 -1.77
N GLU D 503 2.40 53.95 -0.56
CA GLU D 503 1.83 53.32 0.63
C GLU D 503 0.57 54.03 1.08
N GLY D 504 -0.30 53.29 1.73
CA GLY D 504 -1.55 53.86 2.19
C GLY D 504 -2.56 52.79 2.47
N PHE D 505 -3.83 53.15 2.41
CA PHE D 505 -4.84 52.18 2.71
C PHE D 505 -4.77 51.09 1.64
N ASN D 506 -4.67 49.85 2.08
CA ASN D 506 -4.52 48.67 1.22
C ASN D 506 -3.26 48.64 0.33
N CYS D 507 -2.22 49.41 0.70
CA CYS D 507 -0.93 49.47 0.00
C CYS D 507 0.19 49.39 1.02
N TYR D 508 0.84 48.25 1.08
CA TYR D 508 1.76 47.99 2.18
C TYR D 508 3.20 47.88 1.75
N PHE D 509 4.11 48.31 2.60
CA PHE D 509 5.50 48.02 2.36
C PHE D 509 5.69 46.55 2.73
N PRO D 510 6.17 45.69 1.83
CA PRO D 510 6.22 44.26 1.96
C PRO D 510 7.15 43.72 3.03
N LEU D 511 8.11 44.51 3.49
CA LEU D 511 9.06 44.03 4.47
C LEU D 511 8.78 44.59 5.86
N GLN D 512 9.26 43.88 6.86
CA GLN D 512 9.18 44.35 8.23
C GLN D 512 10.40 43.90 9.00
N SER D 513 10.78 44.62 10.04
CA SER D 513 11.94 44.24 10.81
C SER D 513 11.60 43.51 12.08
N TYR D 514 12.53 42.69 12.51
CA TYR D 514 12.40 42.05 13.79
C TYR D 514 13.05 42.99 14.77
N GLY D 515 12.32 43.48 15.73
CA GLY D 515 12.93 44.40 16.67
C GLY D 515 13.72 43.61 17.69
N PHE D 516 14.93 43.19 17.34
CA PHE D 516 15.63 42.30 18.25
C PHE D 516 16.28 43.06 19.39
N GLN D 517 15.82 42.73 20.60
CA GLN D 517 16.27 43.35 21.84
C GLN D 517 16.69 42.26 22.81
N PRO D 518 17.68 42.51 23.67
CA PRO D 518 18.22 41.58 24.63
C PRO D 518 17.22 41.20 25.71
N THR D 519 16.13 41.95 25.79
CA THR D 519 15.12 41.74 26.79
C THR D 519 13.91 40.96 26.27
N ASN D 520 13.98 40.54 25.01
CA ASN D 520 12.89 39.77 24.41
C ASN D 520 12.85 38.37 24.98
N GLY D 521 11.67 37.76 24.98
CA GLY D 521 11.55 36.38 25.43
C GLY D 521 12.19 35.49 24.39
N VAL D 522 12.42 34.22 24.71
CA VAL D 522 13.18 33.36 23.80
C VAL D 522 12.58 33.26 22.41
N GLY D 523 11.28 33.19 22.31
CA GLY D 523 10.64 33.07 21.00
C GLY D 523 10.87 34.30 20.14
N TYR D 524 11.27 35.41 20.76
CA TYR D 524 11.51 36.64 20.06
C TYR D 524 12.98 37.00 19.96
N GLN D 525 13.85 36.09 20.38
CA GLN D 525 15.27 36.31 20.26
C GLN D 525 15.70 35.87 18.87
N PRO D 526 16.77 36.43 18.32
CA PRO D 526 17.33 36.06 17.05
C PRO D 526 17.98 34.72 17.09
N TYR D 527 17.80 33.97 16.02
CA TYR D 527 18.50 32.73 15.79
C TYR D 527 19.20 32.77 14.47
N ARG D 528 20.41 32.27 14.46
CA ARG D 528 21.13 32.15 13.23
C ARG D 528 20.90 30.78 12.69
N VAL D 529 20.53 30.73 11.43
CA VAL D 529 20.19 29.48 10.81
C VAL D 529 21.06 29.22 9.63
N VAL D 530 21.61 28.02 9.58
CA VAL D 530 22.35 27.55 8.44
C VAL D 530 21.67 26.30 7.92
N VAL D 531 21.33 26.32 6.65
CA VAL D 531 20.71 25.17 6.05
C VAL D 531 21.66 24.55 5.07
N LEU D 532 22.02 23.30 5.30
CA LEU D 532 22.91 22.59 4.40
C LEU D 532 22.12 21.69 3.49
N SER D 533 22.08 22.06 2.22
CA SER D 533 21.35 21.33 1.20
C SER D 533 22.29 20.39 0.47
N PHE D 534 21.94 19.12 0.44
CA PHE D 534 22.83 18.11 -0.15
C PHE D 534 22.31 17.65 -1.50
N GLU D 535 23.05 17.98 -2.55
CA GLU D 535 22.64 17.63 -3.89
C GLU D 535 23.21 16.28 -4.30
N LEU D 536 22.33 15.43 -4.82
CA LEU D 536 22.67 14.08 -5.27
C LEU D 536 22.27 13.81 -6.72
N LEU D 537 23.16 13.99 -7.68
CA LEU D 537 22.78 13.63 -9.04
C LEU D 537 23.86 12.72 -9.60
N HIS D 538 23.54 11.98 -10.65
CA HIS D 538 24.50 11.04 -11.20
C HIS D 538 25.56 11.75 -12.01
N ALA D 539 26.55 12.24 -11.28
CA ALA D 539 27.65 13.05 -11.74
C ALA D 539 28.79 12.80 -10.76
N PRO D 540 30.04 13.19 -11.04
CA PRO D 540 31.14 13.01 -10.14
C PRO D 540 30.79 13.68 -8.83
N ALA D 541 31.07 13.01 -7.72
CA ALA D 541 30.83 13.64 -6.43
C ALA D 541 32.05 14.48 -6.11
N THR D 542 31.84 15.65 -5.50
CA THR D 542 32.97 16.52 -5.22
C THR D 542 33.14 16.80 -3.74
N VAL D 543 32.11 16.52 -2.94
CA VAL D 543 32.18 16.73 -1.51
C VAL D 543 31.97 15.40 -0.82
N CYS D 544 32.99 14.91 -0.11
CA CYS D 544 32.96 13.59 0.54
C CYS D 544 33.37 13.71 1.97
N GLY D 545 32.82 12.85 2.81
CA GLY D 545 33.22 12.82 4.19
C GLY D 545 34.65 12.32 4.33
N PRO D 546 35.21 12.39 5.53
CA PRO D 546 36.58 12.07 5.88
C PRO D 546 36.81 10.58 6.00
N LYS D 547 36.57 9.87 4.90
CA LYS D 547 36.80 8.44 4.85
C LYS D 547 38.19 8.14 4.40
N LYS D 548 38.76 7.07 4.93
CA LYS D 548 40.06 6.65 4.48
C LYS D 548 39.88 5.70 3.33
N SER D 549 40.76 5.78 2.36
CA SER D 549 40.70 4.85 1.26
C SER D 549 41.56 3.64 1.56
N THR D 550 41.21 2.54 0.95
CA THR D 550 41.92 1.29 1.08
C THR D 550 42.54 0.94 -0.26
N ASN D 551 43.35 -0.10 -0.27
CA ASN D 551 43.94 -0.55 -1.52
C ASN D 551 42.86 -1.18 -2.37
N LEU D 552 42.97 -1.01 -3.67
CA LEU D 552 42.01 -1.62 -4.58
C LEU D 552 42.30 -3.10 -4.72
N VAL D 553 41.26 -3.92 -4.58
CA VAL D 553 41.41 -5.36 -4.71
C VAL D 553 40.62 -5.90 -5.87
N LYS D 554 41.29 -6.62 -6.74
CA LYS D 554 40.66 -7.19 -7.91
C LYS D 554 40.61 -8.70 -7.87
N ASN D 555 39.67 -9.25 -8.63
CA ASN D 555 39.45 -10.68 -8.81
C ASN D 555 39.10 -11.40 -7.51
N LYS D 556 38.41 -10.71 -6.62
CA LYS D 556 37.96 -11.26 -5.36
C LYS D 556 36.60 -10.67 -5.03
N CYS D 557 35.76 -11.40 -4.29
CA CYS D 557 34.48 -10.92 -3.78
C CYS D 557 34.68 -9.93 -2.67
N VAL D 558 34.27 -8.69 -2.87
CA VAL D 558 34.45 -7.63 -1.90
C VAL D 558 33.20 -6.79 -1.70
N ASN D 559 33.16 -6.09 -0.58
CA ASN D 559 32.19 -5.04 -0.33
C ASN D 559 32.84 -3.76 -0.78
N PHE D 560 32.30 -3.08 -1.77
CA PHE D 560 32.97 -1.89 -2.26
C PHE D 560 32.18 -0.61 -2.04
N ASN D 561 32.93 0.49 -2.01
CA ASN D 561 32.40 1.85 -1.95
C ASN D 561 33.23 2.77 -2.85
N PHE D 562 32.72 3.09 -4.02
CA PHE D 562 33.45 3.96 -4.95
C PHE D 562 32.84 5.34 -5.02
N ASN D 563 33.42 6.27 -4.29
CA ASN D 563 32.97 7.65 -4.27
C ASN D 563 31.47 7.73 -3.98
N GLY D 564 30.99 6.89 -3.05
CA GLY D 564 29.58 6.87 -2.67
C GLY D 564 28.79 5.71 -3.29
N LEU D 565 29.32 5.07 -4.32
CA LEU D 565 28.65 3.92 -4.94
C LEU D 565 28.91 2.65 -4.18
N THR D 566 27.88 2.02 -3.65
CA THR D 566 28.13 0.84 -2.84
C THR D 566 27.43 -0.41 -3.35
N GLY D 567 28.06 -1.54 -3.05
CA GLY D 567 27.53 -2.84 -3.41
C GLY D 567 28.53 -3.96 -3.12
N THR D 568 28.14 -5.17 -3.48
CA THR D 568 28.99 -6.34 -3.27
C THR D 568 29.24 -7.00 -4.61
N GLY D 569 30.48 -7.34 -4.88
CA GLY D 569 30.78 -7.97 -6.15
C GLY D 569 32.26 -8.19 -6.37
N VAL D 570 32.59 -8.60 -7.58
CA VAL D 570 33.94 -8.89 -7.97
C VAL D 570 34.39 -7.84 -8.97
N LEU D 571 35.50 -7.20 -8.66
CA LEU D 571 36.04 -6.15 -9.48
C LEU D 571 37.11 -6.68 -10.42
N THR D 572 36.94 -6.46 -11.71
CA THR D 572 37.91 -6.93 -12.68
C THR D 572 38.31 -5.79 -13.59
N GLU D 573 39.40 -5.95 -14.32
CA GLU D 573 39.79 -4.91 -15.26
C GLU D 573 38.83 -4.92 -16.43
N SER D 574 38.37 -3.75 -16.84
CA SER D 574 37.39 -3.65 -17.90
C SER D 574 37.99 -3.38 -19.26
N ASN D 575 37.28 -3.81 -20.29
CA ASN D 575 37.65 -3.50 -21.66
C ASN D 575 36.65 -2.53 -22.29
N LYS D 576 35.86 -1.87 -21.45
CA LYS D 576 34.89 -0.89 -21.92
C LYS D 576 35.57 0.43 -22.19
N LYS D 577 35.15 1.08 -23.26
CA LYS D 577 35.71 2.37 -23.62
C LYS D 577 34.93 3.52 -23.03
N PHE D 578 35.17 3.85 -21.79
CA PHE D 578 34.43 4.97 -21.22
C PHE D 578 34.93 6.24 -21.84
N LEU D 579 34.02 7.15 -22.10
CA LEU D 579 34.42 8.45 -22.58
C LEU D 579 34.98 9.18 -21.38
N PRO D 580 35.86 10.17 -21.56
CA PRO D 580 36.54 10.92 -20.51
C PRO D 580 35.63 11.49 -19.44
N PHE D 581 34.36 11.72 -19.76
CA PHE D 581 33.44 12.31 -18.80
C PHE D 581 32.57 11.30 -18.06
N GLN D 582 32.60 10.04 -18.50
CA GLN D 582 31.73 9.02 -17.92
C GLN D 582 32.35 8.43 -16.67
N GLN D 583 31.55 8.34 -15.61
CA GLN D 583 32.04 7.92 -14.31
C GLN D 583 31.74 6.48 -13.94
N PHE D 584 30.69 5.94 -14.53
CA PHE D 584 30.25 4.59 -14.25
C PHE D 584 29.47 4.13 -15.44
N GLY D 585 29.18 2.85 -15.51
CA GLY D 585 28.38 2.33 -16.60
C GLY D 585 27.20 1.55 -16.08
N ARG D 586 26.27 1.27 -16.98
CA ARG D 586 25.11 0.46 -16.66
C ARG D 586 24.84 -0.59 -17.72
N ASP D 587 24.22 -1.67 -17.27
CA ASP D 587 23.84 -2.82 -18.06
C ASP D 587 22.51 -2.60 -18.78
N ILE D 588 22.07 -3.60 -19.52
CA ILE D 588 20.79 -3.57 -20.23
C ILE D 588 19.66 -3.36 -19.21
N ALA D 589 19.84 -3.95 -18.04
CA ALA D 589 18.91 -3.88 -16.92
C ALA D 589 18.93 -2.49 -16.26
N ASP D 590 19.83 -1.64 -16.72
CA ASP D 590 20.06 -0.30 -16.21
C ASP D 590 20.53 -0.34 -14.76
N THR D 591 21.39 -1.31 -14.45
CA THR D 591 22.00 -1.43 -13.14
C THR D 591 23.50 -1.23 -13.32
N THR D 592 24.19 -0.75 -12.29
CA THR D 592 25.61 -0.47 -12.43
C THR D 592 26.39 -1.73 -12.72
N ASP D 593 27.26 -1.69 -13.73
CA ASP D 593 28.07 -2.85 -14.05
C ASP D 593 29.53 -2.50 -14.30
N ALA D 594 29.87 -1.23 -14.08
CA ALA D 594 31.22 -0.75 -14.28
C ALA D 594 31.40 0.53 -13.54
N VAL D 595 32.60 0.78 -13.05
CA VAL D 595 32.89 2.02 -12.34
C VAL D 595 34.29 2.54 -12.64
N ARG D 596 34.41 3.85 -12.71
CA ARG D 596 35.72 4.48 -12.83
C ARG D 596 36.27 4.74 -11.43
N ASP D 597 37.45 4.22 -11.15
CA ASP D 597 38.05 4.45 -9.84
C ASP D 597 38.37 5.94 -9.67
N PRO D 598 38.02 6.55 -8.52
CA PRO D 598 38.22 7.96 -8.20
C PRO D 598 39.66 8.41 -7.96
N GLN D 599 40.62 7.51 -7.76
CA GLN D 599 42.00 7.97 -7.54
C GLN D 599 42.85 7.72 -8.76
N THR D 600 42.68 6.56 -9.37
CA THR D 600 43.37 6.25 -10.60
C THR D 600 42.27 6.05 -11.58
N LEU D 601 42.33 6.63 -12.75
CA LEU D 601 41.15 6.58 -13.59
C LEU D 601 41.06 5.30 -14.41
N GLU D 602 40.97 4.19 -13.69
CA GLU D 602 40.89 2.84 -14.18
C GLU D 602 39.44 2.44 -14.29
N ILE D 603 39.09 1.73 -15.35
CA ILE D 603 37.71 1.26 -15.45
C ILE D 603 37.63 -0.18 -15.02
N LEU D 604 36.76 -0.42 -14.06
CA LEU D 604 36.55 -1.74 -13.53
C LEU D 604 35.19 -2.26 -13.90
N ASP D 605 35.10 -3.56 -14.15
CA ASP D 605 33.83 -4.22 -14.34
C ASP D 605 33.36 -4.82 -13.05
N ILE D 606 32.07 -4.75 -12.80
CA ILE D 606 31.54 -5.31 -11.57
C ILE D 606 30.60 -6.46 -11.86
N THR D 607 30.90 -7.61 -11.29
CA THR D 607 29.99 -8.74 -11.44
C THR D 607 29.55 -9.10 -10.04
N PRO D 608 28.39 -9.71 -9.84
CA PRO D 608 27.96 -10.24 -8.57
C PRO D 608 28.89 -11.36 -8.16
N CYS D 609 28.96 -11.60 -6.85
CA CYS D 609 29.68 -12.74 -6.29
C CYS D 609 28.85 -13.98 -6.60
N SER D 610 29.48 -15.10 -6.81
CA SER D 610 28.76 -16.28 -7.25
C SER D 610 27.65 -16.65 -6.31
N PHE D 611 26.50 -17.01 -6.89
CA PHE D 611 25.36 -17.44 -6.12
C PHE D 611 24.53 -18.37 -6.98
N GLY D 612 23.63 -19.10 -6.33
CA GLY D 612 22.72 -19.98 -7.05
C GLY D 612 21.90 -20.80 -6.09
N GLY D 613 20.90 -21.49 -6.58
CA GLY D 613 20.05 -22.29 -5.71
C GLY D 613 20.77 -23.54 -5.24
N VAL D 614 20.34 -24.06 -4.09
CA VAL D 614 20.89 -25.30 -3.60
C VAL D 614 19.80 -26.33 -3.47
N SER D 615 19.97 -27.42 -4.20
CA SER D 615 18.98 -28.48 -4.18
C SER D 615 19.54 -29.74 -3.56
N VAL D 616 18.73 -30.41 -2.77
CA VAL D 616 19.15 -31.62 -2.11
C VAL D 616 18.49 -32.82 -2.76
N ILE D 617 19.34 -33.74 -3.18
CA ILE D 617 18.95 -34.96 -3.84
C ILE D 617 18.91 -36.04 -2.81
N THR D 618 17.78 -36.69 -2.66
CA THR D 618 17.72 -37.69 -1.64
C THR D 618 16.76 -38.82 -2.00
N PRO D 619 17.08 -40.07 -1.64
CA PRO D 619 16.18 -41.18 -1.61
C PRO D 619 15.31 -40.87 -0.43
N GLY D 620 14.14 -41.44 -0.32
CA GLY D 620 13.39 -41.05 0.84
C GLY D 620 14.07 -41.53 2.11
N THR D 621 13.70 -40.92 3.23
CA THR D 621 14.25 -41.27 4.55
C THR D 621 13.84 -42.67 5.04
N ASN D 622 12.91 -43.31 4.32
CA ASN D 622 12.49 -44.69 4.51
C ASN D 622 13.59 -45.68 4.06
N THR D 623 14.50 -45.19 3.18
CA THR D 623 15.60 -45.95 2.58
C THR D 623 16.96 -45.54 3.11
N SER D 624 17.23 -44.23 3.15
CA SER D 624 18.53 -43.76 3.58
C SER D 624 18.54 -42.30 3.99
N ASN D 625 19.44 -41.94 4.90
CA ASN D 625 19.62 -40.55 5.28
C ASN D 625 20.78 -39.91 4.54
N GLN D 626 21.31 -40.61 3.55
CA GLN D 626 22.39 -40.12 2.73
C GLN D 626 21.85 -39.19 1.66
N VAL D 627 22.51 -38.06 1.46
CA VAL D 627 22.06 -37.11 0.46
C VAL D 627 23.19 -36.64 -0.44
N ALA D 628 22.82 -36.05 -1.56
CA ALA D 628 23.75 -35.39 -2.46
C ALA D 628 23.25 -33.97 -2.66
N VAL D 629 24.14 -33.03 -2.87
CA VAL D 629 23.73 -31.66 -3.03
C VAL D 629 24.15 -31.04 -4.34
N LEU D 630 23.21 -30.41 -5.01
CA LEU D 630 23.46 -29.71 -6.25
C LEU D 630 23.51 -28.21 -6.06
N TYR D 631 24.63 -27.62 -6.45
CA TYR D 631 24.78 -26.18 -6.42
C TYR D 631 24.48 -25.70 -7.81
N GLN D 632 23.31 -25.11 -7.98
CA GLN D 632 22.78 -24.87 -9.30
C GLN D 632 23.43 -23.71 -10.01
N ASP D 633 23.94 -24.00 -11.20
CA ASP D 633 24.66 -23.03 -12.02
C ASP D 633 25.79 -22.35 -11.24
N VAL D 634 26.55 -23.18 -10.53
CA VAL D 634 27.71 -22.80 -9.73
C VAL D 634 28.87 -23.70 -10.12
N ASN D 635 30.11 -23.16 -10.14
CA ASN D 635 31.31 -23.94 -10.40
C ASN D 635 31.77 -24.67 -9.16
N CYS D 636 32.43 -25.82 -9.29
CA CYS D 636 32.90 -26.65 -8.21
C CYS D 636 34.14 -26.04 -7.51
N THR D 637 34.60 -24.93 -8.09
CA THR D 637 35.72 -24.18 -7.56
C THR D 637 35.21 -23.03 -6.68
N GLU D 638 33.91 -22.78 -6.74
CA GLU D 638 33.29 -21.68 -6.01
C GLU D 638 32.57 -22.18 -4.77
N VAL D 639 32.10 -23.41 -4.82
CA VAL D 639 31.31 -23.98 -3.74
C VAL D 639 31.98 -24.01 -2.34
N PRO D 640 33.27 -24.44 -2.16
CA PRO D 640 33.94 -24.51 -0.86
C PRO D 640 34.54 -23.15 -0.50
N ASN D 660 33.62 -37.05 -4.19
CA ASN D 660 32.54 -37.21 -5.16
C ASN D 660 32.00 -35.84 -5.63
N VAL D 661 32.83 -35.11 -6.39
CA VAL D 661 32.45 -33.81 -6.95
C VAL D 661 32.35 -33.87 -8.47
N PHE D 662 31.13 -33.73 -8.97
CA PHE D 662 30.83 -33.87 -10.38
C PHE D 662 30.27 -32.58 -10.97
N GLN D 663 31.00 -32.00 -11.92
CA GLN D 663 30.56 -30.77 -12.53
C GLN D 663 29.70 -31.09 -13.74
N THR D 664 28.46 -30.60 -13.72
CA THR D 664 27.58 -30.81 -14.86
C THR D 664 26.91 -29.51 -15.27
N ARG D 665 26.14 -29.56 -16.35
CA ARG D 665 25.46 -28.37 -16.84
C ARG D 665 24.48 -27.77 -15.85
N ALA D 666 23.85 -28.62 -15.06
CA ALA D 666 22.88 -28.19 -14.07
C ALA D 666 23.54 -27.50 -12.88
N GLY D 667 24.83 -27.72 -12.68
CA GLY D 667 25.50 -27.19 -11.51
C GLY D 667 26.55 -28.18 -10.98
N CYS D 668 27.06 -27.94 -9.78
CA CYS D 668 28.07 -28.79 -9.15
C CYS D 668 27.36 -29.78 -8.23
N LEU D 669 27.47 -31.05 -8.55
CA LEU D 669 26.81 -32.09 -7.78
C LEU D 669 27.79 -32.77 -6.85
N ILE D 670 27.55 -32.66 -5.57
CA ILE D 670 28.47 -33.19 -4.57
C ILE D 670 27.83 -34.27 -3.72
N GLY D 671 28.49 -35.41 -3.62
CA GLY D 671 28.01 -36.53 -2.82
C GLY D 671 27.48 -37.67 -3.67
N ALA D 672 27.31 -37.44 -4.96
CA ALA D 672 26.86 -38.48 -5.86
C ALA D 672 28.04 -38.98 -6.69
N GLU D 673 28.17 -40.28 -6.80
CA GLU D 673 29.25 -40.85 -7.59
C GLU D 673 28.87 -40.94 -9.05
N HIS D 674 29.68 -40.33 -9.90
CA HIS D 674 29.40 -40.36 -11.33
C HIS D 674 29.82 -41.69 -11.92
N VAL D 675 28.92 -42.32 -12.67
CA VAL D 675 29.23 -43.59 -13.29
C VAL D 675 29.00 -43.50 -14.81
N ASN D 676 29.59 -44.45 -15.57
CA ASN D 676 29.46 -44.52 -17.02
C ASN D 676 28.27 -45.42 -17.48
N ASN D 677 27.50 -45.95 -16.52
CA ASN D 677 26.35 -46.81 -16.77
C ASN D 677 25.09 -46.00 -16.79
N SER D 678 24.38 -46.03 -17.91
CA SER D 678 23.12 -45.31 -18.00
C SER D 678 22.02 -46.18 -17.43
N TYR D 679 20.98 -45.55 -16.91
CA TYR D 679 19.83 -46.27 -16.40
C TYR D 679 18.59 -45.46 -16.67
N GLU D 680 17.42 -46.01 -16.33
CA GLU D 680 16.23 -45.21 -16.46
C GLU D 680 16.31 -44.09 -15.46
N CYS D 681 15.75 -42.93 -15.69
CA CYS D 681 15.71 -41.79 -14.87
C CYS D 681 15.06 -41.99 -13.54
N ASP D 682 15.56 -41.66 -12.43
CA ASP D 682 14.95 -41.76 -11.13
C ASP D 682 14.72 -40.36 -10.59
N ILE D 683 15.77 -39.74 -10.04
CA ILE D 683 15.66 -38.35 -9.62
C ILE D 683 16.36 -37.47 -10.66
N PRO D 684 15.65 -36.61 -11.37
CA PRO D 684 16.20 -35.77 -12.40
C PRO D 684 17.11 -34.71 -11.82
N ILE D 685 18.25 -34.47 -12.45
CA ILE D 685 19.15 -33.41 -12.05
C ILE D 685 19.00 -32.28 -13.06
N GLY D 686 19.04 -32.66 -14.34
CA GLY D 686 18.91 -31.73 -15.44
C GLY D 686 19.98 -31.98 -16.48
N ALA D 687 19.72 -31.54 -17.71
CA ALA D 687 20.66 -31.66 -18.81
C ALA D 687 21.09 -33.10 -19.07
N GLY D 688 20.15 -34.02 -18.98
CA GLY D 688 20.41 -35.42 -19.29
C GLY D 688 20.90 -36.23 -18.11
N ILE D 689 21.16 -35.58 -17.00
CA ILE D 689 21.67 -36.25 -15.82
C ILE D 689 20.57 -36.54 -14.82
N CYS D 690 20.56 -37.78 -14.31
CA CYS D 690 19.66 -38.27 -13.28
C CYS D 690 20.50 -38.91 -12.18
N ALA D 691 19.93 -39.02 -10.99
CA ALA D 691 20.59 -39.65 -9.87
C ALA D 691 19.71 -40.69 -9.24
N SER D 692 20.33 -41.67 -8.62
CA SER D 692 19.57 -42.72 -7.94
C SER D 692 20.36 -43.35 -6.82
N TYR D 693 19.66 -44.07 -5.95
CA TYR D 693 20.32 -44.77 -4.85
C TYR D 693 20.41 -46.26 -5.19
N GLN D 694 21.65 -46.77 -5.33
CA GLN D 694 21.93 -48.15 -5.70
C GLN D 694 23.11 -48.68 -4.92
N GLN D 709 25.11 -49.56 -0.50
CA GLN D 709 24.49 -48.73 -1.51
C GLN D 709 24.91 -47.26 -1.31
N SER D 710 24.84 -46.47 -2.40
CA SER D 710 25.17 -45.04 -2.39
C SER D 710 24.42 -44.30 -3.49
N ILE D 711 24.51 -42.98 -3.47
CA ILE D 711 23.90 -42.16 -4.52
C ILE D 711 24.84 -42.03 -5.68
N ILE D 712 24.33 -42.29 -6.88
CA ILE D 712 25.10 -42.19 -8.10
C ILE D 712 24.45 -41.24 -9.06
N ALA D 713 25.24 -40.73 -9.99
CA ALA D 713 24.76 -39.87 -11.05
C ALA D 713 25.15 -40.48 -12.38
N TYR D 714 24.28 -40.34 -13.36
CA TYR D 714 24.50 -40.91 -14.68
C TYR D 714 23.73 -40.18 -15.75
N THR D 715 24.13 -40.39 -16.99
CA THR D 715 23.33 -39.90 -18.09
C THR D 715 22.21 -40.88 -18.27
N MET D 716 20.99 -40.38 -18.31
CA MET D 716 19.86 -41.27 -18.38
C MET D 716 19.75 -41.95 -19.73
N SER D 717 19.24 -43.17 -19.69
CA SER D 717 18.95 -43.94 -20.88
C SER D 717 17.59 -43.54 -21.40
N LEU D 718 17.42 -43.55 -22.70
CA LEU D 718 16.13 -43.22 -23.26
C LEU D 718 15.36 -44.49 -23.58
N GLY D 719 15.96 -45.62 -23.24
CA GLY D 719 15.38 -46.92 -23.52
C GLY D 719 16.39 -47.81 -24.24
N ALA D 720 16.08 -49.09 -24.32
CA ALA D 720 16.94 -50.04 -25.00
C ALA D 720 16.93 -49.76 -26.49
N GLU D 721 18.04 -50.02 -27.16
CA GLU D 721 18.06 -49.84 -28.61
C GLU D 721 17.48 -51.06 -29.30
N ASN D 722 16.87 -50.84 -30.45
CA ASN D 722 16.32 -51.92 -31.25
C ASN D 722 16.44 -51.65 -32.75
N SER D 723 17.38 -52.32 -33.41
CA SER D 723 17.46 -52.16 -34.84
C SER D 723 16.37 -53.04 -35.43
N VAL D 724 15.49 -52.44 -36.22
CA VAL D 724 14.40 -53.21 -36.79
C VAL D 724 14.89 -53.97 -38.01
N ALA D 725 14.54 -55.24 -38.11
CA ALA D 725 15.02 -56.08 -39.21
C ALA D 725 14.29 -55.81 -40.50
N TYR D 726 14.45 -54.61 -41.00
CA TYR D 726 13.78 -54.17 -42.21
C TYR D 726 14.44 -54.71 -43.47
N SER D 727 13.62 -55.14 -44.40
CA SER D 727 14.04 -55.54 -45.73
C SER D 727 12.84 -55.30 -46.63
N ASN D 728 13.03 -55.35 -47.95
CA ASN D 728 11.96 -55.06 -48.92
C ASN D 728 10.97 -56.21 -49.11
N ASN D 729 11.27 -57.41 -48.55
CA ASN D 729 10.43 -58.59 -48.65
C ASN D 729 10.26 -59.33 -47.35
N SER D 730 10.30 -58.64 -46.21
CA SER D 730 10.14 -59.36 -44.95
C SER D 730 9.12 -58.68 -44.08
N ILE D 731 8.15 -59.45 -43.62
CA ILE D 731 7.11 -58.91 -42.78
C ILE D 731 7.02 -59.73 -41.51
N ALA D 732 6.84 -59.07 -40.38
CA ALA D 732 6.61 -59.84 -39.18
C ALA D 732 5.13 -59.89 -38.99
N ILE D 733 4.62 -61.00 -38.51
CA ILE D 733 3.19 -61.10 -38.23
C ILE D 733 2.97 -61.81 -36.90
N PRO D 734 2.25 -61.20 -35.94
CA PRO D 734 1.95 -61.77 -34.66
C PRO D 734 1.23 -63.07 -34.82
N THR D 735 1.63 -64.04 -34.04
CA THR D 735 0.96 -65.36 -34.07
C THR D 735 0.06 -65.62 -32.86
N ASN D 736 0.12 -64.72 -31.89
CA ASN D 736 -0.59 -64.78 -30.62
C ASN D 736 -0.81 -63.34 -30.15
N PHE D 737 -1.53 -63.16 -29.06
CA PHE D 737 -1.84 -61.86 -28.48
C PHE D 737 -2.12 -62.01 -27.02
N THR D 738 -2.09 -60.90 -26.31
CA THR D 738 -2.52 -60.87 -24.94
C THR D 738 -3.58 -59.81 -24.75
N ILE D 739 -4.36 -59.95 -23.68
CA ILE D 739 -5.31 -58.93 -23.33
C ILE D 739 -4.75 -58.19 -22.16
N SER D 740 -4.61 -56.89 -22.32
CA SER D 740 -4.02 -56.07 -21.29
C SER D 740 -5.01 -55.11 -20.72
N VAL D 741 -4.92 -54.87 -19.42
CA VAL D 741 -5.75 -53.87 -18.81
C VAL D 741 -4.90 -52.76 -18.23
N THR D 742 -5.12 -51.56 -18.72
CA THR D 742 -4.39 -50.37 -18.32
C THR D 742 -5.25 -49.48 -17.46
N THR D 743 -4.70 -48.98 -16.38
CA THR D 743 -5.46 -48.08 -15.53
C THR D 743 -5.08 -46.64 -15.84
N GLU D 744 -6.06 -45.83 -16.21
CA GLU D 744 -5.84 -44.41 -16.45
C GLU D 744 -6.62 -43.58 -15.46
N ILE D 745 -5.91 -42.72 -14.76
CA ILE D 745 -6.54 -41.94 -13.70
C ILE D 745 -6.60 -40.47 -14.03
N LEU D 746 -7.80 -39.91 -14.00
CA LEU D 746 -7.98 -38.49 -14.30
C LEU D 746 -8.77 -37.78 -13.20
N PRO D 747 -8.34 -36.60 -12.78
CA PRO D 747 -9.09 -35.67 -11.96
C PRO D 747 -10.33 -35.24 -12.71
N VAL D 748 -11.42 -35.12 -11.99
CA VAL D 748 -12.66 -34.64 -12.55
C VAL D 748 -13.08 -33.38 -11.86
N SER D 749 -12.92 -33.35 -10.56
CA SER D 749 -13.40 -32.21 -9.81
C SER D 749 -12.42 -31.82 -8.73
N MET D 750 -12.70 -30.69 -8.15
CA MET D 750 -11.88 -30.09 -7.11
C MET D 750 -12.76 -29.78 -5.93
N THR D 751 -12.21 -29.79 -4.72
CA THR D 751 -13.00 -29.46 -3.55
C THR D 751 -13.61 -28.07 -3.67
N LYS D 752 -14.90 -27.97 -3.41
CA LYS D 752 -15.61 -26.71 -3.57
C LYS D 752 -15.50 -25.84 -2.35
N THR D 753 -14.40 -25.12 -2.25
CA THR D 753 -14.20 -24.29 -1.10
C THR D 753 -14.96 -23.01 -1.27
N SER D 754 -15.22 -22.35 -0.16
CA SER D 754 -15.87 -21.06 -0.16
C SER D 754 -15.29 -20.17 0.92
N VAL D 755 -14.77 -19.04 0.53
CA VAL D 755 -14.17 -18.16 1.51
C VAL D 755 -14.96 -16.90 1.60
N ASP D 756 -15.40 -16.58 2.80
CA ASP D 756 -16.13 -15.36 3.07
C ASP D 756 -15.11 -14.23 3.22
N CYS D 757 -15.03 -13.36 2.19
CA CYS D 757 -13.97 -12.30 2.17
C CYS D 757 -14.08 -11.41 3.38
N THR D 758 -15.21 -10.92 3.76
CA THR D 758 -15.29 -10.05 4.91
C THR D 758 -14.91 -10.79 6.18
N MET D 759 -15.40 -12.02 6.35
CA MET D 759 -15.06 -12.77 7.56
C MET D 759 -13.56 -13.01 7.67
N TYR D 760 -12.94 -13.36 6.56
CA TYR D 760 -11.51 -13.63 6.50
C TYR D 760 -10.70 -12.41 6.87
N ILE D 761 -11.03 -11.29 6.27
CA ILE D 761 -10.25 -10.07 6.48
C ILE D 761 -10.57 -9.37 7.81
N CYS D 762 -11.86 -9.19 8.12
CA CYS D 762 -12.38 -8.42 9.25
C CYS D 762 -13.29 -9.26 10.13
N GLY D 763 -12.85 -10.46 10.47
CA GLY D 763 -13.72 -11.35 11.23
C GLY D 763 -14.23 -10.70 12.51
N ASP D 764 -15.55 -10.66 12.62
CA ASP D 764 -16.28 -10.12 13.76
C ASP D 764 -15.87 -8.70 14.15
N SER D 765 -15.57 -7.86 13.18
CA SER D 765 -15.16 -6.49 13.51
C SER D 765 -15.84 -5.42 12.68
N THR D 766 -16.65 -4.60 13.34
CA THR D 766 -17.37 -3.53 12.68
C THR D 766 -16.43 -2.44 12.17
N GLU D 767 -15.44 -2.09 12.97
CA GLU D 767 -14.52 -1.02 12.57
C GLU D 767 -13.74 -1.38 11.30
N CYS D 768 -13.27 -2.64 11.22
CA CYS D 768 -12.54 -3.16 10.07
C CYS D 768 -13.48 -3.28 8.88
N SER D 769 -14.68 -3.80 9.11
CA SER D 769 -15.63 -4.00 8.05
C SER D 769 -15.94 -2.69 7.35
N ASN D 770 -16.09 -1.61 8.11
CA ASN D 770 -16.37 -0.32 7.50
C ASN D 770 -15.19 0.18 6.67
N LEU D 771 -13.96 -0.03 7.14
CA LEU D 771 -12.79 0.37 6.36
C LEU D 771 -12.71 -0.40 5.06
N LEU D 772 -13.11 -1.65 5.11
CA LEU D 772 -13.08 -2.53 3.96
C LEU D 772 -14.01 -2.06 2.84
N LEU D 773 -14.98 -1.20 3.16
CA LEU D 773 -15.92 -0.72 2.16
C LEU D 773 -15.28 0.32 1.27
N GLN D 774 -14.11 0.80 1.69
CA GLN D 774 -13.40 1.82 0.94
C GLN D 774 -12.71 1.18 -0.25
N TYR D 775 -12.74 -0.14 -0.29
CA TYR D 775 -12.13 -0.91 -1.34
C TYR D 775 -13.17 -1.39 -2.34
N GLY D 776 -14.36 -0.82 -2.22
CA GLY D 776 -15.41 -1.07 -3.18
C GLY D 776 -15.91 -2.49 -3.24
N SER D 777 -15.87 -3.06 -4.44
CA SER D 777 -16.39 -4.38 -4.73
C SER D 777 -15.37 -5.49 -4.66
N PHE D 778 -14.15 -5.22 -4.19
CA PHE D 778 -13.16 -6.30 -4.19
C PHE D 778 -13.69 -7.61 -3.56
N CYS D 779 -14.35 -7.54 -2.40
CA CYS D 779 -14.90 -8.75 -1.76
C CYS D 779 -16.04 -9.37 -2.53
N THR D 780 -16.84 -8.56 -3.20
CA THR D 780 -17.95 -9.11 -3.94
C THR D 780 -17.44 -9.95 -5.10
N GLN D 781 -16.45 -9.42 -5.83
CA GLN D 781 -15.94 -10.15 -6.96
C GLN D 781 -15.07 -11.35 -6.57
N LEU D 782 -14.47 -11.32 -5.37
CA LEU D 782 -13.74 -12.49 -4.91
C LEU D 782 -14.70 -13.60 -4.51
N ASN D 783 -15.80 -13.22 -3.87
CA ASN D 783 -16.79 -14.22 -3.49
C ASN D 783 -17.42 -14.81 -4.73
N ARG D 784 -17.61 -13.97 -5.75
CA ARG D 784 -18.20 -14.38 -7.01
C ARG D 784 -17.29 -15.35 -7.75
N ALA D 785 -15.99 -15.07 -7.78
CA ALA D 785 -15.04 -15.92 -8.46
C ALA D 785 -15.01 -17.32 -7.87
N LEU D 786 -15.04 -17.42 -6.54
CA LEU D 786 -15.03 -18.72 -5.91
C LEU D 786 -16.34 -19.44 -6.08
N THR D 787 -17.43 -18.70 -6.12
CA THR D 787 -18.73 -19.31 -6.35
C THR D 787 -18.77 -19.92 -7.73
N GLY D 788 -18.25 -19.20 -8.72
CA GLY D 788 -18.20 -19.69 -10.08
C GLY D 788 -17.41 -20.99 -10.18
N ILE D 789 -16.32 -21.09 -9.43
CA ILE D 789 -15.54 -22.32 -9.42
C ILE D 789 -16.36 -23.45 -8.85
N ALA D 790 -17.01 -23.21 -7.73
CA ALA D 790 -17.80 -24.26 -7.10
C ALA D 790 -18.86 -24.80 -8.04
N VAL D 791 -19.51 -23.91 -8.79
CA VAL D 791 -20.54 -24.33 -9.73
C VAL D 791 -19.93 -25.18 -10.82
N GLU D 792 -18.79 -24.77 -11.31
CA GLU D 792 -18.06 -25.50 -12.33
C GLU D 792 -17.72 -26.91 -11.89
N GLN D 793 -17.39 -27.11 -10.62
CA GLN D 793 -17.01 -28.43 -10.17
C GLN D 793 -18.18 -29.40 -10.22
N ASP D 794 -19.39 -28.90 -10.00
CA ASP D 794 -20.55 -29.77 -10.13
C ASP D 794 -20.79 -30.06 -11.59
N LYS D 795 -20.55 -29.07 -12.43
CA LYS D 795 -20.69 -29.25 -13.87
C LYS D 795 -19.70 -30.27 -14.40
N ASN D 796 -18.46 -30.24 -13.91
CA ASN D 796 -17.44 -31.16 -14.36
C ASN D 796 -17.84 -32.59 -14.06
N THR D 797 -18.37 -32.79 -12.86
CA THR D 797 -18.79 -34.11 -12.45
C THR D 797 -19.95 -34.59 -13.30
N GLN D 798 -20.91 -33.71 -13.54
CA GLN D 798 -22.09 -34.07 -14.30
C GLN D 798 -21.73 -34.46 -15.74
N GLU D 799 -20.82 -33.72 -16.35
CA GLU D 799 -20.43 -34.00 -17.72
C GLU D 799 -19.65 -35.31 -17.89
N VAL D 800 -18.89 -35.70 -16.87
CA VAL D 800 -18.15 -36.93 -16.95
C VAL D 800 -19.02 -38.15 -16.67
N PHE D 801 -19.85 -38.11 -15.62
CA PHE D 801 -20.57 -39.30 -15.23
C PHE D 801 -22.00 -39.41 -15.73
N ALA D 802 -22.72 -38.31 -15.86
CA ALA D 802 -24.12 -38.41 -16.24
C ALA D 802 -24.28 -38.44 -17.75
N GLN D 803 -23.69 -39.45 -18.38
CA GLN D 803 -23.76 -39.60 -19.82
C GLN D 803 -24.74 -40.65 -20.23
N VAL D 804 -25.41 -41.22 -19.24
CA VAL D 804 -26.34 -42.27 -19.47
C VAL D 804 -27.73 -41.80 -19.04
N LYS D 805 -28.71 -41.96 -19.91
CA LYS D 805 -30.06 -41.50 -19.64
C LYS D 805 -30.77 -42.31 -18.57
N GLN D 806 -30.54 -43.62 -18.59
CA GLN D 806 -31.19 -44.53 -17.69
C GLN D 806 -30.19 -45.25 -16.82
N ILE D 807 -30.61 -45.69 -15.67
CA ILE D 807 -29.71 -46.46 -14.84
C ILE D 807 -29.87 -47.92 -15.17
N TYR D 808 -28.90 -48.44 -15.89
CA TYR D 808 -28.97 -49.79 -16.37
C TYR D 808 -28.50 -50.74 -15.32
N LYS D 809 -29.10 -51.91 -15.31
CA LYS D 809 -28.68 -52.95 -14.40
C LYS D 809 -28.41 -54.26 -15.12
N THR D 810 -27.46 -55.00 -14.59
CA THR D 810 -27.10 -56.32 -15.08
C THR D 810 -28.14 -57.31 -14.55
N PRO D 811 -28.30 -58.47 -15.19
CA PRO D 811 -29.17 -59.54 -14.77
C PRO D 811 -28.60 -60.23 -13.54
N PRO D 812 -29.43 -60.90 -12.75
CA PRO D 812 -29.06 -61.79 -11.65
C PRO D 812 -28.05 -62.85 -12.09
N ILE D 813 -28.17 -63.31 -13.34
CA ILE D 813 -27.26 -64.33 -13.83
C ILE D 813 -26.19 -63.71 -14.70
N LYS D 814 -25.00 -63.62 -14.16
CA LYS D 814 -23.90 -62.95 -14.83
C LYS D 814 -23.13 -63.90 -15.74
N ASP D 815 -23.78 -64.35 -16.81
CA ASP D 815 -23.13 -65.23 -17.77
C ASP D 815 -22.63 -64.42 -18.94
N PHE D 816 -21.35 -64.09 -18.91
CA PHE D 816 -20.79 -63.23 -19.92
C PHE D 816 -19.75 -63.94 -20.76
N GLY D 817 -19.98 -65.23 -21.00
CA GLY D 817 -19.12 -65.97 -21.91
C GLY D 817 -17.75 -66.29 -21.32
N GLY D 818 -17.67 -66.37 -20.00
CA GLY D 818 -16.42 -66.65 -19.33
C GLY D 818 -15.74 -65.41 -18.77
N PHE D 819 -16.22 -64.23 -19.14
CA PHE D 819 -15.64 -62.98 -18.65
C PHE D 819 -16.20 -62.61 -17.27
N ASN D 820 -15.30 -62.45 -16.29
CA ASN D 820 -15.62 -62.14 -14.89
C ASN D 820 -15.57 -60.64 -14.62
N PHE D 821 -16.65 -60.09 -14.07
CA PHE D 821 -16.76 -58.65 -13.75
C PHE D 821 -17.01 -58.39 -12.27
N SER D 822 -16.86 -59.39 -11.41
CA SER D 822 -17.19 -59.19 -9.99
C SER D 822 -16.32 -58.13 -9.31
N GLN D 823 -15.17 -57.84 -9.88
CA GLN D 823 -14.29 -56.83 -9.34
C GLN D 823 -14.72 -55.41 -9.68
N ILE D 824 -15.41 -55.25 -10.81
CA ILE D 824 -15.77 -53.90 -11.23
C ILE D 824 -17.26 -53.60 -11.11
N LEU D 825 -18.07 -54.64 -10.93
CA LEU D 825 -19.49 -54.47 -10.65
C LEU D 825 -19.72 -54.30 -9.14
N PRO D 826 -20.77 -53.60 -8.71
CA PRO D 826 -21.14 -53.39 -7.32
C PRO D 826 -21.38 -54.70 -6.58
N ASP D 827 -21.06 -54.71 -5.28
CA ASP D 827 -21.33 -55.87 -4.42
C ASP D 827 -22.21 -55.46 -3.21
N PRO D 828 -23.55 -55.46 -3.38
CA PRO D 828 -24.57 -54.90 -2.50
C PRO D 828 -24.56 -55.35 -1.04
N SER D 829 -23.58 -56.15 -0.64
CA SER D 829 -23.49 -56.64 0.72
C SER D 829 -23.19 -55.52 1.70
N LYS D 830 -22.74 -54.38 1.18
CA LYS D 830 -22.44 -53.22 2.02
C LYS D 830 -23.28 -51.99 1.62
N PRO D 831 -23.53 -51.04 2.56
CA PRO D 831 -24.33 -49.82 2.40
C PRO D 831 -24.03 -48.98 1.16
N SER D 832 -22.76 -48.84 0.81
CA SER D 832 -22.43 -48.09 -0.39
C SER D 832 -22.22 -49.09 -1.50
N LYS D 833 -22.99 -48.96 -2.57
CA LYS D 833 -22.94 -49.97 -3.61
C LYS D 833 -21.81 -49.72 -4.57
N ARG D 834 -20.60 -49.86 -4.06
CA ARG D 834 -19.39 -49.68 -4.84
C ARG D 834 -18.83 -51.03 -5.19
N SER D 835 -17.95 -51.06 -6.18
CA SER D 835 -17.27 -52.28 -6.58
C SER D 835 -16.04 -52.52 -5.73
N PHE D 836 -15.45 -53.70 -5.85
CA PHE D 836 -14.24 -53.99 -5.10
C PHE D 836 -13.12 -53.04 -5.50
N ILE D 837 -12.92 -52.87 -6.80
CA ILE D 837 -11.87 -51.97 -7.25
C ILE D 837 -12.14 -50.56 -6.76
N GLU D 838 -13.37 -50.10 -6.81
CA GLU D 838 -13.68 -48.77 -6.33
C GLU D 838 -13.35 -48.60 -4.86
N ASP D 839 -13.61 -49.61 -4.03
CA ASP D 839 -13.23 -49.49 -2.63
C ASP D 839 -11.74 -49.29 -2.45
N LEU D 840 -10.94 -49.92 -3.30
CA LEU D 840 -9.51 -49.75 -3.18
C LEU D 840 -9.13 -48.32 -3.51
N LEU D 841 -9.76 -47.78 -4.54
CA LEU D 841 -9.46 -46.43 -4.98
C LEU D 841 -9.85 -45.41 -3.91
N PHE D 842 -10.98 -45.67 -3.27
CA PHE D 842 -11.49 -44.80 -2.24
C PHE D 842 -10.71 -44.86 -0.96
N ASN D 843 -10.26 -46.03 -0.58
CA ASN D 843 -9.50 -46.15 0.65
C ASN D 843 -8.13 -45.47 0.52
N LYS D 844 -7.55 -45.53 -0.67
CA LYS D 844 -6.25 -44.93 -0.92
C LYS D 844 -6.22 -43.40 -0.91
N VAL D 845 -7.22 -42.75 -1.53
CA VAL D 845 -7.34 -41.29 -1.59
C VAL D 845 -8.66 -40.88 -0.95
N LEU D 868 -7.85 -30.59 11.12
CA LEU D 868 -7.38 -29.53 10.22
C LEU D 868 -8.53 -28.65 9.73
N ILE D 869 -9.65 -29.28 9.30
CA ILE D 869 -10.80 -28.59 8.70
C ILE D 869 -11.46 -27.62 9.67
N CYS D 870 -11.42 -27.91 10.96
CA CYS D 870 -11.99 -26.99 11.94
C CYS D 870 -11.12 -25.74 12.03
N ALA D 871 -9.81 -25.95 12.11
CA ALA D 871 -8.87 -24.83 12.22
C ALA D 871 -9.02 -23.89 11.03
N GLN D 872 -9.28 -24.47 9.86
CA GLN D 872 -9.46 -23.69 8.66
C GLN D 872 -10.84 -23.01 8.66
N LYS D 873 -11.88 -23.80 8.93
CA LYS D 873 -13.26 -23.32 8.88
C LYS D 873 -13.50 -22.10 9.74
N PHE D 874 -12.88 -22.09 10.90
CA PHE D 874 -13.09 -21.05 11.87
C PHE D 874 -12.70 -19.66 11.36
N ASN D 875 -12.06 -19.59 10.20
CA ASN D 875 -11.66 -18.32 9.61
C ASN D 875 -12.57 -17.90 8.46
N GLY D 876 -13.76 -18.50 8.35
CA GLY D 876 -14.69 -18.16 7.29
C GLY D 876 -14.42 -18.97 6.02
N LEU D 877 -13.85 -20.15 6.21
CA LEU D 877 -13.47 -21.04 5.12
C LEU D 877 -14.29 -22.31 5.11
N THR D 878 -15.42 -22.30 4.44
CA THR D 878 -16.27 -23.48 4.49
C THR D 878 -16.05 -24.33 3.26
N VAL D 879 -16.52 -25.57 3.32
CA VAL D 879 -16.46 -26.45 2.17
C VAL D 879 -17.85 -26.90 1.83
N LEU D 880 -18.24 -26.72 0.58
CA LEU D 880 -19.56 -27.07 0.14
C LEU D 880 -19.53 -28.52 -0.33
N PRO D 881 -20.56 -29.32 -0.05
CA PRO D 881 -20.66 -30.67 -0.50
C PRO D 881 -20.94 -30.69 -2.00
N PRO D 882 -20.47 -31.69 -2.74
CA PRO D 882 -20.78 -31.98 -4.12
C PRO D 882 -22.25 -32.22 -4.28
N LEU D 883 -22.80 -31.85 -5.42
CA LEU D 883 -24.19 -32.15 -5.67
C LEU D 883 -24.43 -33.64 -5.78
N LEU D 884 -23.49 -34.34 -6.42
CA LEU D 884 -23.61 -35.77 -6.59
C LEU D 884 -22.74 -36.45 -5.56
N THR D 885 -23.36 -37.23 -4.70
CA THR D 885 -22.66 -37.90 -3.63
C THR D 885 -21.90 -39.08 -4.18
N ASP D 886 -20.97 -39.64 -3.40
CA ASP D 886 -20.20 -40.78 -3.88
C ASP D 886 -21.10 -41.94 -4.27
N GLU D 887 -22.22 -42.09 -3.57
CA GLU D 887 -23.17 -43.14 -3.88
C GLU D 887 -23.83 -42.91 -5.23
N MET D 888 -24.00 -41.65 -5.63
CA MET D 888 -24.63 -41.35 -6.92
C MET D 888 -23.65 -41.50 -8.04
N ILE D 889 -22.38 -41.25 -7.77
CA ILE D 889 -21.36 -41.44 -8.77
C ILE D 889 -21.23 -42.92 -9.02
N ALA D 890 -21.26 -43.70 -7.94
CA ALA D 890 -21.21 -45.15 -8.06
C ALA D 890 -22.39 -45.67 -8.87
N GLN D 891 -23.58 -45.10 -8.67
CA GLN D 891 -24.73 -45.53 -9.46
C GLN D 891 -24.57 -45.19 -10.93
N TYR D 892 -23.98 -44.03 -11.24
CA TYR D 892 -23.74 -43.71 -12.64
C TYR D 892 -22.71 -44.63 -13.26
N THR D 893 -21.64 -44.96 -12.55
CA THR D 893 -20.64 -45.83 -13.13
C THR D 893 -21.19 -47.23 -13.26
N SER D 894 -22.07 -47.64 -12.35
CA SER D 894 -22.70 -48.94 -12.44
C SER D 894 -23.55 -49.01 -13.68
N ALA D 895 -24.30 -47.95 -13.95
CA ALA D 895 -25.16 -47.87 -15.13
C ALA D 895 -24.35 -47.89 -16.42
N LEU D 896 -23.24 -47.16 -16.42
CA LEU D 896 -22.39 -47.10 -17.59
C LEU D 896 -21.76 -48.44 -17.85
N LEU D 897 -21.36 -49.09 -16.77
CA LEU D 897 -20.74 -50.39 -16.83
C LEU D 897 -21.74 -51.47 -17.21
N ALA D 898 -22.94 -51.44 -16.64
CA ALA D 898 -23.96 -52.41 -16.98
C ALA D 898 -24.34 -52.28 -18.44
N GLY D 899 -24.39 -51.05 -18.94
CA GLY D 899 -24.68 -50.81 -20.34
C GLY D 899 -23.57 -51.37 -21.20
N THR D 900 -22.33 -51.04 -20.85
CA THR D 900 -21.17 -51.50 -21.63
C THR D 900 -21.15 -53.01 -21.73
N ILE D 901 -21.45 -53.69 -20.63
CA ILE D 901 -21.44 -55.14 -20.59
C ILE D 901 -22.60 -55.80 -21.33
N THR D 902 -23.83 -55.30 -21.16
CA THR D 902 -24.98 -55.98 -21.76
C THR D 902 -25.43 -55.46 -23.12
N SER D 903 -25.01 -54.26 -23.51
CA SER D 903 -25.44 -53.70 -24.78
C SER D 903 -24.30 -53.18 -25.62
N GLY D 904 -23.10 -53.37 -25.15
CA GLY D 904 -21.95 -52.85 -25.85
C GLY D 904 -22.03 -51.35 -25.98
N TRP D 905 -21.88 -50.83 -27.18
CA TRP D 905 -21.91 -49.38 -27.34
C TRP D 905 -23.27 -48.82 -27.76
N THR D 906 -24.25 -49.68 -27.93
CA THR D 906 -25.52 -49.20 -28.47
C THR D 906 -26.26 -48.32 -27.50
N PHE D 907 -25.99 -48.48 -26.22
CA PHE D 907 -26.68 -47.68 -25.23
C PHE D 907 -26.21 -46.23 -25.30
N GLY D 908 -25.08 -46.00 -25.95
CA GLY D 908 -24.54 -44.67 -26.04
C GLY D 908 -25.06 -43.91 -27.25
N ALA D 909 -25.85 -44.57 -28.09
CA ALA D 909 -26.38 -43.95 -29.31
C ALA D 909 -27.89 -44.12 -29.42
N GLY D 910 -28.54 -44.38 -28.30
CA GLY D 910 -29.97 -44.64 -28.31
C GLY D 910 -30.34 -45.69 -27.28
N ALA D 911 -31.41 -46.44 -27.55
CA ALA D 911 -31.81 -47.49 -26.63
C ALA D 911 -30.73 -48.55 -26.63
N ALA D 912 -30.52 -49.15 -25.47
CA ALA D 912 -29.57 -50.22 -25.39
C ALA D 912 -30.11 -51.48 -26.01
N LEU D 913 -29.37 -52.07 -26.95
CA LEU D 913 -29.74 -53.39 -27.48
C LEU D 913 -29.20 -54.42 -26.54
N GLN D 914 -29.85 -55.55 -26.38
CA GLN D 914 -29.12 -56.57 -25.66
C GLN D 914 -28.28 -57.29 -26.68
N ILE D 915 -27.14 -57.79 -26.24
CA ILE D 915 -26.30 -58.60 -27.09
C ILE D 915 -25.48 -59.54 -26.20
N PRO D 916 -25.25 -60.79 -26.56
CA PRO D 916 -24.37 -61.70 -25.85
C PRO D 916 -23.00 -61.08 -25.76
N PHE D 917 -22.34 -61.23 -24.62
CA PHE D 917 -21.04 -60.60 -24.44
C PHE D 917 -20.02 -61.10 -25.44
N ALA D 918 -20.02 -62.39 -25.73
CA ALA D 918 -19.04 -62.93 -26.67
C ALA D 918 -19.24 -62.31 -28.06
N MET D 919 -20.47 -62.04 -28.43
CA MET D 919 -20.70 -61.42 -29.73
C MET D 919 -20.25 -59.98 -29.72
N GLN D 920 -20.44 -59.32 -28.60
CA GLN D 920 -19.98 -57.96 -28.45
C GLN D 920 -18.48 -57.90 -28.64
N MET D 921 -17.78 -58.86 -28.05
CA MET D 921 -16.34 -58.94 -28.20
C MET D 921 -15.94 -59.17 -29.63
N ALA D 922 -16.75 -59.93 -30.35
CA ALA D 922 -16.47 -60.21 -31.75
C ALA D 922 -16.50 -58.93 -32.55
N TYR D 923 -17.39 -58.02 -32.20
CA TYR D 923 -17.49 -56.77 -32.91
C TYR D 923 -16.26 -55.92 -32.63
N ARG D 924 -15.84 -55.96 -31.38
CA ARG D 924 -14.67 -55.21 -30.95
C ARG D 924 -13.41 -55.75 -31.60
N PHE D 925 -13.34 -57.06 -31.80
CA PHE D 925 -12.22 -57.63 -32.52
C PHE D 925 -12.24 -57.18 -33.97
N ASN D 926 -13.42 -57.15 -34.58
CA ASN D 926 -13.49 -56.68 -35.96
C ASN D 926 -13.02 -55.24 -36.05
N GLY D 927 -13.37 -54.45 -35.04
CA GLY D 927 -13.02 -53.04 -35.00
C GLY D 927 -11.52 -52.81 -35.05
N ILE D 928 -10.76 -53.70 -34.44
CA ILE D 928 -9.30 -53.57 -34.43
C ILE D 928 -8.63 -54.30 -35.57
N GLY D 929 -9.40 -54.78 -36.53
CA GLY D 929 -8.83 -55.44 -37.70
C GLY D 929 -8.50 -56.91 -37.50
N VAL D 930 -9.19 -57.56 -36.56
CA VAL D 930 -8.98 -58.98 -36.29
C VAL D 930 -10.30 -59.68 -36.51
N THR D 931 -10.31 -60.78 -37.24
CA THR D 931 -11.57 -61.40 -37.59
C THR D 931 -12.27 -62.06 -36.41
N GLN D 932 -13.57 -62.30 -36.59
CA GLN D 932 -14.42 -62.83 -35.52
C GLN D 932 -14.04 -64.20 -35.05
N ASN D 933 -13.56 -65.03 -35.94
CA ASN D 933 -13.26 -66.37 -35.56
C ASN D 933 -12.08 -66.41 -34.62
N VAL D 934 -11.25 -65.37 -34.59
CA VAL D 934 -10.11 -65.40 -33.71
C VAL D 934 -10.62 -65.36 -32.29
N LEU D 935 -11.61 -64.52 -32.04
CA LEU D 935 -12.23 -64.46 -30.73
C LEU D 935 -12.86 -65.77 -30.34
N TYR D 936 -13.68 -66.32 -31.22
CA TYR D 936 -14.44 -67.50 -30.85
C TYR D 936 -13.53 -68.70 -30.68
N GLU D 937 -12.55 -68.83 -31.55
CA GLU D 937 -11.62 -69.94 -31.46
C GLU D 937 -10.81 -69.86 -30.18
N ASN D 938 -10.50 -68.64 -29.74
CA ASN D 938 -9.74 -68.41 -28.54
C ASN D 938 -10.58 -67.85 -27.41
N GLN D 939 -11.90 -68.03 -27.44
CA GLN D 939 -12.74 -67.41 -26.44
C GLN D 939 -12.36 -67.75 -25.02
N LYS D 940 -11.93 -68.98 -24.77
CA LYS D 940 -11.62 -69.37 -23.41
C LYS D 940 -10.32 -68.68 -22.97
N LEU D 941 -9.33 -68.66 -23.85
CA LEU D 941 -8.07 -67.99 -23.57
C LEU D 941 -8.25 -66.50 -23.30
N ILE D 942 -9.06 -65.87 -24.14
CA ILE D 942 -9.29 -64.44 -24.05
C ILE D 942 -9.96 -64.11 -22.73
N ALA D 943 -10.96 -64.89 -22.35
CA ALA D 943 -11.61 -64.68 -21.08
C ALA D 943 -10.63 -64.86 -19.93
N ASN D 944 -9.72 -65.83 -20.03
CA ASN D 944 -8.74 -66.05 -18.98
C ASN D 944 -7.72 -64.93 -18.90
N GLN D 945 -7.27 -64.43 -20.05
CA GLN D 945 -6.31 -63.34 -20.06
C GLN D 945 -6.93 -62.09 -19.49
N PHE D 946 -8.21 -61.87 -19.82
CA PHE D 946 -8.92 -60.73 -19.30
C PHE D 946 -9.08 -60.82 -17.80
N ASN D 947 -9.54 -61.98 -17.32
CA ASN D 947 -9.79 -62.14 -15.90
C ASN D 947 -8.51 -62.01 -15.11
N SER D 948 -7.41 -62.51 -15.67
CA SER D 948 -6.12 -62.40 -15.04
C SER D 948 -5.68 -60.96 -14.96
N ALA D 949 -5.84 -60.22 -16.07
CA ALA D 949 -5.46 -58.82 -16.10
C ALA D 949 -6.24 -58.01 -15.08
N ILE D 950 -7.52 -58.32 -14.87
CA ILE D 950 -8.28 -57.61 -13.87
C ILE D 950 -7.72 -57.90 -12.50
N GLY D 951 -7.38 -59.16 -12.22
CA GLY D 951 -6.78 -59.51 -10.95
C GLY D 951 -5.49 -58.75 -10.70
N LYS D 952 -4.71 -58.52 -11.77
CA LYS D 952 -3.47 -57.77 -11.65
C LYS D 952 -3.74 -56.34 -11.22
N ILE D 953 -4.83 -55.75 -11.70
CA ILE D 953 -5.19 -54.38 -11.34
C ILE D 953 -5.53 -54.34 -9.87
N GLN D 954 -6.29 -55.32 -9.43
CA GLN D 954 -6.69 -55.42 -8.04
C GLN D 954 -5.48 -55.44 -7.13
N ASP D 955 -4.49 -56.26 -7.48
CA ASP D 955 -3.28 -56.38 -6.66
C ASP D 955 -2.40 -55.14 -6.76
N SER D 956 -2.29 -54.56 -7.95
CA SER D 956 -1.47 -53.39 -8.15
C SER D 956 -2.00 -52.24 -7.31
N LEU D 957 -3.32 -52.07 -7.29
CA LEU D 957 -3.91 -51.01 -6.50
C LEU D 957 -3.78 -51.29 -5.01
N SER D 958 -3.93 -52.54 -4.61
CA SER D 958 -3.81 -52.87 -3.19
C SER D 958 -2.39 -52.61 -2.68
N SER D 959 -1.40 -52.88 -3.53
CA SER D 959 0.01 -52.74 -3.20
C SER D 959 0.62 -51.33 -3.33
N THR D 960 0.46 -50.69 -4.49
CA THR D 960 1.18 -49.44 -4.75
C THR D 960 0.40 -48.18 -4.37
N ALA D 961 0.88 -47.53 -3.31
CA ALA D 961 0.25 -46.35 -2.74
C ALA D 961 0.25 -45.16 -3.70
N SER D 962 1.30 -45.07 -4.51
CA SER D 962 1.51 -43.95 -5.41
C SER D 962 0.70 -44.05 -6.70
N ALA D 963 -0.04 -45.14 -6.89
CA ALA D 963 -0.77 -45.37 -8.13
C ALA D 963 -1.76 -44.25 -8.44
N LEU D 964 -2.34 -43.64 -7.41
CA LEU D 964 -3.34 -42.60 -7.58
C LEU D 964 -2.79 -41.21 -7.33
N GLY D 965 -1.48 -41.05 -7.54
CA GLY D 965 -0.81 -39.78 -7.33
C GLY D 965 -1.48 -38.62 -8.06
N LYS D 966 -2.06 -38.86 -9.23
CA LYS D 966 -2.71 -37.77 -9.95
C LYS D 966 -3.90 -37.17 -9.18
N LEU D 967 -4.60 -37.98 -8.39
CA LEU D 967 -5.73 -37.46 -7.65
C LEU D 967 -5.28 -36.89 -6.34
N GLN D 968 -4.28 -37.53 -5.76
CA GLN D 968 -3.77 -37.09 -4.47
C GLN D 968 -3.09 -35.74 -4.61
N ASP D 969 -2.45 -35.52 -5.75
CA ASP D 969 -1.77 -34.26 -6.01
C ASP D 969 -2.76 -33.10 -6.05
N VAL D 970 -3.96 -33.34 -6.55
CA VAL D 970 -4.97 -32.29 -6.62
C VAL D 970 -5.39 -31.95 -5.21
N VAL D 971 -5.59 -32.97 -4.41
CA VAL D 971 -5.97 -32.78 -3.02
C VAL D 971 -4.89 -32.03 -2.27
N ASN D 972 -3.64 -32.39 -2.51
CA ASN D 972 -2.53 -31.75 -1.83
C ASN D 972 -2.36 -30.30 -2.23
N GLN D 973 -2.56 -29.98 -3.51
CA GLN D 973 -2.41 -28.59 -3.93
C GLN D 973 -3.46 -27.71 -3.31
N ASN D 974 -4.68 -28.21 -3.17
CA ASN D 974 -5.72 -27.41 -2.59
C ASN D 974 -5.54 -27.29 -1.08
N ALA D 975 -5.06 -28.34 -0.44
CA ALA D 975 -4.82 -28.29 0.97
C ALA D 975 -3.73 -27.28 1.29
N GLN D 976 -2.70 -27.23 0.45
CA GLN D 976 -1.64 -26.27 0.66
C GLN D 976 -2.14 -24.86 0.46
N ALA D 977 -2.99 -24.66 -0.54
CA ALA D 977 -3.52 -23.34 -0.82
C ALA D 977 -4.31 -22.81 0.37
N LEU D 978 -5.11 -23.67 1.00
CA LEU D 978 -5.87 -23.23 2.16
C LEU D 978 -5.00 -23.03 3.37
N ASN D 979 -4.01 -23.87 3.56
CA ASN D 979 -3.16 -23.70 4.72
C ASN D 979 -2.36 -22.42 4.60
N THR D 980 -1.96 -22.09 3.37
CA THR D 980 -1.21 -20.88 3.13
C THR D 980 -2.11 -19.68 3.43
N LEU D 981 -3.35 -19.74 2.96
CA LEU D 981 -4.30 -18.65 3.16
C LEU D 981 -4.55 -18.42 4.64
N VAL D 982 -4.75 -19.49 5.39
CA VAL D 982 -5.02 -19.37 6.82
C VAL D 982 -3.81 -18.85 7.59
N LYS D 983 -2.62 -19.34 7.26
CA LYS D 983 -1.42 -18.88 7.94
C LYS D 983 -1.13 -17.40 7.70
N GLN D 984 -1.61 -16.84 6.59
CA GLN D 984 -1.40 -15.42 6.33
C GLN D 984 -2.10 -14.54 7.34
N LEU D 985 -3.06 -15.09 8.08
CA LEU D 985 -3.77 -14.31 9.08
C LEU D 985 -2.88 -14.02 10.29
N SER D 986 -1.76 -14.73 10.38
CA SER D 986 -0.81 -14.55 11.45
C SER D 986 0.25 -13.51 11.09
N SER D 987 0.18 -12.97 9.89
CA SER D 987 1.14 -11.98 9.45
C SER D 987 0.72 -10.58 9.87
N ASN D 988 1.70 -9.75 10.19
CA ASN D 988 1.45 -8.38 10.59
C ASN D 988 1.26 -7.44 9.43
N PHE D 989 1.98 -7.70 8.34
CA PHE D 989 1.95 -6.82 7.18
C PHE D 989 2.34 -5.40 7.52
N GLY D 990 3.13 -5.22 8.57
CA GLY D 990 3.61 -3.92 9.00
C GLY D 990 2.83 -3.38 10.20
N ALA D 991 1.74 -4.04 10.54
CA ALA D 991 0.92 -3.65 11.66
C ALA D 991 1.60 -4.03 12.98
N ILE D 992 1.17 -3.39 14.06
CA ILE D 992 1.66 -3.72 15.39
C ILE D 992 1.25 -5.11 15.84
N SER D 993 0.21 -5.65 15.22
CA SER D 993 -0.24 -6.98 15.57
C SER D 993 -1.04 -7.61 14.46
N SER D 994 -0.90 -8.91 14.31
CA SER D 994 -1.70 -9.69 13.36
C SER D 994 -3.11 -9.88 13.87
N VAL D 995 -3.33 -9.61 15.15
CA VAL D 995 -4.62 -9.82 15.76
C VAL D 995 -5.42 -8.53 15.79
N LEU D 996 -6.54 -8.55 15.11
CA LEU D 996 -7.39 -7.39 14.95
C LEU D 996 -7.97 -6.96 16.28
N ASN D 997 -8.29 -7.92 17.13
CA ASN D 997 -8.86 -7.60 18.43
C ASN D 997 -7.85 -6.88 19.31
N ASP D 998 -6.56 -7.18 19.15
CA ASP D 998 -5.54 -6.55 19.97
C ASP D 998 -5.32 -5.12 19.53
N ILE D 999 -5.41 -4.87 18.23
CA ILE D 999 -5.27 -3.50 17.75
C ILE D 999 -6.41 -2.66 18.30
N LEU D 1000 -7.61 -3.20 18.23
CA LEU D 1000 -8.80 -2.50 18.70
C LEU D 1000 -8.88 -2.37 20.22
N SER D 1001 -8.27 -3.31 20.96
CA SER D 1001 -8.29 -3.19 22.41
C SER D 1001 -7.31 -2.12 22.90
N ARG D 1002 -6.25 -1.86 22.14
CA ARG D 1002 -5.28 -0.87 22.57
C ARG D 1002 -5.49 0.53 22.00
N LEU D 1003 -5.85 0.63 20.74
CA LEU D 1003 -5.91 1.92 20.08
C LEU D 1003 -7.31 2.48 19.88
N ASP D 1004 -7.39 3.79 19.78
CA ASP D 1004 -8.62 4.49 19.39
C ASP D 1004 -8.63 4.60 17.87
N PRO D 1005 -9.78 4.75 17.23
CA PRO D 1005 -9.94 4.81 15.78
C PRO D 1005 -8.90 5.63 15.00
N PRO D 1006 -8.50 6.85 15.40
CA PRO D 1006 -7.55 7.66 14.66
C PRO D 1006 -6.21 6.93 14.44
N GLU D 1007 -5.90 5.98 15.31
CA GLU D 1007 -4.66 5.23 15.23
C GLU D 1007 -4.94 3.79 14.81
N ALA D 1008 -6.07 3.26 15.28
CA ALA D 1008 -6.44 1.89 15.00
C ALA D 1008 -6.66 1.71 13.52
N GLU D 1009 -7.22 2.70 12.87
CA GLU D 1009 -7.52 2.61 11.45
C GLU D 1009 -6.25 2.47 10.63
N VAL D 1010 -5.17 3.08 11.07
CA VAL D 1010 -3.92 2.98 10.34
C VAL D 1010 -3.41 1.56 10.41
N GLN D 1011 -3.45 0.98 11.60
CA GLN D 1011 -2.98 -0.37 11.79
C GLN D 1011 -3.87 -1.38 11.09
N ILE D 1012 -5.17 -1.11 11.09
CA ILE D 1012 -6.12 -1.99 10.44
C ILE D 1012 -5.94 -1.94 8.94
N ASP D 1013 -5.73 -0.75 8.37
CA ASP D 1013 -5.52 -0.65 6.95
C ASP D 1013 -4.35 -1.52 6.51
N ARG D 1014 -3.32 -1.64 7.33
CA ARG D 1014 -2.19 -2.48 6.97
C ARG D 1014 -2.61 -3.94 6.92
N LEU D 1015 -3.44 -4.38 7.87
CA LEU D 1015 -3.91 -5.75 7.85
C LEU D 1015 -4.88 -6.01 6.72
N ILE D 1016 -5.74 -5.04 6.40
CA ILE D 1016 -6.66 -5.22 5.30
C ILE D 1016 -5.93 -5.35 4.00
N THR D 1017 -4.94 -4.49 3.77
CA THR D 1017 -4.22 -4.56 2.53
C THR D 1017 -3.57 -5.91 2.35
N GLY D 1018 -2.91 -6.39 3.39
CA GLY D 1018 -2.21 -7.66 3.33
C GLY D 1018 -3.14 -8.85 3.22
N ARG D 1019 -4.24 -8.83 3.96
CA ARG D 1019 -5.17 -9.93 3.96
C ARG D 1019 -5.95 -9.97 2.66
N LEU D 1020 -6.27 -8.80 2.12
CA LEU D 1020 -6.97 -8.73 0.87
C LEU D 1020 -6.06 -9.22 -0.24
N GLN D 1021 -4.78 -8.85 -0.18
CA GLN D 1021 -3.81 -9.31 -1.16
C GLN D 1021 -3.63 -10.81 -1.09
N SER D 1022 -3.63 -11.37 0.11
CA SER D 1022 -3.46 -12.80 0.30
C SER D 1022 -4.66 -13.56 -0.23
N LEU D 1023 -5.83 -12.99 -0.02
CA LEU D 1023 -7.06 -13.61 -0.49
C LEU D 1023 -7.15 -13.54 -2.01
N GLN D 1024 -6.72 -12.42 -2.60
CA GLN D 1024 -6.72 -12.29 -4.04
C GLN D 1024 -5.76 -13.28 -4.65
N THR D 1025 -4.63 -13.50 -3.99
CA THR D 1025 -3.66 -14.47 -4.49
C THR D 1025 -4.26 -15.86 -4.47
N TYR D 1026 -4.94 -16.21 -3.39
CA TYR D 1026 -5.59 -17.50 -3.29
C TYR D 1026 -6.60 -17.71 -4.40
N VAL D 1027 -7.47 -16.73 -4.61
CA VAL D 1027 -8.51 -16.87 -5.61
C VAL D 1027 -7.93 -17.00 -7.00
N THR D 1028 -6.92 -16.21 -7.32
CA THR D 1028 -6.32 -16.27 -8.64
C THR D 1028 -5.75 -17.66 -8.89
N GLN D 1029 -5.08 -18.22 -7.88
CA GLN D 1029 -4.52 -19.55 -8.03
C GLN D 1029 -5.61 -20.59 -8.18
N GLN D 1030 -6.76 -20.40 -7.54
CA GLN D 1030 -7.85 -21.35 -7.66
C GLN D 1030 -8.50 -21.26 -9.02
N LEU D 1031 -8.53 -20.08 -9.62
CA LEU D 1031 -9.10 -19.94 -10.96
C LEU D 1031 -8.22 -20.60 -12.00
N ILE D 1032 -6.92 -20.48 -11.83
CA ILE D 1032 -5.99 -21.12 -12.74
C ILE D 1032 -6.02 -22.62 -12.54
N ARG D 1033 -6.00 -23.05 -11.29
CA ARG D 1033 -6.08 -24.45 -10.94
C ARG D 1033 -7.38 -25.06 -11.40
N ALA D 1034 -8.49 -24.33 -11.27
CA ALA D 1034 -9.79 -24.80 -11.70
C ALA D 1034 -9.80 -25.04 -13.19
N ALA D 1035 -9.12 -24.18 -13.95
CA ALA D 1035 -9.05 -24.34 -15.40
C ALA D 1035 -8.34 -25.63 -15.77
N GLU D 1036 -7.31 -26.00 -15.01
CA GLU D 1036 -6.61 -27.25 -15.26
C GLU D 1036 -7.52 -28.43 -15.00
N ILE D 1037 -8.28 -28.38 -13.93
CA ILE D 1037 -9.24 -29.42 -13.61
C ILE D 1037 -10.32 -29.49 -14.65
N ARG D 1038 -10.79 -28.34 -15.13
CA ARG D 1038 -11.80 -28.33 -16.16
C ARG D 1038 -11.30 -29.04 -17.40
N ALA D 1039 -10.05 -28.79 -17.78
CA ALA D 1039 -9.48 -29.44 -18.93
C ALA D 1039 -9.40 -30.93 -18.73
N SER D 1040 -9.04 -31.36 -17.53
CA SER D 1040 -8.97 -32.78 -17.22
C SER D 1040 -10.35 -33.41 -17.26
N ALA D 1041 -11.35 -32.72 -16.72
CA ALA D 1041 -12.72 -33.20 -16.72
C ALA D 1041 -13.25 -33.31 -18.13
N ASN D 1042 -12.85 -32.38 -19.01
CA ASN D 1042 -13.29 -32.43 -20.40
C ASN D 1042 -12.64 -33.61 -21.10
N LEU D 1043 -11.41 -33.92 -20.73
CA LEU D 1043 -10.73 -35.06 -21.29
C LEU D 1043 -11.38 -36.34 -20.80
N ALA D 1044 -11.72 -36.37 -19.52
CA ALA D 1044 -12.38 -37.52 -18.94
C ALA D 1044 -13.74 -37.74 -19.55
N ALA D 1045 -14.45 -36.66 -19.83
CA ALA D 1045 -15.77 -36.76 -20.45
C ALA D 1045 -15.63 -37.28 -21.87
N THR D 1046 -14.58 -36.85 -22.56
CA THR D 1046 -14.33 -37.32 -23.92
C THR D 1046 -14.02 -38.79 -23.92
N LYS D 1047 -13.20 -39.24 -22.97
CA LYS D 1047 -12.87 -40.64 -22.86
C LYS D 1047 -14.07 -41.46 -22.47
N MET D 1048 -14.91 -40.93 -21.62
CA MET D 1048 -16.09 -41.69 -21.27
C MET D 1048 -16.88 -41.96 -22.55
N SER D 1049 -17.10 -40.93 -23.36
CA SER D 1049 -17.88 -41.11 -24.56
C SER D 1049 -17.20 -41.99 -25.60
N GLU D 1050 -15.93 -41.76 -25.82
CA GLU D 1050 -15.23 -42.47 -26.89
C GLU D 1050 -14.62 -43.83 -26.51
N CYS D 1051 -14.34 -44.06 -25.22
CA CYS D 1051 -13.68 -45.29 -24.75
C CYS D 1051 -14.71 -46.21 -24.07
N VAL D 1052 -15.76 -45.68 -23.49
CA VAL D 1052 -16.69 -46.52 -22.73
C VAL D 1052 -17.96 -46.75 -23.51
N LEU D 1053 -18.46 -45.68 -24.13
CA LEU D 1053 -19.70 -45.71 -24.90
C LEU D 1053 -19.41 -45.94 -26.37
N GLY D 1054 -18.24 -46.49 -26.64
CA GLY D 1054 -17.81 -46.76 -28.00
C GLY D 1054 -16.51 -47.53 -28.01
N GLN D 1055 -15.91 -47.59 -29.19
CA GLN D 1055 -14.63 -48.22 -29.41
C GLN D 1055 -13.80 -47.23 -30.19
N SER D 1056 -12.65 -46.87 -29.67
CA SER D 1056 -11.88 -45.82 -30.30
C SER D 1056 -10.85 -46.34 -31.28
N LYS D 1057 -10.65 -45.57 -32.34
CA LYS D 1057 -9.61 -45.86 -33.31
C LYS D 1057 -8.47 -44.87 -33.17
N ARG D 1058 -8.52 -44.08 -32.11
CA ARG D 1058 -7.51 -43.09 -31.84
C ARG D 1058 -6.39 -43.75 -31.05
N VAL D 1059 -5.20 -43.70 -31.61
CA VAL D 1059 -4.06 -44.37 -31.02
C VAL D 1059 -3.64 -43.76 -29.70
N ASP D 1060 -3.46 -44.63 -28.73
CA ASP D 1060 -3.05 -44.30 -27.37
C ASP D 1060 -4.03 -43.40 -26.66
N PHE D 1061 -5.23 -43.26 -27.19
CA PHE D 1061 -6.24 -42.48 -26.52
C PHE D 1061 -6.91 -43.26 -25.39
N CYS D 1062 -7.22 -44.53 -25.63
CA CYS D 1062 -7.93 -45.40 -24.71
C CYS D 1062 -6.99 -46.54 -24.31
N GLY D 1063 -5.79 -46.18 -23.88
CA GLY D 1063 -4.83 -47.18 -23.47
C GLY D 1063 -3.83 -47.49 -24.56
N LYS D 1064 -2.76 -48.18 -24.18
CA LYS D 1064 -1.69 -48.52 -25.10
C LYS D 1064 -1.91 -49.89 -25.73
N GLY D 1065 -2.20 -49.90 -27.03
CA GLY D 1065 -2.52 -51.13 -27.75
C GLY D 1065 -3.74 -50.88 -28.61
N TYR D 1066 -4.36 -51.92 -29.12
CA TYR D 1066 -5.56 -51.70 -29.91
C TYR D 1066 -6.74 -51.72 -28.97
N HIS D 1067 -7.49 -50.63 -28.93
CA HIS D 1067 -8.58 -50.54 -27.98
C HIS D 1067 -9.70 -51.49 -28.27
N LEU D 1068 -10.12 -52.23 -27.25
CA LEU D 1068 -11.28 -53.08 -27.37
C LEU D 1068 -12.44 -52.44 -26.67
N MET D 1069 -12.28 -52.13 -25.39
CA MET D 1069 -13.34 -51.56 -24.58
C MET D 1069 -12.79 -50.99 -23.30
N SER D 1070 -13.58 -50.18 -22.61
CA SER D 1070 -13.15 -49.68 -21.32
C SER D 1070 -14.26 -49.67 -20.29
N PHE D 1071 -13.86 -49.63 -19.04
CA PHE D 1071 -14.79 -49.60 -17.94
C PHE D 1071 -14.44 -48.47 -16.99
N PRO D 1072 -15.36 -47.56 -16.67
CA PRO D 1072 -15.17 -46.47 -15.74
C PRO D 1072 -15.28 -47.02 -14.34
N GLN D 1073 -14.55 -46.40 -13.42
CA GLN D 1073 -14.67 -46.65 -12.00
C GLN D 1073 -14.66 -45.33 -11.27
N SER D 1074 -15.47 -45.20 -10.25
CA SER D 1074 -15.48 -43.98 -9.46
C SER D 1074 -14.23 -43.87 -8.60
N ALA D 1075 -13.74 -42.65 -8.42
CA ALA D 1075 -12.61 -42.41 -7.55
C ALA D 1075 -12.83 -41.07 -6.86
N PRO D 1076 -12.16 -40.79 -5.72
CA PRO D 1076 -12.24 -39.53 -5.04
C PRO D 1076 -11.91 -38.39 -5.99
N HIS D 1077 -12.87 -37.51 -6.19
CA HIS D 1077 -12.70 -36.35 -7.07
C HIS D 1077 -12.19 -36.71 -8.46
N GLY D 1078 -12.54 -37.88 -8.96
CA GLY D 1078 -12.02 -38.28 -10.25
C GLY D 1078 -12.60 -39.56 -10.78
N VAL D 1079 -12.05 -39.98 -11.89
CA VAL D 1079 -12.51 -41.19 -12.56
C VAL D 1079 -11.32 -42.04 -12.92
N VAL D 1080 -11.49 -43.33 -12.83
CA VAL D 1080 -10.48 -44.25 -13.24
C VAL D 1080 -11.00 -45.10 -14.36
N PHE D 1081 -10.26 -45.17 -15.45
CA PHE D 1081 -10.69 -45.99 -16.55
C PHE D 1081 -9.84 -47.21 -16.64
N LEU D 1082 -10.48 -48.36 -16.79
CA LEU D 1082 -9.76 -49.58 -17.03
C LEU D 1082 -9.88 -49.88 -18.49
N HIS D 1083 -8.80 -49.69 -19.22
CA HIS D 1083 -8.83 -49.84 -20.66
C HIS D 1083 -8.38 -51.21 -21.04
N VAL D 1084 -9.20 -51.90 -21.80
CA VAL D 1084 -8.89 -53.24 -22.23
C VAL D 1084 -8.39 -53.17 -23.65
N THR D 1085 -7.16 -53.60 -23.85
CA THR D 1085 -6.55 -53.50 -25.16
C THR D 1085 -6.02 -54.83 -25.65
N TYR D 1086 -5.97 -54.97 -26.96
CA TYR D 1086 -5.42 -56.13 -27.65
C TYR D 1086 -3.99 -55.85 -28.00
N VAL D 1087 -3.10 -56.74 -27.58
CA VAL D 1087 -1.70 -56.53 -27.88
C VAL D 1087 -1.07 -57.75 -28.53
N PRO D 1088 -0.50 -57.63 -29.72
CA PRO D 1088 0.21 -58.67 -30.42
C PRO D 1088 1.31 -59.26 -29.55
N ALA D 1089 1.47 -60.58 -29.59
CA ALA D 1089 2.43 -61.25 -28.74
C ALA D 1089 3.52 -61.98 -29.51
N GLN D 1090 3.39 -63.29 -29.59
CA GLN D 1090 4.49 -64.11 -30.04
C GLN D 1090 4.91 -63.78 -31.45
N GLU D 1091 6.19 -63.91 -31.64
CA GLU D 1091 6.84 -63.50 -32.86
C GLU D 1091 7.13 -64.57 -33.91
N LYS D 1092 6.92 -64.18 -35.18
CA LYS D 1092 7.35 -64.94 -36.36
C LYS D 1092 7.62 -64.03 -37.58
N ASN D 1093 8.77 -64.31 -38.28
CA ASN D 1093 9.15 -63.69 -39.54
C ASN D 1093 8.51 -64.43 -40.70
N PHE D 1094 8.14 -63.69 -41.77
CA PHE D 1094 7.57 -64.23 -42.99
C PHE D 1094 8.10 -63.49 -44.20
N THR D 1095 8.13 -64.14 -45.33
CA THR D 1095 8.51 -63.46 -46.55
C THR D 1095 7.26 -62.93 -47.19
N THR D 1096 7.35 -61.76 -47.79
CA THR D 1096 6.16 -61.16 -48.39
C THR D 1096 6.35 -60.69 -49.81
N ALA D 1097 5.25 -60.24 -50.39
CA ALA D 1097 5.19 -59.67 -51.71
C ALA D 1097 3.93 -58.84 -51.82
N PRO D 1098 3.95 -57.71 -52.54
CA PRO D 1098 2.83 -56.82 -52.76
C PRO D 1098 1.76 -57.40 -53.66
N ALA D 1099 2.14 -58.38 -54.47
CA ALA D 1099 1.20 -58.95 -55.42
C ALA D 1099 1.70 -60.29 -55.90
N ILE D 1100 0.78 -61.07 -56.43
CA ILE D 1100 1.12 -62.33 -57.07
C ILE D 1100 0.75 -62.35 -58.54
N CYS D 1101 1.67 -62.84 -59.36
CA CYS D 1101 1.54 -62.97 -60.82
C CYS D 1101 1.04 -64.37 -61.15
N HIS D 1102 -0.18 -64.49 -61.58
CA HIS D 1102 -0.78 -65.78 -61.85
C HIS D 1102 -0.81 -66.09 -63.35
N ASP D 1103 -1.70 -65.43 -64.09
CA ASP D 1103 -1.79 -65.62 -65.54
C ASP D 1103 -1.17 -64.46 -66.28
N GLY D 1104 -0.34 -63.69 -65.60
CA GLY D 1104 0.27 -62.51 -66.19
C GLY D 1104 -0.44 -61.28 -65.66
N LYS D 1105 -1.55 -61.52 -64.99
CA LYS D 1105 -2.34 -60.50 -64.34
C LYS D 1105 -1.85 -60.35 -62.92
N ALA D 1106 -1.95 -59.15 -62.37
CA ALA D 1106 -1.50 -58.89 -61.00
C ALA D 1106 -2.63 -59.04 -59.98
N HIS D 1107 -2.44 -59.98 -59.05
CA HIS D 1107 -3.40 -60.23 -57.98
C HIS D 1107 -2.96 -59.61 -56.66
N PHE D 1108 -3.86 -58.88 -56.04
CA PHE D 1108 -3.61 -58.21 -54.77
C PHE D 1108 -4.55 -58.82 -53.74
N PRO D 1109 -4.19 -58.88 -52.47
CA PRO D 1109 -5.03 -59.40 -51.41
C PRO D 1109 -6.16 -58.41 -51.16
N ARG D 1110 -7.35 -58.90 -50.82
CA ARG D 1110 -8.44 -57.98 -50.53
C ARG D 1110 -8.39 -57.43 -49.12
N GLU D 1111 -8.06 -58.27 -48.16
CA GLU D 1111 -8.11 -57.85 -46.76
C GLU D 1111 -6.77 -57.93 -46.06
N GLY D 1112 -5.96 -58.91 -46.42
CA GLY D 1112 -4.72 -59.17 -45.71
C GLY D 1112 -3.49 -58.93 -46.56
N VAL D 1113 -2.46 -59.73 -46.30
CA VAL D 1113 -1.19 -59.64 -47.01
C VAL D 1113 -0.78 -60.99 -47.52
N PHE D 1114 0.07 -61.00 -48.52
CA PHE D 1114 0.64 -62.24 -48.98
C PHE D 1114 1.86 -62.57 -48.18
N VAL D 1115 1.95 -63.80 -47.74
CA VAL D 1115 3.08 -64.28 -46.97
C VAL D 1115 3.61 -65.57 -47.50
N SER D 1116 4.82 -65.90 -47.14
CA SER D 1116 5.36 -67.19 -47.48
C SER D 1116 6.15 -67.77 -46.32
N ASN D 1117 6.04 -69.08 -46.15
CA ASN D 1117 6.79 -69.84 -45.16
C ASN D 1117 8.11 -70.41 -45.71
N GLY D 1118 8.45 -70.02 -46.96
CA GLY D 1118 9.65 -70.41 -47.67
C GLY D 1118 9.35 -71.31 -48.86
N THR D 1119 8.19 -71.97 -48.85
CA THR D 1119 7.85 -72.80 -50.00
C THR D 1119 6.47 -72.49 -50.57
N HIS D 1120 5.51 -72.20 -49.69
CA HIS D 1120 4.14 -71.94 -50.13
C HIS D 1120 3.72 -70.53 -49.82
N TRP D 1121 2.86 -69.98 -50.67
CA TRP D 1121 2.30 -68.66 -50.46
C TRP D 1121 0.86 -68.71 -49.96
N PHE D 1122 0.59 -67.87 -48.98
CA PHE D 1122 -0.70 -67.77 -48.33
C PHE D 1122 -1.11 -66.34 -48.19
N VAL D 1123 -2.38 -66.11 -47.96
CA VAL D 1123 -2.85 -64.79 -47.63
C VAL D 1123 -3.33 -64.79 -46.19
N THR D 1124 -2.94 -63.79 -45.43
CA THR D 1124 -3.32 -63.79 -44.02
C THR D 1124 -3.72 -62.43 -43.52
N GLN D 1125 -4.61 -62.39 -42.53
CA GLN D 1125 -5.01 -61.14 -41.91
C GLN D 1125 -3.80 -60.51 -41.22
N ARG D 1126 -3.71 -59.19 -41.30
CA ARG D 1126 -2.51 -58.49 -40.88
C ARG D 1126 -2.11 -58.61 -39.41
N ASN D 1127 -3.08 -58.64 -38.51
CA ASN D 1127 -2.75 -58.60 -37.09
C ASN D 1127 -2.78 -59.95 -36.39
N PHE D 1128 -2.90 -61.02 -37.15
CA PHE D 1128 -2.96 -62.34 -36.54
C PHE D 1128 -2.64 -63.40 -37.56
N TYR D 1129 -1.57 -64.14 -37.35
CA TYR D 1129 -1.18 -65.09 -38.38
C TYR D 1129 -2.19 -66.20 -38.52
N GLU D 1130 -2.79 -66.26 -39.69
CA GLU D 1130 -3.82 -67.20 -40.06
C GLU D 1130 -3.79 -67.43 -41.56
N PRO D 1131 -2.86 -68.22 -42.07
CA PRO D 1131 -2.61 -68.39 -43.47
C PRO D 1131 -3.75 -69.10 -44.17
N GLN D 1132 -4.13 -68.61 -45.33
CA GLN D 1132 -5.15 -69.23 -46.15
C GLN D 1132 -4.67 -69.45 -47.56
N ILE D 1133 -5.24 -70.43 -48.23
CA ILE D 1133 -4.91 -70.68 -49.62
C ILE D 1133 -5.34 -69.47 -50.42
N ILE D 1134 -4.50 -69.04 -51.34
CA ILE D 1134 -4.82 -67.88 -52.15
C ILE D 1134 -5.74 -68.25 -53.27
N THR D 1135 -6.89 -67.61 -53.29
CA THR D 1135 -7.91 -67.93 -54.27
C THR D 1135 -8.43 -66.65 -54.85
N THR D 1136 -9.25 -66.78 -55.88
CA THR D 1136 -9.86 -65.63 -56.53
C THR D 1136 -10.93 -64.98 -55.66
N ASP D 1137 -11.25 -65.62 -54.52
CA ASP D 1137 -12.24 -65.10 -53.60
C ASP D 1137 -11.65 -64.21 -52.51
N ASN D 1138 -10.32 -64.17 -52.42
CA ASN D 1138 -9.69 -63.37 -51.37
C ASN D 1138 -8.63 -62.43 -51.93
N THR D 1139 -8.64 -62.32 -53.26
CA THR D 1139 -7.77 -61.43 -54.01
C THR D 1139 -8.59 -60.64 -55.02
N PHE D 1140 -7.98 -59.62 -55.58
CA PHE D 1140 -8.60 -58.90 -56.66
C PHE D 1140 -7.55 -58.65 -57.72
N VAL D 1141 -8.00 -58.40 -58.94
CA VAL D 1141 -7.05 -58.25 -60.03
C VAL D 1141 -7.05 -56.86 -60.60
N SER D 1142 -5.87 -56.29 -60.76
CA SER D 1142 -5.78 -54.99 -61.39
C SER D 1142 -4.44 -54.76 -62.08
N GLY D 1143 -4.49 -54.59 -63.39
CA GLY D 1143 -3.28 -54.39 -64.16
C GLY D 1143 -2.55 -55.70 -64.38
N ASN D 1144 -1.33 -55.60 -64.89
CA ASN D 1144 -0.54 -56.78 -65.20
C ASN D 1144 0.76 -56.77 -64.40
N CYS D 1145 1.56 -57.82 -64.57
CA CYS D 1145 2.77 -58.08 -63.80
C CYS D 1145 3.96 -57.18 -64.15
N ASP D 1146 3.80 -56.34 -65.17
CA ASP D 1146 4.92 -55.50 -65.57
C ASP D 1146 4.96 -54.18 -64.82
N VAL D 1147 3.96 -53.91 -63.98
CA VAL D 1147 3.95 -52.65 -63.26
C VAL D 1147 4.32 -52.76 -61.79
N VAL D 1148 3.92 -53.85 -61.12
CA VAL D 1148 4.13 -53.94 -59.68
C VAL D 1148 5.56 -54.33 -59.32
N ILE D 1149 6.19 -53.49 -58.51
CA ILE D 1149 7.56 -53.72 -58.09
C ILE D 1149 7.58 -54.71 -56.95
N GLY D 1150 8.27 -55.83 -57.14
CA GLY D 1150 8.32 -56.86 -56.11
C GLY D 1150 7.30 -57.97 -56.28
N ILE D 1151 6.57 -57.96 -57.39
CA ILE D 1151 5.59 -59.01 -57.66
C ILE D 1151 6.26 -60.37 -57.82
N VAL D 1152 5.63 -61.42 -57.28
CA VAL D 1152 6.20 -62.76 -57.36
C VAL D 1152 5.27 -63.70 -58.12
N ASN D 1153 5.81 -64.79 -58.68
CA ASN D 1153 5.03 -65.80 -59.40
C ASN D 1153 4.45 -66.83 -58.42
N ASN D 1154 3.14 -67.10 -58.56
CA ASN D 1154 2.47 -68.14 -57.76
C ASN D 1154 1.13 -68.50 -58.32
N THR D 1155 0.45 -69.43 -57.66
CA THR D 1155 -0.83 -69.90 -58.14
C THR D 1155 -2.00 -69.39 -57.36
N VAL D 1156 -2.97 -68.87 -58.08
CA VAL D 1156 -4.23 -68.42 -57.50
C VAL D 1156 -5.30 -69.41 -57.92
N TYR D 1157 -6.01 -69.97 -56.95
CA TYR D 1157 -6.99 -71.01 -57.24
C TYR D 1157 -8.39 -70.44 -57.43
N ASP D 1158 -9.18 -71.06 -58.29
CA ASP D 1158 -10.52 -70.58 -58.59
C ASP D 1158 -11.65 -71.65 -58.47
N PRO D 1159 -11.98 -72.15 -57.24
CA PRO D 1159 -12.95 -73.23 -56.98
C PRO D 1159 -14.27 -73.04 -57.73
N VAL E 2 5.69 51.67 26.69
CA VAL E 2 5.79 52.51 25.50
C VAL E 2 5.93 53.97 25.90
N GLN E 3 7.02 54.61 25.42
CA GLN E 3 7.31 56.01 25.65
C GLN E 3 7.65 56.71 24.34
N LEU E 4 7.25 57.96 24.25
CA LEU E 4 7.62 58.81 23.14
C LEU E 4 8.15 60.10 23.73
N VAL E 5 9.40 60.42 23.47
CA VAL E 5 10.03 61.57 24.08
C VAL E 5 10.48 62.59 23.06
N GLN E 6 9.92 63.78 23.16
CA GLN E 6 10.18 64.84 22.22
C GLN E 6 11.21 65.84 22.72
N SER E 7 11.74 66.60 21.78
CA SER E 7 12.69 67.66 22.04
C SER E 7 12.06 68.84 22.78
N GLY E 8 12.89 69.78 23.23
CA GLY E 8 12.37 70.93 23.96
C GLY E 8 11.81 72.01 23.04
N ALA E 9 11.28 73.07 23.65
CA ALA E 9 10.64 74.16 22.93
C ALA E 9 11.61 74.93 22.05
N GLU E 10 11.08 75.43 20.93
CA GLU E 10 11.85 76.18 19.95
C GLU E 10 11.20 77.52 19.63
N VAL E 11 12.01 78.53 19.36
CA VAL E 11 11.49 79.82 18.93
C VAL E 11 12.15 80.21 17.61
N LYS E 12 11.32 80.47 16.61
CA LYS E 12 11.81 80.76 15.27
C LYS E 12 11.24 82.03 14.68
N LYS E 13 11.97 82.62 13.76
CA LYS E 13 11.48 83.76 13.02
C LYS E 13 10.67 83.25 11.83
N PRO E 14 9.68 83.99 11.34
CA PRO E 14 8.96 83.67 10.14
C PRO E 14 9.92 83.46 8.98
N GLY E 15 9.67 82.43 8.18
CA GLY E 15 10.50 82.07 7.04
C GLY E 15 11.54 81.01 7.41
N ALA E 16 11.72 80.78 8.70
CA ALA E 16 12.68 79.81 9.21
C ALA E 16 12.15 78.39 9.14
N SER E 17 12.99 77.45 9.58
CA SER E 17 12.58 76.06 9.64
C SER E 17 12.85 75.50 11.02
N VAL E 18 12.00 74.59 11.46
CA VAL E 18 12.16 73.96 12.77
C VAL E 18 12.16 72.45 12.66
N LYS E 19 12.98 71.81 13.47
CA LYS E 19 13.03 70.36 13.50
C LYS E 19 12.73 69.84 14.87
N VAL E 20 11.72 68.98 14.96
CA VAL E 20 11.33 68.43 16.24
C VAL E 20 11.51 66.92 16.23
N SER E 21 12.31 66.44 17.14
CA SER E 21 12.57 65.02 17.20
C SER E 21 11.55 64.34 18.12
N CYS E 22 11.40 63.02 17.97
CA CYS E 22 10.60 62.17 18.82
C CYS E 22 11.23 60.79 18.96
N LYS E 23 11.81 60.52 20.11
CA LYS E 23 12.47 59.26 20.36
C LYS E 23 11.52 58.25 20.92
N ALA E 24 11.48 57.09 20.30
CA ALA E 24 10.58 56.04 20.71
C ALA E 24 11.29 54.98 21.53
N SER E 25 10.57 54.39 22.47
CA SER E 25 11.09 53.24 23.17
C SER E 25 9.99 52.34 23.70
N GLY E 26 10.32 51.09 23.99
CA GLY E 26 9.36 50.16 24.59
C GLY E 26 8.56 49.34 23.58
N TYR E 27 8.89 49.49 22.30
CA TYR E 27 8.19 48.76 21.26
C TYR E 27 9.04 48.63 20.01
N THR E 28 8.60 47.79 19.08
CA THR E 28 9.31 47.69 17.81
C THR E 28 9.01 48.94 17.00
N PHE E 29 10.00 49.77 16.82
CA PHE E 29 9.83 51.08 16.21
C PHE E 29 9.21 50.99 14.82
N THR E 30 9.69 50.07 14.03
CA THR E 30 9.28 49.95 12.66
C THR E 30 7.93 49.29 12.48
N GLY E 31 7.33 48.84 13.58
CA GLY E 31 6.05 48.16 13.50
C GLY E 31 4.88 49.12 13.55
N TYR E 32 5.18 50.41 13.74
CA TYR E 32 4.15 51.43 13.87
C TYR E 32 4.44 52.63 13.01
N TYR E 33 3.41 53.39 12.71
CA TYR E 33 3.58 54.65 12.01
C TYR E 33 3.74 55.76 13.01
N MET E 34 4.58 56.72 12.69
CA MET E 34 4.64 57.92 13.50
C MET E 34 3.86 59.00 12.83
N HIS E 35 2.95 59.58 13.58
CA HIS E 35 2.11 60.64 13.12
C HIS E 35 2.44 61.90 13.85
N TRP E 36 2.19 63.03 13.24
CA TRP E 36 2.33 64.25 13.98
C TRP E 36 1.01 65.00 13.99
N VAL E 37 0.71 65.55 15.14
CA VAL E 37 -0.50 66.31 15.38
C VAL E 37 -0.16 67.66 15.98
N ARG E 38 -0.73 68.72 15.41
CA ARG E 38 -0.44 70.06 15.87
C ARG E 38 -1.60 70.63 16.70
N GLN E 39 -1.28 71.40 17.72
CA GLN E 39 -2.31 72.08 18.50
C GLN E 39 -1.99 73.54 18.77
N ALA E 40 -2.56 74.45 17.98
CA ALA E 40 -2.31 75.87 18.19
C ALA E 40 -2.98 76.26 19.50
N PRO E 41 -2.47 77.24 20.27
CA PRO E 41 -3.01 77.65 21.54
C PRO E 41 -4.48 78.00 21.42
N GLY E 42 -5.30 77.42 22.30
CA GLY E 42 -6.73 77.69 22.32
C GLY E 42 -7.51 76.88 21.28
N GLN E 43 -6.82 76.07 20.49
CA GLN E 43 -7.45 75.32 19.42
C GLN E 43 -7.49 73.84 19.68
N GLY E 44 -8.11 73.11 18.75
CA GLY E 44 -8.19 71.67 18.83
C GLY E 44 -6.98 71.05 18.15
N LEU E 45 -7.04 69.75 17.93
CA LEU E 45 -5.93 69.00 17.37
C LEU E 45 -6.05 68.90 15.85
N GLU E 46 -4.92 69.02 15.16
CA GLU E 46 -4.88 68.89 13.70
C GLU E 46 -3.84 67.86 13.26
N TRP E 47 -4.26 66.91 12.46
CA TRP E 47 -3.32 65.92 11.95
C TRP E 47 -2.47 66.49 10.82
N MET E 48 -1.16 66.25 10.87
CA MET E 48 -0.24 66.77 9.87
C MET E 48 0.22 65.80 8.81
N GLY E 49 0.36 64.54 9.18
CA GLY E 49 0.95 63.57 8.28
C GLY E 49 1.59 62.43 9.06
N TRP E 50 2.20 61.48 8.35
CA TRP E 50 2.89 60.35 8.96
C TRP E 50 4.12 59.91 8.21
N ILE E 51 4.97 59.20 8.94
CA ILE E 51 6.19 58.58 8.45
C ILE E 51 6.22 57.11 8.87
N ASN E 52 6.49 56.23 7.91
CA ASN E 52 6.61 54.80 8.14
C ASN E 52 8.10 54.44 8.17
N PRO E 53 8.73 54.26 9.36
CA PRO E 53 10.15 54.09 9.59
C PRO E 53 10.82 52.97 8.81
N ILE E 54 10.07 51.93 8.51
CA ILE E 54 10.63 50.79 7.79
C ILE E 54 11.01 51.14 6.36
N SER E 55 10.27 52.05 5.75
CA SER E 55 10.48 52.39 4.36
C SER E 55 10.70 53.86 4.16
N SER E 56 10.52 54.63 5.23
CA SER E 56 10.53 56.07 5.19
C SER E 56 9.49 56.56 4.22
N GLY E 57 8.33 55.92 4.26
CA GLY E 57 7.21 56.28 3.43
C GLY E 57 6.46 57.37 4.13
N THR E 58 5.84 58.28 3.38
CA THR E 58 5.10 59.34 4.03
C THR E 58 3.77 59.63 3.41
N SER E 59 2.99 60.36 4.17
CA SER E 59 1.75 60.96 3.71
C SER E 59 1.54 62.24 4.46
N TYR E 60 1.10 63.27 3.78
CA TYR E 60 0.93 64.54 4.47
C TYR E 60 -0.49 65.03 4.32
N ALA E 61 -0.94 65.78 5.31
CA ALA E 61 -2.20 66.46 5.19
C ALA E 61 -2.03 67.50 4.11
N GLN E 62 -3.07 67.74 3.33
CA GLN E 62 -2.94 68.71 2.24
C GLN E 62 -2.49 70.08 2.76
N THR E 63 -2.91 70.42 3.97
CA THR E 63 -2.56 71.68 4.59
C THR E 63 -1.04 71.91 4.65
N PHE E 64 -0.27 70.85 4.91
CA PHE E 64 1.18 70.98 5.06
C PHE E 64 1.90 70.32 3.92
N GLN E 65 1.19 70.01 2.85
CA GLN E 65 1.85 69.28 1.79
C GLN E 65 2.74 70.25 1.03
N GLY E 66 4.02 69.92 0.99
CA GLY E 66 5.02 70.79 0.37
C GLY E 66 5.71 71.68 1.40
N ARG E 67 5.21 71.69 2.63
CA ARG E 67 5.80 72.50 3.67
C ARG E 67 6.56 71.67 4.69
N VAL E 68 6.05 70.47 4.95
CA VAL E 68 6.65 69.65 5.96
C VAL E 68 7.29 68.41 5.37
N THR E 69 8.44 68.08 5.87
CA THR E 69 9.14 66.86 5.50
C THR E 69 9.28 65.99 6.73
N MET E 70 8.92 64.72 6.61
CA MET E 70 9.09 63.84 7.74
C MET E 70 10.10 62.77 7.41
N THR E 71 11.01 62.55 8.34
CA THR E 71 12.07 61.55 8.20
C THR E 71 12.17 60.73 9.46
N SER E 72 12.97 59.68 9.42
CA SER E 72 13.19 58.88 10.60
C SER E 72 14.54 58.20 10.54
N ASP E 73 15.03 57.77 11.69
CA ASP E 73 16.26 57.02 11.77
C ASP E 73 16.10 55.86 12.73
N THR E 74 16.04 54.65 12.18
CA THR E 74 15.74 53.48 12.97
C THR E 74 16.89 53.09 13.88
N SER E 75 18.10 53.55 13.58
CA SER E 75 19.25 53.17 14.38
C SER E 75 19.19 53.81 15.76
N ILE E 76 18.39 54.86 15.88
CA ILE E 76 18.23 55.57 17.13
C ILE E 76 16.75 55.69 17.45
N THR E 77 15.94 54.85 16.80
CA THR E 77 14.48 54.85 16.91
C THR E 77 13.88 56.23 17.10
N THR E 78 14.23 57.15 16.21
CA THR E 78 13.76 58.53 16.29
C THR E 78 13.08 59.05 15.03
N ALA E 79 11.96 59.72 15.23
CA ALA E 79 11.24 60.39 14.15
C ALA E 79 11.55 61.87 14.13
N TYR E 80 11.53 62.46 12.94
CA TYR E 80 11.72 63.89 12.84
C TYR E 80 10.63 64.54 12.03
N MET E 81 10.28 65.73 12.46
CA MET E 81 9.41 66.61 11.72
C MET E 81 10.28 67.75 11.28
N GLU E 82 10.25 68.14 10.03
CA GLU E 82 10.94 69.36 9.64
C GLU E 82 9.92 70.27 8.96
N LEU E 83 9.55 71.35 9.63
CA LEU E 83 8.56 72.25 9.05
C LEU E 83 9.23 73.52 8.57
N SER E 84 9.16 73.76 7.27
CA SER E 84 9.85 74.89 6.65
C SER E 84 8.90 76.04 6.37
N ARG E 85 9.47 77.19 5.98
CA ARG E 85 8.68 78.35 5.59
C ARG E 85 7.66 78.69 6.65
N LEU E 86 8.13 78.82 7.89
CA LEU E 86 7.26 79.05 9.03
C LEU E 86 6.57 80.40 8.98
N ARG E 87 5.36 80.44 9.51
CA ARG E 87 4.59 81.66 9.63
C ARG E 87 4.03 81.76 11.05
N SER E 88 3.55 82.92 11.44
CA SER E 88 3.06 83.11 12.81
C SER E 88 1.88 82.19 13.15
N ASP E 89 1.19 81.71 12.13
CA ASP E 89 0.04 80.84 12.32
C ASP E 89 0.47 79.43 12.70
N ASP E 90 1.77 79.17 12.66
CA ASP E 90 2.30 77.87 12.99
C ASP E 90 2.68 77.81 14.46
N THR E 91 2.44 78.86 15.22
CA THR E 91 2.72 78.71 16.64
C THR E 91 1.79 77.64 17.16
N ALA E 92 2.36 76.60 17.71
CA ALA E 92 1.57 75.47 18.14
C ALA E 92 2.38 74.51 18.95
N VAL E 93 1.68 73.62 19.63
CA VAL E 93 2.32 72.51 20.26
C VAL E 93 2.31 71.31 19.33
N TYR E 94 3.46 70.75 19.06
CA TYR E 94 3.57 69.64 18.14
C TYR E 94 3.76 68.33 18.88
N TYR E 95 2.84 67.41 18.65
CA TYR E 95 2.88 66.11 19.28
C TYR E 95 3.25 65.05 18.26
N CYS E 96 4.00 64.04 18.69
CA CYS E 96 4.23 62.83 17.92
C CYS E 96 3.28 61.79 18.47
N ALA E 97 2.75 60.95 17.60
CA ALA E 97 1.80 59.95 18.04
C ALA E 97 1.98 58.64 17.29
N ARG E 98 1.78 57.57 18.01
CA ARG E 98 1.92 56.21 17.51
C ARG E 98 0.60 55.61 17.10
N ALA E 99 0.58 55.02 15.91
CA ALA E 99 -0.61 54.32 15.40
C ALA E 99 -0.17 53.10 14.61
N ALA E 100 -1.05 52.12 14.48
CA ALA E 100 -0.69 50.90 13.76
C ALA E 100 -0.57 51.24 12.29
N PRO E 101 0.15 50.43 11.52
CA PRO E 101 0.25 50.51 10.09
C PRO E 101 -1.06 50.10 9.46
N PHE E 102 -1.24 50.47 8.20
CA PHE E 102 -2.48 50.18 7.50
C PHE E 102 -2.79 48.71 7.30
N TYR E 103 -1.86 47.83 7.60
CA TYR E 103 -2.16 46.43 7.42
C TYR E 103 -2.73 45.77 8.66
N ASP E 104 -2.91 46.53 9.72
CA ASP E 104 -3.47 45.95 10.92
C ASP E 104 -4.89 45.46 10.64
N PHE E 105 -5.13 44.19 10.94
CA PHE E 105 -6.43 43.57 10.69
C PHE E 105 -7.52 44.33 11.41
N TRP E 106 -7.23 44.76 12.63
CA TRP E 106 -8.19 45.54 13.37
C TRP E 106 -7.77 46.96 13.08
N SER E 107 -8.68 47.91 13.08
CA SER E 107 -8.31 49.23 12.58
C SER E 107 -7.46 50.04 13.54
N GLY E 108 -6.25 49.57 13.82
CA GLY E 108 -5.34 50.21 14.76
C GLY E 108 -4.73 51.45 14.16
N TYR E 109 -4.90 51.61 12.88
CA TYR E 109 -4.36 52.74 12.16
C TYR E 109 -5.30 53.90 12.22
N SER E 110 -6.51 53.67 12.72
CA SER E 110 -7.52 54.69 12.74
C SER E 110 -7.40 55.60 13.94
N TYR E 111 -6.55 55.25 14.90
CA TYR E 111 -6.42 56.01 16.14
C TYR E 111 -5.00 56.01 16.68
N PHE E 112 -4.73 56.93 17.59
CA PHE E 112 -3.40 57.08 18.16
C PHE E 112 -3.37 56.60 19.59
N ASP E 113 -2.62 55.55 19.87
CA ASP E 113 -2.67 55.02 21.23
C ASP E 113 -1.62 55.61 22.15
N TYR E 114 -0.54 56.14 21.59
CA TYR E 114 0.45 56.78 22.44
C TYR E 114 0.88 58.11 21.89
N TRP E 115 1.06 59.06 22.79
CA TRP E 115 1.47 60.41 22.45
C TRP E 115 2.72 60.81 23.21
N GLY E 116 3.56 61.63 22.60
CA GLY E 116 4.71 62.17 23.31
C GLY E 116 4.28 63.45 24.01
N GLN E 117 5.19 64.07 24.75
CA GLN E 117 4.83 65.33 25.37
C GLN E 117 4.91 66.34 24.26
N GLY E 118 4.03 67.30 24.23
CA GLY E 118 4.09 68.20 23.11
C GLY E 118 5.29 69.11 23.16
N THR E 119 5.76 69.51 21.99
CA THR E 119 6.84 70.48 21.87
C THR E 119 6.31 71.80 21.40
N LEU E 120 6.51 72.84 22.19
CA LEU E 120 6.00 74.13 21.79
C LEU E 120 6.94 74.83 20.83
N VAL E 121 6.40 75.22 19.69
CA VAL E 121 7.16 75.97 18.72
C VAL E 121 6.50 77.32 18.53
N THR E 122 7.26 78.38 18.76
CA THR E 122 6.72 79.74 18.60
C THR E 122 7.32 80.41 17.38
N VAL E 123 6.48 81.06 16.57
CA VAL E 123 6.91 81.73 15.34
C VAL E 123 6.39 83.17 15.35
N GLU F 1 -14.35 68.59 2.48
CA GLU F 1 -14.08 67.49 3.39
C GLU F 1 -15.15 67.40 4.49
N ILE F 2 -15.01 66.41 5.39
CA ILE F 2 -15.96 66.10 6.45
C ILE F 2 -15.83 67.04 7.65
N VAL F 3 -16.94 67.52 8.18
CA VAL F 3 -16.93 68.36 9.36
C VAL F 3 -17.24 67.52 10.60
N MET F 4 -16.36 67.63 11.60
CA MET F 4 -16.50 66.91 12.84
C MET F 4 -17.03 67.83 13.92
N MET F 5 -18.24 67.59 14.43
CA MET F 5 -18.82 68.53 15.37
C MET F 5 -19.16 67.94 16.71
N GLN F 6 -18.62 68.53 17.77
CA GLN F 6 -18.95 68.06 19.11
C GLN F 6 -19.92 68.99 19.80
N SER F 7 -20.66 68.45 20.76
CA SER F 7 -21.61 69.22 21.53
C SER F 7 -21.88 68.62 22.91
N PRO F 8 -22.05 69.46 23.93
CA PRO F 8 -21.95 70.91 23.98
C PRO F 8 -20.50 71.33 23.97
N GLY F 9 -20.22 72.57 23.57
CA GLY F 9 -18.84 73.05 23.61
C GLY F 9 -18.30 73.00 25.05
N THR F 10 -19.18 73.28 26.01
CA THR F 10 -18.82 73.20 27.41
C THR F 10 -19.90 72.45 28.18
N LEU F 11 -19.49 71.52 29.01
CA LEU F 11 -20.39 70.78 29.87
C LEU F 11 -20.12 71.23 31.30
N SER F 12 -21.16 71.39 32.11
CA SER F 12 -20.93 71.80 33.49
C SER F 12 -21.71 70.93 34.46
N LEU F 13 -20.98 70.27 35.33
CA LEU F 13 -21.56 69.36 36.29
C LEU F 13 -20.61 69.17 37.46
N SER F 14 -21.07 68.47 38.50
CA SER F 14 -20.26 68.28 39.69
C SER F 14 -19.60 66.91 39.73
N PRO F 15 -18.47 66.77 40.43
CA PRO F 15 -17.84 65.50 40.72
C PRO F 15 -18.87 64.61 41.38
N GLY F 16 -18.87 63.34 41.01
CA GLY F 16 -19.81 62.37 41.55
C GLY F 16 -21.02 62.19 40.63
N GLU F 17 -21.20 63.10 39.67
CA GLU F 17 -22.31 63.01 38.75
C GLU F 17 -21.91 62.34 37.44
N ARG F 18 -22.90 62.08 36.61
CA ARG F 18 -22.71 61.46 35.30
C ARG F 18 -22.60 62.49 34.19
N ALA F 19 -21.78 62.21 33.17
CA ALA F 19 -21.65 63.11 32.03
C ALA F 19 -21.81 62.36 30.71
N THR F 20 -22.44 63.02 29.75
CA THR F 20 -22.48 62.50 28.40
C THR F 20 -22.09 63.58 27.40
N LEU F 21 -21.14 63.25 26.54
CA LEU F 21 -20.69 64.12 25.47
C LEU F 21 -21.06 63.52 24.14
N SER F 22 -21.40 64.35 23.16
CA SER F 22 -21.76 63.82 21.86
C SER F 22 -20.85 64.33 20.75
N CYS F 23 -20.78 63.53 19.68
CA CYS F 23 -20.06 63.89 18.44
C CYS F 23 -20.96 63.53 17.25
N ARG F 24 -21.19 64.57 16.44
CA ARG F 24 -22.02 64.46 15.26
C ARG F 24 -21.13 64.58 14.05
N ALA F 25 -21.52 63.96 12.97
CA ALA F 25 -20.74 64.07 11.75
C ALA F 25 -21.60 64.44 10.57
N SER F 26 -21.00 65.20 9.64
CA SER F 26 -21.69 65.46 8.39
C SER F 26 -21.97 64.17 7.67
N GLN F 27 -20.98 63.28 7.66
CA GLN F 27 -21.13 62.04 6.93
C GLN F 27 -21.00 60.83 7.83
N SER F 28 -21.59 59.75 7.39
CA SER F 28 -21.56 58.48 8.08
C SER F 28 -20.12 58.00 8.33
N VAL F 29 -19.89 57.48 9.54
CA VAL F 29 -18.59 57.00 9.99
C VAL F 29 -18.64 55.56 10.49
N SER F 30 -17.76 54.70 9.98
CA SER F 30 -17.76 53.33 10.48
C SER F 30 -17.42 53.39 11.96
N SER F 31 -18.07 52.58 12.78
CA SER F 31 -17.82 52.67 14.22
C SER F 31 -16.37 52.34 14.54
N SER F 32 -15.75 51.55 13.66
CA SER F 32 -14.40 51.08 13.83
C SER F 32 -13.38 52.19 13.70
N TYR F 33 -13.80 53.31 13.14
CA TYR F 33 -12.93 54.44 12.89
C TYR F 33 -13.19 55.63 13.79
N LEU F 34 -14.00 55.48 14.84
CA LEU F 34 -14.26 56.60 15.72
C LEU F 34 -13.52 56.40 17.06
N ALA F 35 -12.87 57.45 17.57
CA ALA F 35 -12.12 57.36 18.81
C ALA F 35 -12.28 58.61 19.67
N TRP F 36 -12.07 58.46 20.98
CA TRP F 36 -12.11 59.58 21.90
C TRP F 36 -10.82 59.76 22.67
N TYR F 37 -10.43 61.01 22.87
CA TYR F 37 -9.22 61.36 23.62
C TYR F 37 -9.49 62.33 24.76
N GLN F 38 -8.75 62.17 25.84
CA GLN F 38 -8.83 63.09 26.97
C GLN F 38 -7.57 63.92 27.10
N GLN F 39 -7.72 65.22 27.14
CA GLN F 39 -6.57 66.08 27.30
C GLN F 39 -6.66 66.96 28.54
N LYS F 40 -5.83 66.66 29.53
CA LYS F 40 -5.81 67.46 30.74
C LYS F 40 -4.95 68.67 30.40
N PRO F 41 -5.19 69.84 30.98
CA PRO F 41 -4.41 71.03 30.75
C PRO F 41 -2.93 70.78 30.97
N GLY F 42 -2.12 71.20 30.01
CA GLY F 42 -0.67 71.04 30.09
C GLY F 42 -0.17 69.66 29.67
N GLN F 43 -1.08 68.76 29.31
CA GLN F 43 -0.70 67.40 28.95
C GLN F 43 -1.07 67.03 27.52
N ALA F 44 -0.40 66.01 26.99
CA ALA F 44 -0.74 65.46 25.69
C ALA F 44 -2.06 64.72 25.81
N PRO F 45 -2.86 64.63 24.75
CA PRO F 45 -4.07 63.85 24.70
C PRO F 45 -3.76 62.40 24.94
N ARG F 46 -4.68 61.69 25.55
CA ARG F 46 -4.52 60.25 25.69
C ARG F 46 -5.78 59.54 25.27
N LEU F 47 -5.62 58.38 24.67
CA LEU F 47 -6.75 57.63 24.16
C LEU F 47 -7.61 57.07 25.26
N LEU F 48 -8.92 57.22 25.11
CA LEU F 48 -9.88 56.63 26.02
C LEU F 48 -10.59 55.48 25.37
N ILE F 49 -11.22 55.80 24.26
CA ILE F 49 -12.09 54.87 23.55
C ILE F 49 -11.69 54.75 22.10
N TYR F 50 -11.68 53.55 21.57
CA TYR F 50 -11.41 53.39 20.15
C TYR F 50 -12.42 52.43 19.55
N GLY F 51 -12.63 52.52 18.26
CA GLY F 51 -13.60 51.62 17.66
C GLY F 51 -14.99 51.95 18.17
N ALA F 52 -15.21 53.22 18.48
CA ALA F 52 -16.44 53.77 19.05
C ALA F 52 -16.66 53.38 20.50
N SER F 53 -16.46 52.12 20.86
CA SER F 53 -16.81 51.67 22.20
C SER F 53 -15.74 50.93 23.01
N SER F 54 -14.59 50.61 22.44
CA SER F 54 -13.60 49.83 23.18
C SER F 54 -12.69 50.69 24.03
N ARG F 55 -12.49 50.30 25.29
CA ARG F 55 -11.57 51.06 26.12
C ARG F 55 -10.12 50.78 25.78
N ALA F 56 -9.32 51.84 25.84
CA ALA F 56 -7.88 51.74 25.68
C ALA F 56 -7.29 51.15 26.94
N THR F 57 -6.12 50.54 26.81
CA THR F 57 -5.48 49.94 27.97
C THR F 57 -5.20 50.99 29.03
N GLY F 58 -5.57 50.68 30.27
CA GLY F 58 -5.33 51.57 31.40
C GLY F 58 -6.50 52.50 31.70
N ILE F 59 -7.54 52.42 30.89
CA ILE F 59 -8.71 53.28 31.06
C ILE F 59 -9.74 52.64 31.98
N PRO F 60 -10.18 53.35 33.03
CA PRO F 60 -11.18 52.93 34.01
C PRO F 60 -12.49 52.56 33.35
N ASP F 61 -13.21 51.63 33.98
CA ASP F 61 -14.49 51.13 33.48
C ASP F 61 -15.58 52.18 33.57
N ARG F 62 -15.25 53.31 34.16
CA ARG F 62 -16.15 54.45 34.27
C ARG F 62 -16.41 55.04 32.89
N PHE F 63 -15.49 54.81 31.96
CA PHE F 63 -15.61 55.34 30.61
C PHE F 63 -16.18 54.32 29.67
N SER F 64 -17.14 54.74 28.88
CA SER F 64 -17.69 53.86 27.86
C SER F 64 -18.12 54.67 26.67
N GLY F 65 -18.21 54.03 25.53
CA GLY F 65 -18.65 54.75 24.35
C GLY F 65 -19.63 53.91 23.56
N SER F 66 -20.33 54.58 22.67
CA SER F 66 -21.28 53.91 21.80
C SER F 66 -21.61 54.79 20.61
N GLY F 67 -22.27 54.22 19.62
CA GLY F 67 -22.70 55.02 18.50
C GLY F 67 -22.47 54.34 17.18
N SER F 68 -23.06 54.93 16.15
CA SER F 68 -22.97 54.42 14.81
C SER F 68 -23.40 55.50 13.84
N GLY F 69 -23.14 55.30 12.55
CA GLY F 69 -23.64 56.26 11.59
C GLY F 69 -22.99 57.60 11.81
N THR F 70 -23.81 58.61 12.10
CA THR F 70 -23.32 59.95 12.30
C THR F 70 -23.31 60.35 13.76
N ASP F 71 -23.81 59.47 14.63
CA ASP F 71 -24.05 59.84 16.01
C ASP F 71 -23.30 58.99 17.04
N PHE F 72 -22.32 59.61 17.70
CA PHE F 72 -21.51 58.91 18.69
C PHE F 72 -21.52 59.63 20.03
N THR F 73 -21.40 58.87 21.11
CA THR F 73 -21.32 59.47 22.43
C THR F 73 -20.24 58.87 23.29
N LEU F 74 -19.79 59.66 24.25
CA LEU F 74 -18.88 59.25 25.30
C LEU F 74 -19.56 59.46 26.63
N THR F 75 -19.62 58.44 27.44
CA THR F 75 -20.27 58.57 28.73
C THR F 75 -19.33 58.26 29.86
N ILE F 76 -19.36 59.11 30.87
CA ILE F 76 -18.60 58.90 32.07
C ILE F 76 -19.61 58.61 33.18
N SER F 77 -19.57 57.39 33.73
CA SER F 77 -20.61 56.97 34.67
C SER F 77 -20.60 57.81 35.94
N ARG F 78 -19.41 58.15 36.40
CA ARG F 78 -19.22 58.96 37.58
C ARG F 78 -17.95 59.77 37.40
N LEU F 79 -18.02 61.06 37.65
CA LEU F 79 -16.83 61.89 37.44
C LEU F 79 -16.01 62.12 38.68
N GLU F 80 -14.71 62.13 38.46
CA GLU F 80 -13.71 62.42 39.46
C GLU F 80 -13.05 63.72 39.03
N PRO F 81 -12.35 64.45 39.89
CA PRO F 81 -11.67 65.70 39.57
C PRO F 81 -10.81 65.60 38.30
N GLU F 82 -10.27 64.41 38.03
CA GLU F 82 -9.42 64.20 36.86
C GLU F 82 -10.17 64.25 35.54
N ASP F 83 -11.48 64.14 35.59
CA ASP F 83 -12.31 64.10 34.40
C ASP F 83 -12.72 65.47 33.93
N PHE F 84 -12.34 66.49 34.66
CA PHE F 84 -12.73 67.82 34.24
C PHE F 84 -11.65 68.38 33.32
N ALA F 85 -11.63 67.79 32.13
CA ALA F 85 -10.63 68.01 31.09
C ALA F 85 -11.31 68.21 29.75
N VAL F 86 -10.53 68.32 28.68
CA VAL F 86 -11.12 68.47 27.35
C VAL F 86 -11.17 67.15 26.61
N TYR F 87 -12.34 66.81 26.10
CA TYR F 87 -12.52 65.56 25.39
C TYR F 87 -12.69 65.80 23.91
N TYR F 88 -11.98 65.02 23.10
CA TYR F 88 -12.02 65.15 21.65
C TYR F 88 -12.54 63.89 21.02
N CYS F 89 -13.28 64.02 19.90
CA CYS F 89 -13.63 62.87 19.07
C CYS F 89 -12.70 62.94 17.86
N GLN F 90 -12.29 61.79 17.40
CA GLN F 90 -11.42 61.68 16.24
C GLN F 90 -11.92 60.60 15.34
N GLN F 91 -11.77 60.82 14.06
CA GLN F 91 -12.21 59.86 13.09
C GLN F 91 -11.26 59.68 11.94
N TYR F 92 -11.20 58.47 11.44
CA TYR F 92 -10.43 58.19 10.25
C TYR F 92 -11.35 57.95 9.08
N GLY F 93 -10.94 58.44 7.93
CA GLY F 93 -11.66 58.15 6.70
C GLY F 93 -10.77 58.58 5.57
N SER F 94 -11.12 58.24 4.34
CA SER F 94 -10.25 58.63 3.26
C SER F 94 -8.82 58.23 3.59
N SER F 95 -7.94 59.21 3.59
CA SER F 95 -6.56 58.99 3.95
C SER F 95 -6.13 60.02 4.98
N ALA F 96 -7.05 60.40 5.85
CA ALA F 96 -6.78 61.45 6.82
C ALA F 96 -7.47 61.23 8.16
N TRP F 97 -6.89 61.85 9.18
CA TRP F 97 -7.38 61.79 10.54
C TRP F 97 -7.92 63.14 10.95
N THR F 98 -9.20 63.18 11.28
CA THR F 98 -9.91 64.41 11.60
C THR F 98 -10.34 64.45 13.05
N PHE F 99 -10.10 65.57 13.70
CA PHE F 99 -10.51 65.76 15.08
C PHE F 99 -11.68 66.75 15.19
N GLY F 100 -12.48 66.58 16.23
CA GLY F 100 -13.54 67.53 16.52
C GLY F 100 -12.93 68.73 17.23
N GLN F 101 -13.73 69.72 17.57
CA GLN F 101 -13.17 70.93 18.18
C GLN F 101 -12.85 70.75 19.67
N GLY F 102 -13.38 69.71 20.28
CA GLY F 102 -13.18 69.45 21.70
C GLY F 102 -14.29 70.03 22.56
N THR F 103 -14.63 69.31 23.63
CA THR F 103 -15.61 69.80 24.60
C THR F 103 -14.98 69.82 25.96
N LYS F 104 -15.18 70.89 26.71
CA LYS F 104 -14.57 70.98 28.02
C LYS F 104 -15.53 70.54 29.11
N VAL F 105 -15.05 69.71 30.04
CA VAL F 105 -15.80 69.22 31.19
C VAL F 105 -15.14 69.79 32.44
N CYS G 34 33.44 51.37 -26.42
CA CYS G 34 32.55 50.68 -27.36
C CYS G 34 32.47 51.42 -28.68
N VAL G 35 32.30 50.65 -29.75
CA VAL G 35 32.16 51.17 -31.10
C VAL G 35 30.92 50.61 -31.77
N ASN G 36 30.12 51.46 -32.38
CA ASN G 36 28.92 51.14 -33.13
C ASN G 36 29.23 50.98 -34.61
N LEU G 37 29.11 49.79 -35.19
CA LEU G 37 29.42 49.54 -36.61
C LEU G 37 28.16 49.80 -37.44
N THR G 38 28.26 50.70 -38.42
CA THR G 38 27.09 51.10 -39.19
C THR G 38 27.12 50.67 -40.66
N THR G 39 28.28 50.28 -41.17
CA THR G 39 28.38 49.91 -42.59
C THR G 39 27.89 48.48 -42.80
N ARG G 40 26.59 48.29 -42.65
CA ARG G 40 26.01 46.95 -42.75
C ARG G 40 24.72 46.93 -43.57
N THR G 41 24.65 45.98 -44.49
CA THR G 41 23.48 45.78 -45.33
C THR G 41 22.36 45.17 -44.50
N GLN G 42 21.14 45.67 -44.68
CA GLN G 42 20.01 45.19 -43.90
C GLN G 42 19.10 44.22 -44.64
N LEU G 43 19.27 42.93 -44.40
CA LEU G 43 18.49 41.87 -45.02
C LEU G 43 17.71 41.12 -43.94
N PRO G 44 16.60 40.46 -44.26
CA PRO G 44 15.82 39.65 -43.36
C PRO G 44 16.59 38.40 -42.95
N PRO G 45 16.24 37.76 -41.82
CA PRO G 45 16.80 36.52 -41.31
C PRO G 45 16.64 35.36 -42.27
N ALA G 46 17.63 34.48 -42.30
CA ALA G 46 17.56 33.29 -43.12
C ALA G 46 17.10 32.14 -42.25
N TYR G 47 16.60 31.08 -42.87
CA TYR G 47 16.21 29.91 -42.11
C TYR G 47 16.73 28.66 -42.76
N THR G 48 17.03 27.65 -41.94
CA THR G 48 17.50 26.38 -42.47
C THR G 48 16.90 25.18 -41.72
N ASN G 49 17.35 23.99 -42.11
CA ASN G 49 16.86 22.75 -41.55
C ASN G 49 17.88 22.15 -40.60
N SER G 50 17.46 21.88 -39.36
CA SER G 50 18.33 21.31 -38.34
C SER G 50 18.70 19.85 -38.62
N PHE G 51 17.94 19.23 -39.50
CA PHE G 51 18.07 17.82 -39.82
C PHE G 51 18.06 16.97 -38.56
N THR G 52 19.15 16.27 -38.30
CA THR G 52 19.24 15.39 -37.14
C THR G 52 20.36 15.81 -36.18
N ARG G 53 20.76 17.08 -36.27
CA ARG G 53 21.82 17.66 -35.44
C ARG G 53 21.30 18.10 -34.07
N GLY G 54 22.21 18.29 -33.12
CA GLY G 54 21.84 18.82 -31.81
C GLY G 54 21.62 17.78 -30.72
N VAL G 55 21.96 16.54 -31.01
CA VAL G 55 21.85 15.47 -30.03
C VAL G 55 23.12 15.39 -29.21
N TYR G 56 22.96 15.32 -27.91
CA TYR G 56 24.08 15.29 -26.98
C TYR G 56 23.91 14.18 -25.98
N TYR G 57 25.00 13.79 -25.35
CA TYR G 57 24.95 12.77 -24.32
C TYR G 57 24.24 13.35 -23.10
N PRO G 58 23.05 12.84 -22.74
CA PRO G 58 22.18 13.38 -21.71
C PRO G 58 22.69 13.14 -20.31
N ASP G 59 23.67 12.27 -20.17
CA ASP G 59 24.15 11.88 -18.86
C ASP G 59 25.63 11.52 -18.86
N LYS G 60 26.11 11.07 -17.70
CA LYS G 60 27.52 10.77 -17.48
C LYS G 60 27.77 9.29 -17.28
N VAL G 61 26.87 8.48 -17.83
CA VAL G 61 26.94 7.03 -17.65
C VAL G 61 27.20 6.32 -18.97
N PHE G 62 28.11 5.37 -18.90
CA PHE G 62 28.45 4.56 -20.04
C PHE G 62 27.48 3.43 -20.22
N ARG G 63 26.97 3.29 -21.41
CA ARG G 63 26.13 2.18 -21.74
C ARG G 63 26.46 1.80 -23.15
N SER G 64 26.26 0.55 -23.52
CA SER G 64 26.63 0.13 -24.86
C SER G 64 25.75 -0.98 -25.41
N SER G 65 25.64 -1.01 -26.72
CA SER G 65 24.82 -1.97 -27.45
C SER G 65 23.38 -1.99 -26.94
N VAL G 66 22.85 -0.81 -26.64
CA VAL G 66 21.47 -0.65 -26.17
C VAL G 66 20.76 0.51 -26.82
N LEU G 67 19.44 0.48 -26.74
CA LEU G 67 18.63 1.61 -27.13
C LEU G 67 18.03 2.20 -25.86
N HIS G 68 18.34 3.45 -25.59
CA HIS G 68 17.90 4.08 -24.35
C HIS G 68 16.93 5.21 -24.58
N SER G 69 15.81 5.16 -23.89
CA SER G 69 14.79 6.21 -24.02
C SER G 69 14.95 7.27 -22.95
N THR G 70 15.14 8.51 -23.37
CA THR G 70 15.36 9.62 -22.46
C THR G 70 14.51 10.86 -22.73
N GLN G 71 14.03 11.47 -21.66
CA GLN G 71 13.29 12.72 -21.71
C GLN G 71 14.17 13.88 -21.27
N ASP G 72 14.49 14.76 -22.20
CA ASP G 72 15.40 15.87 -21.94
C ASP G 72 15.18 16.98 -22.96
N LEU G 73 15.94 18.06 -22.85
CA LEU G 73 15.81 19.15 -23.80
C LEU G 73 16.68 18.92 -25.01
N PHE G 74 16.07 18.70 -26.15
CA PHE G 74 16.80 18.39 -27.36
C PHE G 74 16.36 19.29 -28.47
N LEU G 75 17.22 19.50 -29.45
CA LEU G 75 16.79 20.22 -30.63
C LEU G 75 15.90 19.24 -31.39
N PRO G 76 14.63 19.54 -31.66
CA PRO G 76 13.72 18.67 -32.35
C PRO G 76 14.28 18.38 -33.72
N PHE G 77 14.02 17.19 -34.23
CA PHE G 77 14.49 16.87 -35.56
C PHE G 77 13.74 17.67 -36.60
N PHE G 78 14.47 18.07 -37.62
CA PHE G 78 13.94 18.83 -38.74
C PHE G 78 13.27 20.10 -38.29
N SER G 79 13.85 20.74 -37.28
CA SER G 79 13.32 21.99 -36.77
C SER G 79 13.77 23.16 -37.63
N ASN G 80 13.10 24.29 -37.51
CA ASN G 80 13.30 25.58 -38.10
C ASN G 80 14.41 26.34 -37.46
N VAL G 81 15.58 26.47 -37.99
CA VAL G 81 16.77 27.09 -37.41
C VAL G 81 17.04 28.47 -37.97
N THR G 82 17.23 29.45 -37.10
CA THR G 82 17.47 30.80 -37.56
C THR G 82 18.93 30.89 -38.02
N TRP G 83 19.16 31.49 -39.17
CA TRP G 83 20.48 31.47 -39.79
C TRP G 83 21.06 32.86 -40.03
N PHE G 84 22.24 33.11 -39.45
CA PHE G 84 22.90 34.40 -39.48
C PHE G 84 24.27 34.31 -40.17
N HIS G 85 24.67 35.42 -40.83
CA HIS G 85 25.96 35.53 -41.52
C HIS G 85 26.85 36.58 -40.85
N ARG G 97 28.97 39.36 -43.61
CA ARG G 97 28.38 40.56 -43.06
C ARG G 97 29.00 40.78 -41.64
N PHE G 98 28.16 41.08 -40.63
CA PHE G 98 28.53 41.13 -39.23
C PHE G 98 27.21 41.05 -38.49
N ASP G 99 26.60 39.89 -38.56
CA ASP G 99 25.25 39.66 -38.10
C ASP G 99 25.24 38.98 -36.75
N ASN G 100 24.71 39.65 -35.74
CA ASN G 100 24.76 39.15 -34.37
C ASN G 100 24.06 40.06 -33.37
N PRO G 101 22.72 40.08 -33.40
CA PRO G 101 21.82 40.78 -32.52
C PRO G 101 21.66 39.97 -31.28
N VAL G 102 20.93 40.48 -30.30
CA VAL G 102 20.64 39.65 -29.16
C VAL G 102 19.50 38.72 -29.54
N LEU G 103 19.64 37.46 -29.18
CA LEU G 103 18.67 36.42 -29.46
C LEU G 103 18.10 35.93 -28.14
N PRO G 104 16.89 35.38 -28.10
CA PRO G 104 16.33 34.74 -26.92
C PRO G 104 17.12 33.49 -26.57
N PHE G 105 17.13 33.19 -25.28
CA PHE G 105 17.65 31.95 -24.72
C PHE G 105 16.49 31.41 -23.92
N ASN G 106 15.99 30.23 -24.27
CA ASN G 106 14.75 29.80 -23.63
C ASN G 106 14.95 28.66 -22.64
N ASP G 107 14.71 27.44 -23.08
CA ASP G 107 14.94 26.29 -22.22
C ASP G 107 16.42 25.95 -22.30
N GLY G 108 16.97 26.30 -23.43
CA GLY G 108 18.36 26.14 -23.78
C GLY G 108 18.48 26.40 -25.25
N VAL G 109 19.69 26.51 -25.77
CA VAL G 109 19.80 26.75 -27.19
C VAL G 109 20.82 25.86 -27.86
N TYR G 110 20.64 25.69 -29.16
CA TYR G 110 21.60 25.00 -29.99
C TYR G 110 22.29 25.99 -30.87
N PHE G 111 23.60 25.92 -30.89
CA PHE G 111 24.39 26.86 -31.66
C PHE G 111 25.38 26.12 -32.52
N ALA G 112 25.52 26.53 -33.77
CA ALA G 112 26.55 25.91 -34.59
C ALA G 112 27.20 26.92 -35.49
N SER G 113 28.49 26.74 -35.75
CA SER G 113 29.20 27.64 -36.64
C SER G 113 30.00 26.90 -37.68
N THR G 114 30.04 27.49 -38.86
CA THR G 114 30.85 26.96 -39.95
C THR G 114 31.85 28.02 -40.31
N GLU G 115 33.12 27.64 -40.26
CA GLU G 115 34.20 28.60 -40.46
C GLU G 115 35.37 28.04 -41.24
N LYS G 116 36.14 28.95 -41.86
CA LYS G 116 37.43 28.56 -42.42
C LYS G 116 38.57 29.34 -41.75
N SER G 117 38.25 30.40 -41.01
CA SER G 117 39.29 31.24 -40.44
C SER G 117 39.05 31.72 -39.00
N ASN G 118 38.40 30.93 -38.17
CA ASN G 118 38.22 31.30 -36.77
C ASN G 118 37.71 32.73 -36.54
N ILE G 119 36.46 32.98 -36.94
CA ILE G 119 35.81 34.28 -36.79
C ILE G 119 35.02 34.31 -35.49
N ILE G 120 34.44 33.17 -35.12
CA ILE G 120 33.61 33.09 -33.93
C ILE G 120 34.47 33.29 -32.70
N ARG G 121 34.02 34.10 -31.75
CA ARG G 121 34.80 34.31 -30.55
C ARG G 121 34.12 33.81 -29.32
N GLY G 122 32.81 33.88 -29.27
CA GLY G 122 32.18 33.50 -28.02
C GLY G 122 30.78 34.05 -27.84
N TRP G 123 30.31 34.03 -26.61
CA TRP G 123 28.93 34.40 -26.32
C TRP G 123 28.74 35.20 -25.05
N ILE G 124 27.69 36.00 -25.06
CA ILE G 124 27.24 36.71 -23.87
C ILE G 124 25.88 36.21 -23.45
N PHE G 125 25.74 35.84 -22.20
CA PHE G 125 24.44 35.39 -21.70
C PHE G 125 24.00 36.25 -20.53
N GLY G 126 22.72 36.51 -20.42
CA GLY G 126 22.22 37.25 -19.28
C GLY G 126 20.73 37.54 -19.41
N THR G 127 20.26 38.44 -18.59
CA THR G 127 18.84 38.82 -18.58
C THR G 127 18.65 40.21 -19.19
N THR G 128 19.53 41.13 -18.84
CA THR G 128 19.47 42.49 -19.34
C THR G 128 20.78 42.93 -20.02
N LEU G 129 21.90 42.38 -19.56
CA LEU G 129 23.24 42.66 -20.10
C LEU G 129 23.76 44.10 -19.91
N ASP G 130 23.32 44.77 -18.85
CA ASP G 130 23.74 46.15 -18.61
C ASP G 130 24.13 46.43 -17.16
N SER G 131 24.88 45.51 -16.58
CA SER G 131 25.36 45.59 -15.20
C SER G 131 24.27 45.60 -14.13
N LYS G 132 22.99 45.51 -14.51
CA LYS G 132 21.94 45.47 -13.51
C LYS G 132 21.78 44.06 -12.94
N THR G 133 22.15 43.06 -13.73
CA THR G 133 22.06 41.67 -13.33
C THR G 133 23.37 40.97 -13.64
N GLN G 134 23.52 39.78 -13.11
CA GLN G 134 24.67 38.96 -13.40
C GLN G 134 24.59 38.44 -14.83
N SER G 135 25.72 38.46 -15.53
CA SER G 135 25.80 37.98 -16.90
C SER G 135 27.06 37.13 -17.07
N LEU G 136 27.02 36.22 -18.03
CA LEU G 136 28.10 35.29 -18.37
C LEU G 136 28.78 35.60 -19.68
N LEU G 137 30.09 35.73 -19.65
CA LEU G 137 30.87 35.99 -20.85
C LEU G 137 31.87 34.90 -21.13
N ILE G 138 31.77 34.28 -22.30
CA ILE G 138 32.70 33.25 -22.73
C ILE G 138 33.40 33.69 -23.99
N VAL G 139 34.72 33.86 -23.95
CA VAL G 139 35.46 34.31 -25.14
C VAL G 139 36.75 33.53 -25.42
N ASN G 140 36.94 33.16 -26.67
CA ASN G 140 38.19 32.55 -27.10
C ASN G 140 39.00 33.57 -27.92
N ASN G 141 40.00 34.20 -27.29
CA ASN G 141 40.85 35.20 -27.94
C ASN G 141 42.13 34.53 -28.45
N ALA G 142 43.05 35.31 -29.04
CA ALA G 142 44.27 34.77 -29.65
C ALA G 142 45.13 33.90 -28.72
N THR G 143 45.09 34.17 -27.41
CA THR G 143 45.97 33.43 -26.50
C THR G 143 45.26 32.46 -25.56
N ASN G 144 44.00 32.70 -25.21
CA ASN G 144 43.32 31.71 -24.37
C ASN G 144 41.80 31.82 -24.35
N VAL G 145 41.17 30.89 -23.63
CA VAL G 145 39.74 30.90 -23.41
C VAL G 145 39.41 31.43 -22.03
N VAL G 146 38.58 32.45 -21.99
CA VAL G 146 38.21 33.07 -20.74
C VAL G 146 36.72 33.01 -20.48
N ILE G 147 36.37 32.59 -19.27
CA ILE G 147 34.99 32.54 -18.84
C ILE G 147 34.82 33.40 -17.60
N LYS G 148 33.96 34.41 -17.66
CA LYS G 148 33.74 35.26 -16.50
C LYS G 148 32.30 35.65 -16.29
N VAL G 149 31.91 35.58 -15.02
CA VAL G 149 30.57 35.87 -14.55
C VAL G 149 30.55 37.09 -13.64
N CYS G 150 31.27 38.14 -14.08
CA CYS G 150 31.36 39.44 -13.41
C CYS G 150 30.11 40.26 -13.84
N GLU G 151 29.79 41.35 -13.18
CA GLU G 151 28.64 42.13 -13.64
C GLU G 151 29.16 42.98 -14.80
N PHE G 152 28.77 42.69 -16.05
CA PHE G 152 29.36 43.51 -17.10
C PHE G 152 28.37 44.51 -17.68
N GLN G 153 28.91 45.66 -18.07
CA GLN G 153 28.19 46.62 -18.90
C GLN G 153 28.60 46.39 -20.32
N PHE G 154 27.76 45.72 -21.07
CA PHE G 154 28.12 45.32 -22.41
C PHE G 154 27.86 46.43 -23.42
N CYS G 155 28.58 46.37 -24.54
CA CYS G 155 28.39 47.24 -25.69
C CYS G 155 27.10 46.81 -26.42
N ASN G 156 26.47 47.72 -27.16
CA ASN G 156 25.26 47.34 -27.91
C ASN G 156 25.63 46.78 -29.27
N ASP G 157 26.92 46.71 -29.50
CA ASP G 157 27.51 46.10 -30.68
C ASP G 157 28.89 45.60 -30.31
N PRO G 158 28.98 44.59 -29.44
CA PRO G 158 30.21 44.05 -28.91
C PRO G 158 30.93 43.25 -29.96
N PHE G 159 32.25 43.32 -29.97
CA PHE G 159 33.04 42.51 -30.90
C PHE G 159 34.52 42.50 -30.58
N LEU G 160 35.23 41.61 -31.26
CA LEU G 160 36.68 41.56 -31.23
C LEU G 160 37.17 41.86 -32.64
N GLY G 161 38.42 42.26 -32.79
CA GLY G 161 38.94 42.49 -34.14
C GLY G 161 40.30 41.82 -34.33
N VAL G 162 40.66 41.59 -35.60
CA VAL G 162 41.90 40.94 -36.01
C VAL G 162 42.51 41.66 -37.20
N TRP G 171 47.80 38.35 -40.17
CA TRP G 171 46.63 38.54 -39.33
C TRP G 171 46.98 38.35 -37.84
N MET G 172 46.73 39.39 -37.03
CA MET G 172 46.96 39.42 -35.59
C MET G 172 45.77 40.03 -34.88
N GLU G 173 45.53 39.61 -33.66
CA GLU G 173 44.45 40.18 -32.86
C GLU G 173 44.82 41.55 -32.36
N SER G 174 43.85 42.45 -32.34
CA SER G 174 44.12 43.79 -31.85
C SER G 174 43.00 44.32 -30.97
N GLU G 175 41.86 44.58 -31.59
CA GLU G 175 40.73 45.19 -30.90
C GLU G 175 39.99 44.22 -30.00
N PHE G 176 39.53 44.73 -28.85
CA PHE G 176 38.64 44.01 -27.95
C PHE G 176 37.62 45.01 -27.43
N ARG G 177 36.41 44.94 -27.95
CA ARG G 177 35.39 45.91 -27.64
C ARG G 177 34.10 45.22 -27.28
N VAL G 178 34.13 44.47 -26.20
CA VAL G 178 32.99 43.66 -25.80
C VAL G 178 32.18 44.35 -24.72
N TYR G 179 32.89 44.91 -23.76
CA TYR G 179 32.28 45.54 -22.61
C TYR G 179 33.14 46.67 -22.13
N SER G 180 32.56 47.52 -21.30
CA SER G 180 33.28 48.62 -20.68
C SER G 180 33.51 48.34 -19.21
N SER G 181 32.54 48.68 -18.37
CA SER G 181 32.61 48.41 -16.95
C SER G 181 32.39 46.94 -16.61
N ALA G 182 33.09 46.48 -15.57
CA ALA G 182 33.01 45.10 -15.12
C ALA G 182 33.49 44.94 -13.68
N ASN G 183 32.53 44.72 -12.78
CA ASN G 183 32.82 44.53 -11.35
C ASN G 183 31.80 43.54 -10.81
N ASN G 184 31.90 43.18 -9.54
CA ASN G 184 30.92 42.22 -9.00
C ASN G 184 31.12 40.80 -9.54
N CYS G 185 32.41 40.39 -9.60
CA CYS G 185 32.85 39.10 -10.11
C CYS G 185 32.49 37.98 -9.15
N THR G 186 31.85 36.95 -9.69
CA THR G 186 31.45 35.81 -8.88
C THR G 186 32.16 34.53 -9.32
N PHE G 187 32.52 34.47 -10.59
CA PHE G 187 33.18 33.30 -11.16
C PHE G 187 34.13 33.70 -12.27
N GLU G 188 35.30 33.07 -12.31
CA GLU G 188 36.20 33.29 -13.41
C GLU G 188 37.05 32.07 -13.69
N TYR G 189 37.38 31.89 -14.96
CA TYR G 189 38.30 30.86 -15.41
C TYR G 189 39.11 31.31 -16.61
N VAL G 190 40.40 31.04 -16.61
CA VAL G 190 41.21 31.31 -17.79
C VAL G 190 42.02 30.07 -18.15
N SER G 191 41.87 29.64 -19.39
CA SER G 191 42.57 28.46 -19.89
C SER G 191 44.05 28.68 -20.07
N GLN G 192 44.80 27.60 -19.90
CA GLN G 192 46.22 27.60 -20.17
C GLN G 192 46.47 28.24 -21.55
N PRO G 193 47.34 29.25 -21.66
CA PRO G 193 47.71 29.94 -22.88
C PRO G 193 48.21 29.03 -24.00
N PHE G 194 47.81 29.40 -25.22
CA PHE G 194 48.15 28.71 -26.47
C PHE G 194 48.12 29.75 -27.59
N LEU G 195 48.70 29.45 -28.74
CA LEU G 195 48.59 30.41 -29.83
C LEU G 195 47.58 29.95 -30.87
N MET G 196 46.55 30.78 -31.11
CA MET G 196 45.54 30.46 -32.09
C MET G 196 45.88 31.04 -33.46
N ASP G 197 45.58 30.27 -34.50
CA ASP G 197 45.78 30.66 -35.88
C ASP G 197 44.64 31.55 -36.35
N LEU G 198 44.96 32.79 -36.71
CA LEU G 198 43.93 33.76 -37.11
C LEU G 198 43.75 33.92 -38.63
N GLU G 199 44.40 33.04 -39.44
CA GLU G 199 44.32 33.05 -40.90
C GLU G 199 44.64 31.68 -41.46
N ASN G 204 34.37 27.27 -49.57
CA ASN G 204 33.98 26.21 -48.65
C ASN G 204 34.63 26.39 -47.28
N PHE G 205 33.95 25.87 -46.24
CA PHE G 205 34.42 25.88 -44.86
C PHE G 205 35.17 24.61 -44.56
N LYS G 206 35.92 24.62 -43.46
CA LYS G 206 36.65 23.43 -43.07
C LYS G 206 36.27 22.95 -41.68
N ASN G 207 35.91 23.88 -40.81
CA ASN G 207 35.67 23.53 -39.42
C ASN G 207 34.23 23.75 -38.99
N LEU G 208 33.61 22.70 -38.48
CA LEU G 208 32.27 22.80 -37.91
C LEU G 208 32.30 22.62 -36.42
N ARG G 209 31.73 23.58 -35.71
CA ARG G 209 31.66 23.51 -34.28
C ARG G 209 30.21 23.58 -33.83
N GLU G 210 29.81 22.64 -33.01
CA GLU G 210 28.44 22.60 -32.50
C GLU G 210 28.44 22.71 -30.99
N PHE G 211 27.50 23.50 -30.47
CA PHE G 211 27.36 23.68 -29.04
C PHE G 211 25.93 23.60 -28.57
N VAL G 212 25.75 23.06 -27.39
CA VAL G 212 24.47 23.10 -26.74
C VAL G 212 24.61 23.79 -25.40
N PHE G 213 23.76 24.76 -25.16
CA PHE G 213 23.81 25.54 -23.94
C PHE G 213 22.55 25.37 -23.13
N LYS G 214 22.67 24.76 -21.97
CA LYS G 214 21.52 24.54 -21.10
C LYS G 214 21.76 25.27 -19.79
N ASN G 215 20.70 25.72 -19.15
CA ASN G 215 20.87 26.42 -17.88
C ASN G 215 19.95 25.81 -16.83
N ILE G 216 20.41 24.73 -16.21
CA ILE G 216 19.55 23.95 -15.33
C ILE G 216 20.10 23.73 -13.93
N ASP G 217 19.27 24.07 -12.94
CA ASP G 217 19.57 23.83 -11.54
C ASP G 217 20.92 24.38 -11.08
N GLY G 218 21.26 25.57 -11.54
CA GLY G 218 22.50 26.19 -11.09
C GLY G 218 23.68 25.92 -11.99
N TYR G 219 23.54 25.02 -12.95
CA TYR G 219 24.65 24.76 -13.85
C TYR G 219 24.41 25.27 -15.24
N PHE G 220 25.43 25.87 -15.80
CA PHE G 220 25.41 26.24 -17.20
C PHE G 220 26.18 25.15 -17.90
N LYS G 221 25.47 24.32 -18.61
CA LYS G 221 26.07 23.14 -19.19
C LYS G 221 26.40 23.35 -20.64
N ILE G 222 27.65 23.12 -20.97
CA ILE G 222 28.09 23.26 -22.34
C ILE G 222 28.46 21.91 -22.90
N TYR G 223 27.86 21.56 -24.02
CA TYR G 223 28.18 20.33 -24.73
C TYR G 223 28.75 20.76 -26.04
N SER G 224 29.68 20.02 -26.61
CA SER G 224 30.21 20.43 -27.90
C SER G 224 30.79 19.30 -28.72
N LYS G 225 30.83 19.54 -30.03
CA LYS G 225 31.44 18.61 -30.99
C LYS G 225 32.16 19.35 -32.10
N HIS G 226 33.33 18.85 -32.49
CA HIS G 226 34.04 19.40 -33.65
C HIS G 226 34.22 18.36 -34.73
N THR G 227 33.86 18.74 -35.95
CA THR G 227 34.01 17.86 -37.11
C THR G 227 34.46 18.71 -38.28
N PRO G 228 35.03 18.12 -39.33
CA PRO G 228 35.20 18.74 -40.62
C PRO G 228 33.88 18.93 -41.36
N ILE G 229 33.84 19.96 -42.18
CA ILE G 229 32.73 20.26 -43.10
C ILE G 229 33.39 20.64 -44.40
N ASN G 230 32.70 20.53 -45.52
CA ASN G 230 33.35 20.92 -46.79
C ASN G 230 32.45 21.73 -47.74
N LEU G 231 31.28 22.20 -47.26
CA LEU G 231 30.42 23.05 -48.09
C LEU G 231 30.67 24.54 -48.09
N VAL G 232 30.21 25.17 -49.17
CA VAL G 232 30.14 26.60 -49.32
C VAL G 232 28.93 27.22 -48.56
N ARG G 233 27.73 26.61 -48.68
CA ARG G 233 26.54 27.31 -48.18
C ARG G 233 25.57 26.57 -47.23
N ASP G 234 25.96 25.56 -46.47
CA ASP G 234 24.88 24.98 -45.63
C ASP G 234 25.32 24.22 -44.38
N LEU G 235 24.31 23.76 -43.65
CA LEU G 235 24.46 22.96 -42.46
C LEU G 235 24.42 21.49 -42.97
N PRO G 236 25.33 20.58 -42.57
CA PRO G 236 25.43 19.22 -43.08
C PRO G 236 24.29 18.34 -42.63
N GLN G 237 24.03 17.28 -43.40
CA GLN G 237 23.10 16.23 -43.02
C GLN G 237 23.95 15.09 -42.46
N GLY G 238 23.46 14.42 -41.44
CA GLY G 238 24.19 13.32 -40.83
C GLY G 238 24.05 13.40 -39.33
N PHE G 239 24.68 12.48 -38.62
CA PHE G 239 24.50 12.42 -37.18
C PHE G 239 25.81 12.33 -36.42
N SER G 240 25.86 13.08 -35.33
CA SER G 240 26.95 12.99 -34.37
C SER G 240 26.40 13.41 -33.02
N ALA G 241 27.02 12.96 -31.94
CA ALA G 241 26.55 13.38 -30.64
C ALA G 241 27.57 14.27 -29.97
N LEU G 242 27.07 15.24 -29.25
CA LEU G 242 27.89 16.20 -28.53
C LEU G 242 28.17 15.76 -27.11
N GLU G 243 29.45 15.61 -26.82
CA GLU G 243 29.89 15.22 -25.49
C GLU G 243 29.89 16.46 -24.62
N PRO G 244 29.68 16.36 -23.31
CA PRO G 244 29.78 17.45 -22.38
C PRO G 244 31.19 17.98 -22.37
N LEU G 245 31.30 19.29 -22.32
CA LEU G 245 32.59 19.96 -22.28
C LEU G 245 32.88 20.45 -20.88
N VAL G 246 31.93 21.18 -20.31
CA VAL G 246 32.10 21.72 -18.98
C VAL G 246 30.77 22.01 -18.30
N ASP G 247 30.73 21.76 -16.99
CA ASP G 247 29.57 22.11 -16.18
C ASP G 247 29.95 23.30 -15.32
N LEU G 248 29.45 24.49 -15.65
CA LEU G 248 29.83 25.67 -14.89
C LEU G 248 28.82 25.93 -13.79
N PRO G 249 29.21 25.92 -12.51
CA PRO G 249 28.36 26.07 -11.35
C PRO G 249 27.99 27.52 -11.10
N ILE G 250 27.33 28.12 -12.08
CA ILE G 250 26.98 29.53 -12.01
C ILE G 250 25.48 29.77 -12.10
N GLY G 251 24.92 30.29 -11.01
CA GLY G 251 23.48 30.50 -10.86
C GLY G 251 23.02 31.77 -11.53
N ILE G 252 23.07 31.80 -12.84
CA ILE G 252 22.74 32.97 -13.61
C ILE G 252 21.39 32.86 -14.31
N ASN G 253 20.55 33.91 -14.19
CA ASN G 253 19.32 34.00 -14.94
C ASN G 253 19.65 34.40 -16.35
N ILE G 254 19.50 33.45 -17.30
CA ILE G 254 19.79 33.65 -18.71
C ILE G 254 18.52 33.57 -19.49
N THR G 255 18.17 34.65 -20.18
CA THR G 255 16.96 34.68 -20.99
C THR G 255 17.30 35.21 -22.35
N ARG G 256 18.48 35.78 -22.45
CA ARG G 256 18.92 36.41 -23.67
C ARG G 256 20.39 36.12 -23.88
N PHE G 257 20.82 36.05 -25.14
CA PHE G 257 22.24 35.89 -25.36
C PHE G 257 22.67 36.54 -26.67
N GLN G 258 23.96 36.80 -26.81
CA GLN G 258 24.48 37.41 -28.03
C GLN G 258 25.78 36.77 -28.46
N THR G 259 25.98 36.69 -29.76
CA THR G 259 27.19 36.07 -30.31
C THR G 259 28.28 37.07 -30.64
N LEU G 260 29.50 36.75 -30.22
CA LEU G 260 30.69 37.53 -30.51
C LEU G 260 31.44 37.04 -31.74
N LEU G 261 31.70 37.96 -32.65
CA LEU G 261 32.41 37.70 -33.89
C LEU G 261 33.66 38.59 -33.98
N ALA G 262 34.70 38.12 -34.71
CA ALA G 262 35.90 38.89 -35.06
C ALA G 262 35.98 39.02 -36.58
N TRP G 277 36.85 48.60 -41.57
CA TRP G 277 36.76 47.23 -41.10
C TRP G 277 36.14 46.35 -42.19
N THR G 278 36.37 45.02 -42.10
CA THR G 278 35.90 44.04 -43.09
C THR G 278 35.23 42.85 -42.41
N ALA G 279 34.57 42.02 -43.20
CA ALA G 279 33.94 40.81 -42.71
C ALA G 279 34.79 39.58 -43.07
N GLY G 280 34.75 38.56 -42.22
CA GLY G 280 35.44 37.31 -42.54
C GLY G 280 34.47 36.29 -43.11
N ALA G 281 34.96 35.09 -43.38
CA ALA G 281 34.12 34.03 -43.92
C ALA G 281 33.63 33.11 -42.81
N ALA G 282 32.35 33.24 -42.48
CA ALA G 282 31.75 32.45 -41.42
C ALA G 282 30.23 32.53 -41.47
N ALA G 283 29.58 31.57 -40.82
CA ALA G 283 28.14 31.63 -40.61
C ALA G 283 27.78 30.88 -39.34
N TYR G 284 26.65 31.23 -38.73
CA TYR G 284 26.20 30.46 -37.58
C TYR G 284 24.70 30.28 -37.55
N TYR G 285 24.30 29.26 -36.82
CA TYR G 285 22.91 28.82 -36.76
C TYR G 285 22.42 28.74 -35.33
N VAL G 286 21.19 29.18 -35.09
CA VAL G 286 20.62 29.07 -33.75
C VAL G 286 19.26 28.39 -33.73
N GLY G 287 19.16 27.34 -32.94
CA GLY G 287 17.93 26.61 -32.77
C GLY G 287 17.56 26.61 -31.31
N TYR G 288 16.41 26.06 -30.97
CA TYR G 288 15.99 26.04 -29.59
C TYR G 288 15.65 24.65 -29.13
N LEU G 289 15.96 24.36 -27.89
CA LEU G 289 15.70 23.04 -27.36
C LEU G 289 14.30 22.96 -26.82
N GLN G 290 13.71 21.78 -26.89
CA GLN G 290 12.38 21.54 -26.35
C GLN G 290 12.38 20.25 -25.55
N PRO G 291 11.49 20.09 -24.57
CA PRO G 291 11.26 18.84 -23.88
C PRO G 291 10.75 17.82 -24.88
N ARG G 292 11.59 16.83 -25.18
CA ARG G 292 11.25 15.78 -26.12
C ARG G 292 11.76 14.44 -25.63
N THR G 293 11.13 13.37 -26.09
CA THR G 293 11.64 12.05 -25.78
C THR G 293 12.41 11.53 -26.98
N PHE G 294 13.64 11.14 -26.73
CA PHE G 294 14.49 10.57 -27.75
C PHE G 294 14.88 9.14 -27.45
N LEU G 295 14.90 8.33 -28.48
CA LEU G 295 15.42 6.98 -28.35
C LEU G 295 16.84 7.03 -28.89
N LEU G 296 17.82 6.82 -28.03
CA LEU G 296 19.21 6.95 -28.44
C LEU G 296 19.88 5.61 -28.62
N LYS G 297 20.55 5.45 -29.75
CA LYS G 297 21.23 4.20 -30.06
C LYS G 297 22.71 4.26 -29.75
N TYR G 298 23.12 3.43 -28.80
CA TYR G 298 24.51 3.34 -28.37
C TYR G 298 25.16 2.15 -29.05
N ASN G 299 26.33 2.36 -29.63
CA ASN G 299 27.02 1.27 -30.29
C ASN G 299 27.85 0.48 -29.29
N GLU G 300 28.66 -0.45 -29.79
CA GLU G 300 29.49 -1.31 -28.96
C GLU G 300 30.46 -0.55 -28.04
N ASN G 301 30.96 0.61 -28.49
CA ASN G 301 31.90 1.44 -27.75
C ASN G 301 31.20 2.54 -26.93
N GLY G 302 29.85 2.50 -26.84
CA GLY G 302 29.07 3.45 -26.05
C GLY G 302 28.90 4.80 -26.70
N THR G 303 29.10 4.86 -28.00
CA THR G 303 28.93 6.10 -28.73
C THR G 303 27.53 6.21 -29.24
N ILE G 304 26.91 7.38 -29.13
CA ILE G 304 25.58 7.50 -29.68
C ILE G 304 25.75 7.64 -31.18
N THR G 305 25.17 6.72 -31.92
CA THR G 305 25.35 6.72 -33.37
C THR G 305 24.07 7.06 -34.10
N ASP G 306 22.94 6.93 -33.44
CA ASP G 306 21.69 7.30 -34.06
C ASP G 306 20.68 7.74 -33.02
N ALA G 307 19.51 8.19 -33.47
CA ALA G 307 18.46 8.61 -32.54
C ALA G 307 17.10 8.73 -33.23
N VAL G 308 16.04 8.58 -32.44
CA VAL G 308 14.69 8.82 -32.92
C VAL G 308 13.99 9.91 -32.11
N ASP G 309 13.48 10.92 -32.80
CA ASP G 309 12.68 11.96 -32.17
C ASP G 309 11.25 11.45 -32.14
N CYS G 310 10.77 11.02 -30.97
CA CYS G 310 9.53 10.29 -30.79
C CYS G 310 8.29 11.13 -31.14
N ALA G 311 8.46 12.45 -31.25
CA ALA G 311 7.31 13.30 -31.54
C ALA G 311 7.38 13.87 -32.94
N LEU G 312 8.34 13.42 -33.73
CA LEU G 312 8.51 13.96 -35.07
C LEU G 312 7.38 13.59 -36.02
N ASP G 313 7.05 12.30 -36.08
CA ASP G 313 5.99 11.82 -36.95
C ASP G 313 5.51 10.46 -36.38
N PRO G 314 4.43 9.86 -36.89
CA PRO G 314 3.87 8.59 -36.45
C PRO G 314 4.78 7.39 -36.61
N LEU G 315 5.78 7.46 -37.48
CA LEU G 315 6.64 6.31 -37.61
C LEU G 315 7.66 6.34 -36.50
N SER G 316 8.12 7.54 -36.18
CA SER G 316 9.08 7.72 -35.12
C SER G 316 8.43 7.37 -33.80
N GLU G 317 7.16 7.70 -33.66
CA GLU G 317 6.42 7.38 -32.46
C GLU G 317 6.33 5.87 -32.30
N THR G 318 6.08 5.17 -33.40
CA THR G 318 6.03 3.72 -33.39
C THR G 318 7.38 3.14 -33.01
N LYS G 319 8.45 3.68 -33.59
CA LYS G 319 9.80 3.21 -33.28
C LYS G 319 10.12 3.34 -31.78
N CYS G 320 9.74 4.45 -31.15
CA CYS G 320 9.94 4.68 -29.72
C CYS G 320 9.09 3.73 -28.89
N THR G 321 7.86 3.52 -29.33
CA THR G 321 6.93 2.64 -28.64
C THR G 321 7.45 1.22 -28.57
N LEU G 322 8.02 0.75 -29.68
CA LEU G 322 8.56 -0.59 -29.79
C LEU G 322 10.00 -0.68 -29.34
N LYS G 323 10.59 0.44 -28.94
CA LYS G 323 11.99 0.51 -28.55
C LYS G 323 12.89 -0.10 -29.60
N SER G 324 12.69 0.28 -30.85
CA SER G 324 13.51 -0.26 -31.93
C SER G 324 13.61 0.71 -33.10
N PHE G 325 14.68 0.60 -33.86
CA PHE G 325 14.85 1.44 -35.04
C PHE G 325 14.32 0.74 -36.29
N THR G 326 13.82 -0.49 -36.09
CA THR G 326 13.23 -1.28 -37.15
C THR G 326 11.80 -1.61 -36.79
N VAL G 327 10.89 -1.39 -37.72
CA VAL G 327 9.49 -1.70 -37.47
C VAL G 327 9.01 -2.72 -38.48
N GLU G 328 8.38 -3.77 -37.98
CA GLU G 328 7.84 -4.83 -38.82
C GLU G 328 6.49 -4.44 -39.38
N LYS G 329 6.07 -5.13 -40.42
CA LYS G 329 4.76 -4.89 -40.99
C LYS G 329 3.67 -5.15 -39.96
N GLY G 330 2.74 -4.23 -39.82
CA GLY G 330 1.65 -4.43 -38.89
C GLY G 330 0.98 -3.13 -38.46
N ILE G 331 0.11 -3.25 -37.48
CA ILE G 331 -0.61 -2.12 -36.93
C ILE G 331 -0.26 -2.02 -35.45
N TYR G 332 0.16 -0.84 -35.01
CA TYR G 332 0.60 -0.68 -33.64
C TYR G 332 -0.14 0.44 -32.94
N GLN G 333 -0.53 0.22 -31.69
CA GLN G 333 -1.16 1.30 -30.95
C GLN G 333 -0.08 2.05 -30.21
N THR G 334 0.16 3.29 -30.61
CA THR G 334 1.30 4.03 -30.12
C THR G 334 0.93 5.20 -29.23
N SER G 335 -0.30 5.68 -29.36
CA SER G 335 -0.67 6.84 -28.59
C SER G 335 -2.16 6.92 -28.37
N ASN G 336 -2.58 8.07 -27.87
CA ASN G 336 -3.97 8.38 -27.60
C ASN G 336 -4.29 9.78 -28.04
N PHE G 337 -5.35 9.89 -28.80
CA PHE G 337 -5.88 11.12 -29.32
C PHE G 337 -6.80 11.75 -28.30
N ARG G 338 -6.70 13.05 -28.15
CA ARG G 338 -7.63 13.76 -27.29
C ARG G 338 -7.82 15.20 -27.70
N VAL G 339 -9.08 15.60 -27.77
CA VAL G 339 -9.44 16.97 -28.06
C VAL G 339 -9.19 17.83 -26.85
N GLN G 340 -8.47 18.92 -27.04
CA GLN G 340 -8.15 19.79 -25.94
C GLN G 340 -9.19 20.90 -25.80
N PRO G 341 -9.48 21.33 -24.58
CA PRO G 341 -10.36 22.43 -24.27
C PRO G 341 -9.77 23.74 -24.72
N THR G 342 -10.62 24.65 -25.20
CA THR G 342 -10.12 25.95 -25.65
C THR G 342 -10.55 27.11 -24.76
N GLU G 343 -11.54 26.88 -23.91
CA GLU G 343 -12.03 27.94 -23.03
C GLU G 343 -12.20 27.44 -21.62
N SER G 344 -12.16 28.36 -20.67
CA SER G 344 -12.42 28.07 -19.27
C SER G 344 -13.73 28.71 -18.85
N ILE G 345 -14.70 27.87 -18.55
CA ILE G 345 -16.05 28.31 -18.23
C ILE G 345 -16.33 28.21 -16.75
N VAL G 346 -16.50 29.36 -16.13
CA VAL G 346 -16.68 29.41 -14.70
C VAL G 346 -18.04 29.98 -14.36
N ARG G 347 -18.81 29.23 -13.60
CA ARG G 347 -20.15 29.67 -13.25
C ARG G 347 -20.42 29.53 -11.76
N PHE G 348 -20.77 30.65 -11.12
CA PHE G 348 -21.13 30.66 -9.71
C PHE G 348 -22.42 31.43 -9.53
N PRO G 349 -23.18 31.19 -8.45
CA PRO G 349 -24.41 31.91 -8.13
C PRO G 349 -24.09 33.40 -8.14
N ASN G 350 -25.01 34.23 -8.70
CA ASN G 350 -24.73 35.66 -8.85
C ASN G 350 -25.08 36.46 -7.58
N ILE G 351 -24.30 36.17 -6.50
CA ILE G 351 -24.46 36.82 -5.21
C ILE G 351 -23.29 37.76 -4.95
N THR G 352 -23.55 38.87 -4.27
CA THR G 352 -22.52 39.87 -4.03
C THR G 352 -22.23 40.15 -2.55
N ASN G 353 -23.10 39.72 -1.67
CA ASN G 353 -22.91 40.01 -0.26
C ASN G 353 -21.71 39.26 0.27
N LEU G 354 -20.90 39.93 1.07
CA LEU G 354 -19.73 39.30 1.65
C LEU G 354 -20.09 38.58 2.93
N CYS G 355 -19.38 37.48 3.22
CA CYS G 355 -19.53 36.70 4.43
C CYS G 355 -19.08 37.47 5.64
N PRO G 356 -19.82 37.39 6.76
CA PRO G 356 -19.58 38.06 8.01
C PRO G 356 -18.45 37.41 8.79
N PHE G 357 -17.26 37.38 8.19
CA PHE G 357 -16.12 36.85 8.88
C PHE G 357 -15.58 37.86 9.85
N GLY G 358 -15.53 39.11 9.42
CA GLY G 358 -14.95 40.15 10.27
C GLY G 358 -15.71 40.22 11.58
N GLU G 359 -17.01 39.95 11.54
CA GLU G 359 -17.87 39.98 12.71
C GLU G 359 -17.50 38.93 13.74
N VAL G 360 -16.78 37.91 13.31
CA VAL G 360 -16.32 36.83 14.18
C VAL G 360 -15.01 37.25 14.80
N PHE G 361 -14.13 37.79 13.97
CA PHE G 361 -12.77 38.13 14.37
C PHE G 361 -12.61 39.37 15.24
N ASN G 362 -13.47 40.40 15.06
CA ASN G 362 -13.36 41.63 15.86
C ASN G 362 -14.49 41.75 16.88
N ALA G 363 -15.10 40.62 17.29
CA ALA G 363 -16.12 40.59 18.32
C ALA G 363 -15.55 41.08 19.63
N THR G 364 -16.33 41.87 20.36
CA THR G 364 -15.85 42.41 21.62
C THR G 364 -15.56 41.30 22.61
N ARG G 365 -16.45 40.33 22.68
CA ARG G 365 -16.29 39.25 23.62
C ARG G 365 -16.16 37.91 22.93
N PHE G 366 -15.18 37.15 23.37
CA PHE G 366 -15.00 35.78 22.97
C PHE G 366 -15.45 34.88 24.08
N ALA G 367 -15.93 33.73 23.71
CA ALA G 367 -16.39 32.75 24.67
C ALA G 367 -15.27 32.01 25.33
N SER G 368 -15.58 31.45 26.48
CA SER G 368 -14.70 30.51 27.13
C SER G 368 -14.64 29.26 26.28
N VAL G 369 -13.52 28.57 26.30
CA VAL G 369 -13.40 27.38 25.48
C VAL G 369 -14.32 26.26 25.89
N TYR G 370 -14.69 26.19 27.16
CA TYR G 370 -15.60 25.13 27.57
C TYR G 370 -17.00 25.37 26.99
N ALA G 371 -17.28 26.60 26.61
CA ALA G 371 -18.58 27.02 26.12
C ALA G 371 -18.41 27.86 24.89
N TRP G 372 -17.78 27.29 23.88
CA TRP G 372 -17.39 28.01 22.69
C TRP G 372 -18.57 28.42 21.85
N ASN G 373 -18.42 29.54 21.13
CA ASN G 373 -19.49 30.02 20.28
C ASN G 373 -19.38 29.42 18.91
N ARG G 374 -20.51 29.29 18.25
CA ARG G 374 -20.54 28.86 16.86
C ARG G 374 -21.42 29.73 16.03
N LYS G 375 -20.87 30.27 14.96
CA LYS G 375 -21.64 31.05 14.02
C LYS G 375 -21.74 30.31 12.71
N ARG G 376 -22.95 30.23 12.19
CA ARG G 376 -23.13 29.60 10.90
C ARG G 376 -23.08 30.63 9.81
N ILE G 377 -22.23 30.38 8.83
CA ILE G 377 -22.04 31.25 7.69
C ILE G 377 -22.58 30.60 6.43
N SER G 378 -23.48 31.30 5.75
CA SER G 378 -24.09 30.75 4.54
C SER G 378 -24.55 31.83 3.60
N ASN G 379 -24.81 31.43 2.35
CA ASN G 379 -25.38 32.33 1.34
C ASN G 379 -24.62 33.64 1.16
N CYS G 380 -23.30 33.55 0.93
CA CYS G 380 -22.41 34.71 0.86
C CYS G 380 -21.12 34.42 0.09
N VAL G 381 -20.37 35.49 -0.19
CA VAL G 381 -19.08 35.38 -0.83
C VAL G 381 -17.97 35.42 0.19
N ALA G 382 -17.14 34.39 0.18
CA ALA G 382 -16.11 34.24 1.19
C ALA G 382 -14.73 34.55 0.67
N ASP G 383 -14.21 35.71 1.01
CA ASP G 383 -12.88 36.06 0.59
C ASP G 383 -11.89 35.70 1.68
N TYR G 384 -11.13 34.65 1.46
CA TYR G 384 -10.27 34.12 2.49
C TYR G 384 -8.87 34.65 2.37
N SER G 385 -8.62 35.47 1.35
CA SER G 385 -7.28 35.98 1.14
C SER G 385 -7.03 37.08 2.13
N VAL G 386 -8.10 37.70 2.58
CA VAL G 386 -7.99 38.77 3.53
C VAL G 386 -7.49 38.25 4.85
N LEU G 387 -8.05 37.13 5.27
CA LEU G 387 -7.67 36.52 6.52
C LEU G 387 -6.29 35.88 6.42
N TYR G 388 -6.01 35.25 5.28
CA TYR G 388 -4.76 34.52 5.12
C TYR G 388 -3.56 35.43 4.93
N ASN G 389 -3.73 36.50 4.17
CA ASN G 389 -2.61 37.37 3.85
C ASN G 389 -2.41 38.43 4.91
N SER G 390 -3.19 38.36 5.97
CA SER G 390 -3.08 39.28 7.08
C SER G 390 -1.81 39.05 7.87
N ALA G 391 -1.25 40.14 8.37
CA ALA G 391 -0.07 40.11 9.23
C ALA G 391 -0.43 39.96 10.70
N SER G 392 -1.72 39.94 10.99
CA SER G 392 -2.19 39.97 12.38
C SER G 392 -2.38 38.63 13.06
N PHE G 393 -2.29 37.53 12.34
CA PHE G 393 -2.53 36.25 12.98
C PHE G 393 -1.21 35.52 13.18
N SER G 394 -1.07 34.84 14.32
CA SER G 394 0.16 34.11 14.57
C SER G 394 0.07 32.67 14.10
N THR G 395 -1.15 32.17 14.04
CA THR G 395 -1.42 30.83 13.56
C THR G 395 -2.47 30.88 12.47
N PHE G 396 -2.21 30.19 11.38
CA PHE G 396 -3.21 30.04 10.34
C PHE G 396 -2.97 28.71 9.67
N LYS G 397 -3.51 27.66 10.25
CA LYS G 397 -3.24 26.33 9.74
C LYS G 397 -4.48 25.70 9.13
N CYS G 398 -4.38 25.23 7.88
CA CYS G 398 -5.47 24.58 7.18
C CYS G 398 -5.20 23.09 7.09
N TYR G 399 -6.28 22.34 7.26
CA TYR G 399 -6.32 20.91 7.27
C TYR G 399 -7.37 20.55 6.30
N GLY G 400 -7.07 19.75 5.32
CA GLY G 400 -8.09 19.35 4.39
C GLY G 400 -8.12 20.15 3.16
N VAL G 401 -7.74 21.41 3.26
CA VAL G 401 -7.59 22.31 2.15
C VAL G 401 -6.29 23.05 2.24
N SER G 402 -5.81 23.57 1.12
CA SER G 402 -4.67 24.47 1.16
C SER G 402 -5.21 25.89 1.29
N PRO G 403 -4.52 26.78 2.01
CA PRO G 403 -4.93 28.16 2.25
C PRO G 403 -4.95 29.01 1.00
N THR G 404 -4.24 28.59 -0.03
CA THR G 404 -4.17 29.39 -1.25
C THR G 404 -5.16 28.94 -2.30
N LYS G 405 -5.92 27.90 -2.01
CA LYS G 405 -6.94 27.44 -2.95
C LYS G 405 -8.33 27.70 -2.41
N LEU G 406 -8.41 28.33 -1.26
CA LEU G 406 -9.69 28.55 -0.61
C LEU G 406 -10.65 29.38 -1.45
N ASN G 407 -10.12 30.36 -2.17
CA ASN G 407 -10.97 31.22 -2.97
C ASN G 407 -11.53 30.56 -4.21
N ASP G 408 -11.04 29.38 -4.56
CA ASP G 408 -11.54 28.68 -5.72
C ASP G 408 -12.59 27.65 -5.33
N LEU G 409 -12.85 27.54 -4.04
CA LEU G 409 -13.75 26.53 -3.54
C LEU G 409 -15.12 27.07 -3.19
N CYS G 410 -16.10 26.16 -3.17
CA CYS G 410 -17.46 26.40 -2.70
C CYS G 410 -17.80 25.34 -1.66
N PHE G 411 -18.49 25.82 -0.62
CA PHE G 411 -18.88 24.97 0.47
C PHE G 411 -20.37 25.09 0.67
N THR G 412 -20.97 24.07 1.24
CA THR G 412 -22.39 24.16 1.50
C THR G 412 -22.60 25.05 2.69
N ASN G 413 -21.67 24.97 3.62
CA ASN G 413 -21.81 25.69 4.87
C ASN G 413 -20.47 25.92 5.51
N VAL G 414 -20.29 27.06 6.13
CA VAL G 414 -19.08 27.29 6.90
C VAL G 414 -19.41 27.60 8.35
N TYR G 415 -18.76 26.90 9.26
CA TYR G 415 -18.97 27.20 10.66
C TYR G 415 -17.77 27.94 11.20
N ALA G 416 -18.02 28.98 11.96
CA ALA G 416 -16.95 29.72 12.59
C ALA G 416 -17.06 29.61 14.09
N ASP G 417 -16.19 28.80 14.67
CA ASP G 417 -16.22 28.54 16.10
C ASP G 417 -15.21 29.44 16.76
N SER G 418 -15.55 30.03 17.90
CA SER G 418 -14.60 30.94 18.52
C SER G 418 -14.53 30.84 20.03
N PHE G 419 -13.31 31.02 20.54
CA PHE G 419 -13.04 30.95 21.96
C PHE G 419 -11.68 31.49 22.36
N VAL G 420 -11.48 31.69 23.65
CA VAL G 420 -10.16 32.02 24.18
C VAL G 420 -9.54 30.88 24.96
N ILE G 421 -8.29 30.59 24.62
CA ILE G 421 -7.45 29.60 25.29
C ILE G 421 -6.09 30.17 25.62
N ARG G 422 -5.33 29.42 26.38
CA ARG G 422 -3.97 29.75 26.75
C ARG G 422 -3.03 29.45 25.58
N GLY G 423 -2.03 30.29 25.37
CA GLY G 423 -1.08 30.14 24.25
C GLY G 423 -0.51 28.75 24.06
N ASP G 424 -0.07 28.09 25.12
CA ASP G 424 0.52 26.75 24.99
C ASP G 424 -0.47 25.71 24.49
N GLU G 425 -1.74 26.00 24.61
CA GLU G 425 -2.79 25.06 24.26
C GLU G 425 -3.27 25.25 22.84
N VAL G 426 -2.70 26.20 22.12
CA VAL G 426 -3.11 26.44 20.75
C VAL G 426 -2.80 25.22 19.88
N ARG G 427 -1.74 24.51 20.20
CA ARG G 427 -1.37 23.32 19.44
C ARG G 427 -2.43 22.23 19.57
N GLN G 428 -3.27 22.30 20.61
CA GLN G 428 -4.30 21.29 20.81
C GLN G 428 -5.47 21.51 19.88
N ILE G 429 -5.57 22.69 19.27
CA ILE G 429 -6.68 22.91 18.37
C ILE G 429 -6.24 22.46 17.00
N ALA G 430 -6.26 21.16 16.84
CA ALA G 430 -5.83 20.49 15.64
C ALA G 430 -6.40 19.08 15.68
N PRO G 431 -6.54 18.41 14.54
CA PRO G 431 -6.88 17.01 14.42
C PRO G 431 -5.85 16.13 15.09
N GLY G 432 -6.31 15.06 15.72
CA GLY G 432 -5.43 14.05 16.30
C GLY G 432 -4.71 14.48 17.56
N GLN G 433 -5.25 15.45 18.28
CA GLN G 433 -4.56 15.94 19.47
C GLN G 433 -5.21 15.43 20.74
N THR G 434 -4.43 15.39 21.80
CA THR G 434 -4.93 15.06 23.12
C THR G 434 -4.50 16.14 24.11
N GLY G 435 -5.22 16.23 25.22
CA GLY G 435 -4.92 17.21 26.24
C GLY G 435 -6.22 17.74 26.82
N LYS G 436 -6.13 18.61 27.80
CA LYS G 436 -7.35 19.07 28.46
C LYS G 436 -8.27 19.82 27.53
N ILE G 437 -7.73 20.52 26.53
CA ILE G 437 -8.61 21.27 25.66
C ILE G 437 -9.13 20.35 24.59
N ALA G 438 -8.25 19.60 23.98
CA ALA G 438 -8.65 18.69 22.93
C ALA G 438 -9.67 17.67 23.42
N ASP G 439 -9.53 17.23 24.67
CA ASP G 439 -10.42 16.20 25.20
C ASP G 439 -11.66 16.68 25.93
N TYR G 440 -11.60 17.79 26.66
CA TYR G 440 -12.77 18.17 27.45
C TYR G 440 -13.44 19.46 27.03
N ASN G 441 -12.84 20.21 26.11
CA ASN G 441 -13.39 21.51 25.78
C ASN G 441 -13.78 21.65 24.33
N TYR G 442 -12.84 21.42 23.45
CA TYR G 442 -13.08 21.62 22.02
C TYR G 442 -12.36 20.57 21.21
N LYS G 443 -13.11 19.64 20.68
CA LYS G 443 -12.56 18.54 19.93
C LYS G 443 -12.75 18.69 18.42
N LEU G 444 -11.67 18.58 17.67
CA LEU G 444 -11.77 18.55 16.22
C LEU G 444 -11.65 17.12 15.73
N PRO G 445 -12.42 16.72 14.71
CA PRO G 445 -12.41 15.43 14.09
C PRO G 445 -11.13 15.20 13.33
N ASP G 446 -10.79 13.95 13.11
CA ASP G 446 -9.55 13.59 12.45
C ASP G 446 -9.62 13.84 10.96
N ASP G 447 -10.83 13.86 10.43
CA ASP G 447 -11.08 14.15 9.03
C ASP G 447 -11.53 15.60 8.84
N PHE G 448 -11.17 16.45 9.79
CA PHE G 448 -11.52 17.86 9.77
C PHE G 448 -11.05 18.58 8.53
N THR G 449 -11.97 19.32 7.94
CA THR G 449 -11.65 20.18 6.83
C THR G 449 -11.96 21.58 7.31
N GLY G 450 -10.98 22.45 7.28
CA GLY G 450 -11.13 23.76 7.83
C GLY G 450 -9.79 24.37 8.14
N CYS G 451 -9.80 25.57 8.74
CA CYS G 451 -8.61 26.34 9.11
C CYS G 451 -8.70 26.81 10.56
N VAL G 452 -7.60 26.68 11.28
CA VAL G 452 -7.50 27.15 12.64
C VAL G 452 -6.67 28.42 12.69
N ILE G 453 -7.31 29.49 13.10
CA ILE G 453 -6.70 30.80 13.08
C ILE G 453 -6.57 31.32 14.50
N ALA G 454 -5.38 31.76 14.88
CA ALA G 454 -5.26 32.24 16.24
C ALA G 454 -4.35 33.45 16.33
N TRP G 455 -4.60 34.28 17.32
CA TRP G 455 -3.75 35.42 17.57
C TRP G 455 -3.65 35.74 19.04
N ASN G 456 -2.55 36.35 19.41
CA ASN G 456 -2.34 36.79 20.77
C ASN G 456 -3.25 37.95 21.07
N SER G 457 -3.98 37.85 22.17
CA SER G 457 -4.92 38.88 22.55
C SER G 457 -4.65 39.35 23.97
N ASN G 458 -3.38 39.37 24.34
CA ASN G 458 -2.96 39.78 25.67
C ASN G 458 -3.44 41.19 26.01
N ASN G 459 -3.49 42.06 25.02
CA ASN G 459 -3.90 43.44 25.23
C ASN G 459 -5.40 43.62 25.39
N LEU G 460 -6.17 42.57 25.15
CA LEU G 460 -7.61 42.67 25.28
C LEU G 460 -8.13 41.87 26.45
N ASP G 461 -7.58 40.68 26.62
CA ASP G 461 -8.11 39.72 27.57
C ASP G 461 -7.41 39.67 28.92
N SER G 462 -6.21 40.22 29.06
CA SER G 462 -5.55 40.15 30.35
C SER G 462 -5.89 41.35 31.24
N LYS G 463 -5.95 41.09 32.55
CA LYS G 463 -6.17 42.15 33.55
C LYS G 463 -5.06 42.10 34.58
N VAL G 464 -4.80 43.22 35.23
CA VAL G 464 -3.69 43.27 36.18
C VAL G 464 -3.89 42.32 37.36
N GLY G 465 -5.10 42.29 37.91
CA GLY G 465 -5.38 41.39 39.02
C GLY G 465 -5.67 39.97 38.54
N GLY G 466 -5.81 39.84 37.23
CA GLY G 466 -6.11 38.58 36.57
C GLY G 466 -7.53 38.58 36.03
N ASN G 467 -7.67 38.14 34.79
CA ASN G 467 -8.98 38.02 34.17
C ASN G 467 -9.48 36.61 34.41
N TYR G 468 -10.52 36.48 35.21
CA TYR G 468 -11.04 35.19 35.60
C TYR G 468 -12.34 34.86 34.90
N ASN G 469 -12.61 35.54 33.79
CA ASN G 469 -13.83 35.29 33.04
C ASN G 469 -13.66 34.25 31.96
N TYR G 470 -12.46 33.69 31.82
CA TYR G 470 -12.22 32.66 30.82
C TYR G 470 -12.00 31.31 31.44
N LEU G 471 -12.93 30.41 31.17
CA LEU G 471 -12.91 29.09 31.77
C LEU G 471 -12.69 27.93 30.82
N TYR G 472 -12.13 26.89 31.37
CA TYR G 472 -11.94 25.65 30.65
C TYR G 472 -12.33 24.50 31.54
N ARG G 473 -12.73 23.40 30.92
CA ARG G 473 -13.07 22.21 31.63
C ARG G 473 -11.81 21.42 31.91
N LEU G 474 -11.65 21.09 33.17
CA LEU G 474 -10.48 20.40 33.66
C LEU G 474 -10.78 18.93 33.86
N PHE G 475 -12.00 18.63 34.28
CA PHE G 475 -12.37 17.23 34.52
C PHE G 475 -13.63 16.85 33.79
N ARG G 476 -13.65 15.66 33.22
CA ARG G 476 -14.85 15.14 32.59
C ARG G 476 -14.79 13.62 32.63
N LYS G 477 -15.94 12.98 32.77
CA LYS G 477 -15.99 11.51 32.82
C LYS G 477 -15.43 10.86 31.57
N SER G 478 -15.62 11.50 30.43
CA SER G 478 -15.13 10.97 29.17
C SER G 478 -14.76 12.08 28.21
N ASN G 479 -14.05 11.74 27.15
CA ASN G 479 -13.68 12.71 26.14
C ASN G 479 -14.87 13.15 25.32
N LEU G 480 -14.80 14.36 24.80
CA LEU G 480 -15.83 14.90 23.92
C LEU G 480 -15.79 14.30 22.54
N LYS G 481 -16.94 14.28 21.91
CA LYS G 481 -17.02 13.91 20.51
C LYS G 481 -16.70 15.18 19.73
N PRO G 482 -16.25 15.09 18.48
CA PRO G 482 -15.98 16.23 17.64
C PRO G 482 -17.16 17.19 17.62
N PHE G 483 -16.85 18.46 17.84
CA PHE G 483 -17.79 19.57 17.87
C PHE G 483 -18.88 19.46 18.93
N GLU G 484 -18.64 18.69 19.98
CA GLU G 484 -19.56 18.60 21.11
C GLU G 484 -19.30 19.72 22.11
N ARG G 485 -20.35 20.23 22.73
CA ARG G 485 -20.21 21.19 23.81
C ARG G 485 -20.69 20.58 25.11
N ASP G 486 -20.07 20.98 26.19
CA ASP G 486 -20.50 20.58 27.52
C ASP G 486 -20.39 21.78 28.43
N ILE G 487 -21.53 22.30 28.84
CA ILE G 487 -21.55 23.51 29.62
C ILE G 487 -22.13 23.29 31.00
N SER G 488 -22.14 22.04 31.44
CA SER G 488 -22.63 21.71 32.76
C SER G 488 -21.58 22.01 33.82
N THR G 489 -22.02 22.16 35.07
CA THR G 489 -21.10 22.39 36.18
C THR G 489 -21.24 21.32 37.25
N GLU G 490 -21.75 20.17 36.86
CA GLU G 490 -21.95 19.05 37.77
C GLU G 490 -20.62 18.60 38.37
N ILE G 491 -20.61 18.38 39.68
CA ILE G 491 -19.39 17.98 40.38
C ILE G 491 -18.86 16.65 39.87
N TYR G 492 -17.57 16.64 39.59
CA TYR G 492 -16.89 15.48 39.05
C TYR G 492 -16.50 14.52 40.13
N GLN G 493 -16.87 13.26 39.96
CA GLN G 493 -16.55 12.23 40.92
C GLN G 493 -15.27 11.54 40.54
N ALA G 494 -14.23 11.77 41.33
CA ALA G 494 -12.92 11.21 41.02
C ALA G 494 -12.77 9.83 41.62
N GLY G 495 -13.49 9.57 42.70
CA GLY G 495 -13.37 8.31 43.41
C GLY G 495 -14.59 7.42 43.19
N SER G 496 -14.83 6.54 44.15
CA SER G 496 -15.94 5.58 44.09
C SER G 496 -17.15 6.07 44.86
N THR G 497 -16.95 7.11 45.65
CA THR G 497 -18.00 7.65 46.52
C THR G 497 -18.76 8.77 45.82
N PRO G 498 -20.10 8.69 45.71
CA PRO G 498 -20.96 9.69 45.13
C PRO G 498 -20.75 11.03 45.82
N CYS G 499 -20.76 12.12 45.03
CA CYS G 499 -20.52 13.47 45.52
C CYS G 499 -21.81 14.14 46.00
N ASN G 500 -22.92 13.79 45.37
CA ASN G 500 -24.21 14.39 45.67
C ASN G 500 -24.18 15.90 45.56
N GLY G 501 -23.42 16.42 44.58
CA GLY G 501 -23.36 17.86 44.33
C GLY G 501 -22.43 18.62 45.26
N VAL G 502 -21.68 17.93 46.11
CA VAL G 502 -20.82 18.60 47.08
C VAL G 502 -19.35 18.38 46.82
N GLU G 503 -18.60 19.48 46.80
CA GLU G 503 -17.16 19.46 46.63
C GLU G 503 -16.46 18.95 47.86
N GLY G 504 -15.28 18.36 47.67
CA GLY G 504 -14.54 17.83 48.77
C GLY G 504 -13.52 16.83 48.30
N PHE G 505 -13.14 15.93 49.19
CA PHE G 505 -12.14 14.97 48.81
C PHE G 505 -12.72 14.10 47.70
N ASN G 506 -12.00 13.99 46.59
CA ASN G 506 -12.42 13.26 45.39
C ASN G 506 -13.70 13.77 44.71
N CYS G 507 -14.09 15.03 44.97
CA CYS G 507 -15.26 15.69 44.37
C CYS G 507 -14.86 17.08 43.90
N TYR G 508 -14.75 17.24 42.60
CA TYR G 508 -14.12 18.46 42.08
C TYR G 508 -15.08 19.31 41.29
N PHE G 509 -14.89 20.61 41.36
CA PHE G 509 -15.61 21.48 40.45
C PHE G 509 -14.91 21.33 39.10
N PRO G 510 -15.61 20.96 38.02
CA PRO G 510 -15.07 20.59 36.75
C PRO G 510 -14.40 21.70 35.96
N LEU G 511 -14.69 22.95 36.29
CA LEU G 511 -14.12 24.06 35.53
C LEU G 511 -13.01 24.76 36.30
N GLN G 512 -12.14 25.43 35.56
CA GLN G 512 -11.10 26.24 36.16
C GLN G 512 -10.84 27.45 35.28
N SER G 513 -10.36 28.54 35.87
CA SER G 513 -10.10 29.73 35.09
C SER G 513 -8.65 29.89 34.72
N TYR G 514 -8.43 30.57 33.62
CA TYR G 514 -7.09 30.94 33.23
C TYR G 514 -6.84 32.27 33.89
N GLY G 515 -5.87 32.36 34.75
CA GLY G 515 -5.64 33.65 35.39
C GLY G 515 -4.87 34.54 34.44
N PHE G 516 -5.55 35.16 33.49
CA PHE G 516 -4.82 35.89 32.49
C PHE G 516 -4.37 37.25 32.98
N GLN G 517 -3.06 37.43 33.02
CA GLN G 517 -2.41 38.64 33.50
C GLN G 517 -1.42 39.12 32.44
N PRO G 518 -1.20 40.43 32.31
CA PRO G 518 -0.33 41.05 31.34
C PRO G 518 1.12 40.71 31.56
N THR G 519 1.43 40.15 32.72
CA THR G 519 2.79 39.81 33.10
C THR G 519 3.11 38.34 32.89
N ASN G 520 2.16 37.59 32.35
CA ASN G 520 2.37 36.17 32.09
C ASN G 520 3.31 35.98 30.92
N GLY G 521 4.03 34.85 30.91
CA GLY G 521 4.89 34.53 29.78
C GLY G 521 4.01 34.19 28.60
N VAL G 522 4.59 34.11 27.41
CA VAL G 522 3.77 33.94 26.21
C VAL G 522 2.88 32.71 26.23
N GLY G 523 3.38 31.61 26.75
CA GLY G 523 2.60 30.38 26.80
C GLY G 523 1.38 30.51 27.71
N TYR G 524 1.38 31.52 28.57
CA TYR G 524 0.29 31.75 29.48
C TYR G 524 -0.54 32.97 29.13
N GLN G 525 -0.28 33.56 27.98
CA GLN G 525 -1.07 34.69 27.53
C GLN G 525 -2.28 34.14 26.80
N PRO G 526 -3.39 34.88 26.76
CA PRO G 526 -4.58 34.51 26.05
C PRO G 526 -4.41 34.60 24.57
N TYR G 527 -5.01 33.65 23.88
CA TYR G 527 -5.11 33.66 22.45
C TYR G 527 -6.54 33.52 22.02
N ARG G 528 -6.91 34.30 21.04
CA ARG G 528 -8.22 34.18 20.48
C ARG G 528 -8.15 33.25 19.32
N VAL G 529 -9.03 32.28 19.31
CA VAL G 529 -9.00 31.27 18.28
C VAL G 529 -10.31 31.25 17.54
N VAL G 530 -10.19 31.25 16.23
CA VAL G 530 -11.34 31.07 15.36
C VAL G 530 -11.09 29.85 14.50
N VAL G 531 -12.02 28.92 14.53
CA VAL G 531 -11.88 27.74 13.73
C VAL G 531 -12.93 27.75 12.65
N LEU G 532 -12.49 27.74 11.40
CA LEU G 532 -13.42 27.72 10.29
C LEU G 532 -13.55 26.33 9.75
N SER G 533 -14.72 25.75 9.96
CA SER G 533 -15.03 24.40 9.54
C SER G 533 -15.77 24.43 8.21
N PHE G 534 -15.24 23.73 7.22
CA PHE G 534 -15.80 23.77 5.88
C PHE G 534 -16.57 22.52 5.55
N GLU G 535 -17.87 22.63 5.41
CA GLU G 535 -18.71 21.50 5.14
C GLU G 535 -18.88 21.28 3.65
N LEU G 536 -18.67 20.03 3.23
CA LEU G 536 -18.77 19.61 1.83
C LEU G 536 -19.72 18.44 1.62
N LEU G 537 -20.98 18.69 1.29
CA LEU G 537 -21.85 17.56 0.99
C LEU G 537 -22.51 17.80 -0.35
N HIS G 538 -23.01 16.76 -0.98
CA HIS G 538 -23.59 16.90 -2.30
C HIS G 538 -24.97 17.53 -2.23
N ALA G 539 -24.93 18.86 -2.16
CA ALA G 539 -26.06 19.74 -1.97
C ALA G 539 -25.65 21.07 -2.62
N PRO G 540 -26.55 22.02 -2.85
CA PRO G 540 -26.22 23.30 -3.41
C PRO G 540 -25.17 23.95 -2.52
N ALA G 541 -24.14 24.52 -3.12
CA ALA G 541 -23.15 25.23 -2.33
C ALA G 541 -23.67 26.63 -2.09
N THR G 542 -23.44 27.17 -0.90
CA THR G 542 -23.97 28.49 -0.60
C THR G 542 -22.89 29.50 -0.27
N VAL G 543 -21.68 29.02 0.03
CA VAL G 543 -20.56 29.90 0.33
C VAL G 543 -19.48 29.67 -0.70
N CYS G 544 -19.17 30.68 -1.51
CA CYS G 544 -18.19 30.55 -2.60
C CYS G 544 -17.20 31.68 -2.54
N GLY G 545 -15.98 31.40 -2.97
CA GLY G 545 -14.98 32.43 -3.03
C GLY G 545 -15.34 33.46 -4.10
N PRO G 546 -14.59 34.55 -4.16
CA PRO G 546 -14.77 35.70 -5.02
C PRO G 546 -14.31 35.45 -6.44
N LYS G 547 -14.90 34.45 -7.08
CA LYS G 547 -14.60 34.12 -8.45
C LYS G 547 -15.49 34.88 -9.39
N LYS G 548 -14.95 35.25 -10.53
CA LYS G 548 -15.76 35.89 -11.54
C LYS G 548 -16.35 34.82 -12.41
N SER G 549 -17.57 35.02 -12.85
CA SER G 549 -18.18 34.08 -13.75
C SER G 549 -17.92 34.51 -15.18
N THR G 550 -17.94 33.55 -16.06
CA THR G 550 -17.74 33.77 -17.48
C THR G 550 -19.03 33.43 -18.21
N ASN G 551 -19.06 33.70 -19.50
CA ASN G 551 -20.22 33.36 -20.29
C ASN G 551 -20.27 31.86 -20.45
N LEU G 552 -21.47 31.31 -20.49
CA LEU G 552 -21.63 29.88 -20.70
C LEU G 552 -21.40 29.54 -22.16
N VAL G 553 -20.58 28.53 -22.40
CA VAL G 553 -20.29 28.10 -23.76
C VAL G 553 -20.75 26.69 -24.00
N LYS G 554 -21.55 26.51 -25.03
CA LYS G 554 -22.08 25.22 -25.38
C LYS G 554 -21.55 24.70 -26.71
N ASN G 555 -21.61 23.38 -26.85
CA ASN G 555 -21.20 22.64 -28.04
C ASN G 555 -19.72 22.80 -28.38
N LYS G 556 -18.90 22.97 -27.37
CA LYS G 556 -17.46 23.11 -27.53
C LYS G 556 -16.77 22.40 -26.36
N CYS G 557 -15.55 21.90 -26.56
CA CYS G 557 -14.73 21.33 -25.51
C CYS G 557 -14.19 22.40 -24.61
N VAL G 558 -14.58 22.38 -23.34
CA VAL G 558 -14.17 23.39 -22.38
C VAL G 558 -13.73 22.81 -21.05
N ASN G 559 -13.00 23.60 -20.29
CA ASN G 559 -12.69 23.31 -18.91
C ASN G 559 -13.76 24.01 -18.10
N PHE G 560 -14.57 23.28 -17.36
CA PHE G 560 -15.65 23.95 -16.66
C PHE G 560 -15.53 23.87 -15.14
N ASN G 561 -16.17 24.84 -14.49
CA ASN G 561 -16.34 24.91 -13.05
C ASN G 561 -17.74 25.39 -12.69
N PHE G 562 -18.61 24.47 -12.29
CA PHE G 562 -19.98 24.84 -11.94
C PHE G 562 -20.21 24.79 -10.45
N ASN G 563 -20.14 25.94 -9.82
CA ASN G 563 -20.36 26.05 -8.38
C ASN G 563 -19.50 25.06 -7.62
N GLY G 564 -18.24 24.90 -8.04
CA GLY G 564 -17.29 23.99 -7.39
C GLY G 564 -17.11 22.66 -8.13
N LEU G 565 -18.00 22.32 -9.05
CA LEU G 565 -17.87 21.08 -9.83
C LEU G 565 -16.95 21.27 -11.00
N THR G 566 -15.85 20.54 -11.05
CA THR G 566 -14.90 20.77 -12.12
C THR G 566 -14.63 19.54 -12.98
N GLY G 567 -14.30 19.81 -14.23
CA GLY G 567 -13.95 18.77 -15.19
C GLY G 567 -13.79 19.33 -16.59
N THR G 568 -13.54 18.45 -17.54
CA THR G 568 -13.36 18.83 -18.93
C THR G 568 -14.39 18.09 -19.76
N GLY G 569 -15.05 18.81 -20.65
CA GLY G 569 -16.05 18.16 -21.47
C GLY G 569 -16.81 19.13 -22.36
N VAL G 570 -17.84 18.61 -22.99
CA VAL G 570 -18.67 19.37 -23.89
C VAL G 570 -20.03 19.54 -23.27
N LEU G 571 -20.46 20.79 -23.17
CA LEU G 571 -21.73 21.13 -22.56
C LEU G 571 -22.81 21.28 -23.60
N THR G 572 -23.89 20.54 -23.46
CA THR G 572 -24.99 20.64 -24.41
C THR G 572 -26.30 20.84 -23.68
N GLU G 573 -27.33 21.26 -24.38
CA GLU G 573 -28.61 21.41 -23.72
C GLU G 573 -29.18 20.04 -23.43
N SER G 574 -29.69 19.85 -22.22
CA SER G 574 -30.19 18.55 -21.81
C SER G 574 -31.69 18.40 -21.97
N ASN G 575 -32.12 17.16 -22.14
CA ASN G 575 -33.54 16.83 -22.18
C ASN G 575 -33.93 16.04 -20.93
N LYS G 576 -33.08 16.08 -19.90
CA LYS G 576 -33.37 15.40 -18.66
C LYS G 576 -34.32 16.22 -17.81
N LYS G 577 -35.25 15.54 -17.15
CA LYS G 577 -36.20 16.22 -16.29
C LYS G 577 -35.72 16.30 -14.86
N PHE G 578 -34.88 17.26 -14.55
CA PHE G 578 -34.44 17.36 -13.18
C PHE G 578 -35.57 17.84 -12.32
N LEU G 579 -35.69 17.29 -11.13
CA LEU G 579 -36.68 17.77 -10.21
C LEU G 579 -36.14 19.10 -9.69
N PRO G 580 -36.99 20.02 -9.21
CA PRO G 580 -36.64 21.35 -8.75
C PRO G 580 -35.53 21.39 -7.72
N PHE G 581 -35.32 20.31 -6.99
CA PHE G 581 -34.30 20.29 -5.95
C PHE G 581 -32.98 19.67 -6.38
N GLN G 582 -32.95 19.04 -7.56
CA GLN G 582 -31.77 18.33 -8.02
C GLN G 582 -30.79 19.28 -8.70
N GLN G 583 -29.53 19.18 -8.30
CA GLN G 583 -28.51 20.12 -8.77
C GLN G 583 -27.61 19.59 -9.87
N PHE G 584 -27.49 18.28 -9.93
CA PHE G 584 -26.63 17.64 -10.91
C PHE G 584 -27.15 16.25 -11.10
N GLY G 585 -26.67 15.56 -12.11
CA GLY G 585 -27.07 14.19 -12.33
C GLY G 585 -25.88 13.28 -12.44
N ARG G 586 -26.14 11.99 -12.37
CA ARG G 586 -25.12 10.98 -12.54
C ARG G 586 -25.56 9.86 -13.46
N ASP G 587 -24.56 9.25 -14.08
CA ASP G 587 -24.71 8.17 -15.03
C ASP G 587 -24.80 6.82 -14.32
N ILE G 588 -24.92 5.74 -15.08
CA ILE G 588 -24.96 4.38 -14.55
C ILE G 588 -23.69 4.11 -13.75
N ALA G 589 -22.58 4.66 -14.23
CA ALA G 589 -21.26 4.56 -13.64
C ALA G 589 -21.16 5.38 -12.36
N ASP G 590 -22.21 6.13 -12.05
CA ASP G 590 -22.30 7.02 -10.91
C ASP G 590 -21.26 8.14 -11.00
N THR G 591 -21.07 8.65 -12.21
CA THR G 591 -20.20 9.78 -12.46
C THR G 591 -21.06 10.93 -12.97
N THR G 592 -20.64 12.16 -12.75
CA THR G 592 -21.47 13.30 -13.15
C THR G 592 -21.65 13.34 -14.65
N ASP G 593 -22.90 13.50 -15.10
CA ASP G 593 -23.15 13.58 -16.53
C ASP G 593 -24.11 14.70 -16.89
N ALA G 594 -24.47 15.50 -15.90
CA ALA G 594 -25.37 16.61 -16.10
C ALA G 594 -25.24 17.57 -14.95
N VAL G 595 -25.43 18.85 -15.23
CA VAL G 595 -25.35 19.86 -14.18
C VAL G 595 -26.37 20.96 -14.37
N ARG G 596 -26.91 21.47 -13.28
CA ARG G 596 -27.77 22.63 -13.32
C ARG G 596 -26.92 23.88 -13.18
N ASP G 597 -27.03 24.79 -14.14
CA ASP G 597 -26.26 26.02 -14.07
C ASP G 597 -26.72 26.86 -12.87
N PRO G 598 -25.80 27.39 -12.05
CA PRO G 598 -26.06 28.18 -10.86
C PRO G 598 -26.63 29.58 -11.07
N GLN G 599 -26.60 30.14 -12.29
CA GLN G 599 -27.14 31.48 -12.47
C GLN G 599 -28.47 31.42 -13.20
N THR G 600 -28.55 30.59 -14.21
CA THR G 600 -29.79 30.37 -14.92
C THR G 600 -30.07 28.93 -14.71
N LEU G 601 -31.26 28.54 -14.34
CA LEU G 601 -31.44 27.16 -13.95
C LEU G 601 -31.69 26.24 -15.14
N GLU G 602 -30.69 26.19 -16.01
CA GLU G 602 -30.65 25.41 -17.21
C GLU G 602 -29.98 24.09 -16.94
N ILE G 603 -30.49 23.01 -17.52
CA ILE G 603 -29.83 21.73 -17.33
C ILE G 603 -28.97 21.41 -18.53
N LEU G 604 -27.71 21.16 -18.26
CA LEU G 604 -26.74 20.84 -19.29
C LEU G 604 -26.31 19.40 -19.17
N ASP G 605 -26.07 18.78 -20.32
CA ASP G 605 -25.47 17.46 -20.35
C ASP G 605 -23.98 17.59 -20.54
N ILE G 606 -23.23 16.73 -19.88
CA ILE G 606 -21.80 16.78 -20.01
C ILE G 606 -21.27 15.51 -20.64
N THR G 607 -20.56 15.66 -21.74
CA THR G 607 -19.93 14.50 -22.35
C THR G 607 -18.43 14.78 -22.34
N PRO G 608 -17.57 13.77 -22.33
CA PRO G 608 -16.15 13.93 -22.48
C PRO G 608 -15.85 14.49 -23.84
N CYS G 609 -14.70 15.16 -23.96
CA CYS G 609 -14.18 15.65 -25.24
C CYS G 609 -13.68 14.42 -25.99
N SER G 610 -13.78 14.44 -27.31
CA SER G 610 -13.47 13.24 -28.07
C SER G 610 -12.06 12.74 -27.80
N PHE G 611 -11.95 11.43 -27.67
CA PHE G 611 -10.67 10.81 -27.47
C PHE G 611 -10.73 9.39 -28.01
N GLY G 612 -9.56 8.79 -28.19
CA GLY G 612 -9.49 7.40 -28.64
C GLY G 612 -8.07 7.00 -28.90
N GLY G 613 -7.83 5.73 -29.12
CA GLY G 613 -6.48 5.26 -29.36
C GLY G 613 -6.00 5.65 -30.74
N VAL G 614 -4.68 5.75 -30.89
CA VAL G 614 -4.11 6.03 -32.19
C VAL G 614 -3.20 4.90 -32.61
N SER G 615 -3.54 4.29 -33.73
CA SER G 615 -2.76 3.17 -34.22
C SER G 615 -2.08 3.52 -35.53
N VAL G 616 -0.86 3.08 -35.68
CA VAL G 616 -0.10 3.36 -36.87
C VAL G 616 0.02 2.10 -37.71
N ILE G 617 -0.41 2.23 -38.95
CA ILE G 617 -0.41 1.18 -39.93
C ILE G 617 0.83 1.34 -40.76
N THR G 618 1.64 0.32 -40.83
CA THR G 618 2.85 0.48 -41.58
C THR G 618 3.32 -0.84 -42.20
N PRO G 619 3.88 -0.81 -43.41
CA PRO G 619 4.64 -1.87 -43.99
C PRO G 619 5.92 -1.82 -43.20
N GLY G 620 6.70 -2.87 -43.18
CA GLY G 620 7.89 -2.72 -42.37
C GLY G 620 8.80 -1.66 -42.98
N THR G 621 9.73 -1.17 -42.15
CA THR G 621 10.70 -0.15 -42.57
C THR G 621 11.73 -0.68 -43.58
N ASN G 622 11.75 -2.01 -43.81
CA ASN G 622 12.52 -2.69 -44.82
C ASN G 622 11.98 -2.39 -46.24
N THR G 623 10.68 -1.98 -46.31
CA THR G 623 9.94 -1.70 -47.54
C THR G 623 9.67 -0.21 -47.73
N SER G 624 9.17 0.45 -46.68
CA SER G 624 8.81 1.85 -46.80
C SER G 624 8.70 2.56 -45.46
N ASN G 625 8.95 3.87 -45.45
CA ASN G 625 8.76 4.66 -44.26
C ASN G 625 7.42 5.39 -44.29
N GLN G 626 6.59 5.05 -45.25
CA GLN G 626 5.27 5.63 -45.38
C GLN G 626 4.31 4.95 -44.42
N VAL G 627 3.49 5.74 -43.73
CA VAL G 627 2.55 5.17 -42.78
C VAL G 627 1.15 5.73 -42.97
N ALA G 628 0.18 5.04 -42.40
CA ALA G 628 -1.19 5.52 -42.32
C ALA G 628 -1.60 5.49 -40.85
N VAL G 629 -2.46 6.40 -40.44
CA VAL G 629 -2.85 6.43 -39.04
C VAL G 629 -4.33 6.29 -38.83
N LEU G 630 -4.68 5.40 -37.91
CA LEU G 630 -6.06 5.17 -37.53
C LEU G 630 -6.41 5.81 -36.20
N TYR G 631 -7.40 6.68 -36.22
CA TYR G 631 -7.89 7.28 -35.00
C TYR G 631 -9.09 6.48 -34.59
N GLN G 632 -8.92 5.67 -33.56
CA GLN G 632 -9.88 4.63 -33.23
C GLN G 632 -11.12 5.15 -32.57
N ASP G 633 -12.25 4.84 -33.19
CA ASP G 633 -13.56 5.28 -32.72
C ASP G 633 -13.62 6.80 -32.55
N VAL G 634 -13.08 7.49 -33.54
CA VAL G 634 -13.03 8.95 -33.64
C VAL G 634 -13.59 9.36 -35.01
N ASN G 635 -14.31 10.50 -35.09
CA ASN G 635 -14.81 11.03 -36.34
C ASN G 635 -13.72 11.81 -37.08
N CYS G 636 -13.76 11.87 -38.40
CA CYS G 636 -12.79 12.54 -39.23
C CYS G 636 -12.94 14.07 -39.17
N THR G 637 -13.98 14.49 -38.45
CA THR G 637 -14.25 15.90 -38.23
C THR G 637 -13.65 16.36 -36.90
N GLU G 638 -13.21 15.39 -36.10
CA GLU G 638 -12.69 15.65 -34.77
C GLU G 638 -11.17 15.58 -34.76
N VAL G 639 -10.62 14.77 -35.64
CA VAL G 639 -9.18 14.53 -35.69
C VAL G 639 -8.29 15.79 -35.87
N PRO G 640 -8.56 16.74 -36.81
CA PRO G 640 -7.73 17.93 -37.03
C PRO G 640 -8.11 19.05 -36.07
N ASN G 660 -6.42 11.77 -48.38
CA ASN G 660 -6.73 10.36 -48.14
C ASN G 660 -7.31 10.14 -46.74
N VAL G 661 -8.55 10.63 -46.53
CA VAL G 661 -9.27 10.47 -45.26
C VAL G 661 -10.49 9.58 -45.43
N PHE G 662 -10.41 8.40 -44.82
CA PHE G 662 -11.44 7.37 -44.95
C PHE G 662 -12.11 7.06 -43.62
N GLN G 663 -13.40 7.32 -43.53
CA GLN G 663 -14.11 7.05 -42.29
C GLN G 663 -14.66 5.64 -42.31
N THR G 664 -14.26 4.85 -41.34
CA THR G 664 -14.76 3.48 -41.24
C THR G 664 -15.23 3.17 -39.82
N ARG G 665 -15.78 1.98 -39.64
CA ARG G 665 -16.29 1.59 -38.32
C ARG G 665 -15.21 1.54 -37.26
N ALA G 666 -14.00 1.18 -37.64
CA ALA G 666 -12.89 1.09 -36.72
C ALA G 666 -12.39 2.47 -36.28
N GLY G 667 -12.71 3.51 -37.04
CA GLY G 667 -12.18 4.84 -36.76
C GLY G 667 -11.88 5.60 -38.05
N CYS G 668 -11.16 6.71 -37.93
CA CYS G 668 -10.81 7.55 -39.07
C CYS G 668 -9.41 7.16 -39.54
N LEU G 669 -9.32 6.65 -40.76
CA LEU G 669 -8.06 6.19 -41.30
C LEU G 669 -7.49 7.23 -42.26
N ILE G 670 -6.33 7.75 -41.91
CA ILE G 670 -5.72 8.82 -42.68
C ILE G 670 -4.38 8.41 -43.28
N GLY G 671 -4.23 8.60 -44.58
CA GLY G 671 -2.99 8.27 -45.26
C GLY G 671 -3.11 7.04 -46.14
N ALA G 672 -4.20 6.30 -45.99
CA ALA G 672 -4.44 5.13 -46.80
C ALA G 672 -5.48 5.45 -47.86
N GLU G 673 -5.23 5.05 -49.08
CA GLU G 673 -6.19 5.29 -50.15
C GLU G 673 -7.23 4.20 -50.22
N HIS G 674 -8.48 4.57 -50.12
CA HIS G 674 -9.55 3.60 -50.18
C HIS G 674 -9.82 3.17 -51.60
N VAL G 675 -9.86 1.87 -51.84
CA VAL G 675 -10.11 1.35 -53.17
C VAL G 675 -11.32 0.41 -53.14
N ASN G 676 -11.92 0.15 -54.33
CA ASN G 676 -13.06 -0.74 -54.49
C ASN G 676 -12.65 -2.21 -54.81
N ASN G 677 -11.33 -2.48 -54.83
CA ASN G 677 -10.77 -3.79 -55.11
C ASN G 677 -10.51 -4.53 -53.81
N SER G 678 -11.12 -5.68 -53.65
CA SER G 678 -10.88 -6.47 -52.46
C SER G 678 -9.64 -7.33 -52.67
N TYR G 679 -8.95 -7.65 -51.60
CA TYR G 679 -7.79 -8.53 -51.66
C TYR G 679 -7.74 -9.37 -50.43
N GLU G 680 -6.78 -10.27 -50.36
CA GLU G 680 -6.61 -11.02 -49.12
C GLU G 680 -6.16 -10.05 -48.06
N CYS G 681 -6.48 -10.22 -46.81
CA CYS G 681 -6.13 -9.44 -45.69
C CYS G 681 -4.66 -9.32 -45.43
N ASP G 682 -4.06 -8.23 -45.26
CA ASP G 682 -2.65 -8.06 -44.94
C ASP G 682 -2.54 -7.48 -43.54
N ILE G 683 -2.74 -6.17 -43.39
CA ILE G 683 -2.78 -5.56 -42.07
C ILE G 683 -4.23 -5.28 -41.71
N PRO G 684 -4.80 -5.93 -40.70
CA PRO G 684 -6.17 -5.76 -40.30
C PRO G 684 -6.41 -4.39 -39.70
N ILE G 685 -7.51 -3.76 -40.07
CA ILE G 685 -7.91 -2.49 -39.49
C ILE G 685 -9.06 -2.76 -38.53
N GLY G 686 -10.02 -3.53 -39.01
CA GLY G 686 -11.20 -3.91 -38.24
C GLY G 686 -12.46 -3.70 -39.05
N ALA G 687 -13.52 -4.40 -38.67
CA ALA G 687 -14.82 -4.30 -39.31
C ALA G 687 -14.77 -4.57 -40.81
N GLY G 688 -13.99 -5.57 -41.20
CA GLY G 688 -13.92 -5.99 -42.59
C GLY G 688 -12.88 -5.25 -43.41
N ILE G 689 -12.26 -4.24 -42.83
CA ILE G 689 -11.28 -3.45 -43.54
C ILE G 689 -9.86 -3.88 -43.20
N CYS G 690 -9.04 -4.03 -44.24
CA CYS G 690 -7.62 -4.35 -44.16
C CYS G 690 -6.86 -3.32 -44.99
N ALA G 691 -5.58 -3.18 -44.71
CA ALA G 691 -4.72 -2.28 -45.45
C ALA G 691 -3.48 -2.98 -45.92
N SER G 692 -2.90 -2.50 -47.01
CA SER G 692 -1.67 -3.08 -47.53
C SER G 692 -0.87 -2.08 -48.32
N TYR G 693 0.39 -2.40 -48.57
CA TYR G 693 1.25 -1.54 -49.37
C TYR G 693 1.40 -2.14 -50.76
N GLN G 694 0.90 -1.42 -51.78
CA GLN G 694 0.91 -1.86 -53.17
C GLN G 694 1.22 -0.69 -54.09
N GLN G 709 4.35 2.92 -55.32
CA GLN G 709 3.50 2.17 -54.40
C GLN G 709 3.03 3.09 -53.26
N SER G 710 1.89 2.72 -52.65
CA SER G 710 1.29 3.46 -51.52
C SER G 710 0.47 2.54 -50.64
N ILE G 711 0.02 3.06 -49.51
CA ILE G 711 -0.85 2.30 -48.61
C ILE G 711 -2.29 2.47 -49.03
N ILE G 712 -2.99 1.34 -49.15
CA ILE G 712 -4.38 1.33 -49.54
C ILE G 712 -5.21 0.63 -48.50
N ALA G 713 -6.51 0.94 -48.50
CA ALA G 713 -7.46 0.28 -47.63
C ALA G 713 -8.55 -0.32 -48.48
N TYR G 714 -9.04 -1.47 -48.07
CA TYR G 714 -10.07 -2.18 -48.81
C TYR G 714 -10.87 -3.10 -47.94
N THR G 715 -12.02 -3.52 -48.43
CA THR G 715 -12.77 -4.56 -47.75
C THR G 715 -12.11 -5.86 -48.14
N MET G 716 -11.78 -6.67 -47.15
CA MET G 716 -11.07 -7.89 -47.45
C MET G 716 -11.93 -8.90 -48.14
N SER G 717 -11.29 -9.69 -48.99
CA SER G 717 -11.91 -10.80 -49.67
C SER G 717 -11.89 -12.00 -48.76
N LEU G 718 -12.92 -12.83 -48.82
CA LEU G 718 -12.93 -14.03 -48.01
C LEU G 718 -12.46 -15.22 -48.83
N GLY G 719 -12.08 -14.95 -50.07
CA GLY G 719 -11.66 -15.98 -51.00
C GLY G 719 -12.42 -15.86 -52.30
N ALA G 720 -11.95 -16.57 -53.31
CA ALA G 720 -12.60 -16.57 -54.61
C ALA G 720 -13.93 -17.27 -54.52
N GLU G 721 -14.90 -16.85 -55.31
CA GLU G 721 -16.17 -17.53 -55.32
C GLU G 721 -16.13 -18.76 -56.21
N ASN G 722 -16.91 -19.77 -55.86
CA ASN G 722 -17.00 -20.98 -56.66
C ASN G 722 -18.39 -21.59 -56.62
N SER G 723 -19.14 -21.42 -57.71
CA SER G 723 -20.44 -22.06 -57.75
C SER G 723 -20.19 -23.52 -58.10
N VAL G 724 -20.66 -24.43 -57.26
CA VAL G 724 -20.41 -25.84 -57.51
C VAL G 724 -21.42 -26.34 -58.53
N ALA G 725 -20.95 -27.10 -59.52
CA ALA G 725 -21.81 -27.58 -60.60
C ALA G 725 -22.67 -28.75 -60.15
N TYR G 726 -23.55 -28.48 -59.21
CA TYR G 726 -24.41 -29.50 -58.65
C TYR G 726 -25.59 -29.83 -59.55
N SER G 727 -25.88 -31.10 -59.66
CA SER G 727 -27.05 -31.62 -60.35
C SER G 727 -27.36 -32.95 -59.69
N ASN G 728 -28.55 -33.51 -59.95
CA ASN G 728 -28.99 -34.76 -59.31
C ASN G 728 -28.35 -36.02 -59.92
N ASN G 729 -27.64 -35.89 -61.05
CA ASN G 729 -26.99 -36.99 -61.74
C ASN G 729 -25.57 -36.68 -62.19
N SER G 730 -24.85 -35.82 -61.48
CA SER G 730 -23.50 -35.52 -61.91
C SER G 730 -22.53 -35.63 -60.76
N ILE G 731 -21.48 -36.40 -60.97
CA ILE G 731 -20.49 -36.59 -59.94
C ILE G 731 -19.13 -36.26 -60.49
N ALA G 732 -18.30 -35.58 -59.71
CA ALA G 732 -16.95 -35.39 -60.16
C ALA G 732 -16.12 -36.46 -59.52
N ILE G 733 -15.15 -36.98 -60.24
CA ILE G 733 -14.26 -37.98 -59.66
C ILE G 733 -12.82 -37.68 -60.05
N PRO G 734 -11.90 -37.53 -59.10
CA PRO G 734 -10.50 -37.27 -59.34
C PRO G 734 -9.91 -38.36 -60.18
N THR G 735 -9.11 -37.97 -61.14
CA THR G 735 -8.44 -38.94 -62.02
C THR G 735 -6.95 -39.08 -61.73
N ASN G 736 -6.43 -38.23 -60.84
CA ASN G 736 -5.03 -38.13 -60.46
C ASN G 736 -4.99 -37.59 -59.03
N PHE G 737 -3.82 -37.51 -58.43
CA PHE G 737 -3.61 -37.01 -57.08
C PHE G 737 -2.21 -36.51 -56.93
N THR G 738 -1.97 -35.75 -55.89
CA THR G 738 -0.64 -35.35 -55.53
C THR G 738 -0.36 -35.72 -54.10
N ILE G 739 0.91 -35.81 -53.77
CA ILE G 739 1.31 -36.03 -52.39
C ILE G 739 1.82 -34.73 -51.86
N SER G 740 1.22 -34.28 -50.79
CA SER G 740 1.55 -32.99 -50.22
C SER G 740 2.17 -33.15 -48.86
N VAL G 741 3.14 -32.31 -48.56
CA VAL G 741 3.71 -32.31 -47.23
C VAL G 741 3.48 -30.97 -46.58
N THR G 742 2.78 -31.00 -45.46
CA THR G 742 2.43 -29.82 -44.69
C THR G 742 3.24 -29.75 -43.42
N THR G 743 3.76 -28.58 -43.11
CA THR G 743 4.50 -28.43 -41.88
C THR G 743 3.63 -27.82 -40.80
N GLU G 744 3.50 -28.51 -39.68
CA GLU G 744 2.74 -27.99 -38.55
C GLU G 744 3.65 -27.80 -37.35
N ILE G 745 3.66 -26.60 -36.83
CA ILE G 745 4.58 -26.26 -35.76
C ILE G 745 3.86 -26.00 -34.46
N LEU G 746 4.24 -26.74 -33.42
CA LEU G 746 3.62 -26.56 -32.11
C LEU G 746 4.65 -26.37 -31.01
N PRO G 747 4.46 -25.41 -30.11
CA PRO G 747 5.17 -25.26 -28.87
C PRO G 747 4.95 -26.48 -28.01
N VAL G 748 5.99 -26.91 -27.34
CA VAL G 748 5.89 -28.02 -26.42
C VAL G 748 6.27 -27.57 -25.03
N SER G 749 7.27 -26.74 -24.95
CA SER G 749 7.77 -26.34 -23.65
C SER G 749 8.13 -24.88 -23.63
N MET G 750 8.38 -24.41 -22.43
CA MET G 750 8.71 -23.03 -22.17
C MET G 750 10.00 -22.99 -21.37
N THR G 751 10.77 -21.92 -21.51
CA THR G 751 11.99 -21.82 -20.72
C THR G 751 11.72 -21.89 -19.24
N LYS G 752 12.47 -22.73 -18.54
CA LYS G 752 12.25 -22.95 -17.12
C LYS G 752 12.95 -21.93 -16.28
N THR G 753 12.32 -20.78 -16.12
CA THR G 753 12.95 -19.74 -15.35
C THR G 753 12.73 -20.00 -13.89
N SER G 754 13.57 -19.39 -13.07
CA SER G 754 13.45 -19.48 -11.63
C SER G 754 13.83 -18.16 -11.00
N VAL G 755 12.90 -17.58 -10.26
CA VAL G 755 13.19 -16.31 -9.65
C VAL G 755 13.21 -16.45 -8.16
N ASP G 756 14.32 -16.06 -7.56
CA ASP G 756 14.47 -16.09 -6.12
C ASP G 756 13.81 -14.84 -5.55
N CYS G 757 12.62 -15.03 -4.93
CA CYS G 757 11.80 -13.85 -4.46
C CYS G 757 12.59 -13.00 -3.50
N THR G 758 13.25 -13.52 -2.52
CA THR G 758 13.97 -12.70 -1.58
C THR G 758 15.12 -11.97 -2.29
N MET G 759 15.85 -12.67 -3.14
CA MET G 759 16.96 -12.02 -3.84
C MET G 759 16.49 -10.86 -4.70
N TYR G 760 15.39 -11.08 -5.41
CA TYR G 760 14.81 -10.09 -6.29
C TYR G 760 14.37 -8.85 -5.54
N ILE G 761 13.66 -9.05 -4.45
CA ILE G 761 13.11 -7.93 -3.70
C ILE G 761 14.15 -7.24 -2.79
N CYS G 762 14.92 -8.04 -2.02
CA CYS G 762 15.85 -7.59 -0.99
C CYS G 762 17.26 -8.11 -1.24
N GLY G 763 17.73 -7.98 -2.47
CA GLY G 763 19.03 -8.55 -2.79
C GLY G 763 20.13 -8.07 -1.86
N ASP G 764 20.77 -9.03 -1.22
CA ASP G 764 21.88 -8.82 -0.30
C ASP G 764 21.58 -7.82 0.82
N SER G 765 20.37 -7.82 1.34
CA SER G 765 20.04 -6.87 2.40
C SER G 765 19.30 -7.48 3.57
N THR G 766 19.94 -7.49 4.73
CA THR G 766 19.36 -8.05 5.94
C THR G 766 18.18 -7.23 6.43
N GLU G 767 18.30 -5.90 6.38
CA GLU G 767 17.23 -5.05 6.89
C GLU G 767 15.93 -5.23 6.08
N CYS G 768 16.07 -5.33 4.75
CA CYS G 768 14.94 -5.53 3.84
C CYS G 768 14.40 -6.93 4.03
N SER G 769 15.27 -7.92 4.13
CA SER G 769 14.86 -9.29 4.27
C SER G 769 13.99 -9.48 5.49
N ASN G 770 14.35 -8.83 6.60
CA ASN G 770 13.54 -8.94 7.80
C ASN G 770 12.17 -8.29 7.63
N LEU G 771 12.10 -7.15 6.95
CA LEU G 771 10.80 -6.52 6.71
C LEU G 771 9.92 -7.39 5.85
N LEU G 772 10.54 -8.10 4.92
CA LEU G 772 9.83 -8.97 4.01
C LEU G 772 9.15 -10.13 4.73
N LEU G 773 9.56 -10.44 5.96
CA LEU G 773 8.98 -11.55 6.70
C LEU G 773 7.62 -11.16 7.24
N GLN G 774 7.30 -9.88 7.20
CA GLN G 774 6.04 -9.38 7.70
C GLN G 774 4.95 -9.67 6.70
N TYR G 775 5.34 -10.16 5.54
CA TYR G 775 4.44 -10.49 4.47
C TYR G 775 4.20 -11.99 4.41
N GLY G 776 4.63 -12.67 5.46
CA GLY G 776 4.36 -14.08 5.61
C GLY G 776 4.98 -14.97 4.55
N SER G 777 4.13 -15.76 3.92
CA SER G 777 4.52 -16.76 2.94
C SER G 777 4.49 -16.29 1.51
N PHE G 778 4.29 -15.01 1.25
CA PHE G 778 4.20 -14.59 -0.15
C PHE G 778 5.36 -15.10 -1.01
N CYS G 779 6.61 -14.98 -0.53
CA CYS G 779 7.77 -15.48 -1.29
C CYS G 779 7.81 -16.98 -1.42
N THR G 780 7.34 -17.69 -0.42
CA THR G 780 7.37 -19.13 -0.48
C THR G 780 6.44 -19.62 -1.57
N GLN G 781 5.23 -19.06 -1.62
CA GLN G 781 4.28 -19.50 -2.62
C GLN G 781 4.61 -19.01 -4.03
N LEU G 782 5.35 -17.91 -4.14
CA LEU G 782 5.79 -17.47 -5.47
C LEU G 782 6.90 -18.38 -5.97
N ASN G 783 7.80 -18.79 -5.08
CA ASN G 783 8.87 -19.68 -5.49
C ASN G 783 8.29 -21.03 -5.86
N ARG G 784 7.24 -21.43 -5.14
CA ARG G 784 6.57 -22.70 -5.37
C ARG G 784 5.85 -22.70 -6.71
N ALA G 785 5.18 -21.61 -7.04
CA ALA G 785 4.45 -21.50 -8.30
C ALA G 785 5.38 -21.63 -9.50
N LEU G 786 6.54 -20.99 -9.43
CA LEU G 786 7.49 -21.07 -10.53
C LEU G 786 8.14 -22.44 -10.59
N THR G 787 8.35 -23.07 -9.44
CA THR G 787 8.92 -24.41 -9.43
C THR G 787 7.96 -25.37 -10.10
N GLY G 788 6.67 -25.24 -9.80
CA GLY G 788 5.66 -26.09 -10.39
C GLY G 788 5.65 -25.96 -11.91
N ILE G 789 5.82 -24.74 -12.41
CA ILE G 789 5.88 -24.54 -13.85
C ILE G 789 7.09 -25.24 -14.45
N ALA G 790 8.24 -25.08 -13.82
CA ALA G 790 9.44 -25.71 -14.33
C ALA G 790 9.28 -27.23 -14.42
N VAL G 791 8.65 -27.83 -13.43
CA VAL G 791 8.45 -29.26 -13.45
C VAL G 791 7.54 -29.65 -14.58
N GLU G 792 6.48 -28.88 -14.79
CA GLU G 792 5.54 -29.09 -15.85
C GLU G 792 6.21 -29.06 -17.22
N GLN G 793 7.21 -28.21 -17.40
CA GLN G 793 7.84 -28.11 -18.70
C GLN G 793 8.61 -29.37 -19.05
N ASP G 794 9.16 -30.03 -18.05
CA ASP G 794 9.84 -31.30 -18.31
C ASP G 794 8.81 -32.35 -18.61
N LYS G 795 7.67 -32.28 -17.93
CA LYS G 795 6.58 -33.20 -18.17
C LYS G 795 6.02 -33.05 -19.58
N ASN G 796 5.89 -31.82 -20.05
CA ASN G 796 5.36 -31.56 -21.37
C ASN G 796 6.24 -32.18 -22.43
N THR G 797 7.54 -32.04 -22.25
CA THR G 797 8.49 -32.58 -23.20
C THR G 797 8.43 -34.09 -23.19
N GLN G 798 8.36 -34.68 -22.00
CA GLN G 798 8.34 -36.12 -21.89
C GLN G 798 7.11 -36.73 -22.53
N GLU G 799 5.96 -36.10 -22.34
CA GLU G 799 4.72 -36.61 -22.91
C GLU G 799 4.66 -36.52 -24.43
N VAL G 800 5.31 -35.52 -25.02
CA VAL G 800 5.31 -35.40 -26.46
C VAL G 800 6.32 -36.34 -27.12
N PHE G 801 7.53 -36.41 -26.59
CA PHE G 801 8.56 -37.16 -27.29
C PHE G 801 8.80 -38.59 -26.81
N ALA G 802 8.65 -38.85 -25.52
CA ALA G 802 8.97 -40.18 -25.02
C ALA G 802 7.78 -41.10 -25.13
N GLN G 803 7.31 -41.32 -26.36
CA GLN G 803 6.16 -42.18 -26.61
C GLN G 803 6.60 -43.52 -27.15
N VAL G 804 7.90 -43.70 -27.25
CA VAL G 804 8.44 -44.91 -27.79
C VAL G 804 9.25 -45.60 -26.71
N LYS G 805 9.00 -46.88 -26.51
CA LYS G 805 9.67 -47.65 -25.45
C LYS G 805 11.14 -47.91 -25.75
N GLN G 806 11.43 -48.16 -27.02
CA GLN G 806 12.77 -48.50 -27.45
C GLN G 806 13.28 -47.49 -28.45
N ILE G 807 14.59 -47.36 -28.53
CA ILE G 807 15.14 -46.48 -29.53
C ILE G 807 15.38 -47.26 -30.79
N TYR G 808 14.52 -47.05 -31.77
CA TYR G 808 14.57 -47.81 -32.98
C TYR G 808 15.55 -47.20 -33.93
N LYS G 809 16.20 -48.06 -34.70
CA LYS G 809 17.11 -47.59 -35.71
C LYS G 809 16.81 -48.20 -37.07
N THR G 810 17.07 -47.42 -38.10
CA THR G 810 16.92 -47.84 -39.47
C THR G 810 18.13 -48.70 -39.84
N PRO G 811 18.03 -49.55 -40.87
CA PRO G 811 19.11 -50.36 -41.38
C PRO G 811 20.10 -49.49 -42.13
N PRO G 812 21.36 -49.95 -42.28
CA PRO G 812 22.39 -49.38 -43.11
C PRO G 812 21.92 -49.18 -44.55
N ILE G 813 21.07 -50.08 -45.04
CA ILE G 813 20.58 -49.96 -46.41
C ILE G 813 19.18 -49.38 -46.42
N LYS G 814 19.09 -48.13 -46.82
CA LYS G 814 17.84 -47.41 -46.79
C LYS G 814 17.04 -47.60 -48.06
N ASP G 815 16.57 -48.83 -48.28
CA ASP G 815 15.74 -49.12 -49.45
C ASP G 815 14.29 -49.07 -49.08
N PHE G 816 13.65 -47.95 -49.35
CA PHE G 816 12.28 -47.75 -48.94
C PHE G 816 11.36 -47.62 -50.13
N GLY G 817 11.65 -48.36 -51.19
CA GLY G 817 10.75 -48.41 -52.33
C GLY G 817 10.76 -47.14 -53.16
N GLY G 818 11.86 -46.41 -53.13
CA GLY G 818 11.97 -45.17 -53.88
C GLY G 818 11.74 -43.92 -53.02
N PHE G 819 11.27 -44.10 -51.80
CA PHE G 819 11.03 -42.97 -50.90
C PHE G 819 12.32 -42.56 -50.18
N ASN G 820 12.71 -41.29 -50.33
CA ASN G 820 13.93 -40.70 -49.77
C ASN G 820 13.66 -40.02 -48.43
N PHE G 821 14.42 -40.39 -47.40
CA PHE G 821 14.28 -39.82 -46.04
C PHE G 821 15.55 -39.15 -45.55
N SER G 822 16.53 -38.92 -46.41
CA SER G 822 17.80 -38.35 -45.95
C SER G 822 17.67 -36.97 -45.31
N GLN G 823 16.59 -36.28 -45.63
CA GLN G 823 16.33 -34.96 -45.08
C GLN G 823 15.80 -35.01 -43.66
N ILE G 824 15.09 -36.09 -43.31
CA ILE G 824 14.47 -36.14 -42.00
C ILE G 824 15.13 -37.15 -41.06
N LEU G 825 15.96 -38.03 -41.61
CA LEU G 825 16.75 -38.93 -40.78
C LEU G 825 18.08 -38.27 -40.38
N PRO G 826 18.68 -38.63 -39.24
CA PRO G 826 19.95 -38.11 -38.74
C PRO G 826 21.08 -38.34 -39.72
N ASP G 827 22.04 -37.41 -39.74
CA ASP G 827 23.25 -37.56 -40.56
C ASP G 827 24.52 -37.46 -39.68
N PRO G 828 24.97 -38.59 -39.10
CA PRO G 828 25.97 -38.74 -38.05
C PRO G 828 27.34 -38.12 -38.31
N SER G 829 27.51 -37.41 -39.42
CA SER G 829 28.77 -36.77 -39.76
C SER G 829 29.11 -35.65 -38.79
N LYS G 830 28.11 -35.20 -38.02
CA LYS G 830 28.32 -34.13 -37.05
C LYS G 830 27.96 -34.59 -35.63
N PRO G 831 28.56 -33.97 -34.57
CA PRO G 831 28.39 -34.28 -33.15
C PRO G 831 26.95 -34.43 -32.66
N SER G 832 26.06 -33.57 -33.13
CA SER G 832 24.66 -33.70 -32.75
C SER G 832 23.95 -34.45 -33.84
N LYS G 833 23.35 -35.57 -33.49
CA LYS G 833 22.76 -36.42 -34.51
C LYS G 833 21.38 -35.96 -34.90
N ARG G 834 21.33 -34.79 -35.51
CA ARG G 834 20.10 -34.20 -35.97
C ARG G 834 19.98 -34.39 -37.46
N SER G 835 18.78 -34.24 -37.99
CA SER G 835 18.54 -34.33 -39.41
C SER G 835 18.78 -32.99 -40.09
N PHE G 836 18.80 -32.99 -41.41
CA PHE G 836 19.00 -31.74 -42.13
C PHE G 836 17.87 -30.76 -41.84
N ILE G 837 16.63 -31.24 -41.90
CA ILE G 837 15.51 -30.36 -41.62
C ILE G 837 15.59 -29.84 -40.19
N GLU G 838 15.95 -30.68 -39.24
CA GLU G 838 16.06 -30.22 -37.88
C GLU G 838 17.11 -29.13 -37.72
N ASP G 839 18.24 -29.23 -38.41
CA ASP G 839 19.22 -28.15 -38.32
C ASP G 839 18.65 -26.83 -38.80
N LEU G 840 17.79 -26.86 -39.80
CA LEU G 840 17.22 -25.62 -40.29
C LEU G 840 16.32 -25.03 -39.22
N LEU G 841 15.56 -25.89 -38.56
CA LEU G 841 14.62 -25.43 -37.54
C LEU G 841 15.37 -24.84 -36.35
N PHE G 842 16.48 -25.46 -36.01
CA PHE G 842 17.30 -25.03 -34.90
C PHE G 842 18.07 -23.77 -35.17
N ASN G 843 18.55 -23.60 -36.38
CA ASN G 843 19.29 -22.39 -36.70
C ASN G 843 18.39 -21.17 -36.71
N LYS G 844 17.14 -21.37 -37.15
CA LYS G 844 16.18 -20.28 -37.23
C LYS G 844 15.68 -19.74 -35.88
N VAL G 845 15.39 -20.65 -34.91
CA VAL G 845 14.93 -20.28 -33.57
C VAL G 845 15.92 -20.84 -32.55
N LEU G 868 22.47 -10.41 -22.52
CA LEU G 868 21.18 -10.17 -21.88
C LEU G 868 20.97 -11.04 -20.64
N ILE G 869 21.30 -12.34 -20.75
CA ILE G 869 21.09 -13.33 -19.68
C ILE G 869 21.88 -13.02 -18.42
N CYS G 870 23.05 -12.40 -18.56
CA CYS G 870 23.83 -12.02 -17.39
C CYS G 870 23.13 -10.88 -16.66
N ALA G 871 22.69 -9.89 -17.42
CA ALA G 871 22.03 -8.72 -16.84
C ALA G 871 20.79 -9.15 -16.05
N GLN G 872 20.09 -10.16 -16.59
CA GLN G 872 18.91 -10.69 -15.92
C GLN G 872 19.30 -11.53 -14.71
N LYS G 873 20.24 -12.47 -14.91
CA LYS G 873 20.64 -13.41 -13.87
C LYS G 873 21.08 -12.74 -12.60
N PHE G 874 21.79 -11.65 -12.74
CA PHE G 874 22.37 -10.94 -11.63
C PHE G 874 21.33 -10.45 -10.62
N ASN G 875 20.05 -10.54 -10.97
CA ASN G 875 18.98 -10.12 -10.07
C ASN G 875 18.26 -11.30 -9.41
N GLY G 876 18.89 -12.48 -9.43
CA GLY G 876 18.29 -13.66 -8.82
C GLY G 876 17.36 -14.39 -9.79
N LEU G 877 17.64 -14.23 -11.08
CA LEU G 877 16.83 -14.80 -12.14
C LEU G 877 17.58 -15.87 -12.91
N THR G 878 17.51 -17.11 -12.47
CA THR G 878 18.29 -18.13 -13.13
C THR G 878 17.44 -18.90 -14.10
N VAL G 879 18.08 -19.64 -14.99
CA VAL G 879 17.37 -20.50 -15.91
C VAL G 879 17.84 -21.92 -15.73
N LEU G 880 16.89 -22.81 -15.53
CA LEU G 880 17.21 -24.20 -15.30
C LEU G 880 17.26 -24.91 -16.64
N PRO G 881 18.19 -25.83 -16.86
CA PRO G 881 18.28 -26.60 -18.06
C PRO G 881 17.14 -27.61 -18.11
N PRO G 882 16.64 -27.95 -19.29
CA PRO G 882 15.70 -29.03 -19.56
C PRO G 882 16.29 -30.35 -19.13
N LEU G 883 15.44 -31.25 -18.67
CA LEU G 883 15.93 -32.57 -18.34
C LEU G 883 16.41 -33.31 -19.57
N LEU G 884 15.69 -33.15 -20.67
CA LEU G 884 16.04 -33.81 -21.91
C LEU G 884 16.75 -32.80 -22.80
N THR G 885 17.99 -33.10 -23.11
CA THR G 885 18.81 -32.20 -23.93
C THR G 885 18.38 -32.29 -25.37
N ASP G 886 18.82 -31.35 -26.20
CA ASP G 886 18.44 -31.37 -27.61
C ASP G 886 18.87 -32.67 -28.27
N GLU G 887 19.99 -33.22 -27.84
CA GLU G 887 20.47 -34.48 -28.38
C GLU G 887 19.54 -35.63 -28.02
N MET G 888 18.88 -35.56 -26.85
CA MET G 888 17.98 -36.62 -26.44
C MET G 888 16.65 -36.51 -27.14
N ILE G 889 16.25 -35.28 -27.45
CA ILE G 889 15.02 -35.09 -28.18
C ILE G 889 15.23 -35.60 -29.59
N ALA G 890 16.41 -35.32 -30.14
CA ALA G 890 16.73 -35.81 -31.47
C ALA G 890 16.73 -37.34 -31.48
N GLN G 891 17.24 -37.98 -30.43
CA GLN G 891 17.21 -39.44 -30.38
C GLN G 891 15.79 -39.97 -30.31
N TYR G 892 14.90 -39.29 -29.57
CA TYR G 892 13.53 -39.73 -29.54
C TYR G 892 12.84 -39.57 -30.87
N THR G 893 13.08 -38.47 -31.56
CA THR G 893 12.44 -38.29 -32.85
C THR G 893 13.01 -39.25 -33.86
N SER G 894 14.28 -39.58 -33.74
CA SER G 894 14.88 -40.55 -34.63
C SER G 894 14.24 -41.90 -34.42
N ALA G 895 14.00 -42.28 -33.17
CA ALA G 895 13.36 -43.54 -32.85
C ALA G 895 11.93 -43.60 -33.36
N LEU G 896 11.21 -42.49 -33.21
CA LEU G 896 9.83 -42.42 -33.66
C LEU G 896 9.76 -42.51 -35.16
N LEU G 897 10.70 -41.85 -35.80
CA LEU G 897 10.80 -41.82 -37.24
C LEU G 897 11.25 -43.16 -37.80
N ALA G 898 12.24 -43.79 -37.17
CA ALA G 898 12.72 -45.10 -37.60
C ALA G 898 11.61 -46.11 -37.48
N GLY G 899 10.82 -46.01 -36.41
CA GLY G 899 9.69 -46.90 -36.21
C GLY G 899 8.66 -46.66 -37.30
N THR G 900 8.30 -45.40 -37.53
CA THR G 900 7.29 -45.06 -38.52
C THR G 900 7.67 -45.60 -39.89
N ILE G 901 8.94 -45.48 -40.25
CA ILE G 901 9.43 -45.93 -41.53
C ILE G 901 9.53 -47.45 -41.68
N THR G 902 10.05 -48.16 -40.67
CA THR G 902 10.25 -49.59 -40.81
C THR G 902 9.14 -50.49 -40.30
N SER G 903 8.26 -49.98 -39.46
CA SER G 903 7.19 -50.80 -38.90
C SER G 903 5.82 -50.17 -39.03
N GLY G 904 5.75 -49.05 -39.69
CA GLY G 904 4.49 -48.35 -39.82
C GLY G 904 3.95 -47.99 -38.46
N TRP G 905 2.71 -48.33 -38.18
CA TRP G 905 2.13 -47.95 -36.90
C TRP G 905 2.18 -49.04 -35.85
N THR G 906 2.74 -50.19 -36.18
CA THR G 906 2.70 -51.31 -35.24
C THR G 906 3.55 -51.09 -34.04
N PHE G 907 4.56 -50.26 -34.16
CA PHE G 907 5.44 -50.00 -33.05
C PHE G 907 4.72 -49.20 -31.97
N GLY G 908 3.61 -48.58 -32.34
CA GLY G 908 2.89 -47.75 -31.41
C GLY G 908 1.84 -48.55 -30.62
N ALA G 909 1.68 -49.83 -30.94
CA ALA G 909 0.68 -50.68 -30.28
C ALA G 909 1.31 -51.97 -29.77
N GLY G 910 2.62 -51.98 -29.59
CA GLY G 910 3.32 -53.20 -29.18
C GLY G 910 4.68 -53.29 -29.86
N ALA G 911 5.15 -54.51 -30.07
CA ALA G 911 6.43 -54.69 -30.73
C ALA G 911 6.31 -54.19 -32.15
N ALA G 912 7.37 -53.62 -32.66
CA ALA G 912 7.38 -53.19 -34.03
C ALA G 912 7.48 -54.36 -34.97
N LEU G 913 6.55 -54.47 -35.93
CA LEU G 913 6.69 -55.47 -36.98
C LEU G 913 7.58 -54.90 -38.05
N GLN G 914 8.35 -55.70 -38.73
CA GLN G 914 8.96 -55.09 -39.89
C GLN G 914 7.96 -55.21 -41.02
N ILE G 915 7.98 -54.24 -41.92
CA ILE G 915 7.17 -54.31 -43.11
C ILE G 915 7.86 -53.51 -44.21
N PRO G 916 7.85 -53.94 -45.47
CA PRO G 916 8.35 -53.19 -46.59
C PRO G 916 7.64 -51.86 -46.65
N PHE G 917 8.37 -50.79 -46.96
CA PHE G 917 7.75 -49.48 -46.96
C PHE G 917 6.62 -49.36 -47.97
N ALA G 918 6.79 -49.93 -49.15
CA ALA G 918 5.74 -49.86 -50.15
C ALA G 918 4.46 -50.53 -49.67
N MET G 919 4.59 -51.61 -48.91
CA MET G 919 3.41 -52.27 -48.39
C MET G 919 2.76 -51.44 -47.31
N GLN G 920 3.58 -50.77 -46.52
CA GLN G 920 3.07 -49.88 -45.51
C GLN G 920 2.24 -48.79 -46.15
N MET G 921 2.73 -48.25 -47.25
CA MET G 921 2.01 -47.22 -47.98
C MET G 921 0.71 -47.75 -48.51
N ALA G 922 0.68 -49.01 -48.90
CA ALA G 922 -0.53 -49.63 -49.41
C ALA G 922 -1.59 -49.64 -48.35
N TYR G 923 -1.19 -49.85 -47.10
CA TYR G 923 -2.16 -49.89 -46.01
C TYR G 923 -2.71 -48.50 -45.79
N ARG G 924 -1.84 -47.52 -45.89
CA ARG G 924 -2.21 -46.14 -45.69
C ARG G 924 -3.13 -45.67 -46.80
N PHE G 925 -2.92 -46.16 -48.02
CA PHE G 925 -3.84 -45.85 -49.10
C PHE G 925 -5.19 -46.48 -48.85
N ASN G 926 -5.22 -47.72 -48.35
CA ASN G 926 -6.50 -48.35 -48.04
C ASN G 926 -7.23 -47.55 -46.98
N GLY G 927 -6.48 -47.03 -46.01
CA GLY G 927 -7.04 -46.26 -44.92
C GLY G 927 -7.80 -45.04 -45.39
N ILE G 928 -7.34 -44.42 -46.47
CA ILE G 928 -8.01 -43.23 -46.99
C ILE G 928 -9.03 -43.55 -48.07
N GLY G 929 -9.35 -44.83 -48.24
CA GLY G 929 -10.38 -45.22 -49.20
C GLY G 929 -9.87 -45.34 -50.64
N VAL G 930 -8.58 -45.59 -50.81
CA VAL G 930 -7.99 -45.76 -52.13
C VAL G 930 -7.38 -47.15 -52.19
N THR G 931 -7.66 -47.89 -53.24
CA THR G 931 -7.20 -49.28 -53.26
C THR G 931 -5.69 -49.42 -53.41
N GLN G 932 -5.19 -50.60 -53.07
CA GLN G 932 -3.77 -50.88 -53.04
C GLN G 932 -3.10 -50.79 -54.38
N ASN G 933 -3.80 -51.17 -55.42
CA ASN G 933 -3.18 -51.17 -56.71
C ASN G 933 -2.89 -49.76 -57.18
N VAL G 934 -3.55 -48.77 -56.62
CA VAL G 934 -3.30 -47.41 -57.07
C VAL G 934 -1.89 -47.05 -56.66
N LEU G 935 -1.51 -47.41 -55.44
CA LEU G 935 -0.16 -47.18 -54.98
C LEU G 935 0.85 -47.90 -55.82
N TYR G 936 0.64 -49.19 -56.04
CA TYR G 936 1.66 -49.98 -56.71
C TYR G 936 1.79 -49.58 -58.16
N GLU G 937 0.67 -49.31 -58.81
CA GLU G 937 0.69 -48.91 -60.20
C GLU G 937 1.39 -47.58 -60.35
N ASN G 938 1.24 -46.70 -59.36
CA ASN G 938 1.86 -45.39 -59.38
C ASN G 938 2.99 -45.27 -58.38
N GLN G 939 3.60 -46.37 -57.96
CA GLN G 939 4.61 -46.29 -56.92
C GLN G 939 5.75 -45.36 -57.26
N LYS G 940 6.16 -45.30 -58.52
CA LYS G 940 7.29 -44.46 -58.86
C LYS G 940 6.89 -42.99 -58.79
N LEU G 941 5.70 -42.68 -59.29
CA LEU G 941 5.18 -41.31 -59.23
C LEU G 941 5.01 -40.83 -57.80
N ILE G 942 4.46 -41.70 -56.97
CA ILE G 942 4.19 -41.34 -55.60
C ILE G 942 5.48 -41.07 -54.86
N ALA G 943 6.48 -41.90 -55.07
CA ALA G 943 7.77 -41.68 -54.46
C ALA G 943 8.37 -40.36 -54.94
N ASN G 944 8.20 -40.02 -56.22
CA ASN G 944 8.72 -38.77 -56.74
C ASN G 944 7.99 -37.56 -56.19
N GLN G 945 6.67 -37.66 -56.07
CA GLN G 945 5.89 -36.55 -55.53
C GLN G 945 6.26 -36.33 -54.07
N PHE G 946 6.46 -37.42 -53.35
CA PHE G 946 6.85 -37.32 -51.96
C PHE G 946 8.21 -36.69 -51.82
N ASN G 947 9.18 -37.17 -52.59
CA ASN G 947 10.54 -36.68 -52.48
C ASN G 947 10.61 -35.21 -52.85
N SER G 948 9.81 -34.82 -53.84
CA SER G 948 9.75 -33.44 -54.26
C SER G 948 9.17 -32.57 -53.16
N ALA G 949 8.07 -33.04 -52.56
CA ALA G 949 7.44 -32.29 -51.49
C ALA G 949 8.39 -32.09 -50.32
N ILE G 950 9.20 -33.09 -50.00
CA ILE G 950 10.16 -32.92 -48.92
C ILE G 950 11.17 -31.85 -49.29
N GLY G 951 11.65 -31.86 -50.52
CA GLY G 951 12.58 -30.83 -50.98
C GLY G 951 11.97 -29.44 -50.85
N LYS G 952 10.67 -29.32 -51.10
CA LYS G 952 9.99 -28.04 -50.99
C LYS G 952 10.01 -27.55 -49.54
N ILE G 953 9.90 -28.46 -48.58
CA ILE G 953 9.92 -28.09 -47.18
C ILE G 953 11.30 -27.57 -46.84
N GLN G 954 12.31 -28.26 -47.32
CA GLN G 954 13.69 -27.87 -47.08
C GLN G 954 13.94 -26.45 -47.55
N ASP G 955 13.47 -26.13 -48.76
CA ASP G 955 13.67 -24.80 -49.31
C ASP G 955 12.81 -23.74 -48.63
N SER G 956 11.58 -24.10 -48.28
CA SER G 956 10.68 -23.17 -47.62
C SER G 956 11.26 -22.75 -46.28
N LEU G 957 11.79 -23.72 -45.54
CA LEU G 957 12.39 -23.42 -44.24
C LEU G 957 13.66 -22.63 -44.40
N SER G 958 14.46 -22.94 -45.41
CA SER G 958 15.71 -22.21 -45.60
C SER G 958 15.44 -20.74 -45.95
N SER G 959 14.39 -20.51 -46.73
CA SER G 959 13.99 -19.18 -47.19
C SER G 959 13.19 -18.31 -46.23
N THR G 960 12.07 -18.84 -45.71
CA THR G 960 11.14 -17.99 -44.95
C THR G 960 11.40 -17.99 -43.44
N ALA G 961 11.89 -16.83 -42.97
CA ALA G 961 12.26 -16.64 -41.57
C ALA G 961 11.08 -16.74 -40.62
N SER G 962 9.91 -16.32 -41.09
CA SER G 962 8.71 -16.27 -40.28
C SER G 962 8.00 -17.62 -40.15
N ALA G 963 8.51 -18.65 -40.80
CA ALA G 963 7.86 -19.95 -40.81
C ALA G 963 7.67 -20.52 -39.40
N LEU G 964 8.60 -20.22 -38.49
CA LEU G 964 8.55 -20.76 -37.13
C LEU G 964 8.08 -19.73 -36.13
N GLY G 965 7.29 -18.76 -36.60
CA GLY G 965 6.79 -17.71 -35.74
C GLY G 965 6.08 -18.23 -34.49
N LYS G 966 5.43 -19.39 -34.56
CA LYS G 966 4.76 -19.91 -33.37
C LYS G 966 5.74 -20.23 -32.24
N LEU G 967 6.96 -20.63 -32.56
CA LEU G 967 7.91 -20.96 -31.51
C LEU G 967 8.64 -19.72 -31.08
N GLN G 968 8.90 -18.84 -32.03
CA GLN G 968 9.61 -17.61 -31.74
C GLN G 968 8.78 -16.71 -30.85
N ASP G 969 7.47 -16.73 -31.05
CA ASP G 969 6.56 -15.93 -30.27
C ASP G 969 6.59 -16.34 -28.80
N VAL G 970 6.75 -17.63 -28.53
CA VAL G 970 6.81 -18.09 -27.16
C VAL G 970 8.07 -17.57 -26.52
N VAL G 971 9.17 -17.64 -27.25
CA VAL G 971 10.44 -17.14 -26.77
C VAL G 971 10.36 -15.65 -26.51
N ASN G 972 9.72 -14.92 -27.41
CA ASN G 972 9.62 -13.48 -27.27
C ASN G 972 8.74 -13.08 -26.09
N GLN G 973 7.66 -13.80 -25.86
CA GLN G 973 6.79 -13.45 -24.74
C GLN G 973 7.50 -13.64 -23.42
N ASN G 974 8.30 -14.69 -23.30
CA ASN G 974 9.00 -14.93 -22.06
C ASN G 974 10.14 -13.96 -21.88
N ALA G 975 10.81 -13.60 -22.97
CA ALA G 975 11.88 -12.64 -22.88
C ALA G 975 11.35 -11.29 -22.43
N GLN G 976 10.18 -10.91 -22.94
CA GLN G 976 9.59 -9.65 -22.54
C GLN G 976 9.19 -9.69 -21.09
N ALA G 977 8.65 -10.81 -20.63
CA ALA G 977 8.24 -10.93 -19.25
C ALA G 977 9.41 -10.75 -18.30
N LEU G 978 10.57 -11.31 -18.65
CA LEU G 978 11.73 -11.16 -17.79
C LEU G 978 12.31 -9.77 -17.87
N ASN G 979 12.30 -9.17 -19.05
CA ASN G 979 12.85 -7.84 -19.16
C ASN G 979 12.00 -6.86 -18.39
N THR G 980 10.69 -7.09 -18.40
CA THR G 980 9.78 -6.23 -17.68
C THR G 980 10.04 -6.37 -16.19
N LEU G 981 10.20 -7.61 -15.73
CA LEU G 981 10.45 -7.88 -14.33
C LEU G 981 11.73 -7.22 -13.85
N VAL G 982 12.79 -7.34 -14.63
CA VAL G 982 14.06 -6.75 -14.27
C VAL G 982 14.02 -5.23 -14.26
N LYS G 983 13.39 -4.64 -15.26
CA LYS G 983 13.28 -3.18 -15.32
C LYS G 983 12.50 -2.60 -14.16
N GLN G 984 11.59 -3.36 -13.57
CA GLN G 984 10.82 -2.87 -12.42
C GLN G 984 11.71 -2.60 -11.22
N LEU G 985 12.92 -3.13 -11.21
CA LEU G 985 13.82 -2.90 -10.09
C LEU G 985 14.36 -1.48 -10.11
N SER G 986 14.17 -0.78 -11.23
CA SER G 986 14.60 0.59 -11.39
C SER G 986 13.53 1.58 -10.98
N SER G 987 12.37 1.06 -10.59
CA SER G 987 11.26 1.90 -10.17
C SER G 987 11.36 2.26 -8.71
N ASN G 988 10.94 3.48 -8.37
CA ASN G 988 10.96 3.94 -7.00
C ASN G 988 9.76 3.49 -6.20
N PHE G 989 8.61 3.39 -6.86
CA PHE G 989 7.37 3.05 -6.19
C PHE G 989 7.02 4.01 -5.06
N GLY G 990 7.52 5.24 -5.16
CA GLY G 990 7.26 6.27 -4.17
C GLY G 990 8.43 6.47 -3.21
N ALA G 991 9.41 5.59 -3.28
CA ALA G 991 10.59 5.67 -2.45
C ALA G 991 11.52 6.76 -2.95
N ILE G 992 12.41 7.21 -2.09
CA ILE G 992 13.43 8.19 -2.45
C ILE G 992 14.43 7.65 -3.47
N SER G 993 14.53 6.34 -3.55
CA SER G 993 15.44 5.73 -4.49
C SER G 993 15.05 4.29 -4.79
N SER G 994 15.27 3.89 -6.04
CA SER G 994 15.08 2.52 -6.47
C SER G 994 16.17 1.61 -5.96
N VAL G 995 17.26 2.22 -5.49
CA VAL G 995 18.41 1.45 -5.03
C VAL G 995 18.36 1.27 -3.53
N LEU G 996 18.29 0.02 -3.11
CA LEU G 996 18.16 -0.33 -1.72
C LEU G 996 19.39 0.05 -0.94
N ASN G 997 20.55 -0.06 -1.57
CA ASN G 997 21.80 0.28 -0.89
C ASN G 997 21.87 1.78 -0.61
N ASP G 998 21.26 2.60 -1.47
CA ASP G 998 21.31 4.04 -1.28
C ASP G 998 20.40 4.46 -0.15
N ILE G 999 19.26 3.78 -0.02
CA ILE G 999 18.37 4.09 1.08
C ILE G 999 19.05 3.77 2.39
N LEU G 1000 19.69 2.62 2.45
CA LEU G 1000 20.38 2.17 3.64
C LEU G 1000 21.66 2.95 3.95
N SER G 1001 22.31 3.51 2.92
CA SER G 1001 23.50 4.30 3.18
C SER G 1001 23.16 5.67 3.74
N ARG G 1002 21.97 6.19 3.43
CA ARG G 1002 21.59 7.51 3.92
C ARG G 1002 20.77 7.51 5.20
N LEU G 1003 19.83 6.59 5.32
CA LEU G 1003 18.89 6.63 6.42
C LEU G 1003 19.15 5.61 7.52
N ASP G 1004 18.69 5.93 8.72
CA ASP G 1004 18.67 5.00 9.84
C ASP G 1004 17.36 4.23 9.78
N PRO G 1005 17.27 3.03 10.37
CA PRO G 1005 16.10 2.16 10.35
C PRO G 1005 14.73 2.83 10.53
N PRO G 1006 14.50 3.76 11.48
CA PRO G 1006 13.21 4.39 11.69
C PRO G 1006 12.68 5.07 10.43
N GLU G 1007 13.58 5.46 9.54
CA GLU G 1007 13.21 6.13 8.30
C GLU G 1007 13.43 5.23 7.10
N ALA G 1008 14.48 4.41 7.18
CA ALA G 1008 14.85 3.52 6.10
C ALA G 1008 13.75 2.51 5.88
N GLU G 1009 13.13 2.05 6.95
CA GLU G 1009 12.09 1.04 6.86
C GLU G 1009 10.90 1.55 6.09
N VAL G 1010 10.60 2.82 6.20
CA VAL G 1010 9.47 3.39 5.47
C VAL G 1010 9.76 3.35 3.98
N GLN G 1011 10.96 3.76 3.61
CA GLN G 1011 11.35 3.78 2.21
C GLN G 1011 11.48 2.37 1.65
N ILE G 1012 11.94 1.45 2.47
CA ILE G 1012 12.10 0.07 2.05
C ILE G 1012 10.73 -0.57 1.86
N ASP G 1013 9.80 -0.31 2.76
CA ASP G 1013 8.46 -0.85 2.60
C ASP G 1013 7.87 -0.47 1.27
N ARG G 1014 8.15 0.73 0.79
CA ARG G 1014 7.61 1.15 -0.50
C ARG G 1014 8.22 0.30 -1.62
N LEU G 1015 9.52 0.01 -1.54
CA LEU G 1015 10.14 -0.82 -2.56
C LEU G 1015 9.68 -2.26 -2.46
N ILE G 1016 9.48 -2.77 -1.26
CA ILE G 1016 9.02 -4.14 -1.11
C ILE G 1016 7.65 -4.30 -1.69
N THR G 1017 6.76 -3.36 -1.39
CA THR G 1017 5.41 -3.49 -1.89
C THR G 1017 5.41 -3.51 -3.41
N GLY G 1018 6.14 -2.60 -4.02
CA GLY G 1018 6.19 -2.51 -5.47
C GLY G 1018 6.88 -3.69 -6.12
N ARG G 1019 7.99 -4.15 -5.54
CA ARG G 1019 8.72 -5.25 -6.10
C ARG G 1019 7.98 -6.55 -5.92
N LEU G 1020 7.30 -6.70 -4.80
CA LEU G 1020 6.53 -7.89 -4.55
C LEU G 1020 5.36 -7.92 -5.51
N GLN G 1021 4.73 -6.77 -5.74
CA GLN G 1021 3.63 -6.69 -6.68
C GLN G 1021 4.07 -7.00 -8.10
N SER G 1022 5.27 -6.55 -8.46
CA SER G 1022 5.81 -6.79 -9.80
C SER G 1022 6.13 -8.26 -9.99
N LEU G 1023 6.63 -8.88 -8.94
CA LEU G 1023 6.97 -10.29 -8.98
C LEU G 1023 5.71 -11.14 -9.04
N GLN G 1024 4.68 -10.74 -8.30
CA GLN G 1024 3.41 -11.46 -8.34
C GLN G 1024 2.79 -11.37 -9.70
N THR G 1025 2.92 -10.21 -10.34
CA THR G 1025 2.39 -10.03 -11.68
C THR G 1025 3.11 -10.95 -12.65
N TYR G 1026 4.43 -11.03 -12.55
CA TYR G 1026 5.20 -11.92 -13.39
C TYR G 1026 4.77 -13.36 -13.23
N VAL G 1027 4.66 -13.82 -11.99
CA VAL G 1027 4.32 -15.21 -11.77
C VAL G 1027 2.93 -15.53 -12.29
N THR G 1028 1.97 -14.66 -12.06
CA THR G 1028 0.62 -14.90 -12.53
C THR G 1028 0.61 -15.05 -14.04
N GLN G 1029 1.34 -14.18 -14.73
CA GLN G 1029 1.39 -14.26 -16.18
C GLN G 1029 2.07 -15.54 -16.63
N GLN G 1030 3.05 -16.04 -15.89
CA GLN G 1030 3.72 -17.27 -16.25
C GLN G 1030 2.83 -18.47 -16.02
N LEU G 1031 1.96 -18.41 -15.02
CA LEU G 1031 1.04 -19.52 -14.78
C LEU G 1031 -0.01 -19.60 -15.87
N ILE G 1032 -0.47 -18.45 -16.33
CA ILE G 1032 -1.45 -18.42 -17.40
C ILE G 1032 -0.79 -18.83 -18.71
N ARG G 1033 0.39 -18.30 -18.96
CA ARG G 1033 1.16 -18.64 -20.14
C ARG G 1033 1.54 -20.12 -20.14
N ALA G 1034 1.90 -20.66 -18.98
CA ALA G 1034 2.25 -22.06 -18.87
C ALA G 1034 1.07 -22.94 -19.23
N ALA G 1035 -0.13 -22.52 -18.85
CA ALA G 1035 -1.33 -23.28 -19.17
C ALA G 1035 -1.55 -23.35 -20.67
N GLU G 1036 -1.24 -22.27 -21.38
CA GLU G 1036 -1.35 -22.27 -22.83
C GLU G 1036 -0.37 -23.24 -23.45
N ILE G 1037 0.85 -23.25 -22.95
CA ILE G 1037 1.87 -24.17 -23.42
C ILE G 1037 1.49 -25.60 -23.09
N ARG G 1038 0.92 -25.82 -21.92
CA ARG G 1038 0.49 -27.16 -21.57
C ARG G 1038 -0.55 -27.66 -22.55
N ALA G 1039 -1.49 -26.80 -22.92
CA ALA G 1039 -2.51 -27.18 -23.87
C ALA G 1039 -1.90 -27.51 -25.21
N SER G 1040 -0.91 -26.73 -25.63
CA SER G 1040 -0.23 -26.99 -26.89
C SER G 1040 0.53 -28.29 -26.84
N ALA G 1041 1.21 -28.56 -25.73
CA ALA G 1041 1.95 -29.79 -25.53
C ALA G 1041 1.03 -30.99 -25.54
N ASN G 1042 -0.17 -30.84 -24.98
CA ASN G 1042 -1.14 -31.91 -24.99
C ASN G 1042 -1.64 -32.18 -26.39
N LEU G 1043 -1.76 -31.13 -27.18
CA LEU G 1043 -2.17 -31.26 -28.56
C LEU G 1043 -1.08 -31.94 -29.35
N ALA G 1044 0.17 -31.55 -29.09
CA ALA G 1044 1.31 -32.13 -29.76
C ALA G 1044 1.45 -33.59 -29.41
N ALA G 1045 1.19 -33.94 -28.15
CA ALA G 1045 1.26 -35.32 -27.73
C ALA G 1045 0.17 -36.14 -28.39
N THR G 1046 -1.01 -35.54 -28.55
CA THR G 1046 -2.10 -36.22 -29.22
C THR G 1046 -1.76 -36.47 -30.67
N LYS G 1047 -1.19 -35.47 -31.33
CA LYS G 1047 -0.79 -35.62 -32.72
C LYS G 1047 0.32 -36.63 -32.86
N MET G 1048 1.24 -36.66 -31.93
CA MET G 1048 2.27 -37.65 -32.04
C MET G 1048 1.63 -39.03 -32.06
N SER G 1049 0.72 -39.29 -31.14
CA SER G 1049 0.10 -40.60 -31.07
C SER G 1049 -0.79 -40.90 -32.26
N GLU G 1050 -1.61 -39.95 -32.66
CA GLU G 1050 -2.58 -40.20 -33.71
C GLU G 1050 -2.11 -39.97 -35.14
N CYS G 1051 -1.06 -39.15 -35.35
CA CYS G 1051 -0.57 -38.80 -36.68
C CYS G 1051 0.75 -39.54 -36.96
N VAL G 1052 1.52 -39.88 -35.97
CA VAL G 1052 2.83 -40.49 -36.22
C VAL G 1052 2.80 -41.97 -35.94
N LEU G 1053 2.16 -42.33 -34.83
CA LEU G 1053 2.06 -43.72 -34.38
C LEU G 1053 0.77 -44.34 -34.87
N GLY G 1054 0.20 -43.76 -35.90
CA GLY G 1054 -1.04 -44.23 -36.47
C GLY G 1054 -1.38 -43.47 -37.73
N GLN G 1055 -2.61 -43.65 -38.19
CA GLN G 1055 -3.15 -42.97 -39.34
C GLN G 1055 -4.48 -42.41 -38.91
N SER G 1056 -4.66 -41.11 -39.05
CA SER G 1056 -5.86 -40.49 -38.53
C SER G 1056 -6.97 -40.39 -39.55
N LYS G 1057 -8.19 -40.53 -39.07
CA LYS G 1057 -9.38 -40.32 -39.89
C LYS G 1057 -10.06 -39.04 -39.50
N ARG G 1058 -9.40 -38.25 -38.67
CA ARG G 1058 -9.92 -36.98 -38.22
C ARG G 1058 -9.54 -35.92 -39.22
N VAL G 1059 -10.54 -35.26 -39.77
CA VAL G 1059 -10.33 -34.28 -40.81
C VAL G 1059 -9.59 -33.06 -40.32
N ASP G 1060 -8.57 -32.69 -41.07
CA ASP G 1060 -7.71 -31.54 -40.82
C ASP G 1060 -6.97 -31.63 -39.51
N PHE G 1061 -6.94 -32.81 -38.91
CA PHE G 1061 -6.18 -32.98 -37.69
C PHE G 1061 -4.70 -33.17 -37.96
N CYS G 1062 -4.36 -33.96 -38.99
CA CYS G 1062 -2.99 -34.32 -39.35
C CYS G 1062 -2.71 -33.75 -40.74
N GLY G 1063 -2.98 -32.47 -40.91
CA GLY G 1063 -2.73 -31.83 -42.18
C GLY G 1063 -3.99 -31.73 -43.02
N LYS G 1064 -3.92 -30.93 -44.07
CA LYS G 1064 -5.05 -30.68 -44.95
C LYS G 1064 -5.06 -31.64 -46.14
N GLY G 1065 -6.01 -32.56 -46.15
CA GLY G 1065 -6.10 -33.59 -47.17
C GLY G 1065 -6.36 -34.92 -46.49
N TYR G 1066 -6.19 -36.03 -47.19
CA TYR G 1066 -6.42 -37.30 -46.54
C TYR G 1066 -5.11 -37.74 -45.92
N HIS G 1067 -5.09 -37.94 -44.63
CA HIS G 1067 -3.84 -38.26 -43.95
C HIS G 1067 -3.29 -39.60 -44.34
N LEU G 1068 -2.02 -39.64 -44.70
CA LEU G 1068 -1.34 -40.89 -44.95
C LEU G 1068 -0.45 -41.22 -43.78
N MET G 1069 0.45 -40.30 -43.45
CA MET G 1069 1.42 -40.53 -42.38
C MET G 1069 2.08 -39.23 -41.99
N SER G 1070 2.75 -39.21 -40.85
CA SER G 1070 3.49 -38.02 -40.47
C SER G 1070 4.83 -38.35 -39.85
N PHE G 1071 5.70 -37.36 -39.87
CA PHE G 1071 7.02 -37.49 -39.31
C PHE G 1071 7.32 -36.35 -38.35
N PRO G 1072 7.69 -36.60 -37.11
CA PRO G 1072 8.05 -35.60 -36.13
C PRO G 1072 9.45 -35.11 -36.42
N GLN G 1073 9.71 -33.86 -36.10
CA GLN G 1073 11.05 -33.29 -36.13
C GLN G 1073 11.23 -32.45 -34.88
N SER G 1074 12.40 -32.51 -34.30
CA SER G 1074 12.70 -31.69 -33.13
C SER G 1074 12.84 -30.22 -33.50
N ALA G 1075 12.39 -29.34 -32.63
CA ALA G 1075 12.56 -27.92 -32.83
C ALA G 1075 12.81 -27.27 -31.47
N PRO G 1076 13.38 -26.07 -31.40
CA PRO G 1076 13.60 -25.35 -30.17
C PRO G 1076 12.29 -25.22 -29.41
N HIS G 1077 12.26 -25.77 -28.21
CA HIS G 1077 11.08 -25.73 -27.35
C HIS G 1077 9.80 -26.17 -28.05
N GLY G 1078 9.90 -27.10 -28.98
CA GLY G 1078 8.71 -27.50 -29.70
C GLY G 1078 8.93 -28.66 -30.63
N VAL G 1079 7.88 -28.97 -31.36
CA VAL G 1079 7.90 -30.09 -32.30
C VAL G 1079 7.35 -29.62 -33.62
N VAL G 1080 7.91 -30.14 -34.68
CA VAL G 1080 7.42 -29.87 -36.00
C VAL G 1080 6.97 -31.15 -36.63
N PHE G 1081 5.75 -31.17 -37.14
CA PHE G 1081 5.27 -32.36 -37.79
C PHE G 1081 5.21 -32.15 -39.27
N LEU G 1082 5.73 -33.11 -40.02
CA LEU G 1082 5.60 -33.07 -41.45
C LEU G 1082 4.51 -34.04 -41.81
N HIS G 1083 3.37 -33.52 -42.20
CA HIS G 1083 2.21 -34.35 -42.47
C HIS G 1083 2.13 -34.66 -43.92
N VAL G 1084 2.06 -35.93 -44.25
CA VAL G 1084 2.00 -36.35 -45.63
C VAL G 1084 0.56 -36.69 -45.94
N THR G 1085 -0.02 -35.99 -46.88
CA THR G 1085 -1.41 -36.17 -47.21
C THR G 1085 -1.64 -36.45 -48.68
N TYR G 1086 -2.72 -37.15 -48.95
CA TYR G 1086 -3.17 -37.47 -50.30
C TYR G 1086 -4.18 -36.44 -50.73
N VAL G 1087 -3.93 -35.82 -51.87
CA VAL G 1087 -4.85 -34.82 -52.35
C VAL G 1087 -5.28 -35.07 -53.78
N PRO G 1088 -6.57 -35.21 -54.06
CA PRO G 1088 -7.15 -35.37 -55.37
C PRO G 1088 -6.71 -34.26 -56.29
N ALA G 1089 -6.39 -34.59 -57.53
CA ALA G 1089 -5.87 -33.61 -58.48
C ALA G 1089 -6.76 -33.42 -59.69
N GLN G 1090 -6.37 -33.99 -60.80
CA GLN G 1090 -6.96 -33.64 -62.07
C GLN G 1090 -8.43 -33.94 -62.12
N GLU G 1091 -9.12 -33.08 -62.82
CA GLU G 1091 -10.56 -33.08 -62.87
C GLU G 1091 -11.23 -33.77 -64.06
N LYS G 1092 -12.33 -34.47 -63.76
CA LYS G 1092 -13.27 -35.02 -64.74
C LYS G 1092 -14.71 -35.14 -64.18
N ASN G 1093 -15.70 -34.71 -65.01
CA ASN G 1093 -17.13 -34.87 -64.76
C ASN G 1093 -17.60 -36.23 -65.26
N PHE G 1094 -18.58 -36.83 -64.54
CA PHE G 1094 -19.19 -38.11 -64.89
C PHE G 1094 -20.66 -38.08 -64.60
N THR G 1095 -21.43 -38.87 -65.31
CA THR G 1095 -22.83 -39.00 -65.00
C THR G 1095 -23.00 -40.14 -64.03
N THR G 1096 -23.92 -40.00 -63.09
CA THR G 1096 -24.09 -41.04 -62.10
C THR G 1096 -25.52 -41.49 -61.90
N ALA G 1097 -25.68 -42.50 -61.07
CA ALA G 1097 -26.95 -43.06 -60.67
C ALA G 1097 -26.75 -43.82 -59.39
N PRO G 1098 -27.72 -43.82 -58.46
CA PRO G 1098 -27.70 -44.51 -57.20
C PRO G 1098 -27.81 -46.02 -57.33
N ALA G 1099 -28.35 -46.48 -58.44
CA ALA G 1099 -28.56 -47.90 -58.63
C ALA G 1099 -28.76 -48.21 -60.10
N ILE G 1100 -28.56 -49.46 -60.44
CA ILE G 1100 -28.84 -49.95 -61.77
C ILE G 1100 -29.92 -51.03 -61.77
N CYS G 1101 -30.87 -50.91 -62.70
CA CYS G 1101 -31.98 -51.81 -62.92
C CYS G 1101 -31.60 -52.86 -63.97
N HIS G 1102 -31.40 -54.07 -63.57
CA HIS G 1102 -30.96 -55.11 -64.48
C HIS G 1102 -32.11 -56.03 -64.90
N ASP G 1103 -32.54 -56.90 -63.99
CA ASP G 1103 -33.67 -57.79 -64.27
C ASP G 1103 -34.94 -57.32 -63.59
N GLY G 1104 -34.97 -56.05 -63.21
CA GLY G 1104 -36.11 -55.49 -62.49
C GLY G 1104 -35.74 -55.35 -61.03
N LYS G 1105 -34.61 -55.96 -60.68
CA LYS G 1105 -34.05 -55.90 -59.34
C LYS G 1105 -33.10 -54.70 -59.29
N ALA G 1106 -32.99 -54.10 -58.11
CA ALA G 1106 -32.10 -52.94 -57.95
C ALA G 1106 -30.71 -53.33 -57.48
N HIS G 1107 -29.72 -53.01 -58.29
CA HIS G 1107 -28.31 -53.27 -57.98
C HIS G 1107 -27.59 -52.03 -57.49
N PHE G 1108 -26.90 -52.16 -56.37
CA PHE G 1108 -26.15 -51.07 -55.76
C PHE G 1108 -24.69 -51.47 -55.77
N PRO G 1109 -23.74 -50.53 -55.85
CA PRO G 1109 -22.33 -50.80 -55.83
C PRO G 1109 -21.94 -51.21 -54.43
N ARG G 1110 -20.98 -52.13 -54.30
CA ARG G 1110 -20.55 -52.53 -52.96
C ARG G 1110 -19.57 -51.56 -52.34
N GLU G 1111 -18.63 -51.08 -53.13
CA GLU G 1111 -17.56 -50.24 -52.60
C GLU G 1111 -17.53 -48.85 -53.20
N GLY G 1112 -17.87 -48.73 -54.47
CA GLY G 1112 -17.73 -47.47 -55.18
C GLY G 1112 -19.05 -46.89 -55.61
N VAL G 1113 -19.04 -46.20 -56.74
CA VAL G 1113 -20.21 -45.56 -57.31
C VAL G 1113 -20.39 -45.95 -58.75
N PHE G 1114 -21.62 -45.82 -59.24
CA PHE G 1114 -21.84 -46.03 -60.64
C PHE G 1114 -21.60 -44.76 -61.40
N VAL G 1115 -20.87 -44.87 -62.49
CA VAL G 1115 -20.57 -43.73 -63.34
C VAL G 1115 -20.83 -44.03 -64.77
N SER G 1116 -20.96 -43.00 -65.57
CA SER G 1116 -21.07 -43.19 -67.00
C SER G 1116 -20.26 -42.15 -67.74
N ASN G 1117 -19.64 -42.58 -68.84
CA ASN G 1117 -18.89 -41.73 -69.75
C ASN G 1117 -19.75 -41.17 -70.90
N GLY G 1118 -21.08 -41.43 -70.84
CA GLY G 1118 -22.07 -41.01 -71.80
C GLY G 1118 -22.66 -42.17 -72.58
N THR G 1119 -21.94 -43.29 -72.65
CA THR G 1119 -22.50 -44.44 -73.35
C THR G 1119 -22.48 -45.71 -72.51
N HIS G 1120 -21.42 -45.90 -71.74
CA HIS G 1120 -21.26 -47.12 -70.95
C HIS G 1120 -21.27 -46.82 -69.47
N TRP G 1121 -21.78 -47.76 -68.69
CA TRP G 1121 -21.78 -47.65 -67.24
C TRP G 1121 -20.73 -48.51 -66.60
N PHE G 1122 -20.04 -47.93 -65.63
CA PHE G 1122 -18.96 -48.57 -64.89
C PHE G 1122 -19.11 -48.34 -63.42
N VAL G 1123 -18.44 -49.14 -62.63
CA VAL G 1123 -18.38 -48.88 -61.21
C VAL G 1123 -16.96 -48.50 -60.85
N THR G 1124 -16.81 -47.46 -60.05
CA THR G 1124 -15.45 -47.01 -59.74
C THR G 1124 -15.29 -46.62 -58.29
N GLN G 1125 -14.08 -46.78 -57.76
CA GLN G 1125 -13.78 -46.35 -56.41
C GLN G 1125 -13.93 -44.83 -56.31
N ARG G 1126 -14.44 -44.36 -55.20
CA ARG G 1126 -14.83 -42.96 -55.07
C ARG G 1126 -13.73 -41.92 -55.20
N ASN G 1127 -12.54 -42.21 -54.70
CA ASN G 1127 -11.50 -41.19 -54.67
C ASN G 1127 -10.48 -41.29 -55.78
N PHE G 1128 -10.72 -42.14 -56.75
CA PHE G 1128 -9.76 -42.30 -57.84
C PHE G 1128 -10.42 -42.94 -59.03
N TYR G 1129 -10.48 -42.25 -60.14
CA TYR G 1129 -11.21 -42.80 -61.26
C TYR G 1129 -10.54 -44.03 -61.82
N GLU G 1130 -11.26 -45.14 -61.72
CA GLU G 1130 -10.81 -46.44 -62.14
C GLU G 1130 -12.02 -47.28 -62.51
N PRO G 1131 -12.60 -47.10 -63.68
CA PRO G 1131 -13.85 -47.70 -64.08
C PRO G 1131 -13.71 -49.20 -64.28
N GLN G 1132 -14.68 -49.94 -63.80
CA GLN G 1132 -14.72 -51.38 -63.97
C GLN G 1132 -16.06 -51.82 -64.53
N ILE G 1133 -16.06 -52.94 -65.22
CA ILE G 1133 -17.31 -53.50 -65.72
C ILE G 1133 -18.17 -53.87 -64.54
N ILE G 1134 -19.45 -53.55 -64.63
CA ILE G 1134 -20.36 -53.83 -63.55
C ILE G 1134 -20.77 -55.28 -63.58
N THR G 1135 -20.50 -55.97 -62.50
CA THR G 1135 -20.79 -57.39 -62.43
C THR G 1135 -21.46 -57.68 -61.11
N THR G 1136 -21.92 -58.91 -60.96
CA THR G 1136 -22.57 -59.34 -59.74
C THR G 1136 -21.57 -59.51 -58.60
N ASP G 1137 -20.28 -59.37 -58.90
CA ASP G 1137 -19.23 -59.49 -57.90
C ASP G 1137 -18.84 -58.15 -57.27
N ASN G 1138 -19.37 -57.05 -57.80
CA ASN G 1138 -19.00 -55.74 -57.28
C ASN G 1138 -20.24 -54.90 -56.97
N THR G 1139 -21.39 -55.57 -57.01
CA THR G 1139 -22.68 -54.99 -56.68
C THR G 1139 -23.42 -55.90 -55.72
N PHE G 1140 -24.49 -55.38 -55.14
CA PHE G 1140 -25.37 -56.20 -54.33
C PHE G 1140 -26.79 -55.86 -54.69
N VAL G 1141 -27.70 -56.76 -54.40
CA VAL G 1141 -29.08 -56.55 -54.80
C VAL G 1141 -30.01 -56.39 -53.62
N SER G 1142 -30.83 -55.36 -53.66
CA SER G 1142 -31.81 -55.19 -52.61
C SER G 1142 -33.04 -54.44 -53.08
N GLY G 1143 -34.18 -55.10 -53.04
CA GLY G 1143 -35.42 -54.50 -53.48
C GLY G 1143 -35.51 -54.48 -54.99
N ASN G 1144 -36.50 -53.77 -55.50
CA ASN G 1144 -36.74 -53.70 -56.93
C ASN G 1144 -36.63 -52.26 -57.43
N CYS G 1145 -36.79 -52.08 -58.73
CA CYS G 1145 -36.58 -50.81 -59.43
C CYS G 1145 -37.68 -49.77 -59.20
N ASP G 1146 -38.74 -50.14 -58.49
CA ASP G 1146 -39.83 -49.21 -58.28
C ASP G 1146 -39.63 -48.34 -57.05
N VAL G 1147 -38.58 -48.58 -56.27
CA VAL G 1147 -38.37 -47.80 -55.07
C VAL G 1147 -37.24 -46.77 -55.18
N VAL G 1148 -36.16 -47.09 -55.91
CA VAL G 1148 -35.02 -46.20 -55.92
C VAL G 1148 -35.20 -45.02 -56.88
N ILE G 1149 -35.07 -43.82 -56.33
CA ILE G 1149 -35.24 -42.60 -57.11
C ILE G 1149 -33.97 -42.31 -57.88
N GLY G 1150 -34.07 -42.25 -59.20
CA GLY G 1150 -32.90 -42.00 -60.04
C GLY G 1150 -32.25 -43.26 -60.58
N ILE G 1151 -32.87 -44.42 -60.36
CA ILE G 1151 -32.33 -45.67 -60.87
C ILE G 1151 -32.33 -45.69 -62.40
N VAL G 1152 -31.27 -46.24 -63.00
CA VAL G 1152 -31.17 -46.28 -64.46
C VAL G 1152 -31.10 -47.72 -64.95
N ASN G 1153 -31.46 -47.95 -66.22
CA ASN G 1153 -31.41 -49.28 -66.85
C ASN G 1153 -30.01 -49.56 -67.40
N ASN G 1154 -29.46 -50.75 -67.07
CA ASN G 1154 -28.19 -51.19 -67.62
C ASN G 1154 -27.95 -52.66 -67.39
N THR G 1155 -26.81 -53.15 -67.84
CA THR G 1155 -26.50 -54.56 -67.74
C THR G 1155 -25.50 -54.89 -66.68
N VAL G 1156 -25.84 -55.85 -65.85
CA VAL G 1156 -24.95 -56.39 -64.84
C VAL G 1156 -24.52 -57.77 -65.28
N TYR G 1157 -23.22 -58.00 -65.36
CA TYR G 1157 -22.72 -59.26 -65.87
C TYR G 1157 -22.44 -60.27 -64.76
N ASP G 1158 -22.64 -61.54 -65.05
CA ASP G 1158 -22.44 -62.59 -64.06
C ASP G 1158 -21.53 -63.77 -64.49
N PRO G 1159 -20.18 -63.55 -64.65
CA PRO G 1159 -19.20 -64.52 -65.16
C PRO G 1159 -19.32 -65.89 -64.47
N VAL H 2 3.65 35.70 46.12
CA VAL H 2 2.35 35.42 46.70
C VAL H 2 2.15 36.23 47.97
N GLN H 3 1.07 37.04 48.01
CA GLN H 3 0.69 37.86 49.14
C GLN H 3 -0.77 37.66 49.48
N LEU H 4 -1.07 37.71 50.76
CA LEU H 4 -2.43 37.69 51.24
C LEU H 4 -2.58 38.84 52.21
N VAL H 5 -3.45 39.80 51.90
CA VAL H 5 -3.57 40.99 52.71
C VAL H 5 -4.94 41.14 53.32
N GLN H 6 -4.99 41.16 54.62
CA GLN H 6 -6.24 41.21 55.36
C GLN H 6 -6.59 42.61 55.83
N SER H 7 -7.84 42.78 56.17
CA SER H 7 -8.38 44.02 56.72
C SER H 7 -7.84 44.30 58.13
N GLY H 8 -8.12 45.50 58.64
CA GLY H 8 -7.65 45.86 59.97
C GLY H 8 -8.53 45.30 61.08
N ALA H 9 -8.13 45.56 62.32
CA ALA H 9 -8.80 45.04 63.51
C ALA H 9 -10.21 45.59 63.66
N GLU H 10 -11.08 44.75 64.22
CA GLU H 10 -12.47 45.08 64.45
C GLU H 10 -12.88 44.85 65.90
N VAL H 11 -13.78 45.68 66.41
CA VAL H 11 -14.33 45.47 67.74
C VAL H 11 -15.84 45.41 67.66
N LYS H 12 -16.42 44.34 68.15
CA LYS H 12 -17.85 44.11 68.06
C LYS H 12 -18.50 43.76 69.39
N LYS H 13 -19.78 44.05 69.48
CA LYS H 13 -20.55 43.65 70.63
C LYS H 13 -21.03 42.22 70.42
N PRO H 14 -21.26 41.43 71.47
CA PRO H 14 -21.85 40.12 71.38
C PRO H 14 -23.19 40.21 70.65
N GLY H 15 -23.42 39.24 69.77
CA GLY H 15 -24.63 39.16 68.96
C GLY H 15 -24.44 39.82 67.59
N ALA H 16 -23.36 40.56 67.43
CA ALA H 16 -23.03 41.27 66.20
C ALA H 16 -22.41 40.35 65.17
N SER H 17 -22.10 40.92 64.00
CA SER H 17 -21.44 40.17 62.95
C SER H 17 -20.22 40.92 62.48
N VAL H 18 -19.19 40.19 62.09
CA VAL H 18 -17.95 40.80 61.60
C VAL H 18 -17.57 40.23 60.24
N LYS H 19 -17.04 41.09 59.39
CA LYS H 19 -16.58 40.66 58.10
C LYS H 19 -15.12 40.98 57.90
N VAL H 20 -14.33 39.96 57.60
CA VAL H 20 -12.91 40.15 57.41
C VAL H 20 -12.52 39.77 55.99
N SER H 21 -11.95 40.73 55.29
CA SER H 21 -11.57 40.48 53.93
C SER H 21 -10.14 39.95 53.88
N CYS H 22 -9.78 39.32 52.75
CA CYS H 22 -8.43 38.86 52.44
C CYS H 22 -8.17 38.97 50.95
N LYS H 23 -7.36 39.94 50.57
CA LYS H 23 -7.05 40.17 49.18
C LYS H 23 -5.83 39.38 48.77
N ALA H 24 -5.97 38.65 47.68
CA ALA H 24 -4.89 37.81 47.20
C ALA H 24 -4.18 38.44 46.03
N SER H 25 -2.89 38.18 45.92
CA SER H 25 -2.16 38.58 44.73
C SER H 25 -0.94 37.69 44.49
N GLY H 26 -0.45 37.69 43.26
CA GLY H 26 0.77 36.95 42.93
C GLY H 26 0.52 35.52 42.46
N TYR H 27 -0.74 35.15 42.31
CA TYR H 27 -1.09 33.81 41.86
C TYR H 27 -2.47 33.78 41.24
N THR H 28 -2.81 32.66 40.59
CA THR H 28 -4.14 32.51 40.05
C THR H 28 -5.09 32.26 41.21
N PHE H 29 -5.94 33.22 41.48
CA PHE H 29 -6.79 33.19 42.66
C PHE H 29 -7.67 31.95 42.72
N THR H 30 -8.24 31.60 41.60
CA THR H 30 -9.19 30.52 41.54
C THR H 30 -8.54 29.15 41.54
N GLY H 31 -7.22 29.11 41.52
CA GLY H 31 -6.50 27.85 41.48
C GLY H 31 -6.27 27.28 42.86
N TYR H 32 -6.63 28.03 43.89
CA TYR H 32 -6.41 27.64 45.27
C TYR H 32 -7.64 27.81 46.12
N TYR H 33 -7.69 27.10 47.23
CA TYR H 33 -8.75 27.28 48.19
C TYR H 33 -8.33 28.30 49.21
N MET H 34 -9.27 29.11 49.66
CA MET H 34 -8.98 29.98 50.78
C MET H 34 -9.56 29.38 52.02
N HIS H 35 -8.71 29.25 53.03
CA HIS H 35 -9.07 28.70 54.30
C HIS H 35 -8.98 29.77 55.34
N TRP H 36 -9.75 29.62 56.39
CA TRP H 36 -9.59 30.53 57.50
C TRP H 36 -9.23 29.76 58.74
N VAL H 37 -8.31 30.31 59.50
CA VAL H 37 -7.82 29.74 60.73
C VAL H 37 -7.89 30.77 61.84
N ARG H 38 -8.46 30.39 62.97
CA ARG H 38 -8.62 31.29 64.09
C ARG H 38 -7.61 31.02 65.20
N GLN H 39 -7.13 32.06 65.84
CA GLN H 39 -6.24 31.89 66.99
C GLN H 39 -6.61 32.77 68.17
N ALA H 40 -7.32 32.21 69.14
CA ALA H 40 -7.69 32.98 70.33
C ALA H 40 -6.42 33.28 71.10
N PRO H 41 -6.31 34.42 71.82
CA PRO H 41 -5.12 34.80 72.56
C PRO H 41 -4.70 33.70 73.52
N GLY H 42 -3.43 33.33 73.46
CA GLY H 42 -2.86 32.31 74.34
C GLY H 42 -3.15 30.89 73.86
N GLN H 43 -3.86 30.74 72.76
CA GLN H 43 -4.25 29.44 72.26
C GLN H 43 -3.54 29.05 70.98
N GLY H 44 -3.83 27.83 70.53
CA GLY H 44 -3.27 27.33 69.28
C GLY H 44 -4.16 27.71 68.12
N LEU H 45 -3.92 27.11 66.98
CA LEU H 45 -4.63 27.43 65.76
C LEU H 45 -5.83 26.51 65.55
N GLU H 46 -6.95 27.07 65.09
CA GLU H 46 -8.14 26.29 64.80
C GLU H 46 -8.65 26.52 63.39
N TRP H 47 -8.84 25.46 62.64
CA TRP H 47 -9.36 25.60 61.28
C TRP H 47 -10.86 25.85 61.31
N MET H 48 -11.32 26.82 60.51
CA MET H 48 -12.72 27.19 60.46
C MET H 48 -13.51 26.66 59.29
N GLY H 49 -12.87 26.54 58.14
CA GLY H 49 -13.57 26.22 56.90
C GLY H 49 -12.82 26.75 55.69
N TRP H 50 -13.40 26.53 54.51
CA TRP H 50 -12.82 27.02 53.26
C TRP H 50 -13.85 27.44 52.24
N ILE H 51 -13.38 28.25 51.30
CA ILE H 51 -14.12 28.74 50.15
C ILE H 51 -13.32 28.50 48.88
N ASN H 52 -13.96 27.90 47.88
CA ASN H 52 -13.37 27.66 46.57
C ASN H 52 -13.87 28.72 45.59
N PRO H 53 -13.09 29.77 45.28
CA PRO H 53 -13.47 30.96 44.51
C PRO H 53 -14.05 30.69 43.14
N ILE H 54 -13.66 29.59 42.52
CA ILE H 54 -14.14 29.28 41.18
C ILE H 54 -15.63 28.94 41.18
N SER H 55 -16.11 28.34 42.26
CA SER H 55 -17.47 27.88 42.32
C SER H 55 -18.20 28.44 43.50
N SER H 56 -17.47 29.12 44.37
CA SER H 56 -17.97 29.58 45.65
C SER H 56 -18.49 28.41 46.45
N GLY H 57 -17.74 27.32 46.40
CA GLY H 57 -18.07 26.13 47.14
C GLY H 57 -17.51 26.27 48.52
N THR H 58 -18.15 25.69 49.52
CA THR H 58 -17.62 25.81 50.86
C THR H 58 -17.65 24.53 51.65
N SER H 59 -16.90 24.57 52.73
CA SER H 59 -16.95 23.55 53.77
C SER H 59 -16.63 24.22 55.07
N TYR H 60 -17.33 23.86 56.11
CA TYR H 60 -17.08 24.50 57.39
C TYR H 60 -16.75 23.48 58.45
N ALA H 61 -15.95 23.90 59.42
CA ALA H 61 -15.71 23.08 60.57
C ALA H 61 -17.02 22.98 61.30
N GLN H 62 -17.32 21.84 61.91
CA GLN H 62 -18.60 21.69 62.60
C GLN H 62 -18.79 22.77 63.66
N THR H 63 -17.69 23.19 64.28
CA THR H 63 -17.73 24.22 65.31
C THR H 63 -18.40 25.51 64.83
N PHE H 64 -18.18 25.89 63.58
CA PHE H 64 -18.73 27.15 63.07
C PHE H 64 -19.79 26.89 62.03
N GLN H 65 -20.29 25.67 61.96
CA GLN H 65 -21.24 25.39 60.92
C GLN H 65 -22.57 26.00 61.30
N GLY H 66 -23.06 26.88 60.43
CA GLY H 66 -24.28 27.61 60.69
C GLY H 66 -24.00 28.99 61.29
N ARG H 67 -22.76 29.25 61.64
CA ARG H 67 -22.39 30.54 62.21
C ARG H 67 -21.61 31.38 61.24
N VAL H 68 -20.78 30.73 60.43
CA VAL H 68 -19.93 31.47 59.53
C VAL H 68 -20.31 31.24 58.09
N THR H 69 -20.29 32.30 57.32
CA THR H 69 -20.51 32.23 55.89
C THR H 69 -19.27 32.71 55.18
N MET H 70 -18.81 31.94 54.21
CA MET H 70 -17.65 32.38 53.46
C MET H 70 -18.03 32.64 52.03
N THR H 71 -17.57 33.77 51.51
CA THR H 71 -17.83 34.19 50.15
C THR H 71 -16.56 34.67 49.50
N SER H 72 -16.61 34.92 48.20
CA SER H 72 -15.46 35.46 47.51
C SER H 72 -15.88 36.24 46.30
N ASP H 73 -14.98 37.08 45.83
CA ASP H 73 -15.22 37.85 44.61
C ASP H 73 -13.98 37.85 43.75
N THR H 74 -14.02 37.10 42.65
CA THR H 74 -12.86 36.91 41.82
C THR H 74 -12.48 38.15 41.05
N SER H 75 -13.39 39.09 40.90
CA SER H 75 -13.10 40.29 40.12
C SER H 75 -12.11 41.18 40.86
N ILE H 76 -12.00 40.97 42.16
CA ILE H 76 -11.09 41.73 43.00
C ILE H 76 -10.21 40.80 43.80
N THR H 77 -10.15 39.54 43.34
CA THR H 77 -9.42 38.45 44.01
C THR H 77 -9.43 38.54 45.52
N THR H 78 -10.63 38.65 46.10
CA THR H 78 -10.80 38.79 47.53
C THR H 78 -11.72 37.77 48.16
N ALA H 79 -11.29 37.21 49.29
CA ALA H 79 -12.09 36.30 50.10
C ALA H 79 -12.71 37.02 51.27
N TYR H 80 -13.90 36.58 51.67
CA TYR H 80 -14.51 37.14 52.86
C TYR H 80 -14.94 36.08 53.83
N MET H 81 -14.78 36.42 55.10
CA MET H 81 -15.31 35.64 56.19
C MET H 81 -16.42 36.48 56.77
N GLU H 82 -17.59 35.93 56.99
CA GLU H 82 -18.61 36.65 57.74
C GLU H 82 -19.02 35.81 58.93
N LEU H 83 -18.63 36.23 60.12
CA LEU H 83 -18.97 35.45 61.31
C LEU H 83 -20.07 36.14 62.09
N SER H 84 -21.23 35.48 62.20
CA SER H 84 -22.40 36.06 62.83
C SER H 84 -22.59 35.56 64.24
N ARG H 85 -23.53 36.17 64.98
CA ARG H 85 -23.89 35.74 66.32
C ARG H 85 -22.65 35.61 67.18
N LEU H 86 -21.85 36.68 67.21
CA LEU H 86 -20.59 36.68 67.93
C LEU H 86 -20.76 36.57 69.43
N ARG H 87 -19.79 35.91 70.06
CA ARG H 87 -19.74 35.78 71.50
C ARG H 87 -18.35 36.12 71.98
N SER H 88 -18.17 36.34 73.27
CA SER H 88 -16.86 36.74 73.80
C SER H 88 -15.77 35.70 73.55
N ASP H 89 -16.17 34.45 73.33
CA ASP H 89 -15.23 33.36 73.09
C ASP H 89 -14.66 33.43 71.68
N ASP H 90 -15.18 34.35 70.87
CA ASP H 90 -14.71 34.50 69.51
C ASP H 90 -13.62 35.55 69.43
N THR H 91 -13.20 36.11 70.55
CA THR H 91 -12.09 37.03 70.44
C THR H 91 -10.91 36.23 69.96
N ALA H 92 -10.37 36.63 68.83
CA ALA H 92 -9.30 35.87 68.22
C ALA H 92 -8.66 36.60 67.09
N VAL H 93 -7.50 36.12 66.69
CA VAL H 93 -6.89 36.58 65.47
C VAL H 93 -7.30 35.68 64.33
N TYR H 94 -7.85 36.26 63.29
CA TYR H 94 -8.32 35.49 62.15
C TYR H 94 -7.37 35.59 60.98
N TYR H 95 -6.87 34.44 60.56
CA TYR H 95 -5.94 34.37 59.45
C TYR H 95 -6.62 33.77 58.23
N CYS H 96 -6.27 34.26 57.04
CA CYS H 96 -6.64 33.62 55.79
C CYS H 96 -5.42 32.83 55.34
N ALA H 97 -5.66 31.67 54.74
CA ALA H 97 -4.56 30.84 54.32
C ALA H 97 -4.86 30.14 53.00
N ARG H 98 -3.82 30.00 52.22
CA ARG H 98 -3.88 29.40 50.89
C ARG H 98 -3.46 27.95 50.91
N ALA H 99 -4.27 27.11 50.28
CA ALA H 99 -3.96 25.69 50.12
C ALA H 99 -4.43 25.20 48.76
N ALA H 100 -3.85 24.13 48.27
CA ALA H 100 -4.23 23.62 46.96
C ALA H 100 -5.62 23.05 47.05
N PRO H 101 -6.34 22.94 45.93
CA PRO H 101 -7.60 22.29 45.81
C PRO H 101 -7.44 20.80 45.96
N PHE H 102 -8.53 20.11 46.24
CA PHE H 102 -8.50 18.68 46.47
C PHE H 102 -8.06 17.84 45.29
N TYR H 103 -7.94 18.43 44.12
CA TYR H 103 -7.51 17.65 42.97
C TYR H 103 -6.01 17.63 42.79
N ASP H 104 -5.28 18.31 43.64
CA ASP H 104 -3.84 18.30 43.50
C ASP H 104 -3.31 16.90 43.67
N PHE H 105 -2.55 16.43 42.69
CA PHE H 105 -2.00 15.08 42.69
C PHE H 105 -1.15 14.87 43.93
N TRP H 106 -0.39 15.87 44.31
CA TRP H 106 0.41 15.78 45.50
C TRP H 106 -0.47 16.42 46.55
N SER H 107 -0.37 16.02 47.80
CA SER H 107 -1.37 16.48 48.76
C SER H 107 -1.19 17.93 49.19
N GLY H 108 -1.34 18.87 48.27
CA GLY H 108 -1.14 20.28 48.53
C GLY H 108 -2.30 20.86 49.28
N TYR H 109 -3.36 20.10 49.38
CA TYR H 109 -4.56 20.52 50.06
C TYR H 109 -4.47 20.20 51.53
N SER H 110 -3.45 19.45 51.90
CA SER H 110 -3.32 19.00 53.27
C SER H 110 -2.64 20.03 54.15
N TYR H 111 -2.10 21.09 53.55
CA TYR H 111 -1.35 22.10 54.30
C TYR H 111 -1.50 23.49 53.72
N PHE H 112 -1.15 24.49 54.51
CA PHE H 112 -1.29 25.88 54.11
C PHE H 112 0.05 26.49 53.82
N ASP H 113 0.29 26.89 52.58
CA ASP H 113 1.62 27.39 52.27
C ASP H 113 1.76 28.89 52.42
N TYR H 114 0.66 29.61 52.36
CA TYR H 114 0.73 31.05 52.57
C TYR H 114 -0.34 31.53 53.50
N TRP H 115 0.04 32.48 54.35
CA TRP H 115 -0.85 33.05 55.34
C TRP H 115 -0.87 34.56 55.21
N GLY H 116 -2.01 35.17 55.50
CA GLY H 116 -2.10 36.62 55.55
C GLY H 116 -1.73 37.09 56.94
N GLN H 117 -1.69 38.39 57.17
CA GLN H 117 -1.40 38.86 58.51
C GLN H 117 -2.70 38.67 59.25
N GLY H 118 -2.65 38.30 60.50
CA GLY H 118 -3.90 38.04 61.16
C GLY H 118 -4.68 39.31 61.44
N THR H 119 -5.99 39.18 61.46
CA THR H 119 -6.87 40.29 61.82
C THR H 119 -7.45 40.06 63.18
N LEU H 120 -7.20 40.98 64.10
CA LEU H 120 -7.73 40.80 65.43
C LEU H 120 -9.16 41.27 65.53
N VAL H 121 -10.02 40.37 66.01
CA VAL H 121 -11.40 40.70 66.24
C VAL H 121 -11.70 40.53 67.71
N THR H 122 -12.18 41.59 68.34
CA THR H 122 -12.50 41.55 69.76
C THR H 122 -14.00 41.60 69.96
N VAL H 123 -14.53 40.72 70.84
CA VAL H 123 -15.96 40.63 71.11
C VAL H 123 -16.19 40.70 72.63
N GLU I 1 -13.40 12.86 67.62
CA GLU I 1 -12.40 13.18 66.61
C GLU I 1 -10.97 12.90 67.13
N ILE I 2 -9.96 13.16 66.27
CA ILE I 2 -8.55 12.87 66.54
C ILE I 2 -7.90 13.93 67.43
N VAL I 3 -7.12 13.48 68.41
CA VAL I 3 -6.40 14.40 69.27
C VAL I 3 -4.95 14.54 68.79
N MET I 4 -4.54 15.79 68.61
CA MET I 4 -3.18 16.09 68.16
C MET I 4 -2.33 16.55 69.32
N MET I 5 -1.30 15.80 69.70
CA MET I 5 -0.58 16.16 70.89
C MET I 5 0.91 16.40 70.67
N GLN I 6 1.37 17.58 71.05
CA GLN I 6 2.80 17.87 70.91
C GLN I 6 3.50 17.78 72.25
N SER I 7 4.80 17.54 72.20
CA SER I 7 5.62 17.46 73.39
C SER I 7 7.10 17.77 73.12
N PRO I 8 7.76 18.46 74.04
CA PRO I 8 7.30 19.04 75.30
C PRO I 8 6.54 20.31 75.02
N GLY I 9 5.68 20.73 75.94
CA GLY I 9 4.97 21.99 75.77
C GLY I 9 5.95 23.15 75.64
N THR I 10 7.06 23.07 76.37
CA THR I 10 8.11 24.07 76.28
C THR I 10 9.46 23.38 76.18
N LEU I 11 10.27 23.83 75.25
CA LEU I 11 11.62 23.33 75.09
C LEU I 11 12.57 24.44 75.52
N SER I 12 13.66 24.12 76.21
CA SER I 12 14.59 25.16 76.61
C SER I 12 16.01 24.77 76.29
N LEU I 13 16.65 25.58 75.46
CA LEU I 13 18.00 25.34 75.01
C LEU I 13 18.63 26.63 74.54
N SER I 14 19.93 26.59 74.23
CA SER I 14 20.65 27.79 73.82
C SER I 14 20.82 27.87 72.30
N PRO I 15 20.97 29.08 71.75
CA PRO I 15 21.34 29.30 70.37
C PRO I 15 22.63 28.55 70.11
N GLY I 16 22.71 27.94 68.94
CA GLY I 16 23.89 27.16 68.57
C GLY I 16 23.69 25.68 68.85
N GLU I 17 22.67 25.33 69.64
CA GLU I 17 22.41 23.93 69.96
C GLU I 17 21.34 23.34 69.05
N ARG I 18 21.15 22.04 69.17
CA ARG I 18 20.16 21.29 68.41
C ARG I 18 18.85 21.14 69.16
N ALA I 19 17.73 21.14 68.43
CA ALA I 19 16.42 20.94 69.06
C ALA I 19 15.61 19.87 68.34
N THR I 20 14.87 19.09 69.10
CA THR I 20 13.92 18.17 68.52
C THR I 20 12.57 18.31 69.19
N LEU I 21 11.53 18.48 68.38
CA LEU I 21 10.15 18.56 68.85
C LEU I 21 9.38 17.37 68.35
N SER I 22 8.45 16.87 69.14
CA SER I 22 7.68 15.72 68.68
C SER I 22 6.18 16.01 68.63
N CYS I 23 5.50 15.23 67.78
CA CYS I 23 4.04 15.27 67.64
C CYS I 23 3.54 13.82 67.59
N ARG I 24 2.63 13.55 68.53
CA ARG I 24 2.03 12.25 68.69
C ARG I 24 0.58 12.34 68.28
N ALA I 25 0.03 11.25 67.80
CA ALA I 25 -1.36 11.26 67.41
C ALA I 25 -2.11 10.09 68.01
N SER I 26 -3.39 10.32 68.32
CA SER I 26 -4.23 9.20 68.73
C SER I 26 -4.30 8.18 67.63
N GLN I 27 -4.46 8.65 66.40
CA GLN I 27 -4.62 7.73 65.29
C GLN I 27 -3.53 7.91 64.25
N SER I 28 -3.31 6.86 63.51
CA SER I 28 -2.32 6.83 62.43
C SER I 28 -2.59 7.92 61.39
N VAL I 29 -1.52 8.57 60.95
CA VAL I 29 -1.55 9.67 59.99
C VAL I 29 -0.64 9.41 58.78
N SER I 30 -1.19 9.54 57.58
CA SER I 30 -0.33 9.36 56.41
C SER I 30 0.74 10.42 56.46
N SER I 31 1.97 10.07 56.12
CA SER I 31 3.05 11.06 56.23
C SER I 31 2.79 12.26 55.32
N SER I 32 2.04 12.01 54.26
CA SER I 32 1.74 13.00 53.24
C SER I 32 0.84 14.10 53.77
N TYR I 33 0.18 13.85 54.89
CA TYR I 33 -0.76 14.78 55.48
C TYR I 33 -0.26 15.44 56.74
N LEU I 34 1.03 15.31 57.08
CA LEU I 34 1.53 15.95 58.29
C LEU I 34 2.39 17.17 57.91
N ALA I 35 2.20 18.29 58.62
CA ALA I 35 2.96 19.51 58.32
C ALA I 35 3.35 20.25 59.60
N TRP I 36 4.41 21.06 59.50
CA TRP I 36 4.85 21.88 60.61
C TRP I 36 4.88 23.36 60.27
N TYR I 37 4.48 24.18 61.23
CA TYR I 37 4.49 25.63 61.08
C TYR I 37 5.26 26.34 62.18
N GLN I 38 5.90 27.44 61.82
CA GLN I 38 6.59 28.28 62.79
C GLN I 38 5.89 29.61 62.98
N GLN I 39 5.57 29.95 64.21
CA GLN I 39 4.93 31.22 64.47
C GLN I 39 5.76 32.09 65.42
N LYS I 40 6.31 33.16 64.88
CA LYS I 40 7.06 34.08 65.71
C LYS I 40 6.02 34.98 66.37
N PRO I 41 6.25 35.49 67.57
CA PRO I 41 5.34 36.36 68.26
C PRO I 41 4.96 37.56 67.39
N GLY I 42 3.67 37.82 67.30
CA GLY I 42 3.15 38.95 66.52
C GLY I 42 3.02 38.66 65.03
N GLN I 43 3.39 37.46 64.60
CA GLN I 43 3.36 37.11 63.19
C GLN I 43 2.44 35.94 62.88
N ALA I 44 2.02 35.86 61.61
CA ALA I 44 1.25 34.72 61.14
C ALA I 44 2.15 33.50 61.09
N PRO I 45 1.63 32.29 61.26
CA PRO I 45 2.37 31.06 61.10
C PRO I 45 2.90 30.94 59.70
N ARG I 46 4.04 30.31 59.54
CA ARG I 46 4.53 30.03 58.21
C ARG I 46 4.95 28.59 58.09
N LEU I 47 4.75 28.01 56.93
CA LEU I 47 5.04 26.61 56.71
C LEU I 47 6.53 26.33 56.72
N LEU I 48 6.91 25.28 57.42
CA LEU I 48 8.30 24.82 57.42
C LEU I 48 8.42 23.53 56.65
N ILE I 49 7.65 22.56 57.09
CA ILE I 49 7.73 21.20 56.59
C ILE I 49 6.36 20.71 56.16
N TYR I 50 6.29 20.04 55.03
CA TYR I 50 5.04 19.44 54.61
C TYR I 50 5.27 18.02 54.15
N GLY I 51 4.25 17.20 54.20
CA GLY I 51 4.45 15.83 53.77
C GLY I 51 5.38 15.12 54.73
N ALA I 52 5.34 15.53 56.00
CA ALA I 52 6.18 15.06 57.09
C ALA I 52 7.62 15.53 56.99
N SER I 53 8.23 15.45 55.82
CA SER I 53 9.66 15.74 55.71
C SER I 53 10.11 16.76 54.66
N SER I 54 9.23 17.25 53.81
CA SER I 54 9.68 18.16 52.74
C SER I 54 9.73 19.60 53.19
N ARG I 55 10.82 20.29 52.89
CA ARG I 55 10.87 21.70 53.24
C ARG I 55 10.05 22.56 52.31
N ALA I 56 9.42 23.57 52.89
CA ALA I 56 8.69 24.58 52.15
C ALA I 56 9.68 25.51 51.48
N THR I 57 9.25 26.15 50.41
CA THR I 57 10.14 27.06 49.72
C THR I 57 10.58 28.20 50.62
N GLY I 58 11.88 28.46 50.65
CA GLY I 58 12.45 29.54 51.44
C GLY I 58 12.92 29.09 52.82
N ILE I 59 12.71 27.81 53.15
CA ILE I 59 13.09 27.28 54.43
C ILE I 59 14.53 26.75 54.43
N PRO I 60 15.38 27.20 55.36
CA PRO I 60 16.75 26.79 55.54
C PRO I 60 16.89 25.30 55.72
N ASP I 61 18.02 24.76 55.29
CA ASP I 61 18.32 23.33 55.36
C ASP I 61 18.56 22.87 56.80
N ARG I 62 18.54 23.82 57.71
CA ARG I 62 18.67 23.55 59.13
C ARG I 62 17.43 22.81 59.63
N PHE I 63 16.31 22.96 58.92
CA PHE I 63 15.06 22.34 59.31
C PHE I 63 14.84 21.05 58.56
N SER I 64 14.46 20.02 59.28
CA SER I 64 14.12 18.77 58.64
C SER I 64 13.04 18.08 59.43
N GLY I 65 12.33 17.18 58.79
CA GLY I 65 11.29 16.45 59.50
C GLY I 65 11.32 15.00 59.11
N SER I 66 10.67 14.19 59.92
CA SER I 66 10.56 12.77 59.67
C SER I 66 9.43 12.19 60.47
N GLY I 67 9.06 10.95 60.16
CA GLY I 67 8.04 10.29 60.94
C GLY I 67 7.04 9.55 60.11
N SER I 68 6.25 8.74 60.77
CA SER I 68 5.24 7.92 60.16
C SER I 68 4.26 7.44 61.20
N GLY I 69 3.14 6.90 60.78
CA GLY I 69 2.24 6.31 61.75
C GLY I 69 1.71 7.38 62.68
N THR I 70 2.00 7.24 63.97
CA THR I 70 1.52 8.17 64.96
C THR I 70 2.63 9.08 65.46
N ASP I 71 3.85 8.86 64.99
CA ASP I 71 5.01 9.53 65.57
C ASP I 71 5.81 10.37 64.59
N PHE I 72 5.76 11.68 64.77
CA PHE I 72 6.46 12.61 63.89
C PHE I 72 7.35 13.55 64.67
N THR I 73 8.45 13.97 64.06
CA THR I 73 9.35 14.92 64.69
C THR I 73 9.79 16.03 63.75
N LEU I 74 10.15 17.14 64.36
CA LEU I 74 10.77 18.27 63.70
C LEU I 74 12.12 18.51 64.33
N THR I 75 13.16 18.56 63.53
CA THR I 75 14.48 18.77 64.07
C THR I 75 15.12 20.00 63.49
N ILE I 76 15.72 20.79 64.36
CA ILE I 76 16.47 21.95 63.95
C ILE I 76 17.93 21.66 64.26
N SER I 77 18.77 21.57 63.23
CA SER I 77 20.14 21.12 63.41
C SER I 77 20.95 22.07 64.29
N ARG I 78 20.69 23.35 64.11
CA ARG I 78 21.36 24.39 64.86
C ARG I 78 20.39 25.56 64.99
N LEU I 79 20.23 26.07 66.19
CA LEU I 79 19.28 27.16 66.38
C LEU I 79 19.89 28.54 66.34
N GLU I 80 19.14 29.44 65.75
CA GLU I 80 19.45 30.84 65.67
C GLU I 80 18.39 31.57 66.48
N PRO I 81 18.58 32.82 66.90
CA PRO I 81 17.62 33.59 67.67
C PRO I 81 16.20 33.55 67.07
N GLU I 82 16.12 33.44 65.75
CA GLU I 82 14.83 33.42 65.06
C GLU I 82 14.02 32.15 65.30
N ASP I 83 14.68 31.11 65.80
CA ASP I 83 14.05 29.82 66.01
C ASP I 83 13.40 29.71 67.36
N PHE I 84 13.52 30.73 68.17
CA PHE I 84 12.92 30.65 69.48
C PHE I 84 11.49 31.19 69.41
N ALA I 85 10.67 30.38 68.75
CA ALA I 85 9.28 30.68 68.39
C ALA I 85 8.38 29.51 68.74
N VAL I 86 7.12 29.59 68.36
CA VAL I 86 6.21 28.48 68.63
C VAL I 86 6.03 27.61 67.41
N TYR I 87 6.21 26.32 67.57
CA TYR I 87 6.08 25.38 66.47
C TYR I 87 4.83 24.54 66.61
N TYR I 88 4.09 24.42 65.51
CA TYR I 88 2.85 23.66 65.50
C TYR I 88 2.94 22.50 64.55
N CYS I 89 2.27 21.37 64.88
CA CYS I 89 2.08 20.29 63.92
C CYS I 89 0.64 20.40 63.45
N GLN I 90 0.43 20.09 62.19
CA GLN I 90 -0.88 20.12 61.59
C GLN I 90 -1.08 18.90 60.76
N GLN I 91 -2.29 18.41 60.75
CA GLN I 91 -2.61 17.24 59.99
C GLN I 91 -3.93 17.32 59.29
N TYR I 92 -4.00 16.69 58.14
CA TYR I 92 -5.25 16.58 57.43
C TYR I 92 -5.76 15.16 57.50
N GLY I 93 -7.07 15.03 57.63
CA GLY I 93 -7.70 13.72 57.58
C GLY I 93 -9.17 13.97 57.44
N SER I 94 -9.96 12.93 57.17
CA SER I 94 -11.37 13.18 57.01
C SER I 94 -11.58 14.33 56.06
N SER I 95 -12.27 15.34 56.53
CA SER I 95 -12.51 16.53 55.76
C SER I 95 -12.15 17.76 56.59
N ALA I 96 -11.14 17.63 57.43
CA ALA I 96 -10.78 18.70 58.34
C ALA I 96 -9.27 18.79 58.59
N TRP I 97 -8.85 19.99 58.98
CA TRP I 97 -7.47 20.31 59.29
C TRP I 97 -7.32 20.55 60.77
N THR I 98 -6.50 19.73 61.42
CA THR I 98 -6.31 19.76 62.85
C THR I 98 -4.92 20.20 63.24
N PHE I 99 -4.83 21.10 64.19
CA PHE I 99 -3.55 21.57 64.69
C PHE I 99 -3.27 21.05 66.09
N GLY I 100 -1.98 20.91 66.42
CA GLY I 100 -1.58 20.55 67.77
C GLY I 100 -1.62 21.81 68.63
N GLN I 101 -1.29 21.69 69.90
CA GLN I 101 -1.40 22.85 70.78
C GLN I 101 -0.24 23.83 70.63
N GLY I 102 0.84 23.39 70.01
CA GLY I 102 2.03 24.21 69.84
C GLY I 102 3.05 23.99 70.94
N THR I 103 4.32 24.05 70.56
CA THR I 103 5.41 23.96 71.53
C THR I 103 6.29 25.18 71.40
N LYS I 104 6.66 25.77 72.53
CA LYS I 104 7.46 26.97 72.48
C LYS I 104 8.94 26.64 72.63
N VAL I 105 9.78 27.24 71.77
CA VAL I 105 11.24 27.10 71.78
C VAL I 105 11.82 28.46 72.13
#